data_6EG8
#
_entry.id   6EG8
#
_cell.length_a   100.860
_cell.length_b   100.810
_cell.length_c   179.330
_cell.angle_alpha   90.00
_cell.angle_beta   106.18
_cell.angle_gamma   90.00
#
_symmetry.space_group_name_H-M   'P 1 21 1'
#
loop_
_entity.id
_entity.type
_entity.pdbx_description
1 polymer 'Guanine nucleotide-binding protein G(I)/G(S)/G(T) subunit beta-1'
2 polymer 'Guanine nucleotide-binding protein G(I)/G(S)/G(O) subunit gamma-2'
3 polymer 'Guanine nucleotide-binding protein G(s) subunit alpha isoforms short'
4 non-polymer "GUANOSINE-5'-DIPHOSPHATE"
5 non-polymer 'MAGNESIUM ION'
6 water water
#
loop_
_entity_poly.entity_id
_entity_poly.type
_entity_poly.pdbx_seq_one_letter_code
_entity_poly.pdbx_strand_id
1 'polypeptide(L)'
;GPGSSGSELDQLRQEAEQLKNQIRDARKACADATLSQITNNIDPVGRIQMRTRRTLRGHLAKIYAMHWGTDSRLLVSASQ
DGKLIIWDSYTTNKVHAIPLRSSWVMTCAYAPSGNYVACGGLDNICSIYNLKTREGNVRVSRELAGHTGYLSCCRFLDDN
QIVTSSGDTTCALWDIETGQQTTTFTGHTGDVMSLSLAPDTRLFVSGACDASAKLWDVREGMCRQTFTGHESDINAICFF
PNGNAFATGSDDATCRLFDLRADQELMTYSHDNIICGITSVSFSKSGRLLLAGYDDFNCNVWDALKADRAGVLAGHDNRV
SCLGVTDDGMAVATGSWDSFLKIWN
;
A,B,D,F
2 'polypeptide(L)' MASNNTASIAQARKLVEQLKMEANIDRIKVSKAAADLMAYCEAHAKEDPLLTPVPASENPFREKKFFSAIL C,E,G,H
3 'polypeptide(L)'
;GPGSLGNSKTEDQRNEEKAQREANKKIEKQLQKDKQVYRATHRLLLLGAGESGKSTIVKQMRILHVNGFNGDSEKATKVQ
DIKNNLKEAIETIVAAMSNLVPPVELANPENQFRVDYILSVMNVPDFDFPPEFYEHAKALWEDEGVRACYERSNEYQLID
CAQYFLDKIDVIKQADYVPSDQDLLRCRVLTSGIFETKFQVDKVNFHMFDVGGQRDERRKWIQCFNDVTAIIFVVASSSY
NMVIREDNQTNRLQEALNLFKSIWNNRWLRTISVILFLNKQDLLAEKVLAGKSKIEDYFPEFARYTTPEDATPEPGEDPR
VTRAKYFIRDEFLRISTASGDGRHYCYPHFTCAVDTENIRRVFNDCRDIIQRMHLRQYELL
;
I,J,K,L
#
loop_
_chem_comp.id
_chem_comp.type
_chem_comp.name
_chem_comp.formula
GDP RNA linking GUANOSINE-5'-DIPHOSPHATE 'C10 H15 N5 O11 P2'
MG non-polymer 'MAGNESIUM ION' 'Mg 2'
#
# COMPACT_ATOMS: atom_id res chain seq x y z
N SER A 7 -21.58 23.35 -41.41
CA SER A 7 -20.82 22.31 -40.73
C SER A 7 -19.49 22.85 -40.22
N GLU A 8 -19.12 24.04 -40.69
CA GLU A 8 -17.86 24.66 -40.27
C GLU A 8 -17.82 24.87 -38.75
N LEU A 9 -18.97 25.16 -38.14
CA LEU A 9 -19.00 25.33 -36.70
C LEU A 9 -18.63 24.05 -35.97
N ASP A 10 -19.27 22.93 -36.33
CA ASP A 10 -18.88 21.66 -35.75
C ASP A 10 -17.52 21.19 -36.25
N GLN A 11 -17.14 21.61 -37.46
CA GLN A 11 -15.82 21.25 -37.97
C GLN A 11 -14.71 21.94 -37.17
N LEU A 12 -14.97 23.14 -36.67
CA LEU A 12 -14.01 23.80 -35.79
C LEU A 12 -14.01 23.18 -34.40
N ARG A 13 -15.15 22.63 -33.97
CA ARG A 13 -15.24 22.09 -32.62
C ARG A 13 -14.36 20.85 -32.46
N GLN A 14 -14.31 19.99 -33.47
CA GLN A 14 -13.51 18.78 -33.33
C GLN A 14 -12.03 19.01 -33.65
N GLU A 15 -11.70 20.05 -34.41
CA GLU A 15 -10.29 20.44 -34.50
C GLU A 15 -9.80 21.05 -33.20
N ALA A 16 -10.70 21.68 -32.44
CA ALA A 16 -10.34 22.14 -31.10
C ALA A 16 -10.02 20.97 -30.19
N GLU A 17 -10.74 19.85 -30.36
CA GLU A 17 -10.44 18.66 -29.58
C GLU A 17 -9.09 18.06 -29.97
N GLN A 18 -8.73 18.15 -31.26
CA GLN A 18 -7.43 17.64 -31.71
C GLN A 18 -6.29 18.41 -31.08
N LEU A 19 -6.36 19.75 -31.12
CA LEU A 19 -5.29 20.57 -30.58
C LEU A 19 -5.12 20.35 -29.08
N LYS A 20 -6.23 20.13 -28.37
CA LYS A 20 -6.14 19.78 -26.95
C LYS A 20 -5.47 18.43 -26.75
N ASN A 21 -5.76 17.47 -27.64
CA ASN A 21 -5.09 16.17 -27.56
C ASN A 21 -3.63 16.27 -27.98
N GLN A 22 -3.30 17.20 -28.87
CA GLN A 22 -1.90 17.39 -29.27
C GLN A 22 -1.10 17.99 -28.12
N ILE A 23 -1.66 18.98 -27.42
CA ILE A 23 -0.97 19.56 -26.26
C ILE A 23 -0.80 18.51 -25.16
N ARG A 24 -1.77 17.60 -25.03
CA ARG A 24 -1.70 16.59 -23.99
C ARG A 24 -0.55 15.62 -24.22
N ASP A 25 -0.32 15.22 -25.48
CA ASP A 25 0.80 14.35 -25.78
C ASP A 25 2.14 15.08 -25.68
N ALA A 26 2.17 16.36 -26.05
CA ALA A 26 3.40 17.13 -25.96
C ALA A 26 3.83 17.34 -24.51
N ARG A 27 2.87 17.47 -23.59
CA ARG A 27 3.21 17.61 -22.18
C ARG A 27 3.69 16.28 -21.59
N LYS A 28 3.09 15.17 -22.02
CA LYS A 28 3.55 13.86 -21.56
C LYS A 28 4.88 13.47 -22.17
N ALA A 29 5.23 14.03 -23.33
CA ALA A 29 6.50 13.69 -23.96
C ALA A 29 7.69 14.17 -23.13
N CYS A 30 7.62 15.40 -22.64
CA CYS A 30 8.70 15.97 -21.83
C CYS A 30 8.57 15.61 -20.35
N ALA A 31 7.55 14.85 -19.96
CA ALA A 31 7.38 14.43 -18.57
C ALA A 31 8.19 13.16 -18.32
N ASP A 32 9.51 13.33 -18.29
CA ASP A 32 10.42 12.23 -18.11
C ASP A 32 10.56 11.78 -16.66
N ALA A 33 10.11 12.59 -15.70
CA ALA A 33 10.19 12.23 -14.29
C ALA A 33 9.24 13.12 -13.50
N THR A 34 9.12 12.82 -12.21
CA THR A 34 8.29 13.59 -11.30
C THR A 34 9.17 14.49 -10.44
N LEU A 35 8.58 15.58 -9.96
CA LEU A 35 9.27 16.42 -8.98
C LEU A 35 9.46 15.67 -7.66
N SER A 36 8.56 14.74 -7.35
CA SER A 36 8.67 13.97 -6.12
C SER A 36 9.88 13.04 -6.16
N GLN A 37 10.11 12.38 -7.30
CA GLN A 37 11.26 11.48 -7.41
C GLN A 37 12.57 12.24 -7.24
N ILE A 38 12.69 13.39 -7.89
CA ILE A 38 13.93 14.17 -7.81
C ILE A 38 14.13 14.69 -6.39
N THR A 39 13.05 15.04 -5.70
CA THR A 39 13.12 15.58 -4.35
C THR A 39 12.76 14.55 -3.29
N ASN A 40 12.87 13.25 -3.60
CA ASN A 40 12.57 12.21 -2.62
C ASN A 40 13.70 12.00 -1.62
N ASN A 41 14.92 12.38 -1.98
CA ASN A 41 16.08 12.18 -1.12
C ASN A 41 16.45 13.41 -0.31
N ILE A 42 15.90 14.58 -0.64
CA ILE A 42 16.29 15.81 0.04
C ILE A 42 15.85 15.77 1.49
N ASP A 43 16.70 16.28 2.38
CA ASP A 43 16.35 16.28 3.80
C ASP A 43 15.13 17.18 4.04
N PRO A 44 14.21 16.78 4.90
CA PRO A 44 13.03 17.61 5.15
C PRO A 44 13.38 18.88 5.90
N VAL A 45 12.45 19.83 5.87
CA VAL A 45 12.65 21.10 6.56
C VAL A 45 12.50 20.99 8.07
N GLY A 46 11.92 19.90 8.56
CA GLY A 46 11.73 19.72 9.99
C GLY A 46 10.55 20.52 10.52
N ARG A 47 10.32 20.37 11.82
CA ARG A 47 9.21 21.05 12.48
C ARG A 47 9.40 22.56 12.44
N ILE A 48 8.54 23.24 11.68
CA ILE A 48 8.55 24.69 11.58
C ILE A 48 7.38 25.22 12.39
N GLN A 49 7.68 25.87 13.51
CA GLN A 49 6.67 26.40 14.41
C GLN A 49 6.81 27.91 14.49
N MET A 50 5.84 28.61 13.91
CA MET A 50 5.78 30.07 13.98
C MET A 50 4.84 30.49 15.11
N ARG A 51 5.14 31.64 15.70
CA ARG A 51 4.38 32.18 16.82
C ARG A 51 3.70 33.48 16.40
N THR A 52 2.59 33.78 17.07
CA THR A 52 1.85 35.03 16.83
C THR A 52 2.61 36.15 17.52
N ARG A 53 3.33 36.95 16.74
CA ARG A 53 4.11 38.05 17.29
C ARG A 53 3.28 39.32 17.48
N ARG A 54 2.33 39.57 16.58
CA ARG A 54 1.47 40.74 16.69
C ARG A 54 0.03 40.32 16.40
N THR A 55 -0.91 40.99 17.06
CA THR A 55 -2.33 40.85 16.77
C THR A 55 -2.91 42.25 16.56
N LEU A 56 -3.34 42.54 15.34
CA LEU A 56 -3.86 43.85 14.98
C LEU A 56 -5.37 43.87 15.21
N ARG A 57 -5.83 44.78 16.06
CA ARG A 57 -7.24 44.86 16.45
C ARG A 57 -7.77 46.24 16.07
N GLY A 58 -8.20 46.40 14.83
CA GLY A 58 -8.86 47.63 14.43
C GLY A 58 -10.16 47.47 13.67
N HIS A 59 -10.37 46.32 13.06
CA HIS A 59 -11.48 46.15 12.12
C HIS A 59 -12.76 45.76 12.85
N LEU A 60 -13.89 46.20 12.29
CA LEU A 60 -15.20 46.00 12.90
C LEU A 60 -16.01 44.88 12.24
N ALA A 61 -15.46 44.22 11.23
CA ALA A 61 -16.15 43.15 10.54
C ALA A 61 -15.12 42.23 9.89
N LYS A 62 -15.60 41.31 9.05
CA LYS A 62 -14.72 40.34 8.42
C LYS A 62 -13.71 41.03 7.50
N ILE A 63 -12.48 40.52 7.50
CA ILE A 63 -11.41 41.03 6.66
C ILE A 63 -11.31 40.16 5.41
N TYR A 64 -11.24 40.79 4.25
CA TYR A 64 -11.19 40.06 2.99
C TYR A 64 -9.81 40.05 2.34
N ALA A 65 -9.03 41.13 2.48
CA ALA A 65 -7.75 41.21 1.80
C ALA A 65 -6.77 42.02 2.63
N MET A 66 -5.48 41.79 2.36
CA MET A 66 -4.41 42.61 2.89
C MET A 66 -3.26 42.58 1.91
N HIS A 67 -2.31 43.50 2.08
CA HIS A 67 -1.15 43.56 1.19
C HIS A 67 0.00 44.22 1.93
N TRP A 68 1.11 43.48 2.08
CA TRP A 68 2.32 44.06 2.66
C TRP A 68 2.85 45.18 1.78
N GLY A 69 3.40 46.22 2.41
CA GLY A 69 4.12 47.22 1.67
C GLY A 69 5.49 46.74 1.27
N THR A 70 6.16 47.55 0.44
CA THR A 70 7.49 47.17 -0.03
C THR A 70 8.52 47.19 1.10
N ASP A 71 8.32 48.05 2.09
CA ASP A 71 9.26 48.17 3.20
C ASP A 71 9.17 47.02 4.19
N SER A 72 8.30 46.03 3.95
CA SER A 72 8.08 44.89 4.83
C SER A 72 7.63 45.30 6.23
N ARG A 73 7.21 46.55 6.40
CA ARG A 73 6.78 47.06 7.69
C ARG A 73 5.34 47.55 7.70
N LEU A 74 4.91 48.26 6.66
CA LEU A 74 3.55 48.76 6.57
C LEU A 74 2.71 47.81 5.73
N LEU A 75 1.49 47.54 6.21
CA LEU A 75 0.55 46.73 5.46
C LEU A 75 -0.83 47.37 5.54
N VAL A 76 -1.61 47.19 4.48
CA VAL A 76 -2.98 47.70 4.41
C VAL A 76 -3.92 46.51 4.40
N SER A 77 -5.01 46.62 5.15
CA SER A 77 -6.01 45.57 5.24
C SER A 77 -7.38 46.12 4.85
N ALA A 78 -8.22 45.25 4.32
CA ALA A 78 -9.55 45.61 3.83
C ALA A 78 -10.61 44.81 4.56
N SER A 79 -11.60 45.50 5.11
CA SER A 79 -12.71 44.86 5.80
C SER A 79 -14.02 45.43 5.27
N GLN A 80 -15.10 44.68 5.50
CA GLN A 80 -16.42 45.07 5.03
C GLN A 80 -17.15 46.00 5.99
N ASP A 81 -16.46 46.55 6.98
CA ASP A 81 -17.00 47.61 7.82
C ASP A 81 -16.89 48.98 7.16
N GLY A 82 -16.64 49.03 5.86
CA GLY A 82 -16.44 50.28 5.17
C GLY A 82 -15.12 50.95 5.45
N LYS A 83 -14.13 50.20 5.95
CA LYS A 83 -12.85 50.77 6.34
C LYS A 83 -11.72 50.09 5.59
N LEU A 84 -10.60 50.81 5.49
CA LEU A 84 -9.38 50.33 4.84
C LEU A 84 -8.21 50.83 5.68
N ILE A 85 -7.72 49.98 6.58
CA ILE A 85 -6.76 50.39 7.60
C ILE A 85 -5.35 50.11 7.11
N ILE A 86 -4.43 51.02 7.43
CA ILE A 86 -3.01 50.86 7.15
C ILE A 86 -2.28 50.72 8.48
N TRP A 87 -1.51 49.66 8.62
CA TRP A 87 -0.90 49.29 9.89
C TRP A 87 0.60 49.52 9.87
N ASP A 88 1.15 49.79 11.06
CA ASP A 88 2.58 49.72 11.32
C ASP A 88 2.81 48.42 12.08
N SER A 89 3.26 47.40 11.37
CA SER A 89 3.35 46.05 11.95
C SER A 89 4.31 46.02 13.14
N TYR A 90 5.34 46.87 13.13
CA TYR A 90 6.31 46.85 14.22
C TYR A 90 5.70 47.32 15.53
N THR A 91 4.90 48.38 15.49
CA THR A 91 4.38 49.02 16.69
C THR A 91 2.88 48.80 16.89
N THR A 92 2.22 48.05 16.01
CA THR A 92 0.78 47.82 16.02
C THR A 92 -0.03 49.10 15.91
N ASN A 93 0.60 50.21 15.53
CA ASN A 93 -0.09 51.49 15.44
C ASN A 93 -0.79 51.63 14.09
N LYS A 94 -1.99 52.21 14.11
CA LYS A 94 -2.74 52.49 12.90
C LYS A 94 -2.30 53.83 12.34
N VAL A 95 -1.97 53.85 11.05
CA VAL A 95 -1.54 55.07 10.40
C VAL A 95 -2.70 55.77 9.71
N HIS A 96 -3.56 55.01 9.03
CA HIS A 96 -4.75 55.56 8.38
C HIS A 96 -5.90 54.59 8.55
N ALA A 97 -7.12 55.14 8.57
CA ALA A 97 -8.36 54.37 8.60
C ALA A 97 -9.29 54.99 7.56
N ILE A 98 -9.20 54.51 6.33
CA ILE A 98 -9.88 55.13 5.20
C ILE A 98 -11.32 54.64 5.11
N PRO A 99 -12.31 55.54 5.21
CA PRO A 99 -13.69 55.14 4.92
C PRO A 99 -13.89 54.95 3.42
N LEU A 100 -14.73 53.97 3.09
CA LEU A 100 -14.98 53.61 1.70
C LEU A 100 -16.39 54.00 1.29
N ARG A 101 -16.55 54.28 -0.01
CA ARG A 101 -17.88 54.51 -0.55
C ARG A 101 -18.76 53.27 -0.39
N SER A 102 -18.36 52.18 -1.01
CA SER A 102 -19.04 50.89 -0.85
C SER A 102 -18.34 50.08 0.22
N SER A 103 -19.13 49.41 1.07
CA SER A 103 -18.60 48.63 2.17
C SER A 103 -18.33 47.17 1.79
N TRP A 104 -18.57 46.79 0.54
CA TRP A 104 -18.38 45.41 0.10
C TRP A 104 -17.03 45.26 -0.59
N VAL A 105 -15.98 45.37 0.21
CA VAL A 105 -14.61 45.29 -0.30
C VAL A 105 -14.24 43.83 -0.53
N MET A 106 -13.39 43.60 -1.52
CA MET A 106 -12.91 42.26 -1.83
C MET A 106 -11.38 42.18 -1.91
N THR A 107 -10.74 43.21 -2.47
CA THR A 107 -9.29 43.20 -2.64
C THR A 107 -8.74 44.57 -2.29
N CYS A 108 -7.46 44.59 -1.94
CA CYS A 108 -6.77 45.84 -1.65
C CYS A 108 -5.30 45.68 -2.02
N ALA A 109 -4.73 46.72 -2.63
CA ALA A 109 -3.36 46.72 -3.05
C ALA A 109 -2.61 47.88 -2.38
N TYR A 110 -1.28 47.75 -2.38
CA TYR A 110 -0.38 48.77 -1.86
C TYR A 110 0.71 48.99 -2.89
N ALA A 111 0.84 50.22 -3.38
CA ALA A 111 1.78 50.52 -4.45
C ALA A 111 3.21 50.21 -4.00
N PRO A 112 4.06 49.73 -4.92
CA PRO A 112 5.45 49.48 -4.54
C PRO A 112 6.19 50.71 -4.09
N SER A 113 5.77 51.91 -4.51
CA SER A 113 6.38 53.13 -4.03
C SER A 113 5.84 53.57 -2.68
N GLY A 114 4.70 53.01 -2.25
CA GLY A 114 4.09 53.42 -1.01
C GLY A 114 3.30 54.71 -1.08
N ASN A 115 3.05 55.23 -2.28
CA ASN A 115 2.39 56.52 -2.43
C ASN A 115 0.87 56.41 -2.50
N TYR A 116 0.34 55.31 -3.03
CA TYR A 116 -1.10 55.12 -3.15
C TYR A 116 -1.48 53.73 -2.66
N VAL A 117 -2.77 53.53 -2.42
CA VAL A 117 -3.36 52.22 -2.21
C VAL A 117 -4.56 52.09 -3.13
N ALA A 118 -5.01 50.85 -3.30
CA ALA A 118 -6.18 50.57 -4.12
C ALA A 118 -7.06 49.56 -3.41
N CYS A 119 -8.33 49.56 -3.77
CA CYS A 119 -9.29 48.58 -3.24
C CYS A 119 -10.50 48.56 -4.16
N GLY A 120 -11.29 47.49 -4.04
CA GLY A 120 -12.47 47.35 -4.85
C GLY A 120 -13.25 46.11 -4.45
N GLY A 121 -14.44 45.99 -5.03
CA GLY A 121 -15.35 44.92 -4.68
C GLY A 121 -16.57 44.86 -5.59
N LEU A 122 -17.74 44.69 -4.98
CA LEU A 122 -18.99 44.56 -5.74
C LEU A 122 -19.36 45.80 -6.53
N ASP A 123 -18.70 46.93 -6.31
CA ASP A 123 -19.03 48.15 -7.03
C ASP A 123 -18.44 48.19 -8.43
N ASN A 124 -17.67 47.19 -8.83
CA ASN A 124 -17.09 47.05 -10.17
C ASN A 124 -16.10 48.16 -10.51
N ILE A 125 -15.60 48.88 -9.50
CA ILE A 125 -14.62 49.94 -9.73
C ILE A 125 -13.40 49.70 -8.86
N CYS A 126 -12.26 50.20 -9.31
CA CYS A 126 -11.00 50.12 -8.58
C CYS A 126 -10.64 51.53 -8.12
N SER A 127 -10.74 51.76 -6.81
CA SER A 127 -10.53 53.09 -6.24
C SER A 127 -9.08 53.25 -5.80
N ILE A 128 -8.44 54.32 -6.26
CA ILE A 128 -7.08 54.67 -5.87
C ILE A 128 -7.14 55.75 -4.81
N TYR A 129 -6.34 55.59 -3.75
CA TYR A 129 -6.31 56.54 -2.63
C TYR A 129 -4.88 57.05 -2.48
N ASN A 130 -4.68 58.33 -2.78
CA ASN A 130 -3.37 58.96 -2.62
C ASN A 130 -3.04 59.06 -1.13
N LEU A 131 -2.01 58.33 -0.70
CA LEU A 131 -1.57 58.41 0.68
C LEU A 131 -0.75 59.66 0.97
N LYS A 132 -0.56 60.53 -0.02
CA LYS A 132 0.24 61.74 0.11
C LYS A 132 -0.54 62.95 -0.35
N THR A 133 -1.82 63.04 0.02
CA THR A 133 -2.59 64.24 -0.27
C THR A 133 -1.99 65.43 0.46
N ARG A 134 -2.05 66.59 -0.18
CA ARG A 134 -1.34 67.76 0.31
C ARG A 134 -2.11 68.53 1.37
N GLU A 135 -3.45 68.44 1.38
CA GLU A 135 -4.25 69.29 2.25
C GLU A 135 -5.02 68.50 3.30
N GLY A 136 -5.87 67.55 2.91
CA GLY A 136 -6.81 66.97 3.85
C GLY A 136 -6.52 65.55 4.28
N ASN A 137 -7.57 64.78 4.56
CA ASN A 137 -7.44 63.39 4.94
C ASN A 137 -7.19 62.53 3.70
N VAL A 138 -6.93 61.25 3.94
CA VAL A 138 -6.72 60.30 2.85
C VAL A 138 -8.09 59.85 2.35
N ARG A 139 -8.49 60.36 1.18
CA ARG A 139 -9.74 60.00 0.53
C ARG A 139 -9.44 59.58 -0.91
N VAL A 140 -10.50 59.27 -1.66
CA VAL A 140 -10.33 58.74 -3.01
C VAL A 140 -9.75 59.81 -3.93
N SER A 141 -8.83 59.39 -4.80
CA SER A 141 -8.28 60.25 -5.84
C SER A 141 -8.67 59.82 -7.24
N ARG A 142 -8.92 58.54 -7.46
CA ARG A 142 -9.26 58.01 -8.76
C ARG A 142 -10.18 56.81 -8.59
N GLU A 143 -11.16 56.68 -9.48
CA GLU A 143 -11.98 55.48 -9.57
C GLU A 143 -11.89 54.95 -10.99
N LEU A 144 -11.47 53.69 -11.12
CA LEU A 144 -11.29 53.04 -12.41
C LEU A 144 -12.53 52.20 -12.69
N ALA A 145 -13.39 52.69 -13.59
CA ALA A 145 -14.62 52.01 -13.94
C ALA A 145 -14.51 51.42 -15.35
N GLY A 146 -15.39 50.46 -15.64
CA GLY A 146 -15.37 49.82 -16.93
C GLY A 146 -15.61 48.32 -16.85
N HIS A 147 -15.23 47.72 -15.73
CA HIS A 147 -15.51 46.30 -15.51
C HIS A 147 -17.01 46.10 -15.32
N THR A 148 -17.54 45.04 -15.92
CA THR A 148 -18.93 44.65 -15.73
C THR A 148 -19.08 43.56 -14.68
N GLY A 149 -18.07 43.37 -13.83
CA GLY A 149 -18.10 42.36 -12.80
C GLY A 149 -17.35 42.82 -11.56
N TYR A 150 -17.55 42.07 -10.47
CA TYR A 150 -16.99 42.45 -9.19
C TYR A 150 -15.46 42.37 -9.22
N LEU A 151 -14.81 43.35 -8.60
CA LEU A 151 -13.35 43.42 -8.57
C LEU A 151 -12.83 42.40 -7.54
N SER A 152 -12.11 41.39 -8.02
CA SER A 152 -11.61 40.33 -7.18
C SER A 152 -10.16 40.51 -6.75
N CYS A 153 -9.32 41.09 -7.61
CA CYS A 153 -7.91 41.27 -7.27
C CYS A 153 -7.32 42.38 -8.13
N CYS A 154 -6.34 43.07 -7.56
CA CYS A 154 -5.67 44.15 -8.27
C CYS A 154 -4.30 44.38 -7.63
N ARG A 155 -3.29 44.62 -8.46
CA ARG A 155 -1.92 44.81 -7.99
C ARG A 155 -1.23 45.87 -8.83
N PHE A 156 -0.55 46.80 -8.17
CA PHE A 156 0.14 47.88 -8.87
C PHE A 156 1.36 47.36 -9.62
N LEU A 157 1.63 47.98 -10.77
CA LEU A 157 2.91 47.86 -11.46
C LEU A 157 3.77 49.10 -11.27
N ASP A 158 3.20 50.28 -11.52
CA ASP A 158 3.84 51.55 -11.21
C ASP A 158 2.87 52.41 -10.41
N ASP A 159 3.21 53.68 -10.21
CA ASP A 159 2.24 54.62 -9.65
C ASP A 159 1.21 55.07 -10.66
N ASN A 160 1.38 54.71 -11.94
CA ASN A 160 0.44 55.08 -12.99
C ASN A 160 -0.11 53.88 -13.73
N GLN A 161 0.20 52.65 -13.29
CA GLN A 161 -0.31 51.45 -13.93
C GLN A 161 -0.71 50.43 -12.86
N ILE A 162 -1.82 49.75 -13.13
CA ILE A 162 -2.32 48.71 -12.22
C ILE A 162 -3.12 47.70 -13.04
N VAL A 163 -2.96 46.42 -12.71
CA VAL A 163 -3.71 45.34 -13.32
C VAL A 163 -4.88 44.99 -12.40
N THR A 164 -6.02 44.63 -12.99
CA THR A 164 -7.19 44.23 -12.25
C THR A 164 -7.73 42.91 -12.78
N SER A 165 -8.55 42.25 -11.96
CA SER A 165 -9.27 41.05 -12.34
C SER A 165 -10.67 41.14 -11.76
N SER A 166 -11.66 40.68 -12.52
CA SER A 166 -13.05 40.84 -12.10
C SER A 166 -13.86 39.60 -12.48
N GLY A 167 -15.11 39.58 -12.00
CA GLY A 167 -16.01 38.47 -12.23
C GLY A 167 -16.57 38.38 -13.63
N ASP A 168 -16.29 39.37 -14.48
CA ASP A 168 -16.72 39.32 -15.88
C ASP A 168 -15.80 38.46 -16.74
N THR A 169 -14.98 37.62 -16.11
CA THR A 169 -14.07 36.67 -16.76
C THR A 169 -12.93 37.34 -17.50
N THR A 170 -12.67 38.63 -17.24
CA THR A 170 -11.64 39.37 -17.96
C THR A 170 -10.72 40.08 -16.98
N CYS A 171 -9.50 40.36 -17.44
CA CYS A 171 -8.54 41.18 -16.73
C CYS A 171 -8.22 42.40 -17.58
N ALA A 172 -7.61 43.41 -16.95
CA ALA A 172 -7.31 44.64 -17.65
C ALA A 172 -6.09 45.31 -17.02
N LEU A 173 -5.36 46.04 -17.85
CA LEU A 173 -4.24 46.88 -17.42
C LEU A 173 -4.64 48.34 -17.60
N TRP A 174 -4.43 49.15 -16.58
CA TRP A 174 -4.97 50.49 -16.50
C TRP A 174 -3.87 51.55 -16.54
N ASP A 175 -4.14 52.65 -17.24
CA ASP A 175 -3.40 53.89 -17.06
C ASP A 175 -4.19 54.73 -16.08
N ILE A 176 -3.65 54.93 -14.88
CA ILE A 176 -4.43 55.43 -13.75
C ILE A 176 -4.92 56.85 -14.02
N GLU A 177 -4.07 57.70 -14.61
CA GLU A 177 -4.46 59.09 -14.78
C GLU A 177 -5.49 59.26 -15.89
N THR A 178 -5.18 58.76 -17.09
CA THR A 178 -6.14 58.86 -18.20
C THR A 178 -7.39 58.03 -17.94
N GLY A 179 -7.27 56.97 -17.15
CA GLY A 179 -8.40 56.10 -16.88
C GLY A 179 -8.75 55.16 -18.01
N GLN A 180 -7.84 54.97 -18.96
CA GLN A 180 -8.07 54.08 -20.10
C GLN A 180 -7.47 52.72 -19.84
N GLN A 181 -7.98 51.72 -20.56
CA GLN A 181 -7.45 50.35 -20.48
C GLN A 181 -6.35 50.22 -21.51
N THR A 182 -5.10 50.22 -21.04
CA THR A 182 -3.96 50.05 -21.94
C THR A 182 -4.02 48.69 -22.65
N THR A 183 -4.42 47.65 -21.93
CA THR A 183 -4.46 46.31 -22.48
C THR A 183 -5.49 45.50 -21.70
N THR A 184 -6.30 44.72 -22.43
CA THR A 184 -7.25 43.80 -21.83
C THR A 184 -6.69 42.38 -21.89
N PHE A 185 -7.34 41.48 -21.15
CA PHE A 185 -6.97 40.07 -21.11
C PHE A 185 -8.24 39.24 -21.09
N THR A 186 -8.54 38.59 -22.22
CA THR A 186 -9.85 37.97 -22.45
C THR A 186 -9.66 36.51 -22.85
N GLY A 187 -9.55 35.62 -21.86
CA GLY A 187 -9.51 34.20 -22.17
C GLY A 187 -10.32 33.29 -21.27
N HIS A 188 -10.79 33.79 -20.13
CA HIS A 188 -11.37 32.91 -19.13
C HIS A 188 -12.87 32.70 -19.39
N THR A 189 -13.36 31.57 -18.87
CA THR A 189 -14.78 31.24 -18.91
C THR A 189 -15.50 31.61 -17.62
N GLY A 190 -14.85 31.43 -16.48
CA GLY A 190 -15.40 31.79 -15.20
C GLY A 190 -14.78 33.05 -14.63
N ASP A 191 -15.32 33.47 -13.49
CA ASP A 191 -14.85 34.68 -12.82
C ASP A 191 -13.38 34.56 -12.45
N VAL A 192 -12.61 35.59 -12.79
CA VAL A 192 -11.21 35.65 -12.40
C VAL A 192 -11.15 36.04 -10.92
N MET A 193 -10.58 35.17 -10.09
CA MET A 193 -10.60 35.36 -8.65
C MET A 193 -9.31 35.94 -8.09
N SER A 194 -8.18 35.74 -8.75
N SER A 194 -8.18 35.75 -8.77
CA SER A 194 -6.91 36.22 -8.24
CA SER A 194 -6.91 36.21 -8.24
C SER A 194 -5.89 36.29 -9.36
C SER A 194 -5.90 36.30 -9.38
N LEU A 195 -4.92 37.18 -9.21
CA LEU A 195 -3.82 37.32 -10.15
C LEU A 195 -2.53 37.52 -9.37
N SER A 196 -1.41 37.23 -10.02
CA SER A 196 -0.09 37.39 -9.42
C SER A 196 0.86 37.92 -10.48
N LEU A 197 1.58 39.00 -10.14
CA LEU A 197 2.54 39.60 -11.05
C LEU A 197 3.89 38.91 -10.94
N ALA A 198 4.51 38.65 -12.09
CA ALA A 198 5.83 38.04 -12.12
C ALA A 198 6.86 39.01 -11.56
N PRO A 199 8.01 38.49 -11.10
CA PRO A 199 9.06 39.40 -10.58
C PRO A 199 9.52 40.44 -11.59
N ASP A 200 9.65 40.06 -12.87
CA ASP A 200 10.09 41.00 -13.88
C ASP A 200 8.97 41.88 -14.42
N THR A 201 7.74 41.71 -13.94
CA THR A 201 6.57 42.50 -14.32
C THR A 201 6.28 42.43 -15.82
N ARG A 202 6.82 41.43 -16.51
CA ARG A 202 6.53 41.24 -17.93
C ARG A 202 5.41 40.25 -18.20
N LEU A 203 5.18 39.32 -17.28
CA LEU A 203 4.07 38.37 -17.35
C LEU A 203 3.28 38.42 -16.05
N PHE A 204 2.12 37.79 -16.05
CA PHE A 204 1.37 37.60 -14.83
C PHE A 204 0.39 36.45 -15.03
N VAL A 205 0.09 35.76 -13.93
CA VAL A 205 -0.82 34.62 -13.95
C VAL A 205 -2.13 35.02 -13.30
N SER A 206 -3.20 34.34 -13.70
CA SER A 206 -4.53 34.62 -13.17
C SER A 206 -5.29 33.30 -12.99
N GLY A 207 -5.94 33.16 -11.84
CA GLY A 207 -6.78 32.00 -11.56
C GLY A 207 -8.25 32.39 -11.62
N ALA A 208 -9.08 31.48 -12.14
CA ALA A 208 -10.48 31.78 -12.37
C ALA A 208 -11.33 30.59 -11.96
N CYS A 209 -12.65 30.77 -12.07
CA CYS A 209 -13.63 29.75 -11.70
C CYS A 209 -13.86 28.70 -12.78
N ASP A 210 -13.06 28.72 -13.85
CA ASP A 210 -13.06 27.64 -14.82
C ASP A 210 -12.04 26.55 -14.47
N ALA A 211 -11.54 26.56 -13.22
CA ALA A 211 -10.56 25.59 -12.74
C ALA A 211 -9.28 25.62 -13.57
N SER A 212 -8.89 26.79 -14.06
CA SER A 212 -7.72 26.91 -14.90
C SER A 212 -7.00 28.22 -14.61
N ALA A 213 -5.67 28.18 -14.77
CA ALA A 213 -4.82 29.36 -14.69
C ALA A 213 -4.24 29.68 -16.05
N LYS A 214 -3.95 30.95 -16.28
CA LYS A 214 -3.45 31.41 -17.56
C LYS A 214 -2.22 32.27 -17.37
N LEU A 215 -1.27 32.14 -18.28
CA LEU A 215 -0.08 32.99 -18.32
C LEU A 215 -0.29 34.06 -19.39
N TRP A 216 -0.34 35.32 -18.97
CA TRP A 216 -0.61 36.43 -19.87
C TRP A 216 0.67 37.21 -20.17
N ASP A 217 0.77 37.70 -21.40
CA ASP A 217 1.80 38.66 -21.77
C ASP A 217 1.27 40.06 -21.51
N VAL A 218 1.96 40.81 -20.65
CA VAL A 218 1.44 42.09 -20.18
C VAL A 218 1.29 43.08 -21.32
N ARG A 219 2.20 43.03 -22.29
CA ARG A 219 2.23 44.08 -23.31
C ARG A 219 1.20 43.83 -24.42
N GLU A 220 1.16 42.61 -24.95
CA GLU A 220 0.29 42.32 -26.08
C GLU A 220 -1.13 41.94 -25.66
N GLY A 221 -1.30 41.35 -24.48
CA GLY A 221 -2.58 40.82 -24.08
C GLY A 221 -2.82 39.40 -24.50
N MET A 222 -1.77 38.66 -24.85
CA MET A 222 -1.92 37.28 -25.27
C MET A 222 -1.99 36.34 -24.07
N CYS A 223 -2.72 35.25 -24.26
CA CYS A 223 -2.71 34.14 -23.31
C CYS A 223 -1.70 33.14 -23.83
N ARG A 224 -0.46 33.26 -23.35
CA ARG A 224 0.62 32.40 -23.86
C ARG A 224 0.38 30.95 -23.49
N GLN A 225 0.01 30.69 -22.24
CA GLN A 225 -0.14 29.32 -21.74
C GLN A 225 -1.34 29.24 -20.80
N THR A 226 -2.01 28.09 -20.83
CA THR A 226 -3.11 27.78 -19.93
C THR A 226 -2.83 26.46 -19.23
N PHE A 227 -3.05 26.42 -17.92
CA PHE A 227 -2.80 25.24 -17.11
C PHE A 227 -4.10 24.77 -16.47
N THR A 228 -4.34 23.46 -16.53
CA THR A 228 -5.51 22.87 -15.87
C THR A 228 -5.09 21.75 -14.94
N GLY A 229 -6.06 21.02 -14.40
CA GLY A 229 -5.77 19.97 -13.45
C GLY A 229 -6.62 20.09 -12.21
N HIS A 230 -6.98 21.32 -11.85
CA HIS A 230 -7.85 21.55 -10.71
C HIS A 230 -9.24 20.99 -11.00
N GLU A 231 -9.99 20.74 -9.92
CA GLU A 231 -11.32 20.17 -10.03
C GLU A 231 -12.42 21.17 -9.69
N SER A 232 -12.11 22.26 -9.00
CA SER A 232 -13.08 23.30 -8.72
CA SER A 232 -13.08 23.30 -8.70
C SER A 232 -12.48 24.67 -8.97
N ASP A 233 -13.19 25.73 -8.56
CA ASP A 233 -12.74 27.08 -8.84
C ASP A 233 -11.42 27.40 -8.15
N ILE A 234 -10.57 28.16 -8.84
CA ILE A 234 -9.29 28.61 -8.30
C ILE A 234 -9.52 29.92 -7.55
N ASN A 235 -9.17 29.96 -6.27
CA ASN A 235 -9.39 31.13 -5.45
C ASN A 235 -8.12 31.93 -5.18
N ALA A 236 -6.95 31.35 -5.39
CA ALA A 236 -5.70 32.02 -5.05
C ALA A 236 -4.63 31.62 -6.05
N ILE A 237 -3.57 32.44 -6.11
CA ILE A 237 -2.48 32.24 -7.04
C ILE A 237 -1.28 33.07 -6.59
N CYS A 238 -0.07 32.60 -6.85
CA CYS A 238 1.14 33.30 -6.46
CA CYS A 238 1.14 33.30 -6.46
C CYS A 238 2.33 32.72 -7.22
N PHE A 239 3.28 33.59 -7.55
CA PHE A 239 4.45 33.20 -8.31
C PHE A 239 5.53 32.59 -7.41
N PHE A 240 6.32 31.70 -8.01
CA PHE A 240 7.55 31.24 -7.37
C PHE A 240 8.58 32.36 -7.42
N PRO A 241 9.44 32.47 -6.40
CA PRO A 241 10.37 33.60 -6.32
C PRO A 241 11.22 33.83 -7.56
N ASN A 242 11.59 32.78 -8.31
CA ASN A 242 12.43 32.99 -9.49
C ASN A 242 11.65 33.41 -10.71
N GLY A 243 10.32 33.23 -10.71
CA GLY A 243 9.49 33.66 -11.81
C GLY A 243 9.20 32.60 -12.86
N ASN A 244 9.60 31.35 -12.64
CA ASN A 244 9.41 30.28 -13.61
C ASN A 244 8.41 29.23 -13.11
N ALA A 245 7.63 29.55 -12.09
CA ALA A 245 6.64 28.63 -11.56
C ALA A 245 5.63 29.42 -10.72
N PHE A 246 4.50 28.78 -10.42
CA PHE A 246 3.49 29.42 -9.60
C PHE A 246 2.62 28.34 -8.95
N ALA A 247 2.06 28.68 -7.79
CA ALA A 247 1.19 27.79 -7.04
C ALA A 247 -0.23 28.32 -7.04
N THR A 248 -1.20 27.42 -6.90
CA THR A 248 -2.60 27.75 -6.96
C THR A 248 -3.35 27.16 -5.78
N GLY A 249 -4.47 27.79 -5.42
CA GLY A 249 -5.37 27.24 -4.44
C GLY A 249 -6.77 27.17 -5.01
N SER A 250 -7.54 26.19 -4.55
CA SER A 250 -8.84 25.93 -5.14
C SER A 250 -9.78 25.32 -4.11
N ASP A 251 -11.07 25.31 -4.45
CA ASP A 251 -12.11 24.82 -3.54
C ASP A 251 -12.04 23.32 -3.32
N ASP A 252 -11.36 22.58 -4.19
CA ASP A 252 -11.24 21.13 -4.05
C ASP A 252 -10.26 20.72 -2.96
N ALA A 253 -9.84 21.67 -2.11
CA ALA A 253 -8.94 21.41 -0.99
C ALA A 253 -7.59 20.89 -1.48
N THR A 254 -6.97 21.64 -2.39
CA THR A 254 -5.70 21.22 -2.95
C THR A 254 -4.90 22.44 -3.37
N CYS A 255 -3.58 22.25 -3.42
CA CYS A 255 -2.66 23.22 -3.97
C CYS A 255 -1.80 22.53 -5.01
N ARG A 256 -1.65 23.16 -6.17
CA ARG A 256 -0.85 22.63 -7.26
C ARG A 256 0.34 23.54 -7.52
N LEU A 257 1.37 22.98 -8.16
CA LEU A 257 2.55 23.74 -8.54
C LEU A 257 2.83 23.48 -10.01
N PHE A 258 2.75 24.54 -10.82
CA PHE A 258 3.00 24.46 -12.26
C PHE A 258 4.30 25.19 -12.58
N ASP A 259 5.05 24.66 -13.54
CA ASP A 259 6.22 25.35 -14.08
C ASP A 259 5.93 25.82 -15.49
N LEU A 260 6.39 27.04 -15.80
CA LEU A 260 6.08 27.64 -17.09
C LEU A 260 6.90 27.02 -18.22
N ARG A 261 8.17 26.72 -17.96
CA ARG A 261 9.01 26.14 -19.00
C ARG A 261 8.59 24.72 -19.34
N ALA A 262 8.13 23.96 -18.35
CA ALA A 262 7.65 22.60 -18.61
C ALA A 262 6.20 22.58 -19.09
N ASP A 263 5.43 23.62 -18.81
CA ASP A 263 4.06 23.77 -19.30
C ASP A 263 3.16 22.62 -18.82
N GLN A 264 3.24 22.33 -17.52
CA GLN A 264 2.39 21.31 -16.91
C GLN A 264 2.50 21.43 -15.38
N GLU A 265 1.72 20.59 -14.70
CA GLU A 265 1.72 20.57 -13.25
C GLU A 265 2.85 19.70 -12.72
N LEU A 266 3.54 20.20 -11.70
CA LEU A 266 4.67 19.48 -11.14
C LEU A 266 4.31 18.64 -9.92
N MET A 267 3.38 19.11 -9.09
CA MET A 267 3.13 18.47 -7.81
C MET A 267 1.80 18.96 -7.25
N THR A 268 1.19 18.13 -6.41
CA THR A 268 -0.08 18.42 -5.75
C THR A 268 0.10 18.34 -4.25
N TYR A 269 -0.40 19.34 -3.53
CA TYR A 269 -0.33 19.40 -2.07
C TYR A 269 -1.73 19.16 -1.51
N SER A 270 -1.89 18.08 -0.76
CA SER A 270 -3.20 17.72 -0.24
C SER A 270 -3.06 16.69 0.86
N HIS A 271 -4.15 16.53 1.61
CA HIS A 271 -4.28 15.52 2.65
C HIS A 271 -5.69 14.98 2.58
N ASP A 272 -5.85 13.65 2.76
CA ASP A 272 -7.18 13.07 2.82
C ASP A 272 -8.00 13.65 3.98
N ASN A 273 -7.34 14.26 4.96
CA ASN A 273 -8.02 14.88 6.09
C ASN A 273 -8.41 16.33 5.83
N ILE A 274 -8.35 16.79 4.58
CA ILE A 274 -8.60 18.19 4.24
C ILE A 274 -9.61 18.24 3.12
N ILE A 275 -10.76 18.87 3.38
CA ILE A 275 -11.87 18.90 2.42
C ILE A 275 -12.25 20.33 2.10
N CYS A 276 -11.98 21.25 3.02
CA CYS A 276 -12.33 22.65 2.81
C CYS A 276 -11.38 23.32 1.83
N GLY A 277 -11.90 24.29 1.09
CA GLY A 277 -11.14 24.90 0.01
C GLY A 277 -10.03 25.79 0.51
N ILE A 278 -9.20 26.23 -0.45
CA ILE A 278 -8.09 27.14 -0.20
C ILE A 278 -8.58 28.56 -0.43
N THR A 279 -8.05 29.50 0.36
CA THR A 279 -8.44 30.90 0.26
C THR A 279 -7.30 31.83 -0.12
N SER A 280 -6.05 31.46 0.17
CA SER A 280 -4.90 32.30 -0.17
C SER A 280 -3.67 31.42 -0.22
N VAL A 281 -2.67 31.86 -0.99
CA VAL A 281 -1.40 31.16 -1.12
C VAL A 281 -0.27 32.19 -1.20
N SER A 282 0.91 31.77 -0.76
CA SER A 282 2.10 32.59 -0.84
C SER A 282 3.33 31.74 -0.53
N PHE A 283 4.40 31.96 -1.28
CA PHE A 283 5.66 31.27 -1.04
C PHE A 283 6.48 31.99 0.02
N SER A 284 7.46 31.27 0.55
CA SER A 284 8.48 31.91 1.38
C SER A 284 9.50 32.60 0.47
N LYS A 285 10.46 33.29 1.08
CA LYS A 285 11.42 34.08 0.30
C LYS A 285 12.24 33.19 -0.62
N SER A 286 12.71 32.05 -0.12
CA SER A 286 13.45 31.11 -0.95
C SER A 286 12.56 30.19 -1.76
N GLY A 287 11.24 30.29 -1.60
CA GLY A 287 10.34 29.41 -2.31
C GLY A 287 10.26 27.99 -1.78
N ARG A 288 10.98 27.67 -0.70
CA ARG A 288 10.95 26.32 -0.16
C ARG A 288 9.63 26.03 0.55
N LEU A 289 8.99 27.05 1.10
CA LEU A 289 7.75 26.88 1.85
C LEU A 289 6.57 27.46 1.06
N LEU A 290 5.43 26.81 1.19
CA LEU A 290 4.19 27.23 0.55
C LEU A 290 3.12 27.37 1.62
N LEU A 291 2.78 28.60 1.97
CA LEU A 291 1.79 28.89 3.00
C LEU A 291 0.43 29.13 2.34
N ALA A 292 -0.60 28.51 2.90
CA ALA A 292 -1.95 28.59 2.34
C ALA A 292 -2.98 28.71 3.45
N GLY A 293 -3.98 29.57 3.23
CA GLY A 293 -5.07 29.74 4.16
C GLY A 293 -6.30 28.96 3.70
N TYR A 294 -7.05 28.45 4.66
CA TYR A 294 -8.14 27.52 4.40
C TYR A 294 -9.44 28.07 5.00
N ASP A 295 -10.52 27.30 4.78
CA ASP A 295 -11.80 27.59 5.41
C ASP A 295 -11.90 27.05 6.82
N ASP A 296 -11.04 26.10 7.20
CA ASP A 296 -11.10 25.44 8.49
C ASP A 296 -10.39 26.22 9.59
N PHE A 297 -10.21 27.54 9.41
CA PHE A 297 -9.73 28.53 10.36
C PHE A 297 -8.21 28.53 10.51
N ASN A 298 -7.48 27.65 9.82
CA ASN A 298 -6.04 27.53 10.02
C ASN A 298 -5.29 27.63 8.70
N CYS A 299 -4.00 27.84 8.81
CA CYS A 299 -3.08 27.86 7.68
C CYS A 299 -2.19 26.61 7.72
N ASN A 300 -1.64 26.25 6.56
CA ASN A 300 -0.74 25.12 6.45
C ASN A 300 0.54 25.57 5.75
N VAL A 301 1.67 25.35 6.40
CA VAL A 301 2.98 25.64 5.81
C VAL A 301 3.44 24.37 5.12
N TRP A 302 3.36 24.35 3.80
CA TRP A 302 3.72 23.18 3.02
C TRP A 302 5.18 23.24 2.60
N ASP A 303 5.76 22.05 2.43
CA ASP A 303 7.10 21.92 1.85
C ASP A 303 6.94 21.87 0.33
N ALA A 304 7.41 22.91 -0.35
CA ALA A 304 7.20 23.01 -1.79
C ALA A 304 7.91 21.91 -2.57
N LEU A 305 8.93 21.27 -1.98
CA LEU A 305 9.71 20.27 -2.69
C LEU A 305 9.22 18.84 -2.46
N LYS A 306 8.66 18.55 -1.28
CA LYS A 306 8.34 17.17 -0.91
C LYS A 306 6.85 16.88 -0.79
N ALA A 307 5.99 17.91 -0.82
CA ALA A 307 4.53 17.76 -0.77
C ALA A 307 4.03 17.22 0.55
N ASP A 308 4.76 17.47 1.65
CA ASP A 308 4.33 17.07 2.98
C ASP A 308 4.24 18.30 3.87
N ARG A 309 3.19 18.37 4.68
CA ARG A 309 2.97 19.52 5.53
C ARG A 309 4.07 19.62 6.58
N ALA A 310 4.56 20.85 6.79
CA ALA A 310 5.63 21.10 7.75
C ALA A 310 5.14 21.80 9.02
N GLY A 311 4.03 22.52 8.95
CA GLY A 311 3.53 23.23 10.11
C GLY A 311 2.14 23.76 9.88
N VAL A 312 1.55 24.28 10.95
CA VAL A 312 0.19 24.80 10.93
C VAL A 312 0.17 26.12 11.68
N LEU A 313 -0.39 27.16 11.06
CA LEU A 313 -0.65 28.43 11.72
C LEU A 313 -2.09 28.40 12.21
N ALA A 314 -2.28 28.16 13.50
CA ALA A 314 -3.60 27.96 14.10
C ALA A 314 -3.81 28.96 15.21
N GLY A 315 -4.35 30.13 14.86
CA GLY A 315 -4.68 31.12 15.87
C GLY A 315 -5.99 31.85 15.64
N HIS A 316 -6.64 31.59 14.50
CA HIS A 316 -7.83 32.33 14.11
C HIS A 316 -9.10 31.58 14.52
N ASP A 317 -10.20 32.35 14.57
CA ASP A 317 -11.49 31.82 15.01
C ASP A 317 -12.52 31.78 13.88
N ASN A 318 -12.14 32.15 12.66
CA ASN A 318 -13.05 32.09 11.53
C ASN A 318 -12.22 31.85 10.26
N ARG A 319 -12.87 32.01 9.10
CA ARG A 319 -12.23 31.69 7.83
C ARG A 319 -11.02 32.59 7.59
N VAL A 320 -9.87 31.98 7.37
CA VAL A 320 -8.67 32.72 6.98
C VAL A 320 -8.84 33.12 5.53
N SER A 321 -8.96 34.42 5.28
CA SER A 321 -9.32 34.91 3.94
C SER A 321 -8.13 35.37 3.12
N CYS A 322 -6.98 35.64 3.74
CA CYS A 322 -5.85 36.19 3.00
C CYS A 322 -4.60 36.08 3.85
N LEU A 323 -3.47 35.87 3.18
CA LEU A 323 -2.16 35.91 3.82
C LEU A 323 -1.13 36.39 2.82
N GLY A 324 0.03 36.79 3.34
CA GLY A 324 1.11 37.27 2.50
C GLY A 324 2.42 37.27 3.25
N VAL A 325 3.51 37.12 2.50
CA VAL A 325 4.86 37.11 3.06
C VAL A 325 5.57 38.37 2.61
N THR A 326 6.37 38.95 3.52
CA THR A 326 7.10 40.17 3.22
C THR A 326 8.21 39.91 2.19
N ASP A 327 8.69 41.00 1.59
CA ASP A 327 9.74 40.89 0.58
C ASP A 327 11.04 40.38 1.19
N ASP A 328 11.34 40.80 2.42
CA ASP A 328 12.52 40.27 3.11
C ASP A 328 12.28 38.88 3.70
N GLY A 329 11.07 38.34 3.56
CA GLY A 329 10.76 37.02 4.07
C GLY A 329 10.83 36.90 5.57
N MET A 330 10.68 38.00 6.30
CA MET A 330 10.87 37.98 7.75
C MET A 330 9.62 37.53 8.49
N ALA A 331 8.43 37.84 7.97
CA ALA A 331 7.21 37.55 8.70
C ALA A 331 6.09 37.22 7.71
N VAL A 332 4.99 36.68 8.26
CA VAL A 332 3.80 36.34 7.49
C VAL A 332 2.60 36.92 8.22
N ALA A 333 1.75 37.63 7.47
CA ALA A 333 0.51 38.18 7.99
C ALA A 333 -0.67 37.35 7.49
N THR A 334 -1.69 37.22 8.33
CA THR A 334 -2.90 36.48 7.99
C THR A 334 -4.12 37.33 8.32
N GLY A 335 -5.07 37.39 7.40
CA GLY A 335 -6.34 38.07 7.62
C GLY A 335 -7.46 37.04 7.68
N SER A 336 -8.40 37.25 8.59
CA SER A 336 -9.48 36.30 8.81
C SER A 336 -10.79 37.05 9.03
N TRP A 337 -11.89 36.30 8.94
CA TRP A 337 -13.23 36.85 9.16
C TRP A 337 -13.49 37.17 10.62
N ASP A 338 -12.61 36.76 11.54
CA ASP A 338 -12.77 37.08 12.96
C ASP A 338 -12.35 38.51 13.28
N SER A 339 -12.11 39.33 12.26
CA SER A 339 -11.80 40.76 12.40
C SER A 339 -10.43 40.99 13.02
N PHE A 340 -9.46 40.12 12.76
CA PHE A 340 -8.12 40.27 13.31
C PHE A 340 -7.08 39.95 12.24
N LEU A 341 -5.90 40.54 12.42
CA LEU A 341 -4.72 40.24 11.62
C LEU A 341 -3.59 39.86 12.55
N LYS A 342 -2.94 38.73 12.27
CA LYS A 342 -1.89 38.20 13.13
C LYS A 342 -0.60 38.06 12.34
N ILE A 343 0.49 38.58 12.91
CA ILE A 343 1.81 38.50 12.30
C ILE A 343 2.50 37.24 12.82
N TRP A 344 3.12 36.49 11.91
CA TRP A 344 3.72 35.20 12.23
C TRP A 344 5.17 35.15 11.77
N ASN A 345 6.02 34.50 12.57
CA ASN A 345 7.34 34.06 12.13
C ASN A 345 7.93 33.06 13.14
N SER B 5 -30.87 18.86 -13.75
CA SER B 5 -31.29 18.45 -15.08
C SER B 5 -32.66 17.76 -15.03
N GLY B 6 -32.65 16.43 -15.02
CA GLY B 6 -33.88 15.68 -14.92
C GLY B 6 -34.00 14.53 -15.91
N SER B 7 -33.15 14.55 -16.94
CA SER B 7 -33.15 13.51 -17.96
C SER B 7 -32.18 12.41 -17.55
N GLU B 8 -32.68 11.21 -17.33
CA GLU B 8 -31.81 10.13 -16.88
C GLU B 8 -30.75 9.82 -17.91
N LEU B 9 -31.08 9.95 -19.20
CA LEU B 9 -30.10 9.71 -20.24
C LEU B 9 -28.92 10.67 -20.11
N ASP B 10 -29.20 11.96 -19.92
CA ASP B 10 -28.14 12.94 -19.79
C ASP B 10 -27.43 12.83 -18.44
N GLN B 11 -28.13 12.36 -17.40
CA GLN B 11 -27.49 12.17 -16.11
C GLN B 11 -26.61 10.93 -16.09
N LEU B 12 -26.91 9.94 -16.94
CA LEU B 12 -26.05 8.78 -17.06
C LEU B 12 -24.80 9.08 -17.88
N ARG B 13 -24.88 10.03 -18.81
CA ARG B 13 -23.70 10.40 -19.59
C ARG B 13 -22.67 11.10 -18.72
N GLN B 14 -23.10 12.07 -17.91
CA GLN B 14 -22.18 12.75 -17.01
C GLN B 14 -21.69 11.83 -15.90
N GLU B 15 -22.55 10.92 -15.44
CA GLU B 15 -22.14 9.95 -14.43
C GLU B 15 -21.05 9.01 -14.97
N ALA B 16 -21.12 8.67 -16.25
CA ALA B 16 -20.11 7.80 -16.83
C ALA B 16 -18.78 8.52 -17.03
N GLU B 17 -18.82 9.82 -17.32
CA GLU B 17 -17.58 10.56 -17.55
C GLU B 17 -16.79 10.73 -16.27
N GLN B 18 -17.47 11.08 -15.17
CA GLN B 18 -16.77 11.22 -13.90
C GLN B 18 -16.26 9.87 -13.40
N LEU B 19 -16.91 8.77 -13.79
CA LEU B 19 -16.36 7.45 -13.50
C LEU B 19 -15.06 7.20 -14.25
N LYS B 20 -15.01 7.62 -15.52
CA LYS B 20 -13.77 7.48 -16.29
C LYS B 20 -12.66 8.37 -15.74
N ASN B 21 -13.03 9.53 -15.18
CA ASN B 21 -12.02 10.39 -14.56
C ASN B 21 -11.54 9.81 -13.23
N GLN B 22 -12.39 9.05 -12.54
CA GLN B 22 -11.96 8.40 -11.31
C GLN B 22 -10.92 7.33 -11.58
N ILE B 23 -11.16 6.50 -12.60
CA ILE B 23 -10.19 5.47 -12.98
C ILE B 23 -8.91 6.11 -13.50
N ARG B 24 -9.02 7.27 -14.17
CA ARG B 24 -7.84 7.98 -14.63
C ARG B 24 -6.94 8.37 -13.46
N ASP B 25 -7.53 8.97 -12.42
CA ASP B 25 -6.75 9.37 -11.26
C ASP B 25 -6.40 8.18 -10.37
N ALA B 26 -7.26 7.16 -10.32
CA ALA B 26 -6.91 5.94 -9.61
C ALA B 26 -5.69 5.28 -10.23
N ARG B 27 -5.55 5.37 -11.56
CA ARG B 27 -4.31 4.93 -12.20
C ARG B 27 -3.17 5.86 -11.86
N LYS B 28 -3.38 7.17 -12.02
CA LYS B 28 -2.32 8.15 -11.78
C LYS B 28 -1.70 8.03 -10.38
N ALA B 29 -2.40 7.41 -9.44
CA ALA B 29 -1.87 7.25 -8.09
C ALA B 29 -0.81 6.16 -8.01
N CYS B 30 -0.94 5.10 -8.80
CA CYS B 30 0.01 3.99 -8.77
C CYS B 30 1.21 4.19 -9.69
N ALA B 31 1.22 5.24 -10.50
CA ALA B 31 2.31 5.49 -11.43
C ALA B 31 3.44 6.28 -10.76
N ASP B 32 4.01 5.67 -9.72
N ASP B 32 4.00 5.68 -9.71
CA ASP B 32 5.09 6.30 -8.99
CA ASP B 32 5.10 6.32 -8.99
C ASP B 32 6.38 6.32 -9.79
C ASP B 32 6.40 6.30 -9.77
N ALA B 33 6.55 5.36 -10.71
CA ALA B 33 7.74 5.27 -11.54
C ALA B 33 7.34 4.79 -12.92
N THR B 34 8.32 4.69 -13.81
CA THR B 34 8.11 4.22 -15.17
C THR B 34 9.03 3.04 -15.45
N LEU B 35 8.63 2.22 -16.43
CA LEU B 35 9.38 1.02 -16.75
C LEU B 35 10.80 1.33 -17.21
N SER B 36 10.96 2.40 -18.01
CA SER B 36 12.28 2.77 -18.49
C SER B 36 13.20 3.20 -17.34
N GLN B 37 12.63 3.84 -16.31
CA GLN B 37 13.43 4.24 -15.16
C GLN B 37 13.91 3.02 -14.38
N ILE B 38 13.06 2.00 -14.26
CA ILE B 38 13.47 0.79 -13.54
C ILE B 38 14.53 0.04 -14.32
N THR B 39 14.37 -0.07 -15.64
CA THR B 39 15.28 -0.82 -16.49
C THR B 39 16.39 0.05 -17.08
N ASN B 40 16.66 1.21 -16.48
CA ASN B 40 17.68 2.11 -17.03
C ASN B 40 19.10 1.63 -16.74
N ASN B 41 19.28 0.72 -15.78
CA ASN B 41 20.60 0.25 -15.40
C ASN B 41 20.92 -1.15 -15.90
N ILE B 42 19.94 -1.88 -16.45
CA ILE B 42 20.19 -3.20 -17.00
C ILE B 42 20.82 -3.05 -18.38
N ASP B 43 21.82 -3.88 -18.67
CA ASP B 43 22.56 -3.73 -19.91
C ASP B 43 21.74 -4.21 -21.10
N PRO B 44 21.93 -3.59 -22.27
CA PRO B 44 21.09 -3.92 -23.42
C PRO B 44 21.34 -5.33 -23.94
N VAL B 45 20.38 -5.80 -24.74
CA VAL B 45 20.43 -7.15 -25.29
C VAL B 45 21.54 -7.34 -26.31
N GLY B 46 22.20 -6.26 -26.73
CA GLY B 46 23.17 -6.35 -27.79
C GLY B 46 22.53 -6.25 -29.16
N ARG B 47 23.23 -6.78 -30.15
CA ARG B 47 22.79 -6.75 -31.54
C ARG B 47 22.23 -8.12 -31.91
N ILE B 48 20.94 -8.16 -32.27
CA ILE B 48 20.26 -9.40 -32.62
C ILE B 48 20.24 -9.53 -34.13
N GLN B 49 20.91 -10.56 -34.65
CA GLN B 49 21.06 -10.77 -36.08
C GLN B 49 20.59 -12.18 -36.43
N MET B 50 19.30 -12.33 -36.68
CA MET B 50 18.73 -13.61 -37.10
C MET B 50 18.69 -13.68 -38.62
N ARG B 51 18.98 -14.87 -39.15
CA ARG B 51 18.99 -15.12 -40.57
C ARG B 51 17.88 -16.10 -40.94
N THR B 52 17.46 -16.04 -42.20
CA THR B 52 16.44 -16.95 -42.70
C THR B 52 17.02 -18.35 -42.84
N ARG B 53 16.43 -19.31 -42.13
CA ARG B 53 16.89 -20.70 -42.18
C ARG B 53 16.03 -21.58 -43.08
N ARG B 54 14.75 -21.25 -43.23
CA ARG B 54 13.84 -21.99 -44.09
C ARG B 54 12.96 -21.01 -44.85
N THR B 55 12.65 -21.35 -46.10
CA THR B 55 11.68 -20.61 -46.91
C THR B 55 10.64 -21.60 -47.38
N LEU B 56 9.41 -21.45 -46.89
CA LEU B 56 8.34 -22.40 -47.17
C LEU B 56 7.57 -21.93 -48.39
N ARG B 57 7.67 -22.67 -49.48
CA ARG B 57 7.04 -22.33 -50.74
C ARG B 57 5.93 -23.33 -51.06
N GLY B 58 4.91 -22.86 -51.78
CA GLY B 58 3.78 -23.70 -52.13
C GLY B 58 2.45 -22.99 -52.07
N HIS B 59 2.32 -22.01 -51.18
CA HIS B 59 1.13 -21.16 -51.20
C HIS B 59 1.10 -20.37 -52.51
N LEU B 60 -0.08 -20.27 -53.11
CA LEU B 60 -0.23 -19.64 -54.41
C LEU B 60 -0.63 -18.17 -54.32
N ALA B 61 -1.24 -17.76 -53.21
CA ALA B 61 -1.65 -16.37 -53.03
C ALA B 61 -1.05 -15.82 -51.74
N LYS B 62 -1.50 -14.64 -51.32
CA LYS B 62 -0.94 -13.99 -50.15
C LYS B 62 -1.43 -14.65 -48.86
N ILE B 63 -0.50 -14.85 -47.92
CA ILE B 63 -0.79 -15.50 -46.65
C ILE B 63 -1.35 -14.49 -45.67
N TYR B 64 -2.30 -14.91 -44.85
CA TYR B 64 -2.96 -14.01 -43.90
C TYR B 64 -2.82 -14.44 -42.44
N ALA B 65 -2.51 -15.70 -42.15
CA ALA B 65 -2.40 -16.13 -40.76
C ALA B 65 -1.57 -17.41 -40.69
N MET B 66 -1.00 -17.64 -39.51
CA MET B 66 -0.26 -18.86 -39.23
C MET B 66 -0.27 -19.11 -37.72
N HIS B 67 -0.03 -20.35 -37.35
CA HIS B 67 0.00 -20.73 -35.93
C HIS B 67 0.92 -21.93 -35.76
N TRP B 68 1.90 -21.79 -34.86
CA TRP B 68 2.79 -22.90 -34.55
C TRP B 68 2.05 -24.00 -33.81
N GLY B 69 2.48 -25.24 -34.03
CA GLY B 69 2.04 -26.33 -33.19
C GLY B 69 2.77 -26.33 -31.86
N THR B 70 2.20 -27.08 -30.90
CA THR B 70 2.82 -27.16 -29.59
C THR B 70 4.12 -27.95 -29.59
N ASP B 71 4.37 -28.72 -30.65
CA ASP B 71 5.64 -29.45 -30.78
C ASP B 71 6.75 -28.60 -31.35
N SER B 72 6.47 -27.33 -31.67
CA SER B 72 7.46 -26.38 -32.19
C SER B 72 8.09 -26.84 -33.51
N ARG B 73 7.48 -27.83 -34.16
CA ARG B 73 7.96 -28.34 -35.43
C ARG B 73 6.95 -28.16 -36.56
N LEU B 74 5.70 -28.51 -36.33
CA LEU B 74 4.65 -28.39 -37.33
C LEU B 74 3.89 -27.07 -37.15
N LEU B 75 3.59 -26.42 -38.27
CA LEU B 75 2.82 -25.18 -38.24
C LEU B 75 1.81 -25.19 -39.38
N VAL B 76 0.67 -24.56 -39.13
CA VAL B 76 -0.41 -24.44 -40.12
C VAL B 76 -0.49 -22.99 -40.58
N SER B 77 -0.75 -22.78 -41.86
CA SER B 77 -0.82 -21.46 -42.43
C SER B 77 -2.01 -21.36 -43.38
N ALA B 78 -2.61 -20.18 -43.46
CA ALA B 78 -3.78 -19.92 -44.27
C ALA B 78 -3.46 -18.92 -45.37
N SER B 79 -3.98 -19.19 -46.57
CA SER B 79 -3.72 -18.34 -47.73
C SER B 79 -5.02 -18.05 -48.46
N GLN B 80 -5.05 -16.91 -49.16
CA GLN B 80 -6.24 -16.45 -49.87
C GLN B 80 -6.59 -17.33 -51.06
N ASP B 81 -5.74 -18.27 -51.44
CA ASP B 81 -6.03 -19.16 -52.56
C ASP B 81 -6.99 -20.29 -52.17
N GLY B 82 -7.58 -20.24 -50.98
CA GLY B 82 -8.49 -21.29 -50.55
C GLY B 82 -7.81 -22.55 -50.08
N LYS B 83 -6.56 -22.45 -49.61
CA LYS B 83 -5.81 -23.62 -49.17
C LYS B 83 -5.29 -23.40 -47.75
N LEU B 84 -5.12 -24.50 -47.03
CA LEU B 84 -4.62 -24.51 -45.66
C LEU B 84 -3.53 -25.56 -45.58
N ILE B 85 -2.28 -25.14 -45.43
CA ILE B 85 -1.13 -26.02 -45.53
C ILE B 85 -0.52 -26.22 -44.15
N ILE B 86 -0.20 -27.47 -43.82
CA ILE B 86 0.50 -27.83 -42.59
C ILE B 86 1.92 -28.23 -42.98
N TRP B 87 2.90 -27.50 -42.45
CA TRP B 87 4.29 -27.68 -42.81
C TRP B 87 5.03 -28.48 -41.75
N ASP B 88 6.10 -29.14 -42.18
CA ASP B 88 7.10 -29.73 -41.29
C ASP B 88 8.33 -28.83 -41.41
N SER B 89 8.49 -27.91 -40.46
CA SER B 89 9.50 -26.85 -40.60
C SER B 89 10.91 -27.40 -40.62
N TYR B 90 11.15 -28.56 -40.00
CA TYR B 90 12.49 -29.13 -40.01
C TYR B 90 12.88 -29.64 -41.39
N THR B 91 11.92 -30.14 -42.15
CA THR B 91 12.17 -30.72 -43.46
C THR B 91 11.54 -29.95 -44.60
N THR B 92 10.87 -28.83 -44.31
CA THR B 92 10.15 -28.02 -45.30
C THR B 92 9.09 -28.82 -46.06
N ASN B 93 8.71 -29.98 -45.53
CA ASN B 93 7.73 -30.83 -46.19
C ASN B 93 6.31 -30.35 -45.90
N LYS B 94 5.45 -30.45 -46.91
CA LYS B 94 4.03 -30.17 -46.75
C LYS B 94 3.32 -31.45 -46.33
N VAL B 95 2.77 -31.45 -45.12
CA VAL B 95 2.10 -32.65 -44.61
C VAL B 95 0.66 -32.71 -45.09
N HIS B 96 -0.04 -31.58 -45.09
CA HIS B 96 -1.42 -31.53 -45.55
C HIS B 96 -1.63 -30.26 -46.36
N ALA B 97 -2.58 -30.33 -47.30
CA ALA B 97 -3.02 -29.18 -48.10
C ALA B 97 -4.52 -29.27 -48.23
N ILE B 98 -5.23 -28.51 -47.40
CA ILE B 98 -6.69 -28.65 -47.24
C ILE B 98 -7.37 -27.60 -48.11
N PRO B 99 -8.17 -27.98 -49.09
CA PRO B 99 -8.99 -27.00 -49.81
C PRO B 99 -10.12 -26.49 -48.94
N LEU B 100 -10.40 -25.19 -49.05
CA LEU B 100 -11.38 -24.52 -48.20
C LEU B 100 -12.62 -24.16 -49.00
N ARG B 101 -13.77 -24.18 -48.32
CA ARG B 101 -15.02 -23.82 -48.98
CA ARG B 101 -15.03 -23.83 -48.96
C ARG B 101 -15.04 -22.35 -49.37
N SER B 102 -14.61 -21.47 -48.47
CA SER B 102 -14.49 -20.05 -48.76
C SER B 102 -13.01 -19.68 -48.79
N SER B 103 -12.61 -18.93 -49.81
CA SER B 103 -11.20 -18.68 -50.07
C SER B 103 -10.63 -17.51 -49.28
N TRP B 104 -11.46 -16.70 -48.64
CA TRP B 104 -10.98 -15.51 -47.92
C TRP B 104 -10.83 -15.87 -46.45
N VAL B 105 -9.65 -16.36 -46.10
CA VAL B 105 -9.32 -16.69 -44.71
C VAL B 105 -8.60 -15.51 -44.09
N MET B 106 -8.81 -15.33 -42.78
CA MET B 106 -8.11 -14.30 -42.03
C MET B 106 -7.55 -14.80 -40.70
N THR B 107 -7.95 -15.97 -40.22
CA THR B 107 -7.43 -16.53 -38.99
C THR B 107 -7.04 -17.99 -39.22
N CYS B 108 -6.22 -18.50 -38.30
CA CYS B 108 -5.67 -19.85 -38.45
C CYS B 108 -5.25 -20.35 -37.08
N ALA B 109 -5.82 -21.48 -36.65
CA ALA B 109 -5.53 -22.03 -35.33
C ALA B 109 -5.09 -23.48 -35.45
N TYR B 110 -4.22 -23.88 -34.53
CA TYR B 110 -3.71 -25.25 -34.45
C TYR B 110 -3.93 -25.74 -33.04
N ALA B 111 -4.74 -26.79 -32.90
CA ALA B 111 -5.12 -27.28 -31.58
C ALA B 111 -3.89 -27.71 -30.79
N PRO B 112 -3.89 -27.52 -29.47
CA PRO B 112 -2.73 -27.94 -28.67
C PRO B 112 -2.52 -29.45 -28.67
N SER B 113 -3.57 -30.23 -28.86
CA SER B 113 -3.44 -31.68 -28.99
C SER B 113 -2.89 -32.10 -30.34
N GLY B 114 -2.87 -31.21 -31.32
CA GLY B 114 -2.41 -31.54 -32.65
C GLY B 114 -3.39 -32.34 -33.49
N ASN B 115 -4.61 -32.53 -32.99
CA ASN B 115 -5.61 -33.32 -33.71
C ASN B 115 -6.49 -32.50 -34.64
N TYR B 116 -6.56 -31.18 -34.43
CA TYR B 116 -7.49 -30.35 -35.17
C TYR B 116 -6.80 -29.07 -35.65
N VAL B 117 -7.29 -28.55 -36.77
CA VAL B 117 -6.98 -27.19 -37.21
C VAL B 117 -8.30 -26.45 -37.38
N ALA B 118 -8.21 -25.12 -37.29
CA ALA B 118 -9.39 -24.27 -37.40
C ALA B 118 -9.03 -23.00 -38.16
N CYS B 119 -9.96 -22.55 -39.01
CA CYS B 119 -9.77 -21.32 -39.76
C CYS B 119 -11.13 -20.70 -40.03
N GLY B 120 -11.09 -19.42 -40.40
CA GLY B 120 -12.32 -18.70 -40.71
C GLY B 120 -11.98 -17.38 -41.36
N GLY B 121 -13.02 -16.75 -41.91
CA GLY B 121 -12.84 -15.50 -42.62
C GLY B 121 -14.13 -14.72 -42.79
N LEU B 122 -14.30 -14.12 -43.97
CA LEU B 122 -15.48 -13.30 -44.24
C LEU B 122 -16.76 -14.12 -44.36
N ASP B 123 -16.66 -15.45 -44.39
CA ASP B 123 -17.87 -16.28 -44.38
C ASP B 123 -18.56 -16.29 -43.01
N ASN B 124 -17.96 -15.65 -42.00
CA ASN B 124 -18.50 -15.55 -40.65
C ASN B 124 -18.60 -16.90 -39.95
N ILE B 125 -17.83 -17.89 -40.40
CA ILE B 125 -17.90 -19.24 -39.87
C ILE B 125 -16.51 -19.64 -39.36
N CYS B 126 -16.47 -20.33 -38.23
CA CYS B 126 -15.25 -20.97 -37.74
C CYS B 126 -15.34 -22.45 -38.06
N SER B 127 -14.48 -22.91 -38.96
CA SER B 127 -14.51 -24.29 -39.45
C SER B 127 -13.44 -25.10 -38.74
N ILE B 128 -13.82 -26.28 -38.26
CA ILE B 128 -12.92 -27.21 -37.60
C ILE B 128 -12.63 -28.36 -38.55
N TYR B 129 -11.36 -28.75 -38.65
CA TYR B 129 -10.94 -29.88 -39.47
C TYR B 129 -10.25 -30.90 -38.57
N ASN B 130 -10.63 -32.16 -38.72
CA ASN B 130 -10.03 -33.25 -37.97
C ASN B 130 -8.84 -33.79 -38.75
N LEU B 131 -7.64 -33.65 -38.18
CA LEU B 131 -6.43 -34.15 -38.82
C LEU B 131 -6.25 -35.65 -38.62
N LYS B 132 -7.05 -36.28 -37.76
CA LYS B 132 -6.92 -37.69 -37.44
C LYS B 132 -8.18 -38.46 -37.83
N THR B 133 -8.74 -38.14 -39.00
CA THR B 133 -9.90 -38.86 -39.50
C THR B 133 -9.51 -40.30 -39.85
N ARG B 134 -10.47 -41.21 -39.70
CA ARG B 134 -10.21 -42.62 -39.92
C ARG B 134 -10.34 -43.03 -41.38
N GLU B 135 -11.15 -42.32 -42.16
CA GLU B 135 -11.26 -42.57 -43.59
C GLU B 135 -11.10 -41.27 -44.37
N GLY B 136 -10.77 -41.40 -45.65
CA GLY B 136 -10.64 -40.26 -46.54
C GLY B 136 -9.52 -39.31 -46.16
N ASN B 137 -9.59 -38.13 -46.77
CA ASN B 137 -8.63 -37.06 -46.54
C ASN B 137 -9.17 -36.10 -45.48
N VAL B 138 -8.31 -35.15 -45.08
CA VAL B 138 -8.71 -34.16 -44.09
C VAL B 138 -9.76 -33.24 -44.69
N ARG B 139 -10.92 -33.17 -44.04
CA ARG B 139 -12.04 -32.39 -44.53
C ARG B 139 -12.74 -31.74 -43.35
N VAL B 140 -13.85 -31.05 -43.64
CA VAL B 140 -14.56 -30.29 -42.62
C VAL B 140 -15.23 -31.23 -41.64
N SER B 141 -15.06 -30.96 -40.34
CA SER B 141 -15.74 -31.69 -39.28
C SER B 141 -16.85 -30.88 -38.63
N ARG B 142 -16.60 -29.60 -38.36
CA ARG B 142 -17.58 -28.74 -37.71
C ARG B 142 -17.54 -27.35 -38.33
N GLU B 143 -18.68 -26.68 -38.31
CA GLU B 143 -18.80 -25.28 -38.72
C GLU B 143 -19.56 -24.54 -37.63
N LEU B 144 -18.93 -23.51 -37.06
CA LEU B 144 -19.49 -22.79 -35.91
C LEU B 144 -20.09 -21.48 -36.42
N ALA B 145 -21.39 -21.49 -36.69
CA ALA B 145 -22.11 -20.32 -37.13
C ALA B 145 -22.72 -19.58 -35.94
N GLY B 146 -22.94 -18.28 -36.12
CA GLY B 146 -23.50 -17.47 -35.06
C GLY B 146 -22.96 -16.06 -35.02
N HIS B 147 -21.80 -15.83 -35.64
CA HIS B 147 -21.24 -14.49 -35.75
C HIS B 147 -21.87 -13.77 -36.93
N THR B 148 -22.36 -12.56 -36.69
CA THR B 148 -22.91 -11.71 -37.73
C THR B 148 -21.83 -10.90 -38.45
N GLY B 149 -20.55 -11.13 -38.13
CA GLY B 149 -19.45 -10.43 -38.76
C GLY B 149 -18.34 -11.39 -39.11
N TYR B 150 -17.31 -10.84 -39.75
CA TYR B 150 -16.21 -11.68 -40.23
C TYR B 150 -15.34 -12.17 -39.08
N LEU B 151 -14.86 -13.40 -39.20
CA LEU B 151 -14.03 -14.02 -38.17
C LEU B 151 -12.59 -13.52 -38.30
N SER B 152 -12.08 -12.88 -37.25
CA SER B 152 -10.74 -12.31 -37.27
C SER B 152 -9.70 -13.19 -36.61
N CYS B 153 -10.01 -13.80 -35.47
CA CYS B 153 -9.05 -14.63 -34.76
C CYS B 153 -9.78 -15.72 -34.00
N CYS B 154 -9.11 -16.86 -33.85
CA CYS B 154 -9.66 -18.00 -33.13
C CYS B 154 -8.52 -18.81 -32.54
N ARG B 155 -8.72 -19.31 -31.32
CA ARG B 155 -7.69 -20.06 -30.61
C ARG B 155 -8.35 -21.16 -29.79
N PHE B 156 -7.86 -22.39 -29.95
CA PHE B 156 -8.35 -23.50 -29.16
C PHE B 156 -7.95 -23.35 -27.69
N LEU B 157 -8.84 -23.81 -26.80
CA LEU B 157 -8.49 -24.08 -25.42
C LEU B 157 -8.15 -25.54 -25.21
N ASP B 158 -9.05 -26.43 -25.60
CA ASP B 158 -8.79 -27.86 -25.69
C ASP B 158 -9.49 -28.35 -26.96
N ASP B 159 -9.64 -29.66 -27.09
CA ASP B 159 -10.27 -30.21 -28.29
C ASP B 159 -11.78 -30.01 -28.33
N ASN B 160 -12.39 -29.47 -27.27
CA ASN B 160 -13.83 -29.26 -27.22
CA ASN B 160 -13.83 -29.26 -27.26
C ASN B 160 -14.25 -27.80 -27.08
N GLN B 161 -13.31 -26.90 -26.81
CA GLN B 161 -13.63 -25.49 -26.63
C GLN B 161 -12.72 -24.64 -27.52
N ILE B 162 -13.22 -23.46 -27.88
CA ILE B 162 -12.48 -22.54 -28.73
C ILE B 162 -13.06 -21.14 -28.57
N VAL B 163 -12.18 -20.14 -28.49
CA VAL B 163 -12.58 -18.74 -28.44
C VAL B 163 -12.49 -18.16 -29.85
N THR B 164 -13.36 -17.21 -30.15
CA THR B 164 -13.37 -16.53 -31.44
C THR B 164 -13.50 -15.02 -31.22
N SER B 165 -12.99 -14.26 -32.19
CA SER B 165 -13.23 -12.83 -32.28
C SER B 165 -13.75 -12.53 -33.67
N SER B 166 -14.67 -11.57 -33.76
CA SER B 166 -15.36 -11.33 -35.01
C SER B 166 -15.59 -9.84 -35.23
N GLY B 167 -15.90 -9.50 -36.48
CA GLY B 167 -16.22 -8.14 -36.87
C GLY B 167 -17.57 -7.64 -36.43
N ASP B 168 -18.34 -8.44 -35.69
CA ASP B 168 -19.59 -7.99 -35.10
C ASP B 168 -19.39 -7.39 -33.72
N THR B 169 -18.16 -7.01 -33.37
CA THR B 169 -17.79 -6.37 -32.11
C THR B 169 -18.02 -7.27 -30.90
N THR B 170 -18.10 -8.59 -31.10
CA THR B 170 -18.30 -9.52 -29.99
C THR B 170 -17.32 -10.69 -30.11
N CYS B 171 -17.07 -11.33 -28.97
CA CYS B 171 -16.33 -12.57 -28.88
C CYS B 171 -17.24 -13.66 -28.34
N ALA B 172 -16.80 -14.90 -28.47
CA ALA B 172 -17.63 -16.04 -28.05
C ALA B 172 -16.73 -17.20 -27.64
N LEU B 173 -17.23 -17.99 -26.70
CA LEU B 173 -16.61 -19.24 -26.29
C LEU B 173 -17.50 -20.39 -26.71
N TRP B 174 -17.01 -21.23 -27.61
CA TRP B 174 -17.82 -22.27 -28.24
C TRP B 174 -17.61 -23.61 -27.56
N ASP B 175 -18.68 -24.41 -27.57
CA ASP B 175 -18.60 -25.85 -27.31
C ASP B 175 -18.62 -26.51 -28.68
N ILE B 176 -17.46 -27.00 -29.11
CA ILE B 176 -17.28 -27.39 -30.51
C ILE B 176 -18.29 -28.45 -30.93
N GLU B 177 -18.55 -29.43 -30.06
CA GLU B 177 -19.45 -30.52 -30.44
C GLU B 177 -20.89 -30.04 -30.54
N THR B 178 -21.42 -29.47 -29.46
CA THR B 178 -22.81 -29.01 -29.49
C THR B 178 -22.98 -27.76 -30.34
N GLY B 179 -21.93 -26.95 -30.46
CA GLY B 179 -21.96 -25.77 -31.31
C GLY B 179 -22.62 -24.55 -30.70
N GLN B 180 -23.12 -24.64 -29.48
CA GLN B 180 -23.71 -23.49 -28.81
C GLN B 180 -22.64 -22.71 -28.07
N GLN B 181 -22.82 -21.39 -28.02
CA GLN B 181 -21.87 -20.51 -27.36
C GLN B 181 -21.99 -20.69 -25.85
N THR B 182 -20.92 -21.21 -25.23
CA THR B 182 -20.90 -21.30 -23.78
C THR B 182 -20.96 -19.92 -23.14
N THR B 183 -20.32 -18.93 -23.76
CA THR B 183 -20.28 -17.58 -23.25
C THR B 183 -20.08 -16.61 -24.40
N THR B 184 -20.71 -15.44 -24.30
CA THR B 184 -20.56 -14.38 -25.28
C THR B 184 -19.92 -13.17 -24.61
N PHE B 185 -18.87 -12.64 -25.23
CA PHE B 185 -18.15 -11.48 -24.70
C PHE B 185 -18.55 -10.25 -25.52
N THR B 186 -19.27 -9.33 -24.88
CA THR B 186 -19.72 -8.10 -25.50
C THR B 186 -19.14 -6.90 -24.75
N GLY B 187 -19.08 -5.76 -25.44
CA GLY B 187 -18.55 -4.55 -24.85
C GLY B 187 -17.73 -3.70 -25.80
N HIS B 188 -17.08 -4.33 -26.78
CA HIS B 188 -16.37 -3.57 -27.80
C HIS B 188 -17.35 -2.83 -28.69
N THR B 189 -16.96 -1.64 -29.13
CA THR B 189 -17.74 -0.86 -30.08
C THR B 189 -17.19 -0.91 -31.49
N GLY B 190 -15.96 -1.38 -31.67
CA GLY B 190 -15.39 -1.60 -32.98
C GLY B 190 -15.12 -3.08 -33.21
N ASP B 191 -14.83 -3.41 -34.47
CA ASP B 191 -14.58 -4.79 -34.84
C ASP B 191 -13.36 -5.33 -34.11
N VAL B 192 -13.48 -6.54 -33.55
CA VAL B 192 -12.38 -7.15 -32.81
C VAL B 192 -11.43 -7.82 -33.78
N MET B 193 -10.15 -7.45 -33.72
CA MET B 193 -9.14 -7.89 -34.67
C MET B 193 -8.35 -9.09 -34.21
N SER B 194 -8.04 -9.18 -32.93
CA SER B 194 -7.17 -10.25 -32.44
C SER B 194 -7.50 -10.55 -30.99
N LEU B 195 -7.13 -11.76 -30.57
CA LEU B 195 -7.26 -12.19 -29.20
C LEU B 195 -6.03 -13.02 -28.83
N SER B 196 -5.70 -13.01 -27.54
CA SER B 196 -4.60 -13.81 -27.02
C SER B 196 -5.06 -14.48 -25.74
N LEU B 197 -4.78 -15.78 -25.62
CA LEU B 197 -5.09 -16.53 -24.41
C LEU B 197 -3.94 -16.43 -23.42
N ALA B 198 -4.29 -16.28 -22.15
CA ALA B 198 -3.28 -16.29 -21.10
C ALA B 198 -2.79 -17.73 -20.88
N PRO B 199 -1.58 -17.90 -20.37
CA PRO B 199 -1.07 -19.26 -20.12
C PRO B 199 -1.98 -20.10 -19.25
N ASP B 200 -2.73 -19.50 -18.33
CA ASP B 200 -3.63 -20.25 -17.47
C ASP B 200 -4.97 -20.56 -18.12
N THR B 201 -5.22 -20.02 -19.32
CA THR B 201 -6.43 -20.26 -20.10
C THR B 201 -7.70 -19.82 -19.38
N ARG B 202 -7.58 -19.08 -18.27
CA ARG B 202 -8.75 -18.61 -17.54
C ARG B 202 -9.16 -17.20 -17.96
N LEU B 203 -8.30 -16.47 -18.64
CA LEU B 203 -8.61 -15.13 -19.12
C LEU B 203 -7.96 -14.93 -20.48
N PHE B 204 -8.50 -13.99 -21.25
CA PHE B 204 -7.94 -13.67 -22.56
C PHE B 204 -8.16 -12.19 -22.85
N VAL B 205 -7.21 -11.61 -23.57
CA VAL B 205 -7.26 -10.21 -23.96
C VAL B 205 -7.59 -10.10 -25.44
N SER B 206 -8.25 -9.01 -25.81
CA SER B 206 -8.69 -8.80 -27.19
C SER B 206 -8.49 -7.35 -27.56
N GLY B 207 -7.95 -7.12 -28.76
CA GLY B 207 -7.77 -5.78 -29.30
C GLY B 207 -8.71 -5.56 -30.48
N ALA B 208 -9.49 -4.49 -30.39
CA ALA B 208 -10.52 -4.19 -31.38
C ALA B 208 -10.21 -2.88 -32.10
N CYS B 209 -11.05 -2.56 -33.08
CA CYS B 209 -10.89 -1.36 -33.88
C CYS B 209 -11.38 -0.10 -33.19
N ASP B 210 -11.85 -0.20 -31.94
CA ASP B 210 -12.18 0.97 -31.15
C ASP B 210 -10.98 1.51 -30.37
N ALA B 211 -9.77 1.10 -30.76
CA ALA B 211 -8.52 1.55 -30.15
C ALA B 211 -8.45 1.21 -28.67
N SER B 212 -8.99 0.06 -28.28
CA SER B 212 -9.00 -0.34 -26.89
C SER B 212 -8.86 -1.85 -26.77
N ALA B 213 -8.10 -2.29 -25.79
CA ALA B 213 -7.98 -3.70 -25.45
C ALA B 213 -8.77 -3.98 -24.17
N LYS B 214 -9.35 -5.17 -24.09
CA LYS B 214 -10.17 -5.57 -22.96
C LYS B 214 -9.71 -6.92 -22.43
N LEU B 215 -9.80 -7.07 -21.11
CA LEU B 215 -9.47 -8.31 -20.42
C LEU B 215 -10.77 -8.99 -20.00
N TRP B 216 -10.96 -10.23 -20.44
CA TRP B 216 -12.19 -10.97 -20.18
C TRP B 216 -11.93 -12.15 -19.26
N ASP B 217 -12.93 -12.47 -18.45
CA ASP B 217 -12.95 -13.72 -17.69
C ASP B 217 -13.64 -14.77 -18.55
N VAL B 218 -12.91 -15.84 -18.88
CA VAL B 218 -13.38 -16.80 -19.87
C VAL B 218 -14.71 -17.42 -19.44
N ARG B 219 -14.78 -17.88 -18.19
CA ARG B 219 -15.97 -18.58 -17.72
C ARG B 219 -17.08 -17.61 -17.33
N GLU B 220 -16.74 -16.55 -16.59
CA GLU B 220 -17.77 -15.61 -16.14
C GLU B 220 -18.34 -14.80 -17.29
N GLY B 221 -17.50 -14.39 -18.23
CA GLY B 221 -17.94 -13.63 -19.37
C GLY B 221 -17.98 -12.13 -19.18
N MET B 222 -17.52 -11.62 -18.05
CA MET B 222 -17.51 -10.20 -17.77
C MET B 222 -16.21 -9.58 -18.26
N CYS B 223 -16.28 -8.31 -18.66
CA CYS B 223 -15.09 -7.56 -19.01
C CYS B 223 -14.44 -7.05 -17.73
N ARG B 224 -13.26 -7.57 -17.41
CA ARG B 224 -12.59 -7.18 -16.18
C ARG B 224 -12.00 -5.78 -16.29
N GLN B 225 -11.13 -5.57 -17.27
CA GLN B 225 -10.42 -4.31 -17.41
C GLN B 225 -10.38 -3.90 -18.87
N THR B 226 -10.48 -2.60 -19.12
CA THR B 226 -10.41 -2.03 -20.47
C THR B 226 -9.19 -1.12 -20.54
N PHE B 227 -8.33 -1.38 -21.52
CA PHE B 227 -7.11 -0.61 -21.72
C PHE B 227 -7.28 0.32 -22.91
N THR B 228 -6.75 1.54 -22.78
CA THR B 228 -6.76 2.53 -23.86
C THR B 228 -5.37 3.13 -23.99
N GLY B 229 -5.21 3.99 -25.00
CA GLY B 229 -3.95 4.65 -25.25
C GLY B 229 -3.59 4.71 -26.72
N HIS B 230 -3.97 3.68 -27.48
CA HIS B 230 -3.74 3.70 -28.92
C HIS B 230 -4.62 4.75 -29.57
N GLU B 231 -4.16 5.29 -30.70
CA GLU B 231 -4.92 6.27 -31.45
C GLU B 231 -5.62 5.70 -32.67
N SER B 232 -5.41 4.43 -33.00
CA SER B 232 -6.05 3.81 -34.15
CA SER B 232 -6.02 3.81 -34.15
C SER B 232 -6.36 2.36 -33.81
N ASP B 233 -6.76 1.59 -34.82
CA ASP B 233 -7.19 0.21 -34.62
C ASP B 233 -6.04 -0.66 -34.13
N ILE B 234 -6.34 -1.51 -33.15
CA ILE B 234 -5.40 -2.52 -32.68
C ILE B 234 -5.55 -3.76 -33.55
N ASN B 235 -4.49 -4.11 -34.28
CA ASN B 235 -4.52 -5.27 -35.17
C ASN B 235 -3.90 -6.52 -34.56
N ALA B 236 -3.02 -6.37 -33.57
CA ALA B 236 -2.31 -7.50 -33.00
C ALA B 236 -2.28 -7.39 -31.49
N ILE B 237 -2.24 -8.55 -30.83
CA ILE B 237 -2.23 -8.60 -29.37
C ILE B 237 -1.60 -9.94 -28.97
N CYS B 238 -0.80 -9.91 -27.91
CA CYS B 238 -0.11 -11.10 -27.45
C CYS B 238 0.21 -10.96 -25.96
N PHE B 239 0.13 -12.07 -25.24
CA PHE B 239 0.36 -12.07 -23.80
C PHE B 239 1.85 -12.11 -23.48
N PHE B 240 2.20 -11.51 -22.34
CA PHE B 240 3.53 -11.70 -21.80
C PHE B 240 3.64 -13.13 -21.24
N PRO B 241 4.79 -13.78 -21.40
CA PRO B 241 4.89 -15.21 -21.06
C PRO B 241 4.50 -15.57 -19.62
N ASN B 242 4.27 -14.60 -18.73
CA ASN B 242 3.81 -14.90 -17.38
C ASN B 242 2.33 -14.61 -17.17
N GLY B 243 1.64 -14.08 -18.18
CA GLY B 243 0.23 -13.82 -18.08
C GLY B 243 -0.15 -12.57 -17.31
N ASN B 244 0.83 -11.76 -16.89
CA ASN B 244 0.55 -10.55 -16.13
C ASN B 244 0.59 -9.28 -16.99
N ALA B 245 1.00 -9.38 -18.25
CA ALA B 245 1.07 -8.22 -19.13
C ALA B 245 0.78 -8.69 -20.55
N PHE B 246 0.64 -7.71 -21.45
CA PHE B 246 0.41 -8.01 -22.86
C PHE B 246 0.85 -6.82 -23.69
N ALA B 247 1.09 -7.10 -24.98
CA ALA B 247 1.50 -6.07 -25.92
C ALA B 247 0.50 -6.00 -27.08
N THR B 248 0.36 -4.80 -27.64
CA THR B 248 -0.56 -4.57 -28.75
C THR B 248 0.13 -3.79 -29.86
N GLY B 249 -0.15 -4.18 -31.09
CA GLY B 249 0.25 -3.40 -32.25
C GLY B 249 -0.96 -2.69 -32.83
N SER B 250 -0.73 -1.63 -33.60
CA SER B 250 -1.85 -0.84 -34.11
C SER B 250 -1.45 -0.13 -35.39
N ASP B 251 -2.44 0.46 -36.06
CA ASP B 251 -2.22 1.14 -37.33
C ASP B 251 -1.37 2.39 -37.20
N ASP B 252 -1.21 2.93 -35.99
CA ASP B 252 -0.44 4.14 -35.77
C ASP B 252 1.05 3.90 -35.69
N ALA B 253 1.52 2.75 -36.17
CA ALA B 253 2.95 2.42 -36.21
C ALA B 253 3.55 2.41 -34.80
N THR B 254 2.78 1.94 -33.82
CA THR B 254 3.23 1.93 -32.45
C THR B 254 2.89 0.61 -31.79
N CYS B 255 3.71 0.24 -30.79
CA CYS B 255 3.45 -0.89 -29.91
C CYS B 255 3.38 -0.38 -28.48
N ARG B 256 2.58 -1.06 -27.67
CA ARG B 256 2.44 -0.71 -26.26
C ARG B 256 2.57 -1.95 -25.41
N LEU B 257 2.84 -1.73 -24.12
CA LEU B 257 2.95 -2.81 -23.13
C LEU B 257 2.10 -2.42 -21.93
N PHE B 258 0.98 -3.11 -21.75
CA PHE B 258 0.09 -2.88 -20.63
C PHE B 258 0.31 -3.97 -19.57
N ASP B 259 0.22 -3.57 -18.31
CA ASP B 259 0.20 -4.51 -17.20
C ASP B 259 -1.22 -4.61 -16.66
N LEU B 260 -1.67 -5.83 -16.36
CA LEU B 260 -3.03 -6.03 -15.89
C LEU B 260 -3.17 -5.64 -14.42
N ARG B 261 -2.24 -6.11 -13.57
CA ARG B 261 -2.34 -5.80 -12.15
C ARG B 261 -2.01 -4.34 -11.85
N ALA B 262 -1.23 -3.69 -12.71
CA ALA B 262 -1.03 -2.24 -12.60
C ALA B 262 -2.10 -1.44 -13.34
N ASP B 263 -2.79 -2.07 -14.29
CA ASP B 263 -3.94 -1.51 -14.99
C ASP B 263 -3.57 -0.35 -15.92
N GLN B 264 -2.31 -0.27 -16.35
CA GLN B 264 -1.88 0.85 -17.19
C GLN B 264 -0.94 0.38 -18.29
N GLU B 265 -0.71 1.27 -19.23
CA GLU B 265 0.38 1.12 -20.19
C GLU B 265 1.71 1.39 -19.50
N LEU B 266 2.71 0.57 -19.81
CA LEU B 266 4.03 0.70 -19.20
C LEU B 266 5.08 1.28 -20.13
N MET B 267 4.98 1.04 -21.43
CA MET B 267 6.02 1.45 -22.36
C MET B 267 5.45 1.48 -23.77
N THR B 268 5.97 2.39 -24.58
CA THR B 268 5.54 2.56 -25.98
C THR B 268 6.75 2.37 -26.88
N TYR B 269 6.61 1.47 -27.86
CA TYR B 269 7.68 1.15 -28.79
C TYR B 269 7.41 1.89 -30.11
N SER B 270 8.21 2.91 -30.39
CA SER B 270 7.99 3.75 -31.55
C SER B 270 9.33 4.24 -32.09
N HIS B 271 9.25 4.96 -33.21
CA HIS B 271 10.38 5.65 -33.81
C HIS B 271 9.84 6.55 -34.91
N ASP B 272 10.51 7.69 -35.11
CA ASP B 272 10.01 8.67 -36.08
C ASP B 272 10.21 8.22 -37.52
N ASN B 273 11.04 7.21 -37.76
CA ASN B 273 11.23 6.66 -39.09
C ASN B 273 10.27 5.50 -39.37
N ILE B 274 9.15 5.44 -38.67
CA ILE B 274 8.17 4.36 -38.82
C ILE B 274 6.78 4.99 -38.81
N ILE B 275 6.07 4.89 -39.93
CA ILE B 275 4.72 5.45 -40.03
C ILE B 275 3.68 4.43 -40.45
N CYS B 276 4.07 3.21 -40.82
CA CYS B 276 3.13 2.21 -41.30
C CYS B 276 2.66 1.32 -40.17
N GLY B 277 1.45 0.79 -40.32
CA GLY B 277 0.81 0.02 -39.26
C GLY B 277 1.58 -1.26 -38.94
N ILE B 278 1.11 -1.91 -37.87
CA ILE B 278 1.72 -3.12 -37.34
C ILE B 278 0.69 -4.23 -37.37
N THR B 279 1.07 -5.39 -37.92
CA THR B 279 0.14 -6.47 -38.20
C THR B 279 0.20 -7.60 -37.18
N SER B 280 1.35 -7.86 -36.57
CA SER B 280 1.51 -9.00 -35.69
C SER B 280 2.49 -8.67 -34.58
N VAL B 281 2.25 -9.26 -33.40
CA VAL B 281 3.14 -9.10 -32.25
C VAL B 281 3.27 -10.45 -31.55
N SER B 282 4.43 -10.65 -30.92
CA SER B 282 4.69 -11.82 -30.08
C SER B 282 6.02 -11.60 -29.37
N PHE B 283 6.12 -12.17 -28.17
CA PHE B 283 7.33 -12.12 -27.38
C PHE B 283 8.16 -13.39 -27.61
N SER B 284 9.46 -13.28 -27.32
CA SER B 284 10.28 -14.48 -27.23
C SER B 284 9.88 -15.27 -25.97
N LYS B 285 10.50 -16.43 -25.78
CA LYS B 285 10.09 -17.30 -24.69
C LYS B 285 10.29 -16.64 -23.33
N SER B 286 11.34 -15.86 -23.17
CA SER B 286 11.60 -15.17 -21.92
C SER B 286 10.88 -13.83 -21.81
N GLY B 287 10.25 -13.38 -22.88
CA GLY B 287 9.56 -12.10 -22.86
C GLY B 287 10.46 -10.89 -22.98
N ARG B 288 11.76 -11.08 -23.19
CA ARG B 288 12.67 -9.94 -23.30
C ARG B 288 12.58 -9.28 -24.67
N LEU B 289 12.37 -10.04 -25.72
CA LEU B 289 12.32 -9.53 -27.08
C LEU B 289 10.89 -9.52 -27.59
N LEU B 290 10.44 -8.37 -28.07
CA LEU B 290 9.12 -8.21 -28.67
C LEU B 290 9.30 -8.08 -30.17
N LEU B 291 8.80 -9.06 -30.91
CA LEU B 291 8.87 -9.06 -32.37
C LEU B 291 7.55 -8.59 -32.95
N ALA B 292 7.63 -7.71 -33.96
CA ALA B 292 6.45 -7.15 -34.58
C ALA B 292 6.65 -7.03 -36.08
N GLY B 293 5.61 -7.36 -36.84
CA GLY B 293 5.64 -7.28 -38.30
C GLY B 293 4.88 -6.06 -38.77
N TYR B 294 5.49 -5.33 -39.71
CA TYR B 294 4.99 -4.04 -40.16
C TYR B 294 4.55 -4.11 -41.62
N ASP B 295 3.88 -3.05 -42.07
CA ASP B 295 3.45 -2.96 -43.46
C ASP B 295 4.59 -2.65 -44.41
N ASP B 296 5.73 -2.16 -43.89
CA ASP B 296 6.88 -1.83 -44.73
C ASP B 296 7.72 -3.04 -45.11
N PHE B 297 7.14 -4.24 -45.00
CA PHE B 297 7.67 -5.54 -45.40
C PHE B 297 8.67 -6.10 -44.40
N ASN B 298 8.97 -5.38 -43.31
CA ASN B 298 10.02 -5.78 -42.39
C ASN B 298 9.44 -6.10 -41.02
N CYS B 299 10.23 -6.81 -40.22
CA CYS B 299 9.95 -7.08 -38.81
C CYS B 299 11.01 -6.41 -37.96
N ASN B 300 10.58 -5.77 -36.88
CA ASN B 300 11.48 -5.08 -35.97
C ASN B 300 11.52 -5.81 -34.64
N VAL B 301 12.73 -6.18 -34.21
CA VAL B 301 12.94 -6.85 -32.93
C VAL B 301 13.19 -5.77 -31.88
N TRP B 302 12.26 -5.65 -30.93
CA TRP B 302 12.34 -4.63 -29.89
C TRP B 302 12.89 -5.22 -28.61
N ASP B 303 13.66 -4.41 -27.88
CA ASP B 303 14.05 -4.74 -26.50
C ASP B 303 12.88 -4.34 -25.61
N ALA B 304 12.07 -5.32 -25.21
CA ALA B 304 10.81 -5.03 -24.55
C ALA B 304 10.99 -4.33 -23.21
N LEU B 305 12.18 -4.38 -22.61
CA LEU B 305 12.41 -3.73 -21.33
C LEU B 305 12.94 -2.32 -21.45
N LYS B 306 13.56 -1.96 -22.58
CA LYS B 306 14.22 -0.67 -22.71
C LYS B 306 13.78 0.13 -23.94
N ALA B 307 12.79 -0.35 -24.69
CA ALA B 307 12.13 0.39 -25.76
C ALA B 307 13.05 0.75 -26.93
N ASP B 308 14.20 0.09 -27.04
CA ASP B 308 15.14 0.34 -28.12
C ASP B 308 15.14 -0.84 -29.10
N ARG B 309 15.21 -0.53 -30.39
CA ARG B 309 15.23 -1.56 -31.41
C ARG B 309 16.59 -2.25 -31.46
N ALA B 310 16.57 -3.57 -31.52
CA ALA B 310 17.78 -4.37 -31.44
C ALA B 310 18.01 -5.28 -32.65
N GLY B 311 17.09 -5.32 -33.60
CA GLY B 311 17.27 -6.18 -34.76
C GLY B 311 16.16 -5.96 -35.76
N VAL B 312 16.44 -6.39 -37.00
CA VAL B 312 15.50 -6.26 -38.10
C VAL B 312 15.46 -7.58 -38.88
N LEU B 313 14.27 -8.11 -39.10
CA LEU B 313 14.05 -9.27 -39.96
C LEU B 313 13.54 -8.74 -41.31
N ALA B 314 14.36 -8.85 -42.35
CA ALA B 314 14.07 -8.26 -43.66
C ALA B 314 14.34 -9.30 -44.74
N GLY B 315 13.31 -10.05 -45.12
CA GLY B 315 13.42 -10.97 -46.24
C GLY B 315 12.24 -10.95 -47.19
N HIS B 316 11.16 -10.30 -46.79
CA HIS B 316 9.90 -10.38 -47.54
C HIS B 316 9.78 -9.25 -48.54
N ASP B 317 9.19 -9.56 -49.69
CA ASP B 317 8.96 -8.60 -50.76
C ASP B 317 7.59 -7.95 -50.69
N ASN B 318 6.81 -8.21 -49.65
CA ASN B 318 5.49 -7.60 -49.50
C ASN B 318 5.14 -7.58 -48.01
N ARG B 319 3.89 -7.20 -47.73
CA ARG B 319 3.46 -6.96 -46.36
C ARG B 319 3.58 -8.22 -45.51
N VAL B 320 4.24 -8.07 -44.36
CA VAL B 320 4.31 -9.14 -43.37
C VAL B 320 2.95 -9.20 -42.66
N SER B 321 2.21 -10.28 -42.87
CA SER B 321 0.84 -10.38 -42.39
C SER B 321 0.71 -11.00 -41.00
N CYS B 322 1.70 -11.80 -40.58
CA CYS B 322 1.58 -12.49 -39.30
C CYS B 322 2.95 -13.03 -38.90
N LEU B 323 3.07 -13.36 -37.62
CA LEU B 323 4.26 -14.03 -37.11
C LEU B 323 3.86 -14.89 -35.91
N GLY B 324 4.84 -15.65 -35.41
CA GLY B 324 4.61 -16.52 -34.27
C GLY B 324 5.88 -17.20 -33.80
N VAL B 325 6.05 -17.29 -32.48
CA VAL B 325 7.25 -17.86 -31.88
C VAL B 325 6.90 -19.23 -31.29
N THR B 326 7.80 -20.19 -31.47
CA THR B 326 7.60 -21.53 -30.97
C THR B 326 7.54 -21.55 -29.44
N ASP B 327 6.96 -22.62 -28.90
CA ASP B 327 6.83 -22.75 -27.45
C ASP B 327 8.18 -22.97 -26.77
N ASP B 328 9.19 -23.46 -27.51
CA ASP B 328 10.54 -23.59 -26.97
C ASP B 328 11.44 -22.44 -27.39
N GLY B 329 10.89 -21.41 -28.02
CA GLY B 329 11.66 -20.23 -28.38
C GLY B 329 12.79 -20.47 -29.34
N MET B 330 12.79 -21.60 -30.05
CA MET B 330 13.91 -21.94 -30.91
C MET B 330 13.94 -21.11 -32.19
N ALA B 331 12.77 -20.70 -32.69
CA ALA B 331 12.73 -19.97 -33.96
C ALA B 331 11.42 -19.19 -34.05
N VAL B 332 11.46 -18.13 -34.85
CA VAL B 332 10.28 -17.32 -35.14
C VAL B 332 9.93 -17.50 -36.61
N ALA B 333 8.64 -17.56 -36.90
CA ALA B 333 8.13 -17.70 -38.26
C ALA B 333 7.41 -16.43 -38.67
N THR B 334 7.49 -16.12 -39.98
CA THR B 334 6.88 -14.91 -40.52
C THR B 334 6.08 -15.27 -41.77
N GLY B 335 4.81 -14.89 -41.77
CA GLY B 335 3.98 -14.96 -42.96
C GLY B 335 3.91 -13.60 -43.63
N SER B 336 3.72 -13.60 -44.95
CA SER B 336 3.76 -12.36 -45.70
C SER B 336 2.80 -12.44 -46.89
N TRP B 337 2.62 -11.29 -47.53
CA TRP B 337 1.82 -11.17 -48.75
C TRP B 337 2.63 -11.48 -50.01
N ASP B 338 3.81 -12.07 -49.87
CA ASP B 338 4.62 -12.44 -51.01
C ASP B 338 4.57 -13.93 -51.31
N SER B 339 3.63 -14.65 -50.69
CA SER B 339 3.40 -16.09 -50.90
C SER B 339 4.49 -16.96 -50.28
N PHE B 340 5.10 -16.52 -49.17
CA PHE B 340 6.18 -17.28 -48.55
C PHE B 340 6.12 -17.19 -47.04
N LEU B 341 6.53 -18.29 -46.40
CA LEU B 341 6.77 -18.34 -44.96
C LEU B 341 8.26 -18.54 -44.73
N LYS B 342 8.82 -17.83 -43.75
CA LYS B 342 10.25 -17.89 -43.47
C LYS B 342 10.48 -18.15 -41.98
N ILE B 343 11.42 -19.04 -41.69
CA ILE B 343 11.81 -19.38 -40.33
C ILE B 343 13.10 -18.65 -40.01
N TRP B 344 13.11 -17.91 -38.90
CA TRP B 344 14.28 -17.13 -38.49
C TRP B 344 14.78 -17.60 -37.13
N ASN B 345 16.09 -17.50 -36.93
CA ASN B 345 16.71 -17.57 -35.61
C ASN B 345 18.18 -17.16 -35.69
N SER C 8 -20.73 33.07 -31.07
CA SER C 8 -20.97 31.65 -31.27
C SER C 8 -19.97 31.07 -32.26
N ILE C 9 -20.14 31.39 -33.54
CA ILE C 9 -19.23 30.88 -34.57
C ILE C 9 -17.88 31.57 -34.46
N ALA C 10 -17.87 32.88 -34.18
CA ALA C 10 -16.61 33.60 -34.05
C ALA C 10 -15.84 33.19 -32.80
N GLN C 11 -16.52 32.67 -31.78
CA GLN C 11 -15.82 32.20 -30.58
C GLN C 11 -15.11 30.88 -30.84
N ALA C 12 -15.67 30.03 -31.72
CA ALA C 12 -15.05 28.76 -32.03
C ALA C 12 -13.75 28.94 -32.81
N ARG C 13 -13.65 30.01 -33.60
CA ARG C 13 -12.45 30.22 -34.41
C ARG C 13 -11.31 30.80 -33.59
N LYS C 14 -11.60 31.72 -32.67
CA LYS C 14 -10.55 32.30 -31.84
C LYS C 14 -9.93 31.25 -30.92
N LEU C 15 -10.73 30.28 -30.47
CA LEU C 15 -10.17 29.21 -29.65
C LEU C 15 -9.24 28.31 -30.44
N VAL C 16 -9.54 28.10 -31.73
CA VAL C 16 -8.71 27.22 -32.55
C VAL C 16 -7.31 27.78 -32.71
N GLU C 17 -7.21 29.08 -33.00
CA GLU C 17 -5.89 29.69 -33.14
C GLU C 17 -5.23 29.91 -31.78
N GLN C 18 -6.02 30.09 -30.73
CA GLN C 18 -5.45 30.16 -29.38
C GLN C 18 -4.83 28.83 -28.99
N LEU C 19 -5.50 27.71 -29.32
CA LEU C 19 -4.92 26.40 -29.06
C LEU C 19 -3.71 26.15 -29.93
N LYS C 20 -3.69 26.70 -31.15
CA LYS C 20 -2.51 26.56 -32.00
C LYS C 20 -1.31 27.30 -31.42
N MET C 21 -1.56 28.48 -30.81
CA MET C 21 -0.47 29.23 -30.21
C MET C 21 0.15 28.47 -29.05
N GLU C 22 -0.67 27.85 -28.21
CA GLU C 22 -0.18 27.11 -27.06
C GLU C 22 0.44 25.76 -27.41
N ALA C 23 0.26 25.29 -28.64
CA ALA C 23 0.87 24.03 -29.07
C ALA C 23 2.27 24.22 -29.63
N ASN C 24 2.53 25.35 -30.28
CA ASN C 24 3.85 25.65 -30.85
C ASN C 24 4.87 26.02 -29.78
N ILE C 25 4.50 26.00 -28.50
CA ILE C 25 5.41 26.39 -27.43
C ILE C 25 6.51 25.33 -27.30
N ASP C 26 7.76 25.80 -27.22
CA ASP C 26 8.87 24.91 -26.94
C ASP C 26 8.95 24.63 -25.44
N ARG C 27 8.96 23.35 -25.09
CA ARG C 27 8.95 22.93 -23.70
C ARG C 27 10.25 22.22 -23.34
N ILE C 28 10.64 22.33 -22.08
CA ILE C 28 11.78 21.60 -21.56
C ILE C 28 11.26 20.43 -20.73
N LYS C 29 12.16 19.48 -20.43
CA LYS C 29 11.77 18.30 -19.68
C LYS C 29 11.73 18.61 -18.18
N VAL C 30 10.79 17.95 -17.50
CA VAL C 30 10.56 18.20 -16.07
C VAL C 30 11.82 17.90 -15.25
N SER C 31 12.61 16.91 -15.69
CA SER C 31 13.79 16.51 -14.93
C SER C 31 14.73 17.70 -14.70
N LYS C 32 14.84 18.60 -15.68
CA LYS C 32 15.63 19.80 -15.49
C LYS C 32 14.82 20.92 -14.85
N ALA C 33 13.54 21.06 -15.23
CA ALA C 33 12.70 22.08 -14.62
C ALA C 33 12.58 21.87 -13.12
N ALA C 34 12.42 20.62 -12.69
CA ALA C 34 12.41 20.33 -11.25
C ALA C 34 13.80 20.52 -10.64
N ALA C 35 14.86 20.31 -11.43
CA ALA C 35 16.20 20.49 -10.92
C ALA C 35 16.52 21.96 -10.69
N ASP C 36 16.19 22.81 -11.68
CA ASP C 36 16.40 24.25 -11.50
C ASP C 36 15.56 24.79 -10.35
N LEU C 37 14.31 24.33 -10.24
CA LEU C 37 13.47 24.72 -9.11
C LEU C 37 14.09 24.28 -7.79
N MET C 38 14.62 23.06 -7.74
CA MET C 38 15.24 22.56 -6.52
C MET C 38 16.58 23.26 -6.25
N ALA C 39 17.39 23.46 -7.29
CA ALA C 39 18.67 24.13 -7.12
C ALA C 39 18.52 25.59 -6.74
N TYR C 40 17.34 26.17 -6.94
CA TYR C 40 17.09 27.55 -6.52
C TYR C 40 16.84 27.64 -5.01
N CYS C 41 16.06 26.71 -4.48
CA CYS C 41 15.71 26.75 -3.06
C CYS C 41 16.94 26.56 -2.19
N GLU C 42 17.81 25.60 -2.53
CA GLU C 42 19.00 25.35 -1.72
C GLU C 42 19.94 26.54 -1.76
N ALA C 43 20.08 27.20 -2.91
CA ALA C 43 20.97 28.34 -3.02
C ALA C 43 20.45 29.57 -2.28
N HIS C 44 19.16 29.62 -1.98
CA HIS C 44 18.57 30.74 -1.26
C HIS C 44 17.99 30.36 0.09
N ALA C 45 18.12 29.10 0.50
CA ALA C 45 17.60 28.69 1.80
C ALA C 45 18.36 29.36 2.95
N LYS C 46 19.62 29.69 2.73
CA LYS C 46 20.42 30.30 3.79
C LYS C 46 20.00 31.73 4.10
N GLU C 47 19.35 32.41 3.16
CA GLU C 47 18.87 33.77 3.39
C GLU C 47 17.34 33.83 3.45
N ASP C 48 16.69 32.70 3.76
CA ASP C 48 15.26 32.67 3.99
C ASP C 48 15.02 32.68 5.49
N PRO C 49 14.47 33.75 6.07
CA PRO C 49 14.33 33.79 7.53
C PRO C 49 13.38 32.75 8.08
N LEU C 50 12.29 32.44 7.38
CA LEU C 50 11.33 31.47 7.91
C LEU C 50 11.90 30.06 7.91
N LEU C 51 12.74 29.73 6.92
CA LEU C 51 13.32 28.39 6.87
C LEU C 51 14.48 28.25 7.84
N THR C 52 15.41 29.20 7.82
CA THR C 52 16.51 29.25 8.78
C THR C 52 16.26 30.39 9.75
N PRO C 53 15.77 30.12 10.96
CA PRO C 53 15.44 31.21 11.89
C PRO C 53 16.68 32.03 12.26
N VAL C 54 16.53 33.34 12.20
CA VAL C 54 17.60 34.26 12.58
C VAL C 54 17.50 34.51 14.08
N PRO C 55 18.58 34.93 14.75
CA PRO C 55 18.49 35.19 16.19
C PRO C 55 17.55 36.33 16.52
N ALA C 56 17.11 36.37 17.77
CA ALA C 56 16.18 37.40 18.22
C ALA C 56 16.77 38.80 18.14
N SER C 57 18.11 38.91 18.06
CA SER C 57 18.74 40.21 17.89
C SER C 57 18.53 40.77 16.48
N GLU C 58 17.97 39.99 15.57
CA GLU C 58 17.72 40.40 14.20
C GLU C 58 16.24 40.47 13.84
N ASN C 59 15.40 39.70 14.53
CA ASN C 59 13.97 39.67 14.23
C ASN C 59 13.32 40.97 14.68
N PRO C 60 12.74 41.76 13.77
CA PRO C 60 12.09 43.01 14.19
C PRO C 60 10.84 42.80 15.03
N PHE C 61 10.23 41.62 14.98
CA PHE C 61 8.99 41.35 15.71
C PHE C 61 9.24 40.66 17.04
N ARG C 62 10.47 40.66 17.53
CA ARG C 62 10.81 40.02 18.80
CA ARG C 62 10.79 40.04 18.81
C ARG C 62 11.57 41.00 19.70
N GLU C 63 12.29 41.94 19.09
CA GLU C 63 13.06 42.91 19.85
C GLU C 63 12.15 43.73 20.76
N LYS C 64 12.70 44.11 21.92
CA LYS C 64 11.95 44.91 22.89
C LYS C 64 12.41 46.35 22.86
N SER D 5 29.75 -6.16 25.76
CA SER D 5 29.48 -5.95 24.35
C SER D 5 30.78 -5.92 23.55
N GLY D 6 30.66 -5.55 22.27
CA GLY D 6 31.82 -5.30 21.42
C GLY D 6 32.43 -6.52 20.76
N SER D 7 32.51 -7.64 21.49
CA SER D 7 32.93 -8.89 20.88
C SER D 7 32.06 -9.19 19.67
N GLU D 8 32.68 -9.18 18.48
CA GLU D 8 31.92 -9.20 17.25
C GLU D 8 30.96 -10.38 17.15
N LEU D 9 31.23 -11.47 17.89
CA LEU D 9 30.28 -12.55 17.95
C LEU D 9 29.04 -12.14 18.74
N ASP D 10 29.22 -11.41 19.84
CA ASP D 10 28.09 -10.94 20.64
C ASP D 10 27.30 -9.84 19.95
N GLN D 11 27.94 -9.10 19.04
CA GLN D 11 27.23 -8.03 18.33
C GLN D 11 26.34 -8.58 17.23
N LEU D 12 26.71 -9.74 16.65
CA LEU D 12 25.85 -10.37 15.66
C LEU D 12 24.68 -11.09 16.31
N ARG D 13 24.89 -11.65 17.50
CA ARG D 13 23.79 -12.26 18.24
C ARG D 13 22.74 -11.22 18.60
N GLN D 14 23.18 -10.03 19.02
CA GLN D 14 22.25 -8.94 19.28
C GLN D 14 21.56 -8.47 18.01
N GLU D 15 22.34 -8.24 16.95
CA GLU D 15 21.78 -7.80 15.68
C GLU D 15 20.86 -8.85 15.08
N ALA D 16 21.10 -10.12 15.41
CA ALA D 16 20.18 -11.18 14.95
C ALA D 16 18.79 -10.95 15.52
N GLU D 17 18.68 -10.77 16.83
CA GLU D 17 17.36 -10.54 17.42
C GLU D 17 16.76 -9.23 16.95
N GLN D 18 17.57 -8.20 16.77
CA GLN D 18 17.06 -6.94 16.24
C GLN D 18 16.39 -7.13 14.88
N LEU D 19 17.03 -7.91 14.01
CA LEU D 19 16.43 -8.19 12.71
C LEU D 19 15.18 -9.05 12.84
N LYS D 20 15.18 -9.99 13.79
CA LYS D 20 14.04 -10.88 13.96
C LYS D 20 12.80 -10.13 14.43
N ASN D 21 12.97 -9.03 15.16
CA ASN D 21 11.82 -8.25 15.62
C ASN D 21 11.34 -7.26 14.56
N GLN D 22 12.24 -6.76 13.72
CA GLN D 22 11.78 -6.00 12.55
C GLN D 22 10.95 -6.88 11.62
N ILE D 23 11.28 -8.16 11.52
CA ILE D 23 10.51 -9.08 10.72
C ILE D 23 9.16 -9.36 11.36
N ARG D 24 9.12 -9.49 12.68
CA ARG D 24 7.85 -9.72 13.37
C ARG D 24 6.94 -8.50 13.30
N ASP D 25 7.52 -7.29 13.30
CA ASP D 25 6.71 -6.08 13.21
C ASP D 25 6.17 -5.88 11.81
N ALA D 26 7.00 -6.11 10.79
CA ALA D 26 6.54 -5.97 9.41
C ALA D 26 5.49 -7.01 9.04
N ARG D 27 5.37 -8.09 9.82
CA ARG D 27 4.36 -9.10 9.54
C ARG D 27 3.01 -8.75 10.14
N LYS D 28 3.00 -8.22 11.37
CA LYS D 28 1.75 -7.79 11.98
C LYS D 28 1.25 -6.48 11.39
N ALA D 29 2.11 -5.73 10.69
CA ALA D 29 1.68 -4.48 10.08
C ALA D 29 0.66 -4.73 8.97
N CYS D 30 0.87 -5.77 8.18
CA CYS D 30 -0.05 -6.13 7.10
C CYS D 30 -1.15 -7.06 7.56
N ALA D 31 -1.22 -7.40 8.85
CA ALA D 31 -2.26 -8.27 9.38
C ALA D 31 -3.46 -7.44 9.83
N ASP D 32 -4.07 -6.75 8.86
CA ASP D 32 -5.25 -5.93 9.14
C ASP D 32 -6.48 -6.77 9.45
N ALA D 33 -6.52 -8.01 8.95
CA ALA D 33 -7.66 -8.89 9.18
C ALA D 33 -7.14 -10.33 9.31
N THR D 34 -8.06 -11.25 9.56
CA THR D 34 -7.75 -12.66 9.65
C THR D 34 -8.52 -13.43 8.58
N LEU D 35 -8.01 -14.61 8.24
CA LEU D 35 -8.67 -15.43 7.23
C LEU D 35 -10.06 -15.86 7.69
N SER D 36 -10.25 -16.06 8.99
CA SER D 36 -11.56 -16.49 9.49
C SER D 36 -12.60 -15.39 9.33
N GLN D 37 -12.22 -14.14 9.57
CA GLN D 37 -13.14 -13.03 9.37
C GLN D 37 -13.53 -12.90 7.90
N ILE D 38 -12.59 -13.15 7.00
CA ILE D 38 -12.86 -13.01 5.58
C ILE D 38 -13.84 -14.08 5.11
N THR D 39 -13.65 -15.32 5.58
CA THR D 39 -14.44 -16.46 5.11
C THR D 39 -15.59 -16.80 6.06
N ASN D 40 -16.00 -15.87 6.92
CA ASN D 40 -17.10 -16.15 7.83
C ASN D 40 -18.45 -16.14 7.13
N ASN D 41 -18.57 -15.44 6.00
CA ASN D 41 -19.81 -15.39 5.24
C ASN D 41 -19.91 -16.49 4.20
N ILE D 42 -18.91 -17.35 4.09
CA ILE D 42 -18.96 -18.44 3.12
C ILE D 42 -19.86 -19.56 3.64
N ASP D 43 -20.35 -20.39 2.71
CA ASP D 43 -21.14 -21.51 3.16
C ASP D 43 -20.24 -22.70 3.49
N PRO D 44 -20.55 -23.47 4.53
CA PRO D 44 -19.74 -24.64 4.85
C PRO D 44 -19.82 -25.69 3.75
N VAL D 45 -18.74 -26.46 3.62
CA VAL D 45 -18.66 -27.48 2.58
C VAL D 45 -19.66 -28.60 2.77
N GLY D 46 -20.27 -28.70 3.95
CA GLY D 46 -21.19 -29.78 4.24
C GLY D 46 -20.47 -31.03 4.72
N ARG D 47 -21.26 -32.03 5.12
CA ARG D 47 -20.70 -33.30 5.55
C ARG D 47 -20.09 -34.04 4.36
N ILE D 48 -18.83 -34.43 4.50
CA ILE D 48 -18.12 -35.17 3.47
C ILE D 48 -17.83 -36.56 4.02
N GLN D 49 -18.53 -37.57 3.48
CA GLN D 49 -18.37 -38.96 3.90
C GLN D 49 -17.89 -39.76 2.69
N MET D 50 -16.57 -39.82 2.52
CA MET D 50 -15.98 -40.68 1.51
C MET D 50 -15.85 -42.11 2.05
N ARG D 51 -15.81 -43.07 1.13
CA ARG D 51 -15.80 -44.47 1.50
C ARG D 51 -14.69 -45.20 0.75
N THR D 52 -14.24 -46.30 1.33
CA THR D 52 -13.16 -47.08 0.74
C THR D 52 -13.64 -47.76 -0.54
N ARG D 53 -13.04 -47.39 -1.67
CA ARG D 53 -13.40 -47.96 -2.96
C ARG D 53 -12.46 -49.07 -3.41
N ARG D 54 -11.21 -49.05 -2.96
CA ARG D 54 -10.23 -50.07 -3.31
C ARG D 54 -9.38 -50.39 -2.09
N THR D 55 -8.79 -51.59 -2.10
CA THR D 55 -7.81 -51.98 -1.10
C THR D 55 -6.70 -52.75 -1.79
N LEU D 56 -5.46 -52.32 -1.59
CA LEU D 56 -4.30 -52.86 -2.28
C LEU D 56 -3.48 -53.67 -1.28
N ARG D 57 -3.49 -54.99 -1.42
CA ARG D 57 -2.88 -55.90 -0.45
C ARG D 57 -1.71 -56.64 -1.12
N GLY D 58 -0.55 -56.00 -1.15
CA GLY D 58 0.66 -56.68 -1.60
C GLY D 58 1.82 -56.60 -0.61
N HIS D 59 1.84 -55.55 0.21
CA HIS D 59 3.01 -55.26 1.02
C HIS D 59 3.07 -56.17 2.25
N LEU D 60 4.28 -56.59 2.58
CA LEU D 60 4.52 -57.54 3.66
C LEU D 60 4.85 -56.88 4.98
N ALA D 61 4.97 -55.55 5.01
CA ALA D 61 5.32 -54.83 6.23
C ALA D 61 4.62 -53.47 6.21
N LYS D 62 4.97 -52.62 7.18
CA LYS D 62 4.31 -51.34 7.32
C LYS D 62 4.73 -50.38 6.22
N ILE D 63 3.76 -49.73 5.59
CA ILE D 63 4.02 -48.81 4.50
C ILE D 63 4.41 -47.45 5.05
N TYR D 64 5.34 -46.77 4.37
CA TYR D 64 5.87 -45.49 4.81
C TYR D 64 5.78 -44.39 3.75
N ALA D 65 5.58 -44.72 2.48
CA ALA D 65 5.55 -43.69 1.46
C ALA D 65 4.75 -44.15 0.26
N MET D 66 4.13 -43.19 -0.43
CA MET D 66 3.40 -43.44 -1.65
C MET D 66 3.41 -42.17 -2.49
N HIS D 67 3.20 -42.34 -3.79
CA HIS D 67 3.13 -41.18 -4.69
C HIS D 67 2.30 -41.55 -5.91
N TRP D 68 1.26 -40.78 -6.17
CA TRP D 68 0.45 -40.97 -7.36
C TRP D 68 1.25 -40.63 -8.61
N GLY D 69 0.82 -41.21 -9.74
CA GLY D 69 1.36 -40.84 -11.03
C GLY D 69 0.61 -39.67 -11.64
N THR D 70 1.13 -39.19 -12.76
CA THR D 70 0.48 -38.08 -13.45
C THR D 70 -0.83 -38.50 -14.09
N ASP D 71 -0.94 -39.77 -14.51
CA ASP D 71 -2.16 -40.26 -15.11
C ASP D 71 -3.30 -40.42 -14.11
N SER D 72 -3.03 -40.21 -12.82
CA SER D 72 -4.01 -40.38 -11.74
C SER D 72 -4.55 -41.81 -11.69
N ARG D 73 -3.86 -42.76 -12.31
CA ARG D 73 -4.25 -44.17 -12.29
C ARG D 73 -3.21 -45.05 -11.61
N LEU D 74 -1.95 -44.94 -12.00
CA LEU D 74 -0.89 -45.72 -11.38
C LEU D 74 -0.33 -44.98 -10.18
N LEU D 75 0.24 -45.74 -9.25
CA LEU D 75 0.90 -45.16 -8.08
C LEU D 75 1.93 -46.15 -7.56
N VAL D 76 2.97 -45.62 -6.93
CA VAL D 76 4.04 -46.41 -6.35
C VAL D 76 3.98 -46.28 -4.83
N SER D 77 4.26 -47.37 -4.14
CA SER D 77 4.26 -47.41 -2.68
C SER D 77 5.50 -48.12 -2.18
N ALA D 78 6.07 -47.61 -1.09
CA ALA D 78 7.30 -48.14 -0.52
C ALA D 78 7.00 -48.67 0.87
N SER D 79 7.33 -49.94 1.10
CA SER D 79 7.22 -50.56 2.41
C SER D 79 8.60 -51.00 2.88
N GLN D 80 8.73 -51.17 4.20
CA GLN D 80 10.01 -51.51 4.80
C GLN D 80 10.27 -53.01 4.83
N ASP D 81 9.57 -53.77 3.99
CA ASP D 81 9.92 -55.16 3.72
C ASP D 81 10.93 -55.30 2.59
N GLY D 82 11.50 -54.19 2.12
CA GLY D 82 12.44 -54.21 1.03
C GLY D 82 11.84 -54.26 -0.35
N LYS D 83 10.61 -53.77 -0.51
CA LYS D 83 9.92 -53.82 -1.79
C LYS D 83 9.42 -52.43 -2.17
N LEU D 84 9.19 -52.27 -3.48
CA LEU D 84 8.67 -51.03 -4.05
C LEU D 84 7.65 -51.43 -5.11
N ILE D 85 6.37 -51.40 -4.75
CA ILE D 85 5.30 -51.95 -5.58
C ILE D 85 4.59 -50.84 -6.31
N ILE D 86 4.32 -51.05 -7.60
CA ILE D 86 3.55 -50.14 -8.44
C ILE D 86 2.18 -50.76 -8.68
N TRP D 87 1.13 -49.96 -8.47
CA TRP D 87 -0.23 -50.44 -8.51
C TRP D 87 -1.00 -49.83 -9.69
N ASP D 88 -1.90 -50.62 -10.26
CA ASP D 88 -2.93 -50.12 -11.18
C ASP D 88 -4.19 -49.93 -10.34
N SER D 89 -4.38 -48.70 -9.85
CA SER D 89 -5.40 -48.45 -8.84
C SER D 89 -6.82 -48.72 -9.34
N TYR D 90 -7.04 -48.69 -10.66
CA TYR D 90 -8.37 -48.96 -11.18
C TYR D 90 -8.73 -50.44 -11.02
N THR D 91 -7.80 -51.33 -11.37
CA THR D 91 -8.04 -52.76 -11.37
C THR D 91 -7.35 -53.49 -10.23
N THR D 92 -6.69 -52.77 -9.33
CA THR D 92 -5.99 -53.32 -8.16
C THR D 92 -4.90 -54.32 -8.54
N ASN D 93 -4.50 -54.37 -9.80
CA ASN D 93 -3.43 -55.26 -10.22
C ASN D 93 -2.07 -54.62 -9.93
N LYS D 94 -1.07 -55.47 -9.71
CA LYS D 94 0.29 -55.02 -9.48
C LYS D 94 1.05 -55.01 -10.79
N VAL D 95 1.70 -53.89 -11.10
CA VAL D 95 2.45 -53.76 -12.34
C VAL D 95 3.91 -54.16 -12.15
N HIS D 96 4.49 -53.82 -10.99
CA HIS D 96 5.88 -54.17 -10.71
C HIS D 96 6.04 -54.45 -9.24
N ALA D 97 7.08 -55.23 -8.91
CA ALA D 97 7.47 -55.54 -7.54
C ALA D 97 8.99 -55.45 -7.49
N ILE D 98 9.48 -54.28 -7.09
CA ILE D 98 10.91 -53.97 -7.15
C ILE D 98 11.54 -54.30 -5.80
N PRO D 99 12.45 -55.27 -5.73
CA PRO D 99 13.20 -55.48 -4.49
C PRO D 99 14.25 -54.38 -4.30
N LEU D 100 14.44 -53.98 -3.06
CA LEU D 100 15.35 -52.89 -2.72
C LEU D 100 16.58 -53.43 -2.01
N ARG D 101 17.75 -52.90 -2.36
CA ARG D 101 18.99 -53.34 -1.73
C ARG D 101 19.02 -52.99 -0.24
N SER D 102 18.31 -51.95 0.16
CA SER D 102 18.14 -51.60 1.57
C SER D 102 16.65 -51.60 1.89
N SER D 103 16.29 -52.30 2.96
CA SER D 103 14.88 -52.44 3.32
C SER D 103 14.33 -51.27 4.10
N TRP D 104 15.18 -50.34 4.55
CA TRP D 104 14.73 -49.24 5.39
C TRP D 104 14.36 -48.01 4.57
N VAL D 105 13.48 -48.21 3.58
CA VAL D 105 13.05 -47.11 2.73
C VAL D 105 12.12 -46.18 3.50
N MET D 106 12.20 -44.89 3.19
CA MET D 106 11.41 -43.88 3.88
C MET D 106 10.63 -42.95 2.96
N THR D 107 10.98 -42.88 1.68
CA THR D 107 10.26 -42.02 0.74
C THR D 107 10.30 -42.67 -0.63
N CYS D 108 9.38 -42.24 -1.48
CA CYS D 108 9.34 -42.73 -2.86
C CYS D 108 8.58 -41.74 -3.71
N ALA D 109 9.05 -41.55 -4.95
CA ALA D 109 8.43 -40.63 -5.89
C ALA D 109 8.20 -41.34 -7.22
N TYR D 110 7.35 -40.74 -8.04
CA TYR D 110 6.99 -41.25 -9.36
C TYR D 110 7.19 -40.11 -10.35
N ALA D 111 8.14 -40.29 -11.26
CA ALA D 111 8.49 -39.23 -12.19
C ALA D 111 7.27 -38.81 -13.01
N PRO D 112 7.11 -37.51 -13.30
CA PRO D 112 5.92 -37.06 -14.04
C PRO D 112 5.83 -37.65 -15.44
N SER D 113 6.94 -38.12 -16.01
CA SER D 113 6.91 -38.79 -17.30
C SER D 113 6.55 -40.27 -17.20
N GLY D 114 6.41 -40.80 -15.99
CA GLY D 114 6.15 -42.21 -15.80
C GLY D 114 7.28 -43.13 -16.18
N ASN D 115 8.45 -42.59 -16.50
CA ASN D 115 9.59 -43.39 -16.92
C ASN D 115 10.41 -43.92 -15.75
N TYR D 116 10.40 -43.24 -14.62
CA TYR D 116 11.28 -43.58 -13.52
C TYR D 116 10.54 -43.52 -12.19
N VAL D 117 10.97 -44.35 -11.25
CA VAL D 117 10.56 -44.25 -9.85
C VAL D 117 11.82 -44.05 -9.02
N ALA D 118 11.65 -43.39 -7.87
CA ALA D 118 12.74 -43.15 -6.95
C ALA D 118 12.33 -43.56 -5.55
N CYS D 119 13.33 -43.79 -4.69
CA CYS D 119 13.08 -44.12 -3.29
C CYS D 119 14.40 -44.04 -2.54
N GLY D 120 14.29 -43.85 -1.23
CA GLY D 120 15.46 -43.77 -0.37
C GLY D 120 15.06 -43.85 1.08
N GLY D 121 16.08 -43.92 1.94
CA GLY D 121 15.83 -44.05 3.36
C GLY D 121 17.08 -43.92 4.21
N LEU D 122 17.22 -44.81 5.20
CA LEU D 122 18.33 -44.75 6.14
C LEU D 122 19.67 -45.07 5.49
N ASP D 123 19.70 -45.55 4.25
CA ASP D 123 20.96 -45.75 3.54
C ASP D 123 21.58 -44.46 3.06
N ASN D 124 20.91 -43.31 3.27
CA ASN D 124 21.40 -42.00 2.84
C ASN D 124 21.53 -41.90 1.33
N ILE D 125 20.72 -42.64 0.60
CA ILE D 125 20.85 -42.77 -0.85
C ILE D 125 19.50 -42.56 -1.52
N CYS D 126 19.50 -41.79 -2.61
CA CYS D 126 18.33 -41.66 -3.48
C CYS D 126 18.55 -42.55 -4.70
N SER D 127 17.67 -43.54 -4.87
CA SER D 127 17.79 -44.55 -5.91
C SER D 127 16.80 -44.29 -7.02
N ILE D 128 17.28 -44.28 -8.27
CA ILE D 128 16.41 -44.16 -9.44
C ILE D 128 16.30 -45.52 -10.11
N TYR D 129 15.07 -45.89 -10.48
CA TYR D 129 14.78 -47.15 -11.15
C TYR D 129 14.09 -46.85 -12.46
N ASN D 130 14.58 -47.44 -13.55
CA ASN D 130 14.03 -47.21 -14.88
C ASN D 130 12.90 -48.21 -15.12
N LEU D 131 11.67 -47.71 -15.17
CA LEU D 131 10.53 -48.59 -15.46
C LEU D 131 10.49 -49.00 -16.91
N LYS D 132 11.05 -48.17 -17.80
CA LYS D 132 11.12 -48.47 -19.23
C LYS D 132 12.43 -49.14 -19.61
N THR D 133 13.05 -49.88 -18.69
CA THR D 133 14.25 -50.63 -19.02
C THR D 133 13.91 -51.68 -20.06
N ARG D 134 14.94 -52.13 -20.77
CA ARG D 134 14.75 -52.97 -21.93
C ARG D 134 15.06 -54.44 -21.69
N GLU D 135 15.75 -54.79 -20.61
CA GLU D 135 15.96 -56.20 -20.30
C GLU D 135 14.86 -56.67 -19.35
N GLY D 136 15.02 -57.89 -18.84
CA GLY D 136 13.98 -58.59 -18.12
C GLY D 136 13.28 -57.82 -17.02
N ASN D 137 14.00 -57.48 -15.96
CA ASN D 137 13.39 -56.96 -14.74
C ASN D 137 13.82 -55.54 -14.46
N VAL D 138 12.88 -54.74 -13.95
CA VAL D 138 13.19 -53.40 -13.47
C VAL D 138 14.19 -53.51 -12.33
N ARG D 139 15.27 -52.74 -12.43
CA ARG D 139 16.34 -52.76 -11.44
C ARG D 139 16.87 -51.34 -11.27
N VAL D 140 17.91 -51.22 -10.46
CA VAL D 140 18.47 -49.91 -10.17
C VAL D 140 19.27 -49.41 -11.37
N SER D 141 19.13 -48.12 -11.65
CA SER D 141 19.87 -47.46 -12.72
C SER D 141 20.86 -46.44 -12.18
N ARG D 142 20.40 -45.48 -11.37
CA ARG D 142 21.25 -44.51 -10.69
C ARG D 142 20.94 -44.53 -9.20
N GLU D 143 21.79 -43.89 -8.44
CA GLU D 143 21.69 -43.89 -6.98
C GLU D 143 22.60 -42.72 -6.55
N LEU D 144 22.02 -41.69 -5.92
CA LEU D 144 22.72 -40.42 -5.65
C LEU D 144 23.26 -40.45 -4.22
N ALA D 145 24.58 -40.36 -4.09
CA ALA D 145 25.29 -40.48 -2.80
C ALA D 145 25.99 -39.16 -2.51
N GLY D 146 25.27 -38.23 -1.89
CA GLY D 146 25.89 -37.02 -1.41
C GLY D 146 25.56 -36.71 0.03
N HIS D 147 24.45 -37.27 0.53
CA HIS D 147 23.95 -36.90 1.85
C HIS D 147 24.68 -37.65 2.94
N THR D 148 24.93 -36.96 4.05
CA THR D 148 25.46 -37.57 5.26
C THR D 148 24.36 -37.94 6.25
N GLY D 149 23.10 -37.88 5.83
CA GLY D 149 21.98 -38.18 6.70
C GLY D 149 20.92 -38.98 5.95
N TYR D 150 19.88 -39.36 6.68
CA TYR D 150 18.86 -40.24 6.14
C TYR D 150 17.90 -39.49 5.22
N LEU D 151 17.53 -40.12 4.12
CA LEU D 151 16.70 -39.50 3.10
C LEU D 151 15.23 -39.57 3.50
N SER D 152 14.58 -38.41 3.61
CA SER D 152 13.21 -38.32 4.07
C SER D 152 12.19 -38.05 2.98
N CYS D 153 12.58 -37.39 1.89
CA CYS D 153 11.64 -37.07 0.82
C CYS D 153 12.41 -36.75 -0.45
N CYS D 154 11.76 -36.99 -1.59
CA CYS D 154 12.35 -36.69 -2.89
C CYS D 154 11.24 -36.59 -3.93
N ARG D 155 11.43 -35.69 -4.89
CA ARG D 155 10.44 -35.47 -5.94
C ARG D 155 11.16 -35.06 -7.22
N PHE D 156 10.72 -35.63 -8.35
CA PHE D 156 11.29 -35.28 -9.63
C PHE D 156 10.80 -33.92 -10.11
N LEU D 157 11.68 -33.20 -10.81
CA LEU D 157 11.26 -32.07 -11.63
C LEU D 157 11.02 -32.52 -13.07
N ASP D 158 12.01 -33.17 -13.66
CA ASP D 158 11.89 -33.83 -14.95
C ASP D 158 12.69 -35.13 -14.87
N ASP D 159 12.97 -35.74 -16.03
CA ASP D 159 13.61 -37.04 -16.06
C ASP D 159 15.10 -37.00 -15.70
N ASN D 160 15.67 -35.82 -15.43
CA ASN D 160 17.07 -35.74 -15.06
C ASN D 160 17.34 -34.91 -13.81
N GLN D 161 16.36 -34.16 -13.31
CA GLN D 161 16.54 -33.37 -12.10
C GLN D 161 15.59 -33.85 -11.03
N ILE D 162 16.12 -34.03 -9.82
CA ILE D 162 15.33 -34.48 -8.67
C ILE D 162 15.88 -33.78 -7.42
N VAL D 163 14.97 -33.34 -6.56
CA VAL D 163 15.32 -32.67 -5.32
C VAL D 163 15.07 -33.62 -4.17
N THR D 164 15.95 -33.59 -3.17
CA THR D 164 15.90 -34.52 -2.06
C THR D 164 15.86 -33.78 -0.73
N SER D 165 15.32 -34.47 0.28
CA SER D 165 15.28 -34.00 1.65
C SER D 165 15.96 -35.03 2.53
N SER D 166 16.76 -34.56 3.48
CA SER D 166 17.57 -35.46 4.29
C SER D 166 17.61 -34.99 5.73
N GLY D 167 18.05 -35.90 6.61
CA GLY D 167 18.23 -35.63 8.02
C GLY D 167 19.51 -34.92 8.38
N ASP D 168 20.40 -34.68 7.41
CA ASP D 168 21.59 -33.88 7.63
C ASP D 168 21.31 -32.38 7.57
N THR D 169 20.04 -32.00 7.67
CA THR D 169 19.57 -30.61 7.70
C THR D 169 19.79 -29.87 6.39
N THR D 170 19.95 -30.58 5.27
CA THR D 170 20.17 -29.96 3.98
C THR D 170 19.26 -30.57 2.93
N CYS D 171 18.97 -29.79 1.89
CA CYS D 171 18.31 -30.25 0.69
C CYS D 171 19.26 -30.09 -0.49
N ALA D 172 19.00 -30.83 -1.57
CA ALA D 172 19.91 -30.82 -2.70
C ALA D 172 19.14 -31.02 -4.00
N LEU D 173 19.55 -30.29 -5.03
CA LEU D 173 19.06 -30.49 -6.38
C LEU D 173 20.09 -31.29 -7.16
N TRP D 174 19.64 -32.36 -7.81
CA TRP D 174 20.52 -33.33 -8.42
C TRP D 174 20.43 -33.30 -9.94
N ASP D 175 21.55 -33.60 -10.59
CA ASP D 175 21.60 -33.95 -12.01
C ASP D 175 21.75 -35.46 -12.07
N ILE D 176 20.64 -36.14 -12.35
CA ILE D 176 20.58 -37.60 -12.17
C ILE D 176 21.66 -38.29 -12.99
N GLU D 177 21.92 -37.81 -14.21
CA GLU D 177 22.92 -38.47 -15.05
C GLU D 177 24.32 -38.26 -14.50
N THR D 178 24.77 -37.00 -14.41
CA THR D 178 26.11 -36.74 -13.92
C THR D 178 26.28 -37.07 -12.45
N GLY D 179 25.18 -37.14 -11.69
CA GLY D 179 25.27 -37.39 -10.26
C GLY D 179 25.80 -36.23 -9.46
N GLN D 180 25.87 -35.04 -10.03
CA GLN D 180 26.39 -33.86 -9.35
C GLN D 180 25.25 -33.06 -8.74
N GLN D 181 25.49 -32.53 -7.54
CA GLN D 181 24.53 -31.64 -6.90
C GLN D 181 24.63 -30.27 -7.56
N THR D 182 23.73 -30.00 -8.51
CA THR D 182 23.74 -28.73 -9.21
C THR D 182 23.35 -27.56 -8.32
N THR D 183 22.69 -27.82 -7.19
CA THR D 183 22.28 -26.78 -6.27
C THR D 183 22.15 -27.38 -4.88
N THR D 184 22.62 -26.63 -3.88
CA THR D 184 22.61 -27.06 -2.49
C THR D 184 21.76 -26.10 -1.66
N PHE D 185 20.98 -26.65 -0.74
CA PHE D 185 20.13 -25.87 0.15
C PHE D 185 20.53 -26.15 1.60
N THR D 186 21.10 -25.14 2.25
CA THR D 186 21.49 -25.22 3.65
C THR D 186 20.83 -24.09 4.43
N GLY D 187 20.62 -24.33 5.73
CA GLY D 187 20.03 -23.31 6.58
C GLY D 187 19.10 -23.84 7.65
N HIS D 188 18.60 -25.06 7.49
CA HIS D 188 17.73 -25.66 8.48
C HIS D 188 18.55 -26.15 9.67
N THR D 189 17.97 -26.03 10.86
CA THR D 189 18.61 -26.45 12.10
C THR D 189 18.37 -27.91 12.42
N GLY D 190 17.14 -28.39 12.22
CA GLY D 190 16.80 -29.78 12.45
C GLY D 190 16.68 -30.57 11.14
N ASP D 191 16.35 -31.84 11.30
CA ASP D 191 16.24 -32.74 10.16
C ASP D 191 15.07 -32.32 9.26
N VAL D 192 15.36 -32.16 7.97
CA VAL D 192 14.31 -31.88 6.99
C VAL D 192 13.54 -33.17 6.74
N MET D 193 12.23 -33.12 6.95
CA MET D 193 11.38 -34.31 6.86
C MET D 193 10.53 -34.38 5.61
N SER D 194 10.15 -33.24 5.03
CA SER D 194 9.25 -33.26 3.88
C SER D 194 9.54 -32.05 2.99
N LEU D 195 9.30 -32.23 1.70
CA LEU D 195 9.43 -31.16 0.72
C LEU D 195 8.21 -31.16 -0.20
N SER D 196 7.92 -29.99 -0.76
CA SER D 196 6.78 -29.82 -1.66
C SER D 196 7.17 -28.85 -2.76
N LEU D 197 7.09 -29.31 -4.01
CA LEU D 197 7.43 -28.46 -5.15
C LEU D 197 6.24 -27.59 -5.53
N ALA D 198 6.54 -26.33 -5.87
CA ALA D 198 5.52 -25.43 -6.38
C ALA D 198 4.99 -25.96 -7.71
N PRO D 199 3.75 -25.58 -8.08
CA PRO D 199 3.18 -26.08 -9.34
C PRO D 199 3.97 -25.73 -10.58
N ASP D 200 4.92 -24.79 -10.50
CA ASP D 200 5.71 -24.38 -11.65
C ASP D 200 7.17 -24.79 -11.55
N THR D 201 7.53 -25.69 -10.63
CA THR D 201 8.86 -26.25 -10.51
C THR D 201 9.86 -25.18 -10.05
N ARG D 202 9.39 -23.93 -9.96
CA ARG D 202 10.30 -22.80 -9.77
C ARG D 202 10.78 -22.69 -8.33
N LEU D 203 9.92 -22.99 -7.36
CA LEU D 203 10.27 -22.91 -5.95
C LEU D 203 9.79 -24.17 -5.24
N PHE D 204 10.24 -24.34 -4.01
CA PHE D 204 9.76 -25.46 -3.19
C PHE D 204 9.93 -25.10 -1.72
N VAL D 205 9.06 -25.68 -0.89
CA VAL D 205 9.10 -25.47 0.55
C VAL D 205 9.52 -26.77 1.22
N SER D 206 9.97 -26.64 2.47
CA SER D 206 10.47 -27.78 3.23
C SER D 206 10.10 -27.61 4.70
N GLY D 207 9.69 -28.72 5.32
CA GLY D 207 9.38 -28.76 6.73
C GLY D 207 10.40 -29.60 7.48
N ALA D 208 11.00 -28.99 8.50
CA ALA D 208 12.08 -29.62 9.25
C ALA D 208 11.70 -29.75 10.72
N CYS D 209 12.58 -30.43 11.46
CA CYS D 209 12.37 -30.68 12.89
C CYS D 209 12.69 -29.48 13.76
N ASP D 210 13.13 -28.36 13.18
CA ASP D 210 13.28 -27.13 13.93
C ASP D 210 12.00 -26.31 13.96
N ALA D 211 10.86 -26.95 13.73
CA ALA D 211 9.54 -26.32 13.80
C ALA D 211 9.41 -25.14 12.83
N SER D 212 10.13 -25.19 11.71
CA SER D 212 10.16 -24.10 10.76
C SER D 212 9.98 -24.63 9.34
N ALA D 213 9.35 -23.82 8.51
CA ALA D 213 9.26 -24.06 7.07
C ALA D 213 10.05 -22.98 6.33
N LYS D 214 10.67 -23.37 5.21
CA LYS D 214 11.49 -22.46 4.44
C LYS D 214 11.11 -22.52 2.97
N LEU D 215 11.03 -21.36 2.35
CA LEU D 215 10.83 -21.26 0.90
C LEU D 215 12.17 -21.13 0.22
N TRP D 216 12.43 -22.00 -0.76
CA TRP D 216 13.72 -22.08 -1.43
C TRP D 216 13.57 -21.75 -2.91
N ASP D 217 14.52 -20.96 -3.42
CA ASP D 217 14.63 -20.72 -4.86
C ASP D 217 15.41 -21.89 -5.46
N VAL D 218 14.73 -22.70 -6.30
CA VAL D 218 15.32 -23.94 -6.78
C VAL D 218 16.59 -23.67 -7.58
N ARG D 219 16.51 -22.75 -8.54
CA ARG D 219 17.62 -22.54 -9.46
C ARG D 219 18.75 -21.71 -8.84
N GLU D 220 18.47 -20.93 -7.81
CA GLU D 220 19.48 -20.05 -7.23
C GLU D 220 20.01 -20.51 -5.88
N GLY D 221 19.29 -21.40 -5.18
CA GLY D 221 19.84 -22.04 -4.00
C GLY D 221 19.79 -21.24 -2.72
N MET D 222 18.97 -20.19 -2.66
CA MET D 222 18.88 -19.35 -1.47
C MET D 222 17.53 -19.52 -0.80
N CYS D 223 17.52 -19.37 0.52
CA CYS D 223 16.29 -19.40 1.30
C CYS D 223 15.70 -18.00 1.33
N ARG D 224 14.48 -17.85 0.78
CA ARG D 224 13.85 -16.55 0.68
C ARG D 224 13.06 -16.19 1.93
N GLN D 225 12.25 -17.12 2.43
CA GLN D 225 11.39 -16.88 3.57
C GLN D 225 11.42 -18.09 4.50
N THR D 226 11.40 -17.82 5.80
CA THR D 226 11.31 -18.86 6.82
C THR D 226 10.06 -18.60 7.65
N PHE D 227 9.19 -19.60 7.74
CA PHE D 227 7.93 -19.48 8.48
C PHE D 227 7.99 -20.35 9.73
N THR D 228 7.42 -19.83 10.81
CA THR D 228 7.39 -20.53 12.10
C THR D 228 5.98 -20.49 12.66
N GLY D 229 5.81 -21.09 13.83
CA GLY D 229 4.52 -21.15 14.49
C GLY D 229 4.21 -22.49 15.10
N HIS D 230 4.70 -23.56 14.47
CA HIS D 230 4.54 -24.90 15.04
C HIS D 230 5.41 -25.05 16.28
N GLU D 231 4.93 -25.85 17.23
CA GLU D 231 5.66 -26.08 18.47
C GLU D 231 6.63 -27.24 18.38
N SER D 232 6.37 -28.21 17.51
CA SER D 232 7.21 -29.40 17.41
CA SER D 232 7.21 -29.40 17.41
C SER D 232 7.67 -29.64 15.98
N ASP D 233 8.27 -30.81 15.73
CA ASP D 233 8.82 -31.13 14.42
C ASP D 233 7.74 -31.15 13.35
N ILE D 234 8.00 -30.47 12.24
CA ILE D 234 7.12 -30.50 11.08
C ILE D 234 7.39 -31.79 10.31
N ASN D 235 6.35 -32.60 10.09
CA ASN D 235 6.50 -33.90 9.46
C ASN D 235 6.02 -33.94 8.01
N ALA D 236 5.16 -33.02 7.60
CA ALA D 236 4.60 -33.05 6.26
C ALA D 236 4.38 -31.64 5.76
N ILE D 237 4.33 -31.49 4.44
CA ILE D 237 4.19 -30.18 3.81
C ILE D 237 3.64 -30.39 2.41
N CYS D 238 2.81 -29.45 1.96
CA CYS D 238 2.21 -29.53 0.64
CA CYS D 238 2.21 -29.53 0.64
C CYS D 238 1.81 -28.13 0.19
N PHE D 239 1.98 -27.86 -1.10
CA PHE D 239 1.63 -26.55 -1.65
C PHE D 239 0.14 -26.44 -1.89
N PHE D 240 -0.39 -25.24 -1.66
CA PHE D 240 -1.74 -24.94 -2.12
C PHE D 240 -1.75 -24.93 -3.65
N PRO D 241 -2.82 -25.42 -4.28
CA PRO D 241 -2.84 -25.48 -5.75
C PRO D 241 -2.57 -24.14 -6.43
N ASN D 242 -2.81 -23.03 -5.73
CA ASN D 242 -2.58 -21.71 -6.32
C ASN D 242 -1.09 -21.43 -6.47
N GLY D 243 -0.28 -21.84 -5.49
CA GLY D 243 1.16 -21.63 -5.53
C GLY D 243 1.66 -20.57 -4.58
N ASN D 244 0.78 -19.77 -3.98
CA ASN D 244 1.18 -18.74 -3.03
C ASN D 244 0.78 -19.10 -1.60
N ALA D 245 0.62 -20.39 -1.32
CA ALA D 245 0.28 -20.85 0.02
C ALA D 245 0.65 -22.33 0.14
N PHE D 246 0.79 -22.78 1.39
CA PHE D 246 1.11 -24.18 1.64
C PHE D 246 0.69 -24.51 3.07
N ALA D 247 0.49 -25.82 3.31
CA ALA D 247 0.07 -26.33 4.60
C ALA D 247 1.12 -27.27 5.17
N THR D 248 1.22 -27.27 6.49
CA THR D 248 2.19 -28.09 7.20
C THR D 248 1.50 -28.84 8.34
N GLY D 249 2.02 -30.02 8.63
CA GLY D 249 1.58 -30.78 9.78
C GLY D 249 2.76 -31.15 10.65
N SER D 250 2.55 -31.13 11.97
CA SER D 250 3.65 -31.30 12.91
C SER D 250 3.21 -32.23 14.04
N ASP D 251 4.15 -32.52 14.93
CA ASP D 251 3.89 -33.43 16.05
C ASP D 251 2.97 -32.82 17.10
N ASP D 252 2.77 -31.50 17.08
CA ASP D 252 1.91 -30.82 18.04
C ASP D 252 0.44 -30.94 17.70
N ALA D 253 0.07 -31.87 16.81
CA ALA D 253 -1.32 -32.17 16.49
C ALA D 253 -2.02 -30.95 15.88
N THR D 254 -1.34 -30.27 14.97
CA THR D 254 -1.92 -29.07 14.38
C THR D 254 -1.49 -28.94 12.92
N CYS D 255 -2.39 -28.39 12.11
CA CYS D 255 -2.13 -28.02 10.74
C CYS D 255 -2.16 -26.50 10.62
N ARG D 256 -1.26 -25.95 9.82
CA ARG D 256 -1.18 -24.50 9.66
C ARG D 256 -1.02 -24.15 8.19
N LEU D 257 -1.71 -23.08 7.78
CA LEU D 257 -1.66 -22.59 6.41
C LEU D 257 -0.88 -21.28 6.38
N PHE D 258 0.21 -21.26 5.61
CA PHE D 258 1.03 -20.07 5.42
C PHE D 258 0.84 -19.54 4.02
N ASP D 259 0.94 -18.22 3.88
CA ASP D 259 0.92 -17.57 2.57
C ASP D 259 2.31 -17.04 2.26
N LEU D 260 2.67 -17.08 0.98
CA LEU D 260 3.99 -16.62 0.55
C LEU D 260 4.05 -15.11 0.46
N ARG D 261 3.02 -14.49 -0.13
CA ARG D 261 3.03 -13.06 -0.36
C ARG D 261 2.76 -12.25 0.91
N ALA D 262 2.00 -12.82 1.84
CA ALA D 262 1.77 -12.16 3.12
C ALA D 262 2.83 -12.49 4.17
N ASP D 263 3.54 -13.61 3.99
CA ASP D 263 4.69 -13.97 4.80
C ASP D 263 4.30 -14.18 6.27
N GLN D 264 3.26 -14.97 6.49
CA GLN D 264 2.87 -15.39 7.83
C GLN D 264 1.76 -16.42 7.75
N GLU D 265 1.46 -17.02 8.90
CA GLU D 265 0.41 -18.01 9.01
C GLU D 265 -0.96 -17.34 8.90
N LEU D 266 -1.90 -18.05 8.25
CA LEU D 266 -3.26 -17.55 8.05
C LEU D 266 -4.29 -18.24 8.94
N MET D 267 -4.14 -19.54 9.19
CA MET D 267 -5.16 -20.27 9.93
C MET D 267 -4.52 -21.52 10.53
N THR D 268 -5.07 -21.95 11.66
CA THR D 268 -4.57 -23.10 12.40
C THR D 268 -5.71 -24.10 12.60
N TYR D 269 -5.45 -25.37 12.29
CA TYR D 269 -6.47 -26.41 12.25
C TYR D 269 -6.19 -27.39 13.38
N SER D 270 -7.08 -27.40 14.37
CA SER D 270 -6.86 -28.21 15.56
C SER D 270 -8.18 -28.42 16.27
N HIS D 271 -8.20 -29.44 17.13
CA HIS D 271 -9.28 -29.72 18.04
C HIS D 271 -8.65 -30.22 19.33
N ASP D 272 -9.24 -29.87 20.46
CA ASP D 272 -8.58 -30.26 21.70
C ASP D 272 -8.73 -31.75 22.02
N ASN D 273 -9.45 -32.50 21.18
CA ASN D 273 -9.47 -33.95 21.27
C ASN D 273 -8.44 -34.62 20.37
N ILE D 274 -7.65 -33.83 19.63
CA ILE D 274 -6.58 -34.35 18.78
C ILE D 274 -5.27 -34.02 19.46
N ILE D 275 -4.54 -35.05 19.90
CA ILE D 275 -3.32 -34.86 20.67
C ILE D 275 -2.14 -35.49 19.94
N CYS D 276 -2.40 -36.54 19.16
CA CYS D 276 -1.34 -37.24 18.46
C CYS D 276 -0.88 -36.44 17.23
N GLY D 277 0.33 -36.73 16.79
CA GLY D 277 0.95 -35.98 15.71
C GLY D 277 0.26 -36.16 14.37
N ILE D 278 0.87 -35.56 13.36
CA ILE D 278 0.35 -35.56 11.99
C ILE D 278 1.44 -36.05 11.06
N THR D 279 1.09 -36.95 10.15
CA THR D 279 2.06 -37.64 9.32
C THR D 279 2.08 -37.21 7.86
N SER D 280 0.94 -36.77 7.32
CA SER D 280 0.87 -36.42 5.91
C SER D 280 -0.22 -35.37 5.70
N VAL D 281 -0.01 -34.52 4.71
CA VAL D 281 -0.96 -33.48 4.34
C VAL D 281 -1.03 -33.39 2.82
N SER D 282 -2.21 -33.02 2.32
CA SER D 282 -2.43 -32.83 0.88
C SER D 282 -3.74 -32.10 0.68
N PHE D 283 -3.77 -31.21 -0.31
CA PHE D 283 -4.97 -30.46 -0.65
C PHE D 283 -5.80 -31.21 -1.69
N SER D 284 -7.07 -30.84 -1.77
CA SER D 284 -7.91 -31.29 -2.87
C SER D 284 -7.54 -30.53 -4.14
N LYS D 285 -8.28 -30.79 -5.22
CA LYS D 285 -7.95 -30.17 -6.50
C LYS D 285 -8.15 -28.67 -6.45
N SER D 286 -9.18 -28.20 -5.75
CA SER D 286 -9.45 -26.77 -5.65
C SER D 286 -8.82 -26.14 -4.41
N GLY D 287 -8.20 -26.93 -3.54
CA GLY D 287 -7.62 -26.41 -2.32
C GLY D 287 -8.60 -26.08 -1.22
N ARG D 288 -9.90 -26.33 -1.44
CA ARG D 288 -10.89 -26.05 -0.41
C ARG D 288 -10.83 -27.06 0.73
N LEU D 289 -10.43 -28.30 0.45
CA LEU D 289 -10.35 -29.35 1.45
C LEU D 289 -8.89 -29.68 1.74
N LEU D 290 -8.57 -29.81 3.01
CA LEU D 290 -7.23 -30.16 3.47
C LEU D 290 -7.29 -31.48 4.22
N LEU D 291 -6.63 -32.50 3.67
CA LEU D 291 -6.61 -33.83 4.28
C LEU D 291 -5.30 -34.04 5.04
N ALA D 292 -5.42 -34.58 6.24
CA ALA D 292 -4.26 -34.81 7.11
C ALA D 292 -4.32 -36.21 7.69
N GLY D 293 -3.18 -36.90 7.68
CA GLY D 293 -3.06 -38.21 8.28
C GLY D 293 -2.44 -38.11 9.66
N TYR D 294 -3.04 -38.83 10.61
CA TYR D 294 -2.69 -38.73 12.02
C TYR D 294 -2.18 -40.07 12.54
N ASP D 295 -1.59 -40.02 13.75
CA ASP D 295 -1.13 -41.24 14.41
C ASP D 295 -2.27 -42.07 14.96
N ASP D 296 -3.46 -41.49 15.11
CA ASP D 296 -4.61 -42.19 15.69
C ASP D 296 -5.36 -43.05 14.68
N PHE D 297 -4.72 -43.39 13.56
CA PHE D 297 -5.17 -44.31 12.51
C PHE D 297 -6.18 -43.65 11.58
N ASN D 298 -6.55 -42.39 11.79
CA ASN D 298 -7.60 -41.73 11.02
C ASN D 298 -7.01 -40.68 10.09
N CYS D 299 -7.86 -40.22 9.16
CA CYS D 299 -7.56 -39.08 8.31
C CYS D 299 -8.70 -38.08 8.45
N ASN D 300 -8.37 -36.86 8.83
CA ASN D 300 -9.36 -35.81 9.02
C ASN D 300 -9.41 -34.91 7.78
N VAL D 301 -10.62 -34.60 7.34
CA VAL D 301 -10.85 -33.72 6.20
C VAL D 301 -11.24 -32.35 6.74
N TRP D 302 -10.39 -31.35 6.53
CA TRP D 302 -10.60 -30.01 7.05
C TRP D 302 -11.14 -29.09 5.97
N ASP D 303 -11.91 -28.09 6.39
CA ASP D 303 -12.35 -27.02 5.52
C ASP D 303 -11.26 -25.95 5.51
N ALA D 304 -10.53 -25.86 4.39
CA ALA D 304 -9.35 -25.01 4.32
C ALA D 304 -9.67 -23.52 4.49
N LEU D 305 -10.94 -23.13 4.44
CA LEU D 305 -11.30 -21.72 4.59
C LEU D 305 -11.90 -21.39 5.95
N LYS D 306 -12.58 -22.34 6.59
CA LYS D 306 -13.29 -22.08 7.84
C LYS D 306 -12.68 -22.76 9.06
N ALA D 307 -11.61 -23.54 8.89
CA ALA D 307 -10.96 -24.29 9.96
C ALA D 307 -11.86 -25.34 10.57
N ASP D 308 -13.05 -25.54 10.03
CA ASP D 308 -13.94 -26.59 10.50
C ASP D 308 -13.54 -27.92 9.87
N ARG D 309 -13.61 -29.00 10.66
CA ARG D 309 -13.42 -30.32 10.12
C ARG D 309 -14.74 -30.83 9.53
N ALA D 310 -14.67 -31.39 8.32
CA ALA D 310 -15.85 -31.76 7.57
C ALA D 310 -16.00 -33.26 7.37
N GLY D 311 -15.12 -34.07 7.95
CA GLY D 311 -15.22 -35.51 7.79
C GLY D 311 -14.00 -36.27 8.27
N VAL D 312 -14.17 -37.57 8.48
CA VAL D 312 -13.08 -38.43 8.91
C VAL D 312 -12.98 -39.62 7.95
N LEU D 313 -11.79 -40.20 7.89
CA LEU D 313 -11.52 -41.37 7.05
C LEU D 313 -11.03 -42.49 7.96
N ALA D 314 -11.97 -43.24 8.52
CA ALA D 314 -11.65 -44.39 9.35
C ALA D 314 -11.61 -45.67 8.51
N GLY D 315 -10.82 -46.64 8.97
CA GLY D 315 -10.70 -47.88 8.24
C GLY D 315 -9.32 -48.51 8.28
N HIS D 316 -8.34 -47.79 8.81
CA HIS D 316 -7.00 -48.32 8.99
C HIS D 316 -6.83 -48.82 10.41
N ASP D 317 -6.04 -49.89 10.55
CA ASP D 317 -5.80 -50.52 11.85
C ASP D 317 -4.48 -50.10 12.46
N ASN D 318 -3.76 -49.16 11.84
CA ASN D 318 -2.50 -48.67 12.40
C ASN D 318 -2.27 -47.25 11.88
N ARG D 319 -1.13 -46.69 12.28
CA ARG D 319 -0.83 -45.29 12.00
C ARG D 319 -0.82 -45.02 10.49
N VAL D 320 -1.60 -44.02 10.08
CA VAL D 320 -1.62 -43.58 8.69
C VAL D 320 -0.30 -42.84 8.43
N SER D 321 0.56 -43.42 7.60
CA SER D 321 1.90 -42.88 7.41
C SER D 321 1.99 -41.89 6.25
N CYS D 322 1.07 -41.95 5.30
CA CYS D 322 1.17 -41.11 4.11
C CYS D 322 -0.17 -41.07 3.41
N LEU D 323 -0.35 -40.05 2.56
CA LEU D 323 -1.52 -39.94 1.71
C LEU D 323 -1.19 -39.02 0.54
N GLY D 324 -2.10 -38.97 -0.42
CA GLY D 324 -1.92 -38.15 -1.60
C GLY D 324 -3.13 -38.15 -2.52
N VAL D 325 -3.48 -36.99 -3.04
CA VAL D 325 -4.64 -36.83 -3.93
C VAL D 325 -4.16 -36.89 -5.37
N THR D 326 -4.98 -37.49 -6.24
CA THR D 326 -4.66 -37.56 -7.65
C THR D 326 -4.68 -36.18 -8.27
N ASP D 327 -4.01 -36.05 -9.43
CA ASP D 327 -3.95 -34.77 -10.11
C ASP D 327 -5.25 -34.38 -10.78
N ASP D 328 -6.14 -35.35 -11.04
CA ASP D 328 -7.48 -35.04 -11.52
C ASP D 328 -8.47 -34.83 -10.38
N GLY D 329 -8.04 -34.99 -9.13
CA GLY D 329 -8.90 -34.79 -7.98
C GLY D 329 -9.94 -35.86 -7.76
N MET D 330 -9.85 -36.98 -8.48
CA MET D 330 -10.91 -37.99 -8.43
C MET D 330 -10.89 -38.81 -7.16
N ALA D 331 -9.73 -38.96 -6.52
CA ALA D 331 -9.63 -39.81 -5.34
C ALA D 331 -8.37 -39.49 -4.57
N VAL D 332 -8.33 -39.94 -3.32
CA VAL D 332 -7.16 -39.84 -2.45
C VAL D 332 -6.78 -41.25 -2.01
N ALA D 333 -5.48 -41.50 -1.89
CA ALA D 333 -4.97 -42.77 -1.41
C ALA D 333 -4.33 -42.58 -0.05
N THR D 334 -4.35 -43.63 0.76
CA THR D 334 -3.81 -43.60 2.11
C THR D 334 -2.96 -44.83 2.36
N GLY D 335 -1.72 -44.62 2.79
CA GLY D 335 -0.84 -45.68 3.21
C GLY D 335 -0.71 -45.69 4.72
N SER D 336 -0.74 -46.87 5.32
CA SER D 336 -0.74 -47.00 6.77
C SER D 336 0.24 -48.10 7.19
N TRP D 337 0.43 -48.21 8.51
CA TRP D 337 1.26 -49.25 9.09
C TRP D 337 0.52 -50.57 9.24
N ASP D 338 -0.66 -50.70 8.64
CA ASP D 338 -1.37 -51.98 8.59
C ASP D 338 -1.02 -52.78 7.35
N SER D 339 -0.08 -52.30 6.53
CA SER D 339 0.34 -52.94 5.28
C SER D 339 -0.77 -52.96 4.24
N PHE D 340 -1.52 -51.86 4.16
CA PHE D 340 -2.60 -51.74 3.19
C PHE D 340 -2.68 -50.32 2.66
N LEU D 341 -3.02 -50.19 1.38
CA LEU D 341 -3.36 -48.93 0.76
C LEU D 341 -4.85 -48.91 0.42
N LYS D 342 -5.49 -47.76 0.62
CA LYS D 342 -6.91 -47.63 0.38
C LYS D 342 -7.19 -46.39 -0.45
N ILE D 343 -8.04 -46.54 -1.46
CA ILE D 343 -8.48 -45.43 -2.30
C ILE D 343 -9.82 -44.93 -1.78
N TRP D 344 -9.97 -43.61 -1.71
CA TRP D 344 -11.16 -42.99 -1.15
C TRP D 344 -11.74 -41.96 -2.11
N ASN D 345 -13.06 -41.92 -2.21
CA ASN D 345 -13.78 -40.79 -2.80
C ASN D 345 -15.28 -40.89 -2.50
N ASN E 5 35.31 -21.50 19.85
CA ASN E 5 34.16 -20.83 19.24
C ASN E 5 34.54 -20.20 17.91
N THR E 6 35.50 -20.83 17.22
CA THR E 6 35.95 -20.32 15.93
C THR E 6 34.97 -20.61 14.80
N ALA E 7 34.09 -21.60 14.98
CA ALA E 7 33.08 -21.92 13.98
C ALA E 7 31.77 -21.18 14.22
N SER E 8 31.58 -20.59 15.40
CA SER E 8 30.37 -19.85 15.70
C SER E 8 30.34 -18.48 15.01
N ILE E 9 31.50 -17.93 14.67
CA ILE E 9 31.54 -16.59 14.09
C ILE E 9 31.14 -16.60 12.62
N ALA E 10 31.45 -17.67 11.89
CA ALA E 10 31.05 -17.76 10.49
C ALA E 10 29.57 -18.07 10.36
N GLN E 11 29.05 -18.96 11.20
CA GLN E 11 27.63 -19.26 11.19
C GLN E 11 26.77 -18.10 11.70
N ALA E 12 27.38 -17.18 12.47
CA ALA E 12 26.63 -16.03 12.96
C ALA E 12 26.56 -14.92 11.92
N ARG E 13 27.63 -14.73 11.15
CA ARG E 13 27.60 -13.73 10.07
C ARG E 13 26.60 -14.13 9.00
N LYS E 14 26.49 -15.43 8.72
CA LYS E 14 25.54 -15.89 7.71
C LYS E 14 24.10 -15.76 8.20
N LEU E 15 23.86 -15.93 9.50
CA LEU E 15 22.51 -15.81 10.03
C LEU E 15 22.01 -14.37 9.97
N VAL E 16 22.90 -13.39 10.14
CA VAL E 16 22.49 -11.99 10.12
C VAL E 16 22.12 -11.56 8.70
N GLU E 17 22.97 -11.88 7.73
CA GLU E 17 22.67 -11.53 6.35
C GLU E 17 21.45 -12.29 5.84
N GLN E 18 21.25 -13.52 6.30
CA GLN E 18 20.04 -14.25 5.95
C GLN E 18 18.79 -13.55 6.49
N LEU E 19 18.88 -13.04 7.72
CA LEU E 19 17.76 -12.28 8.29
C LEU E 19 17.56 -10.96 7.58
N LYS E 20 18.65 -10.35 7.06
CA LYS E 20 18.50 -9.11 6.31
C LYS E 20 17.82 -9.35 4.97
N MET E 21 18.06 -10.51 4.35
CA MET E 21 17.37 -10.84 3.10
C MET E 21 15.88 -11.02 3.33
N GLU E 22 15.50 -11.70 4.42
CA GLU E 22 14.10 -11.94 4.70
C GLU E 22 13.37 -10.69 5.17
N ALA E 23 14.10 -9.70 5.70
CA ALA E 23 13.46 -8.50 6.22
C ALA E 23 13.05 -7.55 5.10
N ASN E 24 13.85 -7.44 4.05
CA ASN E 24 13.61 -6.49 2.97
C ASN E 24 12.69 -7.04 1.89
N ILE E 25 11.89 -8.06 2.19
CA ILE E 25 10.87 -8.50 1.26
C ILE E 25 9.65 -7.59 1.39
N ASP E 26 8.87 -7.50 0.32
CA ASP E 26 7.67 -6.68 0.31
C ASP E 26 6.46 -7.59 0.45
N ARG E 27 5.65 -7.34 1.47
CA ARG E 27 4.50 -8.17 1.80
C ARG E 27 3.21 -7.45 1.45
N ILE E 28 2.18 -8.23 1.13
CA ILE E 28 0.88 -7.70 0.84
C ILE E 28 0.00 -7.86 2.08
N LYS E 29 -1.15 -7.19 2.08
CA LYS E 29 -2.06 -7.27 3.21
C LYS E 29 -2.66 -8.66 3.33
N VAL E 30 -2.86 -9.10 4.57
CA VAL E 30 -3.45 -10.42 4.81
C VAL E 30 -4.90 -10.46 4.31
N SER E 31 -5.61 -9.33 4.42
CA SER E 31 -6.99 -9.29 3.94
C SER E 31 -7.07 -9.62 2.46
N LYS E 32 -6.15 -9.08 1.67
CA LYS E 32 -6.07 -9.35 0.24
C LYS E 32 -5.47 -10.71 -0.05
N ALA E 33 -4.45 -11.10 0.71
CA ALA E 33 -3.83 -12.41 0.52
C ALA E 33 -4.81 -13.53 0.80
N ALA E 34 -5.65 -13.36 1.83
CA ALA E 34 -6.69 -14.34 2.09
C ALA E 34 -7.81 -14.27 1.06
N ALA E 35 -8.08 -13.08 0.53
CA ALA E 35 -9.15 -12.92 -0.44
C ALA E 35 -8.85 -13.62 -1.75
N ASP E 36 -7.56 -13.75 -2.09
CA ASP E 36 -7.20 -14.46 -3.33
C ASP E 36 -7.41 -15.96 -3.18
N LEU E 37 -7.06 -16.51 -2.02
CA LEU E 37 -7.33 -17.92 -1.77
C LEU E 37 -8.82 -18.21 -1.78
N MET E 38 -9.62 -17.34 -1.16
CA MET E 38 -11.07 -17.52 -1.15
C MET E 38 -11.63 -17.41 -2.57
N ALA E 39 -11.08 -16.51 -3.38
CA ALA E 39 -11.55 -16.36 -4.75
C ALA E 39 -11.13 -17.54 -5.62
N TYR E 40 -9.89 -18.01 -5.45
CA TYR E 40 -9.39 -19.13 -6.25
C TYR E 40 -10.08 -20.43 -5.87
N CYS E 41 -10.55 -20.55 -4.62
CA CYS E 41 -11.20 -21.78 -4.18
C CYS E 41 -12.53 -21.98 -4.89
N GLU E 42 -13.45 -21.02 -4.74
CA GLU E 42 -14.77 -21.15 -5.35
C GLU E 42 -14.72 -21.03 -6.87
N ALA E 43 -13.66 -20.45 -7.42
CA ALA E 43 -13.50 -20.42 -8.88
C ALA E 43 -13.23 -21.80 -9.45
N HIS E 44 -12.78 -22.75 -8.63
CA HIS E 44 -12.54 -24.12 -9.05
C HIS E 44 -13.37 -25.12 -8.27
N ALA E 45 -14.37 -24.67 -7.51
CA ALA E 45 -15.13 -25.56 -6.64
C ALA E 45 -15.90 -26.60 -7.44
N LYS E 46 -16.45 -26.21 -8.59
CA LYS E 46 -17.28 -27.11 -9.38
C LYS E 46 -16.46 -28.17 -10.12
N GLU E 47 -15.14 -28.08 -10.09
CA GLU E 47 -14.28 -29.06 -10.76
C GLU E 47 -13.48 -29.90 -9.77
N ASP E 48 -13.86 -29.88 -8.50
CA ASP E 48 -13.21 -30.67 -7.46
C ASP E 48 -14.09 -31.86 -7.10
N PRO E 49 -13.78 -33.07 -7.60
CA PRO E 49 -14.67 -34.21 -7.33
C PRO E 49 -14.80 -34.55 -5.84
N LEU E 50 -13.79 -34.28 -5.04
CA LEU E 50 -13.89 -34.55 -3.60
C LEU E 50 -14.78 -33.55 -2.88
N LEU E 51 -14.93 -32.34 -3.41
CA LEU E 51 -15.84 -31.35 -2.85
C LEU E 51 -17.24 -31.50 -3.43
N THR E 52 -17.36 -31.40 -4.76
CA THR E 52 -18.62 -31.66 -5.43
C THR E 52 -18.62 -33.08 -5.93
N PRO E 53 -19.40 -33.99 -5.35
CA PRO E 53 -19.34 -35.40 -5.76
C PRO E 53 -19.75 -35.59 -7.21
N VAL E 54 -18.95 -36.37 -7.93
CA VAL E 54 -19.18 -36.69 -9.32
C VAL E 54 -20.20 -37.84 -9.39
N PRO E 55 -21.13 -37.83 -10.33
CA PRO E 55 -22.05 -38.97 -10.48
C PRO E 55 -21.30 -40.27 -10.66
N ALA E 56 -21.88 -41.35 -10.13
CA ALA E 56 -21.22 -42.65 -10.15
C ALA E 56 -20.94 -43.15 -11.57
N SER E 57 -21.56 -42.54 -12.59
CA SER E 57 -21.29 -42.93 -13.96
C SER E 57 -19.89 -42.51 -14.39
N GLU E 58 -19.43 -41.34 -13.92
CA GLU E 58 -18.14 -40.79 -14.31
C GLU E 58 -17.07 -41.00 -13.25
N ASN E 59 -17.31 -41.88 -12.27
CA ASN E 59 -16.32 -42.18 -11.25
C ASN E 59 -15.56 -43.42 -11.63
N PRO E 60 -14.27 -43.33 -11.96
CA PRO E 60 -13.53 -44.54 -12.37
C PRO E 60 -13.35 -45.56 -11.26
N PHE E 61 -13.62 -45.21 -10.01
CA PHE E 61 -13.49 -46.14 -8.90
C PHE E 61 -14.82 -46.71 -8.44
N ARG E 62 -15.93 -46.31 -9.06
CA ARG E 62 -17.23 -46.89 -8.78
C ARG E 62 -17.80 -47.68 -9.96
N GLU E 63 -17.19 -47.58 -11.14
CA GLU E 63 -17.66 -48.33 -12.29
C GLU E 63 -17.30 -49.81 -12.14
N LYS E 64 -17.77 -50.62 -13.10
CA LYS E 64 -17.49 -52.05 -13.11
C LYS E 64 -16.48 -52.40 -14.19
N GLY F 6 20.15 -31.02 34.74
CA GLY F 6 20.77 -29.73 34.94
C GLY F 6 20.62 -29.20 36.34
N SER F 7 21.11 -27.98 36.56
CA SER F 7 21.02 -27.33 37.86
C SER F 7 19.67 -26.63 38.02
N GLU F 8 19.34 -26.31 39.28
CA GLU F 8 18.02 -25.76 39.58
C GLU F 8 17.82 -24.36 39.00
N LEU F 9 18.90 -23.61 38.80
CA LEU F 9 18.78 -22.31 38.15
C LEU F 9 18.40 -22.47 36.68
N ASP F 10 19.03 -23.42 35.99
CA ASP F 10 18.75 -23.63 34.58
C ASP F 10 17.33 -24.12 34.35
N GLN F 11 16.78 -24.90 35.29
CA GLN F 11 15.41 -25.38 35.15
C GLN F 11 14.40 -24.26 35.36
N LEU F 12 14.69 -23.34 36.30
CA LEU F 12 13.79 -22.23 36.53
C LEU F 12 13.90 -21.18 35.43
N ARG F 13 15.10 -20.97 34.90
CA ARG F 13 15.26 -20.06 33.77
C ARG F 13 14.55 -20.59 32.54
N GLN F 14 14.56 -21.91 32.34
CA GLN F 14 13.79 -22.51 31.26
C GLN F 14 12.30 -22.43 31.55
N GLU F 15 11.89 -22.81 32.77
CA GLU F 15 10.48 -22.85 33.10
C GLU F 15 9.83 -21.47 33.01
N ALA F 16 10.58 -20.42 33.40
CA ALA F 16 10.06 -19.06 33.25
C ALA F 16 9.85 -18.70 31.79
N GLU F 17 10.72 -19.20 30.90
CA GLU F 17 10.56 -18.92 29.48
C GLU F 17 9.38 -19.68 28.89
N GLN F 18 9.03 -20.83 29.46
CA GLN F 18 7.87 -21.57 28.99
C GLN F 18 6.57 -20.92 29.46
N LEU F 19 6.56 -20.35 30.67
CA LEU F 19 5.38 -19.64 31.15
C LEU F 19 5.11 -18.38 30.33
N LYS F 20 6.16 -17.72 29.87
CA LYS F 20 5.98 -16.51 29.07
C LYS F 20 5.29 -16.81 27.75
N ASN F 21 5.51 -18.00 27.18
CA ASN F 21 4.84 -18.37 25.94
C ASN F 21 3.44 -18.92 26.17
N GLN F 22 3.09 -19.30 27.40
CA GLN F 22 1.68 -19.54 27.73
C GLN F 22 0.91 -18.24 27.76
N ILE F 23 1.54 -17.16 28.22
CA ILE F 23 0.88 -15.86 28.28
C ILE F 23 0.53 -15.38 26.89
N ARG F 24 1.49 -15.46 25.96
CA ARG F 24 1.25 -15.00 24.60
C ARG F 24 0.20 -15.85 23.90
N ASP F 25 0.25 -17.18 24.10
CA ASP F 25 -0.72 -18.05 23.46
C ASP F 25 -2.12 -17.86 24.04
N ALA F 26 -2.21 -17.61 25.34
CA ALA F 26 -3.51 -17.29 25.94
C ALA F 26 -4.00 -15.91 25.48
N ARG F 27 -3.08 -14.97 25.28
CA ARG F 27 -3.46 -13.67 24.75
C ARG F 27 -3.85 -13.77 23.28
N LYS F 28 -3.11 -14.57 22.51
CA LYS F 28 -3.44 -14.75 21.09
C LYS F 28 -4.78 -15.44 20.92
N ALA F 29 -5.18 -16.27 21.88
CA ALA F 29 -6.49 -16.90 21.85
C ALA F 29 -7.63 -15.91 22.04
N CYS F 30 -7.34 -14.67 22.43
CA CYS F 30 -8.35 -13.64 22.62
C CYS F 30 -8.36 -12.60 21.51
N ALA F 31 -7.43 -12.67 20.56
CA ALA F 31 -7.35 -11.69 19.48
C ALA F 31 -8.26 -12.12 18.33
N ASP F 32 -9.56 -12.03 18.57
CA ASP F 32 -10.53 -12.31 17.52
C ASP F 32 -10.68 -11.14 16.55
N ALA F 33 -10.39 -9.93 17.01
CA ALA F 33 -10.41 -8.74 16.17
C ALA F 33 -9.63 -7.64 16.86
N THR F 34 -9.24 -6.63 16.09
CA THR F 34 -8.56 -5.48 16.63
C THR F 34 -9.55 -4.34 16.85
N LEU F 35 -9.21 -3.46 17.79
CA LEU F 35 -10.04 -2.27 18.02
C LEU F 35 -10.12 -1.40 16.78
N SER F 36 -9.05 -1.39 15.97
CA SER F 36 -9.09 -0.64 14.71
C SER F 36 -10.18 -1.16 13.79
N GLN F 37 -10.39 -2.48 13.78
CA GLN F 37 -11.46 -3.05 12.97
C GLN F 37 -12.83 -2.68 13.53
N ILE F 38 -13.00 -2.76 14.84
CA ILE F 38 -14.30 -2.48 15.43
C ILE F 38 -14.63 -0.99 15.35
N THR F 39 -13.61 -0.13 15.30
CA THR F 39 -13.81 1.32 15.24
C THR F 39 -13.50 1.91 13.87
N ASN F 40 -13.29 1.07 12.86
CA ASN F 40 -13.07 1.57 11.51
C ASN F 40 -14.31 2.23 10.93
N ASN F 41 -15.48 2.03 11.54
CA ASN F 41 -16.76 2.49 11.03
C ASN F 41 -17.22 3.81 11.62
N ILE F 42 -16.96 4.04 12.91
CA ILE F 42 -17.54 5.19 13.59
C ILE F 42 -17.01 6.48 12.98
N ASP F 43 -17.86 7.52 13.02
CA ASP F 43 -17.47 8.82 12.49
C ASP F 43 -16.32 9.40 13.31
N PRO F 44 -15.44 10.17 12.68
CA PRO F 44 -14.32 10.77 13.42
C PRO F 44 -14.82 11.80 14.41
N VAL F 45 -13.93 12.14 15.35
CA VAL F 45 -14.21 13.16 16.36
C VAL F 45 -14.43 14.54 15.75
N GLY F 46 -14.14 14.71 14.46
CA GLY F 46 -14.04 16.02 13.89
C GLY F 46 -12.68 16.61 14.22
N ARG F 47 -12.52 17.89 13.88
CA ARG F 47 -11.28 18.61 14.19
C ARG F 47 -11.45 19.31 15.54
N ILE F 48 -10.58 18.97 16.49
CA ILE F 48 -10.60 19.58 17.81
C ILE F 48 -9.66 20.79 17.77
N GLN F 49 -10.22 21.99 17.88
CA GLN F 49 -9.46 23.23 17.82
C GLN F 49 -9.58 23.93 19.16
N MET F 50 -8.65 23.64 20.07
CA MET F 50 -8.63 24.25 21.38
C MET F 50 -7.85 25.56 21.35
N ARG F 51 -8.13 26.41 22.33
CA ARG F 51 -7.50 27.72 22.43
C ARG F 51 -6.95 27.92 23.83
N THR F 52 -5.87 28.69 23.92
CA THR F 52 -5.36 29.09 25.22
C THR F 52 -6.33 30.06 25.89
N ARG F 53 -6.73 29.74 27.12
CA ARG F 53 -7.61 30.61 27.88
C ARG F 53 -6.91 31.33 29.02
N ARG F 54 -5.90 30.70 29.62
CA ARG F 54 -5.13 31.31 30.70
C ARG F 54 -3.65 31.01 30.50
N THR F 55 -2.81 31.93 30.96
CA THR F 55 -1.37 31.73 30.99
C THR F 55 -0.88 32.15 32.37
N LEU F 56 -0.39 31.19 33.15
CA LEU F 56 -0.04 31.40 34.55
C LEU F 56 1.46 31.67 34.64
N ARG F 57 1.81 32.96 34.73
CA ARG F 57 3.21 33.39 34.66
C ARG F 57 3.77 33.62 36.06
N GLY F 58 3.98 32.51 36.78
CA GLY F 58 4.52 32.60 38.12
C GLY F 58 5.91 32.03 38.33
N HIS F 59 6.22 30.91 37.69
CA HIS F 59 7.41 30.15 38.04
C HIS F 59 8.67 30.79 37.49
N LEU F 60 9.79 30.55 38.18
CA LEU F 60 11.08 31.14 37.84
C LEU F 60 11.98 30.19 37.06
N ALA F 61 11.59 28.93 36.90
CA ALA F 61 12.41 27.95 36.20
C ALA F 61 11.49 26.91 35.57
N LYS F 62 12.08 25.85 35.03
CA LYS F 62 11.32 24.83 34.32
C LYS F 62 10.30 24.16 35.24
N ILE F 63 9.08 23.99 34.74
CA ILE F 63 8.02 23.30 35.46
C ILE F 63 8.14 21.80 35.19
N TYR F 64 7.99 21.01 36.25
CA TYR F 64 8.16 19.56 36.14
C TYR F 64 6.90 18.76 36.39
N ALA F 65 5.92 19.30 37.13
CA ALA F 65 4.72 18.54 37.42
C ALA F 65 3.60 19.49 37.84
N MET F 66 2.36 19.06 37.60
CA MET F 66 1.19 19.76 38.06
C MET F 66 0.08 18.75 38.32
N HIS F 67 -0.90 19.15 39.13
CA HIS F 67 -2.03 18.28 39.46
C HIS F 67 -3.26 19.12 39.72
N TRP F 68 -4.33 18.85 38.98
CA TRP F 68 -5.60 19.53 39.19
C TRP F 68 -6.20 19.14 40.53
N GLY F 69 -6.92 20.10 41.13
CA GLY F 69 -7.71 19.79 42.30
C GLY F 69 -9.04 19.14 41.94
N THR F 70 -9.73 18.67 42.98
CA THR F 70 -11.01 17.99 42.75
C THR F 70 -12.09 18.95 42.28
N ASP F 71 -12.01 20.21 42.68
CA ASP F 71 -13.01 21.21 42.29
C ASP F 71 -12.79 21.75 40.89
N SER F 72 -11.81 21.22 40.14
CA SER F 72 -11.52 21.63 38.77
C SER F 72 -11.15 23.10 38.65
N ARG F 73 -10.82 23.74 39.77
CA ARG F 73 -10.50 25.16 39.78
C ARG F 73 -9.08 25.43 40.27
N LEU F 74 -8.67 24.82 41.38
CA LEU F 74 -7.35 25.01 41.93
C LEU F 74 -6.40 23.93 41.42
N LEU F 75 -5.17 24.33 41.11
CA LEU F 75 -4.15 23.39 40.67
C LEU F 75 -2.81 23.78 41.30
N VAL F 76 -2.01 22.77 41.64
CA VAL F 76 -0.68 22.94 42.20
C VAL F 76 0.34 22.53 41.13
N SER F 77 1.47 23.23 41.11
CA SER F 77 2.51 22.95 40.14
C SER F 77 3.88 23.04 40.80
N ALA F 78 4.79 22.17 40.38
CA ALA F 78 6.13 22.08 40.96
C ALA F 78 7.16 22.57 39.94
N SER F 79 8.08 23.41 40.40
CA SER F 79 9.15 23.94 39.57
C SER F 79 10.49 23.79 40.28
N GLN F 80 11.56 23.70 39.50
CA GLN F 80 12.88 23.45 40.05
C GLN F 80 13.55 24.73 40.55
N ASP F 81 12.84 25.85 40.61
CA ASP F 81 13.32 27.01 41.34
C ASP F 81 13.14 26.87 42.84
N GLY F 82 12.60 25.74 43.29
CA GLY F 82 12.32 25.53 44.70
C GLY F 82 10.97 26.04 45.15
N LYS F 83 10.00 26.18 44.24
CA LYS F 83 8.70 26.74 44.56
C LYS F 83 7.59 25.76 44.21
N LEU F 84 6.56 25.74 45.04
CA LEU F 84 5.33 24.98 44.80
C LEU F 84 4.18 25.97 44.85
N ILE F 85 3.60 26.28 43.69
CA ILE F 85 2.59 27.34 43.56
C ILE F 85 1.23 26.69 43.35
N ILE F 86 0.23 27.20 44.06
CA ILE F 86 -1.16 26.80 43.90
C ILE F 86 -1.89 27.91 43.17
N TRP F 87 -2.59 27.56 42.10
CA TRP F 87 -3.22 28.52 41.21
C TRP F 87 -4.74 28.49 41.35
N ASP F 88 -5.36 29.65 41.17
CA ASP F 88 -6.79 29.76 40.93
C ASP F 88 -6.94 30.03 39.43
N SER F 89 -7.15 28.96 38.66
CA SER F 89 -7.13 29.07 37.20
C SER F 89 -8.25 29.95 36.66
N TYR F 90 -9.31 30.17 37.44
CA TYR F 90 -10.38 31.05 36.98
C TYR F 90 -9.92 32.50 36.96
N THR F 91 -9.14 32.91 37.96
CA THR F 91 -8.68 34.29 38.08
C THR F 91 -7.17 34.45 37.95
N THR F 92 -6.44 33.37 37.66
CA THR F 92 -4.98 33.37 37.53
C THR F 92 -4.28 33.89 38.78
N ASN F 93 -4.96 33.89 39.93
CA ASN F 93 -4.37 34.37 41.17
C ASN F 93 -3.57 33.27 41.84
N LYS F 94 -2.42 33.65 42.38
CA LYS F 94 -1.58 32.73 43.15
C LYS F 94 -2.07 32.73 44.59
N VAL F 95 -2.51 31.56 45.06
CA VAL F 95 -3.01 31.43 46.42
C VAL F 95 -1.89 31.11 47.40
N HIS F 96 -0.94 30.28 46.99
CA HIS F 96 0.20 29.92 47.83
C HIS F 96 1.45 29.84 46.96
N ALA F 97 2.59 30.20 47.56
CA ALA F 97 3.91 30.08 46.93
C ALA F 97 4.82 29.43 47.97
N ILE F 98 4.96 28.12 47.87
CA ILE F 98 5.60 27.31 48.90
C ILE F 98 7.06 27.11 48.52
N PRO F 99 8.02 27.60 49.30
CA PRO F 99 9.41 27.20 49.08
C PRO F 99 9.63 25.75 49.46
N LEU F 100 10.47 25.07 48.70
CA LEU F 100 10.81 23.68 48.96
C LEU F 100 12.22 23.58 49.55
N ARG F 101 12.41 22.59 50.42
CA ARG F 101 13.75 22.33 50.94
C ARG F 101 14.70 21.91 49.83
N SER F 102 14.25 21.01 48.96
CA SER F 102 15.03 20.56 47.81
C SER F 102 14.49 21.21 46.55
N SER F 103 15.39 21.77 45.74
CA SER F 103 14.99 22.41 44.49
C SER F 103 14.69 21.41 43.38
N TRP F 104 15.23 20.19 43.46
CA TRP F 104 15.15 19.23 42.36
C TRP F 104 13.89 18.36 42.49
N VAL F 105 12.74 19.02 42.42
CA VAL F 105 11.45 18.36 42.51
C VAL F 105 11.07 17.80 41.14
N MET F 106 10.39 16.65 41.15
CA MET F 106 9.90 16.04 39.92
C MET F 106 8.44 15.65 39.96
N THR F 107 7.78 15.70 41.11
CA THR F 107 6.38 15.32 41.20
C THR F 107 5.68 16.17 42.24
N CYS F 108 4.37 16.29 42.09
CA CYS F 108 3.53 17.02 43.04
C CYS F 108 2.10 16.53 42.89
N ALA F 109 1.38 16.47 44.00
CA ALA F 109 0.01 15.98 44.01
C ALA F 109 -0.86 16.90 44.86
N TYR F 110 -2.15 16.94 44.51
CA TYR F 110 -3.16 17.65 45.26
C TYR F 110 -4.08 16.63 45.92
N ALA F 111 -4.26 16.75 47.23
CA ALA F 111 -5.13 15.82 47.94
C ALA F 111 -6.57 16.00 47.48
N PRO F 112 -7.35 14.92 47.39
CA PRO F 112 -8.74 15.06 46.94
C PRO F 112 -9.61 15.88 47.87
N SER F 113 -9.23 16.01 49.14
CA SER F 113 -9.95 16.86 50.08
C SER F 113 -9.56 18.32 49.98
N GLY F 114 -8.53 18.65 49.21
CA GLY F 114 -8.04 20.01 49.14
C GLY F 114 -7.27 20.48 50.35
N ASN F 115 -6.95 19.57 51.28
CA ASN F 115 -6.31 19.95 52.53
C ASN F 115 -4.79 19.87 52.48
N TYR F 116 -4.23 19.00 51.63
CA TYR F 116 -2.80 18.78 51.60
C TYR F 116 -2.30 18.76 50.15
N VAL F 117 -1.00 18.98 50.00
CA VAL F 117 -0.32 18.85 48.72
C VAL F 117 0.96 18.06 48.94
N ALA F 118 1.29 17.21 47.97
CA ALA F 118 2.47 16.37 48.05
C ALA F 118 3.56 16.91 47.12
N CYS F 119 4.79 16.45 47.36
CA CYS F 119 5.95 16.96 46.65
C CYS F 119 7.12 16.03 46.90
N GLY F 120 7.97 15.89 45.89
CA GLY F 120 9.13 15.02 46.01
C GLY F 120 9.95 15.03 44.74
N GLY F 121 11.19 14.57 44.88
CA GLY F 121 12.12 14.58 43.77
C GLY F 121 13.41 13.82 44.05
N LEU F 122 14.54 14.40 43.64
CA LEU F 122 15.84 13.76 43.84
C LEU F 122 16.21 13.61 45.30
N ASP F 123 15.51 14.29 46.21
CA ASP F 123 15.79 14.14 47.63
C ASP F 123 15.36 12.79 48.18
N ASN F 124 14.69 11.96 47.38
CA ASN F 124 14.16 10.66 47.81
C ASN F 124 13.17 10.79 48.95
N ILE F 125 12.47 11.93 48.98
CA ILE F 125 11.54 12.27 50.06
C ILE F 125 10.21 12.66 49.45
N CYS F 126 9.11 12.21 50.06
CA CYS F 126 7.76 12.63 49.68
C CYS F 126 7.27 13.57 50.78
N SER F 127 7.35 14.87 50.53
CA SER F 127 7.01 15.87 51.53
C SER F 127 5.54 16.26 51.40
N ILE F 128 4.84 16.28 52.54
CA ILE F 128 3.45 16.70 52.61
C ILE F 128 3.38 18.10 53.20
N TYR F 129 2.49 18.92 52.67
CA TYR F 129 2.31 20.29 53.14
C TYR F 129 0.86 20.47 53.55
N ASN F 130 0.63 20.81 54.82
CA ASN F 130 -0.72 21.08 55.31
C ASN F 130 -1.13 22.46 54.85
N LEU F 131 -2.14 22.53 53.98
CA LEU F 131 -2.64 23.80 53.49
C LEU F 131 -3.56 24.51 54.47
N LYS F 132 -3.99 23.83 55.53
CA LYS F 132 -4.94 24.38 56.49
C LYS F 132 -4.29 24.55 57.86
N THR F 133 -3.03 24.98 57.89
CA THR F 133 -2.35 25.24 59.15
C THR F 133 -3.04 26.37 59.90
N ARG F 134 -3.05 26.26 61.23
CA ARG F 134 -3.70 27.29 62.04
C ARG F 134 -2.85 28.55 62.11
N GLU F 135 -1.57 28.41 62.44
CA GLU F 135 -0.67 29.54 62.57
C GLU F 135 0.40 29.50 61.47
N GLY F 136 0.87 30.69 61.09
CA GLY F 136 1.90 30.80 60.08
C GLY F 136 1.39 30.48 58.68
N ASN F 137 2.34 30.45 57.75
CA ASN F 137 2.06 30.10 56.37
C ASN F 137 2.37 28.63 56.14
N VAL F 138 2.28 28.18 54.90
CA VAL F 138 2.33 26.75 54.60
C VAL F 138 3.78 26.28 54.59
N ARG F 139 4.04 25.19 55.30
CA ARG F 139 5.31 24.48 55.25
C ARG F 139 5.02 23.00 55.50
N VAL F 140 6.07 22.17 55.46
CA VAL F 140 5.86 20.73 55.58
C VAL F 140 5.33 20.40 56.97
N SER F 141 4.29 19.58 57.02
CA SER F 141 3.87 18.94 58.25
C SER F 141 4.47 17.55 58.42
N ARG F 142 4.97 16.96 57.33
CA ARG F 142 5.70 15.70 57.37
C ARG F 142 6.36 15.48 56.02
N GLU F 143 7.50 14.80 56.04
CA GLU F 143 8.20 14.38 54.83
C GLU F 143 8.57 12.91 54.98
N LEU F 144 8.16 12.10 53.99
CA LEU F 144 8.27 10.65 54.07
C LEU F 144 9.61 10.19 53.52
N ALA F 145 10.28 9.30 54.26
CA ALA F 145 11.62 8.82 53.90
C ALA F 145 11.67 7.30 53.99
N GLY F 146 11.37 6.63 52.88
CA GLY F 146 11.56 5.20 52.80
C GLY F 146 12.32 4.71 51.59
N HIS F 147 12.36 5.53 50.54
CA HIS F 147 12.92 5.11 49.26
C HIS F 147 14.42 5.33 49.21
N THR F 148 15.10 4.45 48.48
CA THR F 148 16.51 4.62 48.17
C THR F 148 16.72 5.21 46.78
N GLY F 149 15.64 5.51 46.05
CA GLY F 149 15.74 6.09 44.74
C GLY F 149 14.94 7.38 44.64
N TYR F 150 15.08 8.05 43.50
CA TYR F 150 14.46 9.35 43.30
C TYR F 150 12.95 9.20 43.11
N LEU F 151 12.19 10.08 43.74
CA LEU F 151 10.73 10.04 43.70
C LEU F 151 10.24 10.57 42.36
N SER F 152 9.43 9.76 41.67
CA SER F 152 8.95 10.09 40.33
C SER F 152 7.49 10.48 40.27
N CYS F 153 6.63 9.82 41.02
CA CYS F 153 5.20 10.11 40.98
C CYS F 153 4.58 9.75 42.32
N CYS F 154 3.62 10.55 42.76
CA CYS F 154 2.92 10.31 44.02
C CYS F 154 1.49 10.82 43.90
N ARG F 155 0.55 10.06 44.45
CA ARG F 155 -0.87 10.36 44.34
C ARG F 155 -1.59 9.98 45.62
N PHE F 156 -2.38 10.92 46.15
CA PHE F 156 -3.16 10.68 47.35
C PHE F 156 -4.32 9.73 47.06
N LEU F 157 -4.70 8.96 48.07
CA LEU F 157 -5.96 8.23 48.10
C LEU F 157 -6.99 8.87 49.00
N ASP F 158 -6.57 9.27 50.20
CA ASP F 158 -7.33 10.12 51.10
C ASP F 158 -6.31 10.97 51.86
N ASP F 159 -6.74 11.58 52.97
CA ASP F 159 -5.85 12.48 53.68
C ASP F 159 -4.77 11.78 54.48
N ASN F 160 -4.83 10.46 54.65
CA ASN F 160 -3.84 9.74 55.43
C ASN F 160 -3.13 8.63 54.66
N GLN F 161 -3.48 8.40 53.40
CA GLN F 161 -2.82 7.37 52.60
C GLN F 161 -2.38 7.98 51.28
N ILE F 162 -1.16 7.63 50.87
CA ILE F 162 -0.59 8.15 49.62
C ILE F 162 0.30 7.08 49.01
N VAL F 163 0.25 6.96 47.69
CA VAL F 163 1.05 6.00 46.93
C VAL F 163 2.16 6.76 46.23
N THR F 164 3.38 6.22 46.28
CA THR F 164 4.53 6.85 45.66
C THR F 164 5.21 5.87 44.71
N SER F 165 5.92 6.42 43.73
CA SER F 165 6.79 5.65 42.85
C SER F 165 8.19 6.23 42.94
N SER F 166 9.20 5.38 42.72
CA SER F 166 10.58 5.77 42.93
C SER F 166 11.46 5.20 41.83
N GLY F 167 12.73 5.61 41.85
CA GLY F 167 13.74 5.10 40.96
C GLY F 167 14.44 3.86 41.45
N ASP F 168 14.14 3.40 42.66
CA ASP F 168 14.65 2.14 43.16
C ASP F 168 13.82 0.94 42.70
N THR F 169 13.03 1.13 41.63
CA THR F 169 12.24 0.07 41.01
C THR F 169 11.12 -0.44 41.92
N THR F 170 10.66 0.39 42.86
CA THR F 170 9.64 -0.01 43.82
C THR F 170 8.55 1.05 43.91
N CYS F 171 7.39 0.62 44.40
CA CYS F 171 6.28 1.50 44.74
C CYS F 171 5.80 1.15 46.15
N ALA F 172 5.24 2.13 46.83
CA ALA F 172 4.86 1.95 48.22
C ALA F 172 3.54 2.63 48.51
N LEU F 173 2.82 2.08 49.49
CA LEU F 173 1.62 2.70 50.06
C LEU F 173 1.95 3.17 51.47
N TRP F 174 1.66 4.43 51.75
CA TRP F 174 2.12 5.08 52.97
C TRP F 174 0.95 5.38 53.92
N ASP F 175 1.17 5.11 55.20
CA ASP F 175 0.34 5.64 56.27
C ASP F 175 0.98 6.96 56.70
N ILE F 176 0.30 8.08 56.40
CA ILE F 176 0.95 9.37 56.48
C ILE F 176 1.33 9.71 57.92
N GLU F 177 0.39 9.60 58.85
CA GLU F 177 0.65 10.04 60.22
C GLU F 177 1.75 9.21 60.87
N THR F 178 1.64 7.89 60.83
CA THR F 178 2.67 7.05 61.43
C THR F 178 3.96 7.08 60.62
N GLY F 179 3.86 7.35 59.31
CA GLY F 179 5.03 7.33 58.47
C GLY F 179 5.48 5.95 58.05
N GLN F 180 4.62 4.95 58.18
CA GLN F 180 4.96 3.59 57.81
C GLN F 180 4.55 3.29 56.38
N GLN F 181 5.21 2.29 55.79
CA GLN F 181 4.82 1.74 54.50
C GLN F 181 3.81 0.63 54.76
N THR F 182 2.53 0.91 54.45
CA THR F 182 1.50 -0.11 54.63
C THR F 182 1.76 -1.33 53.75
N THR F 183 2.30 -1.11 52.55
CA THR F 183 2.53 -2.18 51.59
C THR F 183 3.60 -1.74 50.62
N THR F 184 4.40 -2.69 50.15
CA THR F 184 5.49 -2.43 49.22
C THR F 184 5.25 -3.20 47.93
N PHE F 185 5.37 -2.50 46.80
CA PHE F 185 5.12 -3.07 45.48
C PHE F 185 6.44 -3.19 44.74
N THR F 186 6.95 -4.42 44.62
CA THR F 186 8.26 -4.69 44.01
C THR F 186 8.13 -5.76 42.93
N GLY F 187 8.08 -5.33 41.67
CA GLY F 187 8.26 -6.28 40.58
C GLY F 187 9.01 -5.72 39.39
N HIS F 188 9.36 -4.44 39.46
CA HIS F 188 9.96 -3.75 38.32
C HIS F 188 11.47 -3.90 38.33
N THR F 189 12.05 -3.94 37.13
CA THR F 189 13.49 -4.03 36.97
C THR F 189 14.12 -2.71 36.52
N GLY F 190 13.30 -1.67 36.30
CA GLY F 190 13.80 -0.35 35.96
C GLY F 190 13.12 0.71 36.79
N ASP F 191 13.58 1.95 36.59
CA ASP F 191 13.03 3.08 37.33
C ASP F 191 11.53 3.21 37.05
N VAL F 192 10.74 3.23 38.11
CA VAL F 192 9.31 3.50 37.99
C VAL F 192 9.13 5.00 37.79
N MET F 193 8.50 5.38 36.69
CA MET F 193 8.42 6.79 36.30
C MET F 193 7.05 7.42 36.54
N SER F 194 5.98 6.63 36.55
N SER F 194 5.98 6.63 36.54
CA SER F 194 4.64 7.19 36.70
CA SER F 194 4.65 7.19 36.71
C SER F 194 3.72 6.11 37.25
C SER F 194 3.71 6.12 37.25
N LEU F 195 2.63 6.58 37.86
CA LEU F 195 1.59 5.69 38.38
C LEU F 195 0.24 6.39 38.21
N SER F 196 -0.81 5.57 38.14
CA SER F 196 -2.16 6.09 37.97
C SER F 196 -3.11 5.29 38.85
N LEU F 197 -3.88 5.99 39.69
CA LEU F 197 -4.86 5.34 40.54
C LEU F 197 -6.15 5.09 39.76
N ALA F 198 -6.70 3.89 39.90
CA ALA F 198 -7.99 3.58 39.29
C ALA F 198 -9.10 4.35 40.02
N PRO F 199 -10.22 4.59 39.34
CA PRO F 199 -11.31 5.34 39.99
C PRO F 199 -11.80 4.71 41.29
N ASP F 200 -11.76 3.39 41.40
CA ASP F 200 -12.23 2.70 42.60
C ASP F 200 -11.18 2.64 43.71
N THR F 201 -10.07 3.38 43.57
CA THR F 201 -8.99 3.49 44.56
C THR F 201 -8.51 2.13 45.07
N ARG F 202 -8.80 1.06 44.32
CA ARG F 202 -8.48 -0.30 44.73
C ARG F 202 -7.29 -0.91 44.00
N LEU F 203 -7.07 -0.53 42.74
CA LEU F 203 -5.89 -0.95 42.00
C LEU F 203 -5.22 0.28 41.39
N PHE F 204 -3.97 0.11 40.99
CA PHE F 204 -3.25 1.18 40.31
C PHE F 204 -2.19 0.57 39.42
N VAL F 205 -1.95 1.23 38.29
CA VAL F 205 -0.96 0.80 37.32
C VAL F 205 0.30 1.62 37.51
N SER F 206 1.40 1.15 36.93
CA SER F 206 2.68 1.83 37.06
C SER F 206 3.53 1.53 35.83
N GLY F 207 3.98 2.59 35.15
CA GLY F 207 4.91 2.46 34.05
C GLY F 207 6.34 2.67 34.56
N ALA F 208 7.25 1.85 34.06
CA ALA F 208 8.64 1.87 34.52
C ALA F 208 9.59 1.88 33.34
N CYS F 209 10.88 2.01 33.64
CA CYS F 209 11.93 2.09 32.63
C CYS F 209 12.24 0.74 31.98
N ASP F 210 11.64 -0.35 32.45
CA ASP F 210 11.80 -1.64 31.82
C ASP F 210 10.80 -1.87 30.69
N ALA F 211 10.21 -0.79 30.16
CA ALA F 211 9.24 -0.84 29.06
C ALA F 211 8.01 -1.67 29.40
N SER F 212 7.71 -1.85 30.69
CA SER F 212 6.57 -2.65 31.12
C SER F 212 5.68 -1.82 32.05
N ALA F 213 4.40 -2.20 32.08
CA ALA F 213 3.43 -1.59 32.98
C ALA F 213 2.77 -2.71 33.78
N LYS F 214 2.73 -2.53 35.10
CA LYS F 214 2.22 -3.55 36.00
C LYS F 214 0.96 -3.06 36.69
N LEU F 215 -0.01 -3.97 36.82
CA LEU F 215 -1.27 -3.70 37.50
C LEU F 215 -1.15 -4.21 38.93
N TRP F 216 -1.12 -3.30 39.89
CA TRP F 216 -0.92 -3.65 41.29
C TRP F 216 -2.24 -3.66 42.04
N ASP F 217 -2.29 -4.48 43.10
CA ASP F 217 -3.42 -4.51 44.02
C ASP F 217 -3.01 -3.79 45.30
N VAL F 218 -3.81 -2.83 45.74
CA VAL F 218 -3.41 -1.94 46.82
C VAL F 218 -3.37 -2.68 48.15
N ARG F 219 -4.45 -3.41 48.47
CA ARG F 219 -4.56 -3.98 49.81
C ARG F 219 -3.64 -5.18 50.00
N GLU F 220 -3.41 -5.98 48.97
CA GLU F 220 -2.58 -7.17 49.09
C GLU F 220 -1.17 -7.00 48.53
N GLY F 221 -0.91 -5.93 47.78
CA GLY F 221 0.42 -5.69 47.25
C GLY F 221 0.88 -6.70 46.23
N MET F 222 -0.04 -7.16 45.37
CA MET F 222 0.25 -8.17 44.37
C MET F 222 0.34 -7.52 42.99
N CYS F 223 1.21 -8.05 42.15
CA CYS F 223 1.29 -7.65 40.75
C CYS F 223 0.41 -8.62 39.95
N ARG F 224 -0.80 -8.19 39.63
CA ARG F 224 -1.77 -9.09 39.02
C ARG F 224 -1.50 -9.28 37.52
N GLN F 225 -1.18 -8.21 36.81
CA GLN F 225 -1.02 -8.28 35.36
C GLN F 225 0.14 -7.39 34.92
N THR F 226 1.02 -7.95 34.09
CA THR F 226 2.14 -7.22 33.52
C THR F 226 1.92 -7.04 32.02
N PHE F 227 1.96 -5.79 31.57
CA PHE F 227 1.72 -5.45 30.17
C PHE F 227 3.01 -4.93 29.54
N THR F 228 3.28 -5.39 28.31
CA THR F 228 4.48 -5.03 27.58
C THR F 228 4.11 -4.62 26.16
N GLY F 229 5.12 -4.21 25.39
CA GLY F 229 4.92 -3.82 24.01
C GLY F 229 5.71 -2.59 23.60
N HIS F 230 5.94 -1.68 24.54
CA HIS F 230 6.74 -0.50 24.26
C HIS F 230 8.20 -0.87 24.07
N GLU F 231 8.87 -0.15 23.17
CA GLU F 231 10.27 -0.42 22.87
C GLU F 231 11.23 0.23 23.86
N SER F 232 10.77 1.21 24.64
CA SER F 232 11.69 1.99 25.48
C SER F 232 10.99 2.36 26.78
N ASP F 233 11.60 3.30 27.51
CA ASP F 233 11.13 3.67 28.84
C ASP F 233 9.71 4.23 28.79
N ILE F 234 8.87 3.77 29.71
CA ILE F 234 7.52 4.30 29.88
C ILE F 234 7.60 5.48 30.83
N ASN F 235 7.24 6.66 30.34
CA ASN F 235 7.33 7.89 31.13
C ASN F 235 5.99 8.34 31.71
N ALA F 236 4.88 7.95 31.11
CA ALA F 236 3.56 8.40 31.54
C ALA F 236 2.58 7.25 31.50
N ILE F 237 1.55 7.35 32.31
CA ILE F 237 0.53 6.31 32.42
C ILE F 237 -0.73 6.94 33.00
N CYS F 238 -1.89 6.49 32.51
CA CYS F 238 -3.16 7.10 32.90
C CYS F 238 -4.28 6.11 32.66
N PHE F 239 -5.27 6.13 33.55
CA PHE F 239 -6.40 5.20 33.50
C PHE F 239 -7.49 5.71 32.57
N PHE F 240 -8.16 4.76 31.90
CA PHE F 240 -9.41 5.07 31.22
C PHE F 240 -10.49 5.38 32.26
N PRO F 241 -11.40 6.31 31.95
CA PRO F 241 -12.37 6.75 32.98
C PRO F 241 -13.18 5.63 33.62
N ASN F 242 -13.38 4.49 32.95
CA ASN F 242 -14.19 3.43 33.55
C ASN F 242 -13.38 2.46 34.40
N GLY F 243 -12.06 2.59 34.42
CA GLY F 243 -11.23 1.71 35.22
C GLY F 243 -10.95 0.36 34.61
N ASN F 244 -11.18 0.18 33.32
CA ASN F 244 -10.91 -1.07 32.64
C ASN F 244 -9.74 -1.01 31.69
N ALA F 245 -9.19 0.18 31.42
CA ALA F 245 -8.09 0.32 30.48
C ALA F 245 -7.16 1.43 30.97
N PHE F 246 -5.92 1.37 30.49
CA PHE F 246 -4.94 2.41 30.77
C PHE F 246 -4.13 2.69 29.52
N ALA F 247 -3.60 3.90 29.43
CA ALA F 247 -2.76 4.34 28.32
C ALA F 247 -1.38 4.71 28.84
N THR F 248 -0.37 4.44 28.03
CA THR F 248 1.02 4.69 28.40
C THR F 248 1.68 5.59 27.36
N GLY F 249 2.71 6.29 27.80
CA GLY F 249 3.54 7.08 26.92
C GLY F 249 5.00 6.78 27.17
N SER F 250 5.77 6.67 26.08
CA SER F 250 7.12 6.14 26.18
C SER F 250 8.06 6.95 25.29
N ASP F 251 9.36 6.65 25.43
CA ASP F 251 10.41 7.28 24.64
C ASP F 251 10.39 6.87 23.18
N ASP F 252 9.66 5.80 22.84
CA ASP F 252 9.60 5.32 21.46
C ASP F 252 8.63 6.12 20.60
N ALA F 253 8.27 7.33 21.03
CA ALA F 253 7.33 8.19 20.31
C ALA F 253 5.97 7.51 20.13
N THR F 254 5.59 6.69 21.10
CA THR F 254 4.43 5.81 20.96
C THR F 254 3.54 5.89 22.19
N CYS F 255 2.24 5.99 21.95
CA CYS F 255 1.22 5.80 22.98
C CYS F 255 0.53 4.47 22.72
N ARG F 256 0.20 3.76 23.80
CA ARG F 256 -0.41 2.44 23.68
C ARG F 256 -1.55 2.31 24.68
N LEU F 257 -2.61 1.64 24.26
CA LEU F 257 -3.80 1.42 25.08
C LEU F 257 -3.91 -0.07 25.39
N PHE F 258 -3.93 -0.40 26.68
CA PHE F 258 -4.09 -1.77 27.15
C PHE F 258 -5.41 -1.91 27.88
N ASP F 259 -6.00 -3.10 27.80
CA ASP F 259 -7.19 -3.43 28.57
C ASP F 259 -6.85 -4.46 29.63
N LEU F 260 -7.45 -4.29 30.82
CA LEU F 260 -7.15 -5.19 31.93
C LEU F 260 -7.80 -6.55 31.73
N ARG F 261 -9.06 -6.58 31.31
CA ARG F 261 -9.75 -7.85 31.11
C ARG F 261 -9.20 -8.59 29.89
N ALA F 262 -8.98 -7.87 28.79
CA ALA F 262 -8.39 -8.50 27.60
C ALA F 262 -6.92 -8.85 27.83
N ASP F 263 -6.23 -8.10 28.71
CA ASP F 263 -4.88 -8.41 29.15
C ASP F 263 -3.89 -8.39 27.97
N GLN F 264 -3.97 -7.35 27.16
CA GLN F 264 -3.03 -7.18 26.05
C GLN F 264 -3.20 -5.77 25.47
N GLU F 265 -2.33 -5.45 24.53
CA GLU F 265 -2.38 -4.17 23.83
C GLU F 265 -3.59 -4.12 22.90
N LEU F 266 -4.21 -2.95 22.79
CA LEU F 266 -5.35 -2.76 21.92
C LEU F 266 -5.06 -1.76 20.81
N MET F 267 -4.62 -0.54 21.14
CA MET F 267 -4.38 0.50 20.16
C MET F 267 -2.98 1.09 20.36
N THR F 268 -2.36 1.46 19.25
CA THR F 268 -1.02 2.03 19.24
C THR F 268 -1.05 3.37 18.52
N TYR F 269 -0.73 4.44 19.23
CA TYR F 269 -0.80 5.81 18.70
C TYR F 269 0.61 6.25 18.33
N SER F 270 0.82 6.48 17.03
CA SER F 270 2.14 6.87 16.54
C SER F 270 1.96 7.69 15.27
N HIS F 271 3.08 7.96 14.60
CA HIS F 271 3.10 8.66 13.33
C HIS F 271 4.41 8.30 12.65
N ASP F 272 4.53 8.68 11.39
CA ASP F 272 5.79 8.52 10.67
C ASP F 272 6.66 9.77 10.73
N ASN F 273 6.15 10.85 11.32
CA ASN F 273 6.93 12.08 11.50
C ASN F 273 7.12 12.44 12.96
N ILE F 274 6.79 11.54 13.88
CA ILE F 274 6.94 11.78 15.32
C ILE F 274 8.04 10.87 15.83
N ILE F 275 9.12 11.47 16.35
CA ILE F 275 10.31 10.74 16.75
C ILE F 275 10.60 10.92 18.24
N CYS F 276 10.44 12.13 18.76
CA CYS F 276 10.78 12.42 20.14
C CYS F 276 9.83 11.67 21.10
N GLY F 277 10.24 11.61 22.36
CA GLY F 277 9.51 10.87 23.36
C GLY F 277 8.24 11.57 23.81
N ILE F 278 7.55 10.91 24.74
CA ILE F 278 6.27 11.39 25.28
C ILE F 278 6.42 11.55 26.79
N THR F 279 5.94 12.67 27.31
CA THR F 279 6.15 13.03 28.71
C THR F 279 4.91 12.89 29.59
N SER F 280 3.71 12.99 29.02
CA SER F 280 2.49 12.93 29.82
C SER F 280 1.34 12.43 28.95
N VAL F 281 0.38 11.77 29.60
CA VAL F 281 -0.83 11.30 28.94
C VAL F 281 -2.02 11.51 29.87
N SER F 282 -3.18 11.74 29.27
CA SER F 282 -4.43 11.89 30.01
C SER F 282 -5.60 11.78 29.04
N PHE F 283 -6.68 11.20 29.52
CA PHE F 283 -7.90 11.06 28.73
C PHE F 283 -8.82 12.25 28.94
N SER F 284 -9.73 12.45 27.99
CA SER F 284 -10.86 13.33 28.23
C SER F 284 -11.84 12.66 29.19
N LYS F 285 -12.89 13.40 29.58
CA LYS F 285 -13.80 12.88 30.59
C LYS F 285 -14.54 11.63 30.09
N SER F 286 -14.86 11.58 28.80
CA SER F 286 -15.49 10.41 28.23
C SER F 286 -14.50 9.37 27.75
N GLY F 287 -13.19 9.60 27.94
CA GLY F 287 -12.18 8.72 27.43
C GLY F 287 -12.05 8.67 25.93
N ARG F 288 -12.80 9.50 25.20
CA ARG F 288 -12.75 9.49 23.75
C ARG F 288 -11.48 10.15 23.22
N LEU F 289 -10.96 11.14 23.93
CA LEU F 289 -9.73 11.82 23.56
C LEU F 289 -8.56 11.34 24.41
N LEU F 290 -7.38 11.30 23.80
CA LEU F 290 -6.15 10.97 24.51
C LEU F 290 -5.14 12.07 24.23
N LEU F 291 -4.86 12.88 25.25
CA LEU F 291 -3.93 14.00 25.13
C LEU F 291 -2.55 13.58 25.61
N ALA F 292 -1.53 13.87 24.81
CA ALA F 292 -0.16 13.47 25.13
C ALA F 292 0.80 14.59 24.74
N GLY F 293 1.70 14.94 25.64
CA GLY F 293 2.71 15.96 25.39
C GLY F 293 4.06 15.35 25.10
N TYR F 294 4.80 15.96 24.18
CA TYR F 294 6.04 15.42 23.66
C TYR F 294 7.21 16.35 23.99
N ASP F 295 8.40 15.95 23.52
CA ASP F 295 9.59 16.78 23.65
C ASP F 295 9.66 17.87 22.59
N ASP F 296 8.88 17.76 21.52
CA ASP F 296 8.90 18.73 20.43
C ASP F 296 8.06 19.98 20.71
N PHE F 297 7.76 20.23 21.99
CA PHE F 297 7.10 21.44 22.50
C PHE F 297 5.60 21.41 22.28
N ASN F 298 5.02 20.28 21.86
CA ASN F 298 3.62 20.22 21.46
C ASN F 298 2.89 19.12 22.21
N CYS F 299 1.57 19.22 22.22
CA CYS F 299 0.68 18.20 22.75
C CYS F 299 -0.30 17.81 21.64
N ASN F 300 -0.48 16.51 21.45
CA ASN F 300 -1.38 15.99 20.43
C ASN F 300 -2.66 15.47 21.05
N VAL F 301 -3.79 15.76 20.39
CA VAL F 301 -5.09 15.26 20.79
C VAL F 301 -5.38 14.04 19.93
N TRP F 302 -5.27 12.86 20.53
CA TRP F 302 -5.51 11.62 19.81
C TRP F 302 -6.97 11.19 19.96
N ASP F 303 -7.48 10.54 18.90
CA ASP F 303 -8.77 9.89 18.98
C ASP F 303 -8.56 8.50 19.58
N ALA F 304 -9.12 8.28 20.77
CA ALA F 304 -8.83 7.05 21.51
C ALA F 304 -9.34 5.79 20.81
N LEU F 305 -10.27 5.92 19.86
CA LEU F 305 -10.85 4.77 19.20
C LEU F 305 -10.37 4.55 17.78
N LYS F 306 -10.05 5.62 17.04
CA LYS F 306 -9.65 5.50 15.65
C LYS F 306 -8.15 5.72 15.42
N ALA F 307 -7.40 6.07 16.47
CA ALA F 307 -5.94 6.20 16.39
C ALA F 307 -5.51 7.24 15.35
N ASP F 308 -6.30 8.28 15.17
CA ASP F 308 -5.97 9.38 14.27
C ASP F 308 -5.81 10.66 15.07
N ARG F 309 -4.89 11.51 14.64
CA ARG F 309 -4.65 12.77 15.35
C ARG F 309 -5.80 13.74 15.11
N ALA F 310 -6.39 14.23 16.20
CA ALA F 310 -7.55 15.12 16.12
C ALA F 310 -7.20 16.58 16.32
N GLY F 311 -6.04 16.89 16.87
CA GLY F 311 -5.65 18.27 17.09
C GLY F 311 -4.32 18.32 17.82
N VAL F 312 -3.73 19.50 17.80
CA VAL F 312 -2.42 19.73 18.41
C VAL F 312 -2.47 20.98 19.27
N LEU F 313 -1.96 20.87 20.50
CA LEU F 313 -1.76 22.03 21.38
C LEU F 313 -0.36 22.57 21.11
N ALA F 314 -0.28 23.76 20.51
CA ALA F 314 0.99 24.38 20.14
C ALA F 314 1.05 25.79 20.71
N GLY F 315 1.46 25.91 21.96
CA GLY F 315 1.65 27.22 22.56
C GLY F 315 2.99 27.39 23.26
N HIS F 316 3.65 26.29 23.59
CA HIS F 316 4.84 26.35 24.44
C HIS F 316 6.10 26.46 23.60
N ASP F 317 7.11 27.12 24.17
CA ASP F 317 8.39 27.34 23.52
C ASP F 317 9.48 26.42 24.05
N ASN F 318 9.13 25.45 24.87
CA ASN F 318 10.08 24.44 25.33
C ASN F 318 9.33 23.14 25.60
N ARG F 319 10.05 22.15 26.12
CA ARG F 319 9.52 20.80 26.25
C ARG F 319 8.33 20.78 27.21
N VAL F 320 7.23 20.20 26.74
CA VAL F 320 6.06 19.97 27.60
C VAL F 320 6.37 18.82 28.54
N SER F 321 6.19 19.06 29.85
CA SER F 321 6.56 18.08 30.86
C SER F 321 5.37 17.42 31.55
N CYS F 322 4.19 18.00 31.48
CA CYS F 322 3.04 17.46 32.19
C CYS F 322 1.76 18.06 31.64
N LEU F 323 0.68 17.30 31.75
CA LEU F 323 -0.65 17.77 31.38
C LEU F 323 -1.69 17.03 32.20
N GLY F 324 -2.83 17.68 32.41
CA GLY F 324 -3.90 17.09 33.18
C GLY F 324 -5.27 17.64 32.83
N VAL F 325 -6.26 16.76 32.72
CA VAL F 325 -7.64 17.13 32.42
C VAL F 325 -8.42 17.22 33.72
N THR F 326 -9.24 18.25 33.85
CA THR F 326 -10.04 18.44 35.05
C THR F 326 -11.05 17.31 35.21
N ASP F 327 -11.56 17.16 36.44
CA ASP F 327 -12.50 16.09 36.72
C ASP F 327 -13.86 16.34 36.09
N ASP F 328 -14.21 17.61 35.84
CA ASP F 328 -15.44 17.94 35.13
C ASP F 328 -15.23 18.08 33.63
N GLY F 329 -13.99 17.98 33.16
CA GLY F 329 -13.69 18.00 31.75
C GLY F 329 -13.78 19.35 31.08
N MET F 330 -13.86 20.44 31.86
CA MET F 330 -14.04 21.76 31.24
C MET F 330 -12.78 22.25 30.56
N ALA F 331 -11.60 21.82 31.01
CA ALA F 331 -10.36 22.35 30.46
C ALA F 331 -9.22 21.38 30.72
N VAL F 332 -8.11 21.60 30.00
CA VAL F 332 -6.87 20.86 30.17
C VAL F 332 -5.77 21.86 30.51
N ALA F 333 -4.84 21.44 31.36
CA ALA F 333 -3.68 22.25 31.70
C ALA F 333 -2.42 21.57 31.18
N THR F 334 -1.44 22.39 30.79
CA THR F 334 -0.16 21.90 30.29
C THR F 334 0.97 22.66 30.97
N GLY F 335 1.96 21.94 31.48
CA GLY F 335 3.18 22.52 32.01
C GLY F 335 4.33 22.26 31.06
N SER F 336 5.28 23.19 31.02
CA SER F 336 6.40 23.09 30.09
C SER F 336 7.67 23.61 30.77
N TRP F 337 8.80 23.38 30.09
CA TRP F 337 10.10 23.84 30.56
C TRP F 337 10.33 25.33 30.31
N ASP F 338 9.36 26.04 29.73
CA ASP F 338 9.45 27.48 29.58
C ASP F 338 8.87 28.23 30.77
N SER F 339 8.60 27.53 31.88
CA SER F 339 8.16 28.10 33.15
C SER F 339 6.74 28.63 33.11
N PHE F 340 5.93 28.20 32.15
CA PHE F 340 4.57 28.71 32.02
C PHE F 340 3.56 27.56 31.99
N LEU F 341 2.43 27.78 32.66
CA LEU F 341 1.27 26.90 32.58
C LEU F 341 0.20 27.53 31.72
N LYS F 342 -0.55 26.70 31.00
CA LYS F 342 -1.59 27.19 30.11
C LYS F 342 -2.83 26.31 30.24
N ILE F 343 -3.99 26.94 30.09
CA ILE F 343 -5.29 26.28 30.20
C ILE F 343 -5.94 26.27 28.83
N TRP F 344 -6.33 25.08 28.37
CA TRP F 344 -6.88 24.89 27.04
C TRP F 344 -8.30 24.33 27.12
N ASN F 345 -9.15 24.79 26.21
CA ASN F 345 -10.43 24.12 25.93
C ASN F 345 -11.03 24.65 24.63
N SER G 8 -29.85 3.12 -26.57
CA SER G 8 -29.39 4.40 -26.05
C SER G 8 -29.63 4.49 -24.54
N ILE G 9 -30.82 4.08 -24.11
CA ILE G 9 -31.17 4.16 -22.70
C ILE G 9 -30.76 2.90 -21.94
N ALA G 10 -30.80 1.74 -22.59
CA ALA G 10 -30.35 0.50 -21.95
C ALA G 10 -28.83 0.41 -21.92
N GLN G 11 -28.18 0.88 -22.99
CA GLN G 11 -26.72 0.86 -23.02
C GLN G 11 -26.12 1.88 -22.07
N ALA G 12 -26.83 2.98 -21.81
CA ALA G 12 -26.33 3.99 -20.89
C ALA G 12 -26.25 3.44 -19.47
N ARG G 13 -27.24 2.63 -19.07
CA ARG G 13 -27.20 2.02 -17.75
C ARG G 13 -26.15 0.92 -17.68
N LYS G 14 -25.99 0.16 -18.77
CA LYS G 14 -25.00 -0.92 -18.77
C LYS G 14 -23.58 -0.39 -18.83
N LEU G 15 -23.38 0.79 -19.44
CA LEU G 15 -22.04 1.38 -19.49
C LEU G 15 -21.58 1.83 -18.11
N VAL G 16 -22.47 2.50 -17.36
CA VAL G 16 -22.11 3.00 -16.05
C VAL G 16 -21.80 1.85 -15.09
N GLU G 17 -22.60 0.78 -15.14
CA GLU G 17 -22.35 -0.38 -14.28
C GLU G 17 -21.01 -1.03 -14.61
N GLN G 18 -20.67 -1.09 -15.91
CA GLN G 18 -19.38 -1.66 -16.30
C GLN G 18 -18.22 -0.80 -15.80
N LEU G 19 -18.38 0.52 -15.86
CA LEU G 19 -17.32 1.41 -15.36
C LEU G 19 -17.17 1.31 -13.86
N LYS G 20 -18.24 1.01 -13.14
CA LYS G 20 -18.15 0.88 -11.68
C LYS G 20 -17.31 -0.32 -11.29
N MET G 21 -17.46 -1.44 -12.00
CA MET G 21 -16.72 -2.65 -11.66
C MET G 21 -15.26 -2.56 -12.08
N GLU G 22 -14.95 -1.81 -13.14
CA GLU G 22 -13.56 -1.58 -13.51
C GLU G 22 -12.89 -0.57 -12.58
N ALA G 23 -13.67 0.33 -11.98
CA ALA G 23 -13.12 1.30 -11.04
C ALA G 23 -12.79 0.67 -9.70
N ASN G 24 -13.51 -0.37 -9.30
CA ASN G 24 -13.36 -0.96 -7.98
C ASN G 24 -12.23 -1.97 -7.89
N ILE G 25 -11.49 -2.21 -8.99
CA ILE G 25 -10.41 -3.19 -8.95
C ILE G 25 -9.26 -2.66 -8.09
N ASP G 26 -8.53 -3.58 -7.49
CA ASP G 26 -7.35 -3.24 -6.71
C ASP G 26 -6.13 -3.20 -7.60
N ARG G 27 -5.27 -2.21 -7.38
CA ARG G 27 -4.11 -1.98 -8.22
C ARG G 27 -2.83 -2.04 -7.41
N ILE G 28 -1.74 -2.38 -8.10
CA ILE G 28 -0.41 -2.33 -7.54
C ILE G 28 0.32 -1.13 -8.16
N LYS G 29 1.46 -0.79 -7.57
CA LYS G 29 2.23 0.34 -8.07
C LYS G 29 3.10 -0.10 -9.25
N VAL G 30 3.31 0.84 -10.18
CA VAL G 30 4.05 0.55 -11.40
C VAL G 30 5.46 0.08 -11.07
N SER G 31 6.07 0.67 -10.04
CA SER G 31 7.40 0.22 -9.62
C SER G 31 7.39 -1.27 -9.27
N LYS G 32 6.33 -1.73 -8.62
CA LYS G 32 6.22 -3.16 -8.32
C LYS G 32 5.98 -3.96 -9.58
N ALA G 33 5.10 -3.48 -10.47
CA ALA G 33 4.81 -4.20 -11.70
C ALA G 33 6.02 -4.27 -12.62
N ALA G 34 6.74 -3.15 -12.77
CA ALA G 34 7.91 -3.13 -13.63
C ALA G 34 9.03 -4.03 -13.10
N ALA G 35 9.13 -4.16 -11.77
CA ALA G 35 10.17 -5.00 -11.20
C ALA G 35 9.89 -6.48 -11.46
N ASP G 36 8.62 -6.87 -11.54
CA ASP G 36 8.29 -8.27 -11.77
C ASP G 36 8.59 -8.68 -13.21
N LEU G 37 8.20 -7.85 -14.17
CA LEU G 37 8.51 -8.14 -15.57
C LEU G 37 10.00 -8.15 -15.83
N MET G 38 10.75 -7.32 -15.09
CA MET G 38 12.21 -7.34 -15.21
C MET G 38 12.80 -8.57 -14.52
N ALA G 39 12.30 -8.90 -13.33
CA ALA G 39 12.79 -10.08 -12.63
C ALA G 39 12.43 -11.37 -13.37
N TYR G 40 11.31 -11.36 -14.11
CA TYR G 40 10.94 -12.55 -14.88
C TYR G 40 11.86 -12.73 -16.08
N CYS G 41 12.22 -11.64 -16.75
CA CYS G 41 13.07 -11.73 -17.93
C CYS G 41 14.48 -12.17 -17.56
N GLU G 42 15.01 -11.67 -16.44
CA GLU G 42 16.35 -12.06 -16.01
C GLU G 42 16.39 -13.53 -15.59
N ALA G 43 15.33 -13.99 -14.91
CA ALA G 43 15.28 -15.37 -14.45
C ALA G 43 15.12 -16.38 -15.58
N HIS G 44 14.77 -15.93 -16.79
CA HIS G 44 14.59 -16.82 -17.93
C HIS G 44 15.46 -16.42 -19.12
N ALA G 45 16.45 -15.56 -18.92
CA ALA G 45 17.25 -15.07 -20.03
C ALA G 45 18.08 -16.19 -20.65
N LYS G 46 18.73 -17.00 -19.81
CA LYS G 46 19.58 -18.08 -20.31
C LYS G 46 18.79 -19.19 -20.98
N GLU G 47 17.46 -19.18 -20.86
CA GLU G 47 16.61 -20.20 -21.45
C GLU G 47 15.98 -19.78 -22.77
N ASP G 48 16.27 -18.56 -23.23
CA ASP G 48 15.70 -18.04 -24.47
C ASP G 48 16.69 -18.23 -25.61
N PRO G 49 16.43 -19.12 -26.57
CA PRO G 49 17.37 -19.30 -27.67
C PRO G 49 17.53 -18.07 -28.55
N LEU G 50 16.46 -17.28 -28.72
CA LEU G 50 16.57 -16.09 -29.54
C LEU G 50 17.36 -14.97 -28.87
N LEU G 51 17.41 -14.96 -27.53
CA LEU G 51 18.18 -13.97 -26.80
C LEU G 51 19.64 -14.39 -26.68
N THR G 52 19.89 -15.55 -26.07
CA THR G 52 21.23 -16.11 -25.99
C THR G 52 21.37 -17.13 -27.12
N PRO G 53 22.10 -16.81 -28.20
CA PRO G 53 22.20 -17.75 -29.32
C PRO G 53 22.71 -19.11 -28.87
N VAL G 54 22.10 -20.15 -29.43
CA VAL G 54 22.36 -21.53 -29.02
C VAL G 54 23.35 -22.13 -30.00
N PRO G 55 24.24 -23.03 -29.57
CA PRO G 55 25.22 -23.61 -30.50
C PRO G 55 24.55 -24.28 -31.69
N ALA G 56 25.20 -24.18 -32.86
CA ALA G 56 24.64 -24.71 -34.09
C ALA G 56 24.44 -26.23 -34.03
N SER G 57 25.12 -26.92 -33.13
CA SER G 57 24.93 -28.36 -32.99
C SER G 57 23.54 -28.67 -32.45
N GLU G 58 23.06 -27.89 -31.48
CA GLU G 58 21.76 -28.10 -30.87
C GLU G 58 20.69 -27.17 -31.45
N ASN G 59 20.92 -26.62 -32.64
CA ASN G 59 19.92 -25.83 -33.33
C ASN G 59 19.27 -26.71 -34.40
N PRO G 60 17.99 -27.05 -34.28
CA PRO G 60 17.37 -27.96 -35.26
C PRO G 60 17.32 -27.40 -36.66
N PHE G 61 17.40 -26.07 -36.83
CA PHE G 61 17.30 -25.45 -38.15
C PHE G 61 18.66 -25.16 -38.76
N ARG G 62 19.74 -25.70 -38.21
CA ARG G 62 21.08 -25.50 -38.77
C ARG G 62 21.80 -26.82 -38.99
N GLU G 63 21.48 -27.82 -38.17
CA GLU G 63 22.11 -29.12 -38.31
C GLU G 63 21.47 -29.92 -39.45
N LYS G 64 22.05 -31.07 -39.73
CA LYS G 64 21.58 -31.91 -40.82
C LYS G 64 20.26 -32.59 -40.48
N ALA H 7 19.83 -15.13 46.29
CA ALA H 7 20.11 -14.03 45.39
C ALA H 7 19.48 -14.28 44.02
N SER H 8 20.30 -14.69 43.06
CA SER H 8 19.79 -14.99 41.72
C SER H 8 18.93 -16.24 41.70
N ILE H 9 19.09 -17.14 42.68
CA ILE H 9 18.25 -18.32 42.74
C ILE H 9 16.91 -18.01 43.40
N ALA H 10 16.89 -17.08 44.35
CA ALA H 10 15.64 -16.74 45.02
C ALA H 10 14.73 -15.93 44.11
N GLN H 11 15.29 -15.01 43.32
CA GLN H 11 14.49 -14.23 42.39
C GLN H 11 14.05 -15.07 41.19
N ALA H 12 14.71 -16.20 40.93
CA ALA H 12 14.26 -17.08 39.86
C ALA H 12 12.96 -17.80 40.26
N ARG H 13 12.84 -18.18 41.53
CA ARG H 13 11.60 -18.79 42.00
C ARG H 13 10.48 -17.77 42.10
N LYS H 14 10.80 -16.54 42.52
CA LYS H 14 9.79 -15.49 42.61
C LYS H 14 9.24 -15.13 41.24
N LEU H 15 10.07 -15.18 40.19
CA LEU H 15 9.57 -14.90 38.85
C LEU H 15 8.66 -16.00 38.34
N VAL H 16 9.03 -17.26 38.57
CA VAL H 16 8.19 -18.37 38.15
C VAL H 16 6.86 -18.34 38.89
N GLU H 17 6.89 -18.04 40.20
CA GLU H 17 5.66 -17.92 40.96
C GLU H 17 4.79 -16.78 40.44
N GLN H 18 5.42 -15.68 40.05
CA GLN H 18 4.65 -14.55 39.52
C GLN H 18 4.05 -14.87 38.16
N LEU H 19 4.83 -15.49 37.27
CA LEU H 19 4.32 -15.85 35.96
C LEU H 19 3.23 -16.89 36.04
N LYS H 20 3.29 -17.78 37.03
CA LYS H 20 2.22 -18.76 37.22
C LYS H 20 0.92 -18.08 37.62
N MET H 21 0.98 -17.10 38.52
CA MET H 21 -0.22 -16.38 38.92
C MET H 21 -0.76 -15.52 37.79
N GLU H 22 0.12 -15.06 36.90
CA GLU H 22 -0.31 -14.22 35.78
C GLU H 22 -0.98 -15.01 34.66
N ALA H 23 -0.78 -16.34 34.62
CA ALA H 23 -1.36 -17.15 33.57
C ALA H 23 -2.71 -17.75 33.95
N ASN H 24 -3.05 -17.76 35.24
CA ASN H 24 -4.27 -18.38 35.72
C ASN H 24 -5.43 -17.41 35.83
N ILE H 25 -5.37 -16.28 35.14
CA ILE H 25 -6.43 -15.28 35.19
C ILE H 25 -7.44 -15.55 34.08
N ASP H 26 -8.67 -15.13 34.30
CA ASP H 26 -9.73 -15.26 33.31
C ASP H 26 -9.69 -14.08 32.34
N ARG H 27 -9.68 -14.38 31.05
CA ARG H 27 -9.59 -13.37 30.01
C ARG H 27 -10.86 -13.36 29.17
N ILE H 28 -11.26 -12.17 28.75
CA ILE H 28 -12.28 -12.00 27.72
C ILE H 28 -11.58 -11.63 26.43
N LYS H 29 -12.20 -11.93 25.29
CA LYS H 29 -11.53 -11.61 24.05
C LYS H 29 -11.79 -10.15 23.65
N VAL H 30 -10.99 -9.67 22.71
CA VAL H 30 -10.89 -8.23 22.44
C VAL H 30 -12.22 -7.68 21.96
N SER H 31 -12.97 -8.47 21.18
CA SER H 31 -14.18 -7.94 20.53
C SER H 31 -15.16 -7.38 21.56
N LYS H 32 -15.39 -8.11 22.65
CA LYS H 32 -16.23 -7.57 23.72
C LYS H 32 -15.49 -6.48 24.48
N ALA H 33 -14.20 -6.69 24.75
CA ALA H 33 -13.40 -5.68 25.43
C ALA H 33 -13.38 -4.37 24.64
N ALA H 34 -13.20 -4.47 23.31
CA ALA H 34 -13.21 -3.27 22.48
C ALA H 34 -14.59 -2.65 22.38
N ALA H 35 -15.64 -3.47 22.42
CA ALA H 35 -17.00 -2.94 22.29
C ALA H 35 -17.45 -2.23 23.56
N ASP H 36 -16.94 -2.65 24.73
CA ASP H 36 -17.34 -2.01 25.97
C ASP H 36 -16.75 -0.61 26.10
N LEU H 37 -15.50 -0.42 25.67
CA LEU H 37 -14.90 0.90 25.69
C LEU H 37 -15.59 1.84 24.70
N MET H 38 -15.98 1.32 23.54
CA MET H 38 -16.70 2.14 22.58
C MET H 38 -18.08 2.52 23.11
N ALA H 39 -18.80 1.56 23.71
CA ALA H 39 -20.10 1.87 24.28
C ALA H 39 -20.01 2.80 25.47
N TYR H 40 -18.87 2.84 26.15
CA TYR H 40 -18.69 3.77 27.27
C TYR H 40 -18.39 5.18 26.77
N CYS H 41 -17.66 5.31 25.66
CA CYS H 41 -17.34 6.62 25.13
C CYS H 41 -18.58 7.29 24.56
N GLU H 42 -19.37 6.57 23.77
CA GLU H 42 -20.54 7.14 23.13
C GLU H 42 -21.70 7.37 24.09
N ALA H 43 -21.75 6.63 25.19
CA ALA H 43 -22.81 6.87 26.19
C ALA H 43 -22.54 8.13 26.98
N HIS H 44 -21.28 8.54 27.09
CA HIS H 44 -20.90 9.74 27.83
C HIS H 44 -20.44 10.88 26.92
N ALA H 45 -20.55 10.70 25.61
CA ALA H 45 -20.04 11.71 24.68
C ALA H 45 -20.78 13.04 24.80
N LYS H 46 -22.00 13.04 25.34
CA LYS H 46 -22.75 14.27 25.47
C LYS H 46 -22.27 15.11 26.66
N GLU H 47 -21.72 14.47 27.68
CA GLU H 47 -21.27 15.15 28.89
C GLU H 47 -19.78 15.48 28.88
N ASP H 48 -19.09 15.23 27.75
CA ASP H 48 -17.68 15.53 27.65
C ASP H 48 -17.53 16.92 27.04
N PRO H 49 -17.11 17.93 27.80
CA PRO H 49 -17.04 19.29 27.24
C PRO H 49 -15.99 19.46 26.17
N LEU H 50 -14.86 18.75 26.26
CA LEU H 50 -13.82 18.87 25.25
C LEU H 50 -14.24 18.24 23.92
N LEU H 51 -15.07 17.21 23.97
CA LEU H 51 -15.55 16.58 22.74
C LEU H 51 -16.69 17.37 22.14
N THR H 52 -17.73 17.65 22.93
CA THR H 52 -18.85 18.48 22.49
C THR H 52 -18.83 19.78 23.27
N PRO H 53 -18.51 20.91 22.64
CA PRO H 53 -18.38 22.16 23.39
C PRO H 53 -19.71 22.61 23.99
N VAL H 54 -19.65 23.12 25.21
CA VAL H 54 -20.80 23.69 25.90
C VAL H 54 -20.86 25.17 25.55
N PRO H 55 -21.99 25.85 25.72
CA PRO H 55 -22.07 27.27 25.34
C PRO H 55 -21.14 28.12 26.18
N ALA H 56 -20.98 29.38 25.72
CA ALA H 56 -20.17 30.34 26.46
C ALA H 56 -20.75 30.64 27.84
N SER H 57 -22.01 30.31 28.08
CA SER H 57 -22.62 30.58 29.38
C SER H 57 -21.99 29.73 30.48
N GLU H 58 -21.84 28.43 30.23
CA GLU H 58 -21.34 27.52 31.25
C GLU H 58 -19.84 27.27 31.16
N ASN H 59 -19.10 28.09 30.41
CA ASN H 59 -17.66 27.93 30.31
C ASN H 59 -16.99 28.89 31.28
N PRO H 60 -16.36 28.41 32.36
CA PRO H 60 -15.71 29.33 33.31
C PRO H 60 -14.51 30.05 32.73
N PHE H 61 -13.87 29.51 31.70
CA PHE H 61 -12.68 30.10 31.10
C PHE H 61 -13.01 30.97 29.89
N ARG H 62 -14.28 31.33 29.73
CA ARG H 62 -14.70 32.21 28.65
C ARG H 62 -15.47 33.43 29.14
N GLU H 63 -15.80 33.51 30.43
CA GLU H 63 -16.57 34.61 30.98
C GLU H 63 -15.70 35.83 31.23
N THR I 10 18.24 63.84 18.59
CA THR I 10 17.18 63.42 17.67
C THR I 10 15.91 63.03 18.40
N GLU I 11 15.51 63.78 19.43
CA GLU I 11 14.30 63.24 20.06
C GLU I 11 13.03 63.62 19.33
N ASP I 12 13.13 64.19 18.13
CA ASP I 12 12.00 64.11 17.20
C ASP I 12 11.80 62.69 16.71
N GLN I 13 12.84 61.84 16.81
CA GLN I 13 12.65 60.40 16.73
C GLN I 13 11.59 59.96 17.73
N ARG I 14 11.80 60.30 19.01
CA ARG I 14 10.82 59.97 20.03
C ARG I 14 9.53 60.76 19.87
N ASN I 15 9.61 61.99 19.35
CA ASN I 15 8.40 62.78 19.11
C ASN I 15 7.51 62.09 18.09
N GLU I 16 8.10 61.66 16.97
CA GLU I 16 7.31 60.99 15.94
C GLU I 16 6.79 59.63 16.39
N GLU I 17 7.44 59.01 17.39
CA GLU I 17 6.86 57.81 17.99
C GLU I 17 5.61 58.16 18.79
N LYS I 18 5.66 59.27 19.52
CA LYS I 18 4.49 59.73 20.27
C LYS I 18 3.46 60.38 19.34
N ALA I 19 3.91 60.95 18.22
CA ALA I 19 2.96 61.41 17.21
C ALA I 19 2.26 60.25 16.53
N GLN I 20 2.97 59.13 16.35
CA GLN I 20 2.33 57.93 15.82
C GLN I 20 1.28 57.38 16.78
N ARG I 21 1.44 57.62 18.07
CA ARG I 21 0.54 57.02 19.06
C ARG I 21 -0.76 57.79 19.18
N GLU I 22 -0.72 59.12 19.09
CA GLU I 22 -1.95 59.90 19.21
C GLU I 22 -2.74 59.94 17.92
N ALA I 23 -2.07 59.83 16.77
CA ALA I 23 -2.80 59.56 15.53
C ALA I 23 -3.51 58.22 15.61
N ASN I 24 -2.87 57.24 16.25
CA ASN I 24 -3.54 55.97 16.52
C ASN I 24 -4.69 56.16 17.49
N LYS I 25 -4.49 56.97 18.53
CA LYS I 25 -5.55 57.22 19.50
C LYS I 25 -6.76 57.89 18.86
N LYS I 26 -6.52 58.80 17.91
CA LYS I 26 -7.63 59.43 17.19
C LYS I 26 -8.45 58.39 16.45
N ILE I 27 -7.78 57.40 15.85
CA ILE I 27 -8.50 56.40 15.07
C ILE I 27 -9.30 55.47 15.96
N GLU I 28 -8.74 55.10 17.12
CA GLU I 28 -9.44 54.17 18.02
C GLU I 28 -10.74 54.76 18.52
N LYS I 29 -10.74 56.05 18.86
CA LYS I 29 -11.98 56.69 19.31
C LYS I 29 -12.95 56.88 18.16
N GLN I 30 -12.43 57.16 16.95
CA GLN I 30 -13.30 57.23 15.78
C GLN I 30 -13.90 55.86 15.46
N LEU I 31 -13.08 54.81 15.54
CA LEU I 31 -13.58 53.47 15.26
C LEU I 31 -14.63 53.05 16.29
N GLN I 32 -14.50 53.50 17.54
CA GLN I 32 -15.48 53.15 18.56
C GLN I 32 -16.84 53.77 18.23
N LYS I 33 -16.86 54.99 17.71
CA LYS I 33 -18.11 55.58 17.24
C LYS I 33 -18.61 54.82 16.02
N ASP I 34 -17.71 54.44 15.12
CA ASP I 34 -18.10 53.63 13.96
C ASP I 34 -18.52 52.22 14.36
N LYS I 35 -18.13 51.75 15.55
CA LYS I 35 -18.56 50.43 15.98
C LYS I 35 -20.06 50.42 16.29
N GLN I 36 -20.57 51.48 16.92
CA GLN I 36 -21.98 51.52 17.30
C GLN I 36 -22.90 51.92 16.15
N VAL I 37 -22.37 52.59 15.12
CA VAL I 37 -23.20 52.84 13.95
C VAL I 37 -23.36 51.55 13.14
N TYR I 38 -22.40 50.64 13.25
CA TYR I 38 -22.45 49.38 12.52
C TYR I 38 -23.26 48.32 13.27
N ARG I 39 -23.28 48.39 14.60
CA ARG I 39 -23.99 47.40 15.40
C ARG I 39 -25.48 47.69 15.49
N ALA I 40 -25.90 48.92 15.23
CA ALA I 40 -27.32 49.28 15.23
C ALA I 40 -27.95 49.20 13.85
N THR I 41 -27.17 48.90 12.82
CA THR I 41 -27.65 48.88 11.44
C THR I 41 -28.11 47.47 11.07
N HIS I 42 -29.32 47.36 10.54
CA HIS I 42 -29.92 46.08 10.16
C HIS I 42 -29.69 45.88 8.67
N ARG I 43 -28.62 45.16 8.33
CA ARG I 43 -28.27 44.93 6.93
C ARG I 43 -29.24 43.92 6.31
N LEU I 44 -29.86 44.32 5.21
CA LEU I 44 -30.86 43.49 4.52
C LEU I 44 -30.45 43.34 3.06
N LEU I 45 -30.34 42.09 2.61
CA LEU I 45 -29.98 41.78 1.24
C LEU I 45 -31.21 41.32 0.47
N LEU I 46 -31.32 41.78 -0.77
CA LEU I 46 -32.43 41.43 -1.65
C LEU I 46 -31.94 40.48 -2.73
N LEU I 47 -32.66 39.38 -2.92
CA LEU I 47 -32.32 38.36 -3.91
C LEU I 47 -33.56 38.00 -4.71
N GLY I 48 -33.34 37.28 -5.81
CA GLY I 48 -34.43 36.88 -6.68
C GLY I 48 -34.06 36.92 -8.15
N ALA I 49 -34.87 36.29 -8.99
CA ALA I 49 -34.62 36.30 -10.42
C ALA I 49 -34.79 37.70 -11.00
N GLY I 50 -34.40 37.86 -12.25
CA GLY I 50 -34.54 39.15 -12.91
C GLY I 50 -36.00 39.52 -13.11
N GLU I 51 -36.28 40.82 -12.98
CA GLU I 51 -37.62 41.37 -13.17
C GLU I 51 -38.62 40.83 -12.15
N SER I 52 -38.14 40.47 -10.96
CA SER I 52 -39.01 39.98 -9.90
C SER I 52 -39.48 41.08 -8.96
N GLY I 53 -38.75 42.18 -8.84
CA GLY I 53 -39.20 43.30 -8.05
C GLY I 53 -38.22 43.79 -7.00
N LYS I 54 -36.95 43.41 -7.14
CA LYS I 54 -35.95 43.80 -6.14
C LYS I 54 -35.72 45.31 -6.15
N SER I 55 -35.41 45.88 -7.32
CA SER I 55 -35.13 47.30 -7.40
C SER I 55 -36.36 48.15 -7.09
N THR I 56 -37.56 47.60 -7.34
CA THR I 56 -38.78 48.32 -6.99
C THR I 56 -38.95 48.42 -5.48
N ILE I 57 -38.58 47.37 -4.75
CA ILE I 57 -38.71 47.38 -3.30
C ILE I 57 -37.84 48.46 -2.68
N VAL I 58 -36.63 48.65 -3.23
CA VAL I 58 -35.75 49.70 -2.72
C VAL I 58 -36.34 51.08 -3.01
N LYS I 59 -36.92 51.26 -4.20
CA LYS I 59 -37.57 52.52 -4.53
C LYS I 59 -38.67 52.85 -3.53
N GLN I 60 -39.36 51.82 -3.01
CA GLN I 60 -40.40 52.06 -2.02
C GLN I 60 -39.81 52.58 -0.71
N MET I 61 -38.64 52.08 -0.32
CA MET I 61 -38.00 52.55 0.90
C MET I 61 -37.60 54.02 0.77
N ARG I 62 -37.13 54.43 -0.41
CA ARG I 62 -36.75 55.82 -0.61
C ARG I 62 -37.97 56.73 -0.66
N ILE I 63 -39.07 56.23 -1.23
CA ILE I 63 -40.31 57.00 -1.26
C ILE I 63 -40.84 57.21 0.15
N LEU I 64 -40.68 56.22 1.02
CA LEU I 64 -41.29 56.25 2.34
C LEU I 64 -40.41 56.90 3.39
N HIS I 65 -39.08 56.89 3.24
CA HIS I 65 -38.21 57.29 4.33
C HIS I 65 -37.05 58.20 3.94
N VAL I 66 -36.84 58.52 2.67
CA VAL I 66 -35.60 59.16 2.24
C VAL I 66 -35.89 60.47 1.51
N ASN I 67 -34.98 61.43 1.68
CA ASN I 67 -34.97 62.72 0.99
C ASN I 67 -33.60 62.86 0.32
N GLY I 68 -33.48 62.33 -0.91
CA GLY I 68 -32.22 62.32 -1.67
C GLY I 68 -31.97 63.58 -2.49
N PHE I 69 -31.82 63.44 -3.81
CA PHE I 69 -31.51 64.57 -4.70
C PHE I 69 -32.21 64.40 -6.04
N ASN I 70 -32.79 65.48 -6.55
CA ASN I 70 -33.60 65.45 -7.77
C ASN I 70 -33.24 66.62 -8.70
N GLY I 71 -31.95 66.81 -8.95
CA GLY I 71 -31.50 67.88 -9.81
C GLY I 71 -31.90 67.68 -11.26
N ASP I 72 -31.31 68.52 -12.12
CA ASP I 72 -31.65 68.50 -13.54
C ASP I 72 -31.21 67.20 -14.20
N SER I 73 -30.00 66.72 -13.89
CA SER I 73 -29.52 65.48 -14.48
C SER I 73 -30.36 64.29 -14.04
N GLU I 74 -30.96 64.36 -12.85
CA GLU I 74 -31.78 63.26 -12.36
C GLU I 74 -33.13 63.23 -13.06
N LYS I 75 -33.74 64.40 -13.28
CA LYS I 75 -35.02 64.44 -13.99
C LYS I 75 -34.87 63.99 -15.44
N ALA I 76 -33.79 64.42 -16.10
CA ALA I 76 -33.57 64.03 -17.49
C ALA I 76 -33.21 62.55 -17.59
N THR I 77 -32.66 61.96 -16.54
CA THR I 77 -32.38 60.53 -16.53
C THR I 77 -33.63 59.71 -16.26
N LYS I 78 -34.53 60.23 -15.42
CA LYS I 78 -35.78 59.50 -15.13
C LYS I 78 -36.79 59.62 -16.27
N VAL I 79 -36.81 60.76 -16.96
CA VAL I 79 -37.73 60.92 -18.09
C VAL I 79 -37.27 60.06 -19.27
N GLN I 80 -35.97 60.09 -19.57
CA GLN I 80 -35.43 59.32 -20.70
C GLN I 80 -35.62 57.82 -20.50
N ASP I 81 -35.49 57.36 -19.25
CA ASP I 81 -35.68 55.94 -18.97
C ASP I 81 -37.13 55.53 -19.25
N ILE I 82 -38.09 56.37 -18.86
CA ILE I 82 -39.49 56.05 -19.10
C ILE I 82 -39.78 56.03 -20.61
N LYS I 83 -39.23 56.98 -21.34
CA LYS I 83 -39.42 57.00 -22.79
C LYS I 83 -38.76 55.79 -23.45
N ASN I 84 -37.65 55.32 -22.89
CA ASN I 84 -37.06 54.08 -23.39
C ASN I 84 -37.99 52.90 -23.15
N ASN I 85 -38.65 52.86 -21.99
CA ASN I 85 -39.59 51.77 -21.70
C ASN I 85 -40.80 51.82 -22.61
N LEU I 86 -41.30 53.02 -22.91
CA LEU I 86 -42.42 53.15 -23.83
C LEU I 86 -42.05 52.64 -25.23
N LYS I 87 -40.84 52.94 -25.67
CA LYS I 87 -40.42 52.55 -27.01
C LYS I 87 -40.25 51.03 -27.12
N GLU I 88 -39.57 50.42 -26.14
CA GLU I 88 -39.40 48.97 -26.17
C GLU I 88 -40.74 48.27 -26.11
N ALA I 89 -41.69 48.81 -25.35
CA ALA I 89 -43.00 48.16 -25.23
C ALA I 89 -43.72 48.13 -26.56
N ILE I 90 -43.72 49.25 -27.29
CA ILE I 90 -44.46 49.30 -28.55
C ILE I 90 -43.71 48.55 -29.65
N GLU I 91 -42.38 48.61 -29.64
CA GLU I 91 -41.61 47.95 -30.69
C GLU I 91 -41.49 46.45 -30.49
N THR I 92 -41.70 45.96 -29.26
CA THR I 92 -41.66 44.52 -29.02
C THR I 92 -42.99 43.86 -29.41
N ILE I 93 -44.11 44.49 -29.07
CA ILE I 93 -45.42 43.92 -29.38
C ILE I 93 -45.62 43.81 -30.88
N VAL I 94 -45.24 44.84 -31.63
CA VAL I 94 -45.45 44.84 -33.07
C VAL I 94 -44.50 43.87 -33.76
N ALA I 95 -43.23 43.85 -33.34
CA ALA I 95 -42.23 42.99 -33.96
C ALA I 95 -42.51 41.51 -33.72
N ALA I 96 -43.39 41.16 -32.78
CA ALA I 96 -43.71 39.78 -32.50
C ALA I 96 -44.97 39.31 -33.21
N MET I 97 -45.75 40.21 -33.81
CA MET I 97 -47.03 39.83 -34.41
C MET I 97 -46.84 38.80 -35.51
N SER I 98 -45.80 38.95 -36.33
CA SER I 98 -45.54 38.00 -37.40
C SER I 98 -44.85 36.73 -36.92
N ASN I 99 -44.20 36.77 -35.76
CA ASN I 99 -43.42 35.64 -35.27
C ASN I 99 -44.21 34.73 -34.33
N LEU I 100 -45.40 35.13 -33.91
CA LEU I 100 -46.21 34.25 -33.10
C LEU I 100 -46.82 33.14 -33.95
N VAL I 101 -47.14 32.03 -33.31
CA VAL I 101 -47.75 30.88 -33.99
C VAL I 101 -49.10 30.59 -33.34
N PRO I 102 -50.22 30.86 -34.02
CA PRO I 102 -50.29 31.50 -35.33
C PRO I 102 -50.06 33.01 -35.26
N PRO I 103 -49.70 33.64 -36.38
CA PRO I 103 -49.42 35.07 -36.36
C PRO I 103 -50.69 35.89 -36.20
N VAL I 104 -50.50 37.15 -35.81
CA VAL I 104 -51.57 38.10 -35.57
C VAL I 104 -51.49 39.20 -36.61
N GLU I 105 -52.62 39.51 -37.24
CA GLU I 105 -52.72 40.56 -38.24
C GLU I 105 -53.30 41.83 -37.64
N LEU I 106 -53.10 42.94 -38.36
CA LEU I 106 -53.70 44.21 -37.96
C LEU I 106 -55.20 44.16 -38.17
N ALA I 107 -55.95 44.78 -37.26
CA ALA I 107 -57.39 44.92 -37.45
C ALA I 107 -57.69 45.82 -38.64
N ASN I 108 -56.97 46.93 -38.75
N ASN I 108 -56.97 46.94 -38.74
CA ASN I 108 -57.11 47.84 -39.88
CA ASN I 108 -57.10 47.84 -39.88
C ASN I 108 -55.86 47.78 -40.73
C ASN I 108 -55.84 47.76 -40.72
N PRO I 109 -55.92 47.28 -41.97
CA PRO I 109 -54.70 47.16 -42.78
C PRO I 109 -54.11 48.49 -43.21
N GLU I 110 -54.86 49.59 -43.11
CA GLU I 110 -54.33 50.89 -43.50
C GLU I 110 -53.35 51.46 -42.48
N ASN I 111 -53.21 50.82 -41.31
CA ASN I 111 -52.18 51.19 -40.34
C ASN I 111 -50.83 50.57 -40.65
N GLN I 112 -50.68 49.95 -41.83
CA GLN I 112 -49.43 49.26 -42.15
C GLN I 112 -48.25 50.21 -42.21
N PHE I 113 -48.48 51.44 -42.67
CA PHE I 113 -47.39 52.42 -42.70
C PHE I 113 -46.91 52.81 -41.31
N ARG I 114 -47.74 52.58 -40.28
CA ARG I 114 -47.29 52.80 -38.91
C ARG I 114 -46.42 51.64 -38.42
N VAL I 115 -46.83 50.41 -38.73
CA VAL I 115 -46.01 49.24 -38.39
C VAL I 115 -44.66 49.32 -39.09
N ASP I 116 -44.67 49.74 -40.36
CA ASP I 116 -43.42 49.87 -41.11
C ASP I 116 -42.50 50.90 -40.48
N TYR I 117 -43.05 51.94 -39.84
CA TYR I 117 -42.23 52.98 -39.26
C TYR I 117 -41.60 52.52 -37.94
N ILE I 118 -42.39 51.88 -37.08
CA ILE I 118 -41.89 51.49 -35.76
C ILE I 118 -40.76 50.48 -35.89
N LEU I 119 -40.83 49.61 -36.90
CA LEU I 119 -39.79 48.60 -37.08
C LEU I 119 -38.51 49.20 -37.64
N SER I 120 -38.62 50.23 -38.48
CA SER I 120 -37.43 50.85 -39.04
C SER I 120 -36.66 51.69 -38.02
N VAL I 121 -37.30 52.11 -36.94
CA VAL I 121 -36.67 52.98 -35.95
C VAL I 121 -36.20 52.21 -34.71
N MET I 122 -36.32 50.89 -34.71
CA MET I 122 -35.80 50.13 -33.57
C MET I 122 -34.30 49.91 -33.74
N ASN I 123 -33.61 49.85 -32.61
CA ASN I 123 -32.15 49.67 -32.56
C ASN I 123 -31.40 50.85 -33.18
N VAL I 124 -31.99 52.04 -33.13
CA VAL I 124 -31.26 53.25 -33.56
C VAL I 124 -30.50 53.78 -32.36
N PRO I 125 -29.29 54.31 -32.55
CA PRO I 125 -28.46 54.69 -31.39
C PRO I 125 -29.02 55.83 -30.56
N ASP I 126 -29.31 56.97 -31.19
CA ASP I 126 -29.77 58.17 -30.49
C ASP I 126 -31.13 58.57 -31.07
N PHE I 127 -32.20 58.00 -30.51
CA PHE I 127 -33.55 58.29 -30.97
C PHE I 127 -34.01 59.63 -30.42
N ASP I 128 -34.34 60.56 -31.31
CA ASP I 128 -34.76 61.90 -30.89
C ASP I 128 -36.15 61.93 -30.28
N PHE I 129 -36.91 60.83 -30.37
CA PHE I 129 -38.30 60.75 -29.92
C PHE I 129 -39.11 61.88 -30.53
N PRO I 130 -39.33 61.87 -31.84
CA PRO I 130 -40.04 62.97 -32.50
C PRO I 130 -41.53 62.86 -32.29
N PRO I 131 -42.31 63.89 -32.67
CA PRO I 131 -43.77 63.81 -32.46
C PRO I 131 -44.43 62.64 -33.18
N GLU I 132 -43.98 62.28 -34.38
CA GLU I 132 -44.64 61.22 -35.12
C GLU I 132 -44.57 59.88 -34.42
N PHE I 133 -43.51 59.65 -33.63
CA PHE I 133 -43.38 58.40 -32.90
C PHE I 133 -44.53 58.21 -31.92
N TYR I 134 -44.81 59.23 -31.10
CA TYR I 134 -45.88 59.13 -30.11
C TYR I 134 -47.25 58.94 -30.77
N GLU I 135 -47.44 59.49 -31.98
CA GLU I 135 -48.71 59.35 -32.66
C GLU I 135 -48.88 57.95 -33.26
N HIS I 136 -47.81 57.41 -33.88
CA HIS I 136 -47.88 56.07 -34.43
C HIS I 136 -48.08 55.03 -33.33
N ALA I 137 -47.30 55.14 -32.25
CA ALA I 137 -47.41 54.17 -31.16
C ALA I 137 -48.79 54.21 -30.52
N LYS I 138 -49.38 55.40 -30.43
CA LYS I 138 -50.72 55.52 -29.85
C LYS I 138 -51.77 54.97 -30.81
N ALA I 139 -51.65 55.28 -32.11
CA ALA I 139 -52.61 54.77 -33.08
C ALA I 139 -52.48 53.26 -33.27
N LEU I 140 -51.29 52.70 -33.02
CA LEU I 140 -51.10 51.26 -33.09
C LEU I 140 -51.60 50.58 -31.82
N TRP I 141 -51.35 51.19 -30.66
CA TRP I 141 -51.75 50.58 -29.40
C TRP I 141 -53.27 50.46 -29.30
N GLU I 142 -54.01 51.35 -29.96
CA GLU I 142 -55.46 51.28 -29.98
C GLU I 142 -56.00 50.34 -31.04
N ASP I 143 -55.13 49.70 -31.81
CA ASP I 143 -55.57 48.68 -32.75
C ASP I 143 -55.96 47.41 -31.99
N GLU I 144 -57.11 46.83 -32.36
CA GLU I 144 -57.57 45.62 -31.69
C GLU I 144 -56.68 44.44 -31.98
N GLY I 145 -56.05 44.40 -33.16
CA GLY I 145 -55.11 43.33 -33.45
C GLY I 145 -53.83 43.44 -32.65
N VAL I 146 -53.36 44.66 -32.44
CA VAL I 146 -52.19 44.87 -31.59
C VAL I 146 -52.52 44.49 -30.15
N ARG I 147 -53.74 44.77 -29.71
CA ARG I 147 -54.17 44.35 -28.38
C ARG I 147 -54.20 42.83 -28.27
N ALA I 148 -54.57 42.14 -29.36
CA ALA I 148 -54.59 40.69 -29.35
C ALA I 148 -53.17 40.13 -29.20
N CYS I 149 -52.18 40.79 -29.81
CA CYS I 149 -50.80 40.34 -29.67
C CYS I 149 -50.27 40.63 -28.27
N TYR I 150 -50.77 41.67 -27.61
CA TYR I 150 -50.35 41.97 -26.25
C TYR I 150 -50.90 40.96 -25.25
N GLU I 151 -52.09 40.42 -25.50
CA GLU I 151 -52.64 39.40 -24.63
C GLU I 151 -51.87 38.08 -24.71
N ARG I 152 -51.12 37.87 -25.79
CA ARG I 152 -50.26 36.70 -25.94
C ARG I 152 -48.81 37.02 -25.61
N SER I 153 -48.56 38.09 -24.83
CA SER I 153 -47.21 38.51 -24.51
C SER I 153 -46.48 37.51 -23.61
N ASN I 154 -47.15 36.47 -23.13
CA ASN I 154 -46.45 35.39 -22.42
C ASN I 154 -45.68 34.49 -23.36
N GLU I 155 -45.86 34.65 -24.67
CA GLU I 155 -45.13 33.86 -25.68
C GLU I 155 -43.87 34.57 -26.15
N TYR I 156 -43.59 35.77 -25.67
CA TYR I 156 -42.33 36.46 -25.95
C TYR I 156 -41.95 37.27 -24.71
N GLN I 157 -40.90 38.07 -24.84
CA GLN I 157 -40.35 38.82 -23.71
C GLN I 157 -40.85 40.26 -23.78
N LEU I 158 -41.70 40.63 -22.82
CA LEU I 158 -42.26 41.97 -22.74
C LEU I 158 -42.14 42.48 -21.31
N ILE I 159 -41.77 43.74 -21.15
CA ILE I 159 -41.64 44.34 -19.83
C ILE I 159 -43.03 44.48 -19.21
N ASP I 160 -43.07 44.47 -17.88
CA ASP I 160 -44.35 44.49 -17.17
C ASP I 160 -45.07 45.82 -17.34
N CYS I 161 -44.32 46.92 -17.39
CA CYS I 161 -44.89 48.25 -17.43
C CYS I 161 -45.36 48.66 -18.83
N ALA I 162 -45.53 47.71 -19.75
CA ALA I 162 -45.93 48.04 -21.11
C ALA I 162 -47.27 48.76 -21.15
N GLN I 163 -48.32 48.13 -20.61
CA GLN I 163 -49.66 48.69 -20.69
C GLN I 163 -49.75 50.00 -19.91
N TYR I 164 -49.08 50.07 -18.75
CA TYR I 164 -49.15 51.28 -17.93
C TYR I 164 -48.64 52.49 -18.69
N PHE I 165 -47.52 52.35 -19.39
CA PHE I 165 -46.95 53.50 -20.11
C PHE I 165 -47.63 53.72 -21.45
N LEU I 166 -48.20 52.68 -22.06
CA LEU I 166 -48.87 52.86 -23.34
C LEU I 166 -50.20 53.57 -23.18
N ASP I 167 -50.87 53.38 -22.04
CA ASP I 167 -52.13 54.08 -21.79
C ASP I 167 -51.96 55.56 -21.51
N LYS I 168 -50.72 56.04 -21.36
CA LYS I 168 -50.45 57.44 -21.04
C LYS I 168 -49.37 58.00 -21.96
N ILE I 169 -49.46 57.70 -23.25
CA ILE I 169 -48.52 58.28 -24.21
C ILE I 169 -48.70 59.79 -24.28
N ASP I 170 -49.95 60.26 -24.21
CA ASP I 170 -50.22 61.70 -24.26
C ASP I 170 -49.56 62.42 -23.09
N VAL I 171 -49.48 61.78 -21.93
CA VAL I 171 -48.85 62.39 -20.77
C VAL I 171 -47.34 62.46 -20.95
N ILE I 172 -46.74 61.38 -21.46
CA ILE I 172 -45.29 61.30 -21.54
C ILE I 172 -44.74 62.15 -22.69
N LYS I 173 -45.49 62.28 -23.79
CA LYS I 173 -45.00 62.99 -24.96
C LYS I 173 -44.78 64.48 -24.70
N GLN I 174 -45.44 65.04 -23.70
CA GLN I 174 -45.45 66.49 -23.53
C GLN I 174 -44.07 67.01 -23.14
N ALA I 175 -43.84 68.29 -23.44
CA ALA I 175 -42.53 68.89 -23.20
C ALA I 175 -42.28 69.15 -21.72
N ASP I 176 -43.33 69.47 -20.96
CA ASP I 176 -43.21 69.76 -19.54
C ASP I 176 -43.61 68.58 -18.65
N TYR I 177 -43.46 67.37 -19.16
CA TYR I 177 -43.90 66.18 -18.43
C TYR I 177 -42.98 65.93 -17.24
N VAL I 178 -43.54 65.94 -16.03
CA VAL I 178 -42.84 65.61 -14.81
C VAL I 178 -43.35 64.25 -14.32
N PRO I 179 -42.53 63.22 -14.30
CA PRO I 179 -43.03 61.88 -13.94
C PRO I 179 -43.48 61.81 -12.49
N SER I 180 -44.64 61.22 -12.27
CA SER I 180 -45.06 60.87 -10.93
C SER I 180 -44.16 59.77 -10.37
N ASP I 181 -44.28 59.53 -9.07
CA ASP I 181 -43.50 58.47 -8.45
C ASP I 181 -44.05 57.09 -8.72
N GLN I 182 -45.34 56.99 -9.06
CA GLN I 182 -45.87 55.74 -9.58
C GLN I 182 -45.24 55.41 -10.93
N ASP I 183 -44.92 56.43 -11.73
CA ASP I 183 -44.22 56.21 -12.99
C ASP I 183 -42.81 55.66 -12.76
N LEU I 184 -42.13 56.16 -11.72
CA LEU I 184 -40.79 55.65 -11.41
C LEU I 184 -40.83 54.24 -10.85
N LEU I 185 -41.91 53.89 -10.14
CA LEU I 185 -42.03 52.53 -9.62
C LEU I 185 -42.28 51.53 -10.75
N ARG I 186 -42.99 51.94 -11.80
CA ARG I 186 -43.23 51.06 -12.93
C ARG I 186 -42.04 51.02 -13.89
N CYS I 187 -41.16 52.03 -13.85
CA CYS I 187 -40.07 52.12 -14.81
C CYS I 187 -39.11 50.95 -14.67
N ARG I 188 -38.75 50.34 -15.80
CA ARG I 188 -37.85 49.20 -15.82
C ARG I 188 -36.44 49.67 -16.18
N VAL I 189 -35.51 49.51 -15.24
CA VAL I 189 -34.12 49.86 -15.41
C VAL I 189 -33.28 48.67 -14.99
N LEU I 190 -32.33 48.27 -15.83
CA LEU I 190 -31.42 47.20 -15.43
C LEU I 190 -30.38 47.75 -14.47
N THR I 191 -30.27 47.12 -13.30
CA THR I 191 -29.41 47.59 -12.23
C THR I 191 -27.98 47.09 -12.43
N SER I 192 -27.02 48.00 -12.31
CA SER I 192 -25.61 47.69 -12.49
C SER I 192 -24.87 47.94 -11.18
N GLY I 193 -24.08 46.96 -10.75
CA GLY I 193 -23.26 47.10 -9.56
C GLY I 193 -24.04 46.91 -8.27
N ILE I 194 -24.22 47.99 -7.52
CA ILE I 194 -24.91 47.96 -6.24
C ILE I 194 -25.96 49.06 -6.21
N PHE I 195 -27.03 48.83 -5.45
CA PHE I 195 -28.14 49.78 -5.34
C PHE I 195 -28.60 49.76 -3.89
N GLU I 196 -28.05 50.66 -3.08
CA GLU I 196 -28.24 50.68 -1.64
C GLU I 196 -29.15 51.82 -1.23
N THR I 197 -29.60 51.75 0.02
CA THR I 197 -30.32 52.85 0.65
C THR I 197 -30.24 52.68 2.16
N LYS I 198 -30.12 53.79 2.87
CA LYS I 198 -30.10 53.80 4.33
C LYS I 198 -31.21 54.71 4.84
N PHE I 199 -31.91 54.24 5.87
CA PHE I 199 -33.03 54.98 6.41
C PHE I 199 -33.27 54.56 7.85
N GLN I 200 -33.98 55.40 8.59
CA GLN I 200 -34.26 55.18 10.00
C GLN I 200 -35.77 55.23 10.23
N VAL I 201 -36.30 54.19 10.86
CA VAL I 201 -37.72 54.12 11.22
C VAL I 201 -37.80 53.83 12.71
N ASP I 202 -38.33 54.77 13.47
CA ASP I 202 -38.47 54.66 14.93
C ASP I 202 -37.12 54.41 15.59
N LYS I 203 -36.15 55.26 15.26
CA LYS I 203 -34.80 55.24 15.82
C LYS I 203 -34.05 53.94 15.56
N VAL I 204 -34.59 53.08 14.70
CA VAL I 204 -33.94 51.83 14.30
C VAL I 204 -33.57 51.97 12.83
N ASN I 205 -32.27 52.04 12.55
CA ASN I 205 -31.79 52.27 11.20
C ASN I 205 -31.73 50.97 10.41
N PHE I 206 -32.03 51.07 9.12
CA PHE I 206 -31.96 49.93 8.21
C PHE I 206 -30.96 50.22 7.10
N HIS I 207 -30.57 49.16 6.39
CA HIS I 207 -29.62 49.28 5.28
C HIS I 207 -29.97 48.19 4.27
N MET I 208 -30.68 48.56 3.22
CA MET I 208 -31.06 47.64 2.16
C MET I 208 -30.15 47.83 0.96
N PHE I 209 -29.77 46.72 0.33
CA PHE I 209 -28.87 46.74 -0.81
C PHE I 209 -29.27 45.66 -1.81
N ASP I 210 -29.25 46.04 -3.08
CA ASP I 210 -29.58 45.13 -4.18
C ASP I 210 -28.36 44.96 -5.06
N VAL I 211 -28.02 43.71 -5.37
CA VAL I 211 -26.86 43.41 -6.20
C VAL I 211 -27.30 43.40 -7.66
N GLY I 212 -26.71 44.28 -8.45
CA GLY I 212 -27.06 44.39 -9.86
C GLY I 212 -26.32 43.39 -10.73
N GLY I 213 -26.60 43.46 -12.02
CA GLY I 213 -26.01 42.59 -13.01
C GLY I 213 -27.05 41.71 -13.66
N GLN I 214 -26.56 40.76 -14.45
CA GLN I 214 -27.41 39.82 -15.16
C GLN I 214 -27.39 38.46 -14.46
N ARG I 215 -28.00 37.47 -15.11
CA ARG I 215 -28.14 36.13 -14.53
C ARG I 215 -26.81 35.47 -14.26
N ASP I 216 -26.46 35.29 -12.98
CA ASP I 216 -25.25 34.61 -12.56
C ASP I 216 -25.63 33.26 -11.98
N GLU I 217 -25.00 32.20 -12.50
CA GLU I 217 -25.34 30.84 -12.08
C GLU I 217 -24.48 30.32 -10.94
N ARG I 218 -23.26 30.85 -10.77
CA ARG I 218 -22.34 30.32 -9.77
C ARG I 218 -22.37 31.09 -8.45
N ARG I 219 -22.64 32.39 -8.49
CA ARG I 219 -22.83 33.22 -7.28
C ARG I 219 -21.62 33.12 -6.34
N LYS I 220 -20.44 33.48 -6.88
CA LYS I 220 -19.25 33.51 -6.04
C LYS I 220 -19.32 34.63 -5.01
N TRP I 221 -19.95 35.75 -5.35
CA TRP I 221 -20.09 36.88 -4.44
C TRP I 221 -21.07 36.62 -3.31
N ILE I 222 -21.66 35.42 -3.22
CA ILE I 222 -22.59 35.13 -2.14
C ILE I 222 -21.90 35.05 -0.79
N GLN I 223 -20.57 34.94 -0.77
CA GLN I 223 -19.84 34.90 0.49
C GLN I 223 -19.91 36.23 1.23
N CYS I 224 -20.06 37.34 0.49
CA CYS I 224 -20.02 38.67 1.08
C CYS I 224 -21.23 38.98 1.94
N PHE I 225 -22.22 38.09 2.03
CA PHE I 225 -23.44 38.36 2.79
C PHE I 225 -23.75 37.22 3.75
N ASN I 226 -22.71 36.56 4.26
CA ASN I 226 -22.89 35.49 5.24
C ASN I 226 -23.25 36.01 6.62
N ASP I 227 -23.22 37.33 6.83
CA ASP I 227 -23.47 37.92 8.14
C ASP I 227 -24.56 38.98 8.11
N VAL I 228 -25.32 39.08 7.02
CA VAL I 228 -26.42 40.04 6.97
C VAL I 228 -27.48 39.65 7.99
N THR I 229 -28.28 40.65 8.39
CA THR I 229 -29.33 40.40 9.38
C THR I 229 -30.43 39.52 8.79
N ALA I 230 -30.82 39.76 7.54
CA ALA I 230 -31.85 38.96 6.91
C ALA I 230 -31.72 39.07 5.40
N ILE I 231 -32.38 38.15 4.71
CA ILE I 231 -32.45 38.14 3.26
C ILE I 231 -33.91 38.30 2.86
N ILE I 232 -34.18 39.25 1.96
CA ILE I 232 -35.51 39.45 1.40
C ILE I 232 -35.50 38.85 -0.01
N PHE I 233 -36.16 37.72 -0.17
CA PHE I 233 -36.24 37.03 -1.45
C PHE I 233 -37.56 37.39 -2.12
N VAL I 234 -37.48 37.94 -3.33
CA VAL I 234 -38.64 38.44 -4.05
C VAL I 234 -38.98 37.48 -5.17
N VAL I 235 -40.28 37.21 -5.33
CA VAL I 235 -40.78 36.23 -6.30
C VAL I 235 -41.83 36.89 -7.16
N ALA I 236 -41.62 36.85 -8.49
CA ALA I 236 -42.65 37.27 -9.44
C ALA I 236 -43.61 36.09 -9.63
N SER I 237 -44.56 35.98 -8.69
CA SER I 237 -45.46 34.85 -8.68
C SER I 237 -46.50 34.89 -9.80
N SER I 238 -46.65 36.03 -10.49
CA SER I 238 -47.53 36.10 -11.64
C SER I 238 -46.86 35.58 -12.91
N SER I 239 -45.59 35.20 -12.84
CA SER I 239 -44.82 34.77 -13.99
C SER I 239 -44.86 33.26 -14.21
N TYR I 240 -45.89 32.57 -13.71
CA TYR I 240 -45.97 31.12 -13.83
C TYR I 240 -46.15 30.65 -15.28
N ASN I 241 -46.47 31.56 -16.20
CA ASN I 241 -46.74 31.20 -17.59
C ASN I 241 -45.72 31.81 -18.55
N MET I 242 -44.56 32.21 -18.05
CA MET I 242 -43.57 32.91 -18.85
C MET I 242 -42.21 32.23 -18.73
N VAL I 243 -41.35 32.52 -19.69
CA VAL I 243 -40.00 31.99 -19.73
C VAL I 243 -39.03 33.08 -19.31
N ILE I 244 -37.81 32.68 -18.92
CA ILE I 244 -36.77 33.62 -18.57
C ILE I 244 -36.12 34.12 -19.85
N ARG I 245 -35.36 35.21 -19.76
CA ARG I 245 -34.85 35.88 -20.96
C ARG I 245 -33.64 35.18 -21.57
N GLU I 246 -32.84 34.49 -20.76
CA GLU I 246 -31.55 34.00 -21.27
C GLU I 246 -31.74 32.88 -22.28
N ASP I 247 -32.47 31.83 -21.91
CA ASP I 247 -32.65 30.69 -22.80
C ASP I 247 -34.00 30.66 -23.49
N ASN I 248 -34.97 31.47 -23.03
CA ASN I 248 -36.33 31.48 -23.58
C ASN I 248 -36.96 30.09 -23.52
N GLN I 249 -36.49 29.26 -22.60
CA GLN I 249 -36.96 27.88 -22.47
C GLN I 249 -37.22 27.44 -21.04
N THR I 250 -36.76 28.17 -20.03
CA THR I 250 -36.93 27.81 -18.64
C THR I 250 -38.01 28.68 -17.99
N ASN I 251 -38.87 28.05 -17.21
CA ASN I 251 -39.98 28.77 -16.58
C ASN I 251 -39.47 29.76 -15.55
N ARG I 252 -40.04 30.96 -15.56
CA ARG I 252 -39.65 32.00 -14.60
C ARG I 252 -39.90 31.55 -13.17
N LEU I 253 -41.06 30.95 -12.92
CA LEU I 253 -41.37 30.49 -11.56
C LEU I 253 -40.53 29.28 -11.18
N GLN I 254 -40.14 28.45 -12.15
CA GLN I 254 -39.29 27.31 -11.85
C GLN I 254 -37.87 27.74 -11.52
N GLU I 255 -37.35 28.74 -12.26
CA GLU I 255 -36.02 29.27 -11.95
C GLU I 255 -36.01 29.97 -10.61
N ALA I 256 -37.12 30.65 -10.25
CA ALA I 256 -37.21 31.25 -8.93
C ALA I 256 -37.18 30.19 -7.83
N LEU I 257 -37.79 29.03 -8.11
CA LEU I 257 -37.71 27.92 -7.16
C LEU I 257 -36.31 27.34 -7.08
N ASN I 258 -35.65 27.16 -8.23
CA ASN I 258 -34.28 26.66 -8.24
C ASN I 258 -33.34 27.63 -7.54
N LEU I 259 -33.50 28.93 -7.81
CA LEU I 259 -32.64 29.93 -7.17
C LEU I 259 -32.89 29.96 -5.66
N PHE I 260 -34.15 29.81 -5.24
CA PHE I 260 -34.44 29.81 -3.81
C PHE I 260 -33.84 28.60 -3.11
N LYS I 261 -33.85 27.44 -3.79
CA LYS I 261 -33.25 26.25 -3.20
C LYS I 261 -31.74 26.41 -3.03
N SER I 262 -31.09 27.07 -3.99
CA SER I 262 -29.65 27.28 -3.90
C SER I 262 -29.29 28.30 -2.82
N ILE I 263 -30.15 29.31 -2.62
CA ILE I 263 -29.91 30.29 -1.56
C ILE I 263 -30.18 29.66 -0.20
N TRP I 264 -31.27 28.89 -0.09
CA TRP I 264 -31.65 28.30 1.18
C TRP I 264 -30.62 27.26 1.66
N ASN I 265 -29.94 26.59 0.73
CA ASN I 265 -28.98 25.54 1.07
C ASN I 265 -27.54 25.98 0.85
N ASN I 266 -27.30 27.28 0.72
CA ASN I 266 -25.94 27.78 0.57
C ASN I 266 -25.17 27.62 1.88
N ARG I 267 -23.95 27.09 1.80
CA ARG I 267 -23.18 26.84 3.01
C ARG I 267 -22.75 28.12 3.71
N TRP I 268 -22.76 29.26 3.02
CA TRP I 268 -22.45 30.53 3.65
C TRP I 268 -23.69 31.23 4.19
N LEU I 269 -24.87 30.64 4.03
CA LEU I 269 -26.10 31.22 4.53
C LEU I 269 -26.86 30.22 5.41
N ARG I 270 -26.13 29.38 6.13
CA ARG I 270 -26.75 28.35 6.96
C ARG I 270 -27.49 28.94 8.15
N THR I 271 -27.23 30.19 8.51
CA THR I 271 -27.86 30.81 9.67
C THR I 271 -28.67 32.05 9.33
N ILE I 272 -28.71 32.46 8.07
CA ILE I 272 -29.43 33.67 7.67
C ILE I 272 -30.87 33.29 7.35
N SER I 273 -31.81 33.94 8.03
CA SER I 273 -33.22 33.72 7.75
C SER I 273 -33.65 34.54 6.55
N VAL I 274 -34.75 34.13 5.93
CA VAL I 274 -35.21 34.69 4.66
C VAL I 274 -36.64 35.19 4.83
N ILE I 275 -36.86 36.46 4.54
CA ILE I 275 -38.20 37.03 4.45
C ILE I 275 -38.62 36.94 2.99
N LEU I 276 -39.63 36.11 2.70
CA LEU I 276 -40.03 35.83 1.33
C LEU I 276 -41.14 36.79 0.91
N PHE I 277 -40.88 37.56 -0.15
CA PHE I 277 -41.87 38.45 -0.74
C PHE I 277 -42.47 37.78 -1.96
N LEU I 278 -43.73 37.37 -1.85
CA LEU I 278 -44.49 36.85 -3.00
C LEU I 278 -45.07 38.05 -3.73
N ASN I 279 -44.27 38.62 -4.62
CA ASN I 279 -44.57 39.88 -5.27
C ASN I 279 -45.58 39.68 -6.40
N LYS I 280 -46.08 40.82 -6.91
CA LYS I 280 -46.97 40.85 -8.07
C LYS I 280 -48.29 40.13 -7.77
N GLN I 281 -48.88 40.44 -6.62
CA GLN I 281 -50.19 39.88 -6.29
C GLN I 281 -51.30 40.52 -7.11
N ASP I 282 -51.09 41.75 -7.58
CA ASP I 282 -52.10 42.41 -8.39
C ASP I 282 -52.23 41.75 -9.76
N LEU I 283 -51.12 41.34 -10.35
CA LEU I 283 -51.15 40.69 -11.66
C LEU I 283 -51.54 39.23 -11.57
N LEU I 284 -51.21 38.56 -10.46
CA LEU I 284 -51.63 37.17 -10.28
C LEU I 284 -53.15 37.07 -10.20
N ALA I 285 -53.78 37.97 -9.45
CA ALA I 285 -55.24 38.01 -9.43
C ALA I 285 -55.79 38.32 -10.83
N GLU I 286 -55.18 39.30 -11.50
CA GLU I 286 -55.63 39.65 -12.86
C GLU I 286 -55.47 38.48 -13.81
N LYS I 287 -54.41 37.69 -13.66
CA LYS I 287 -54.13 36.61 -14.61
C LYS I 287 -54.98 35.37 -14.31
N VAL I 288 -55.20 35.07 -13.02
CA VAL I 288 -56.00 33.90 -12.67
C VAL I 288 -57.47 34.13 -12.99
N LEU I 289 -57.99 35.31 -12.62
CA LEU I 289 -59.39 35.62 -12.87
C LEU I 289 -59.74 35.62 -14.35
N ALA I 290 -58.75 35.81 -15.23
CA ALA I 290 -59.02 35.81 -16.66
C ALA I 290 -59.36 34.40 -17.14
N GLY I 291 -58.55 33.41 -16.77
CA GLY I 291 -58.77 32.05 -17.21
C GLY I 291 -58.12 31.69 -18.52
N LYS I 292 -57.39 32.62 -19.15
CA LYS I 292 -56.70 32.29 -20.40
C LYS I 292 -55.50 31.39 -20.13
N SER I 293 -54.71 31.71 -19.12
CA SER I 293 -53.56 30.92 -18.72
C SER I 293 -53.84 30.32 -17.34
N LYS I 294 -54.08 29.02 -17.31
CA LYS I 294 -54.36 28.32 -16.06
C LYS I 294 -53.08 27.73 -15.49
N ILE I 295 -52.93 27.83 -14.17
CA ILE I 295 -51.69 27.41 -13.52
C ILE I 295 -51.44 25.92 -13.72
N GLU I 296 -52.49 25.11 -13.79
CA GLU I 296 -52.29 23.68 -13.94
C GLU I 296 -51.66 23.31 -15.28
N ASP I 297 -51.80 24.18 -16.28
CA ASP I 297 -51.18 23.89 -17.58
C ASP I 297 -49.65 23.96 -17.50
N TYR I 298 -49.11 24.71 -16.55
CA TYR I 298 -47.67 24.83 -16.37
C TYR I 298 -47.16 24.10 -15.15
N PHE I 299 -47.97 23.98 -14.10
CA PHE I 299 -47.66 23.18 -12.92
C PHE I 299 -48.83 22.23 -12.70
N PRO I 300 -48.76 21.01 -13.24
CA PRO I 300 -49.92 20.10 -13.15
C PRO I 300 -50.30 19.75 -11.72
N GLU I 301 -49.36 19.78 -10.78
CA GLU I 301 -49.68 19.45 -9.39
C GLU I 301 -50.61 20.45 -8.74
N PHE I 302 -50.85 21.60 -9.37
CA PHE I 302 -51.79 22.57 -8.83
C PHE I 302 -53.24 22.11 -8.97
N ALA I 303 -53.52 21.17 -9.88
CA ALA I 303 -54.86 20.64 -9.99
C ALA I 303 -55.26 19.86 -8.73
N ARG I 304 -54.33 19.08 -8.19
CA ARG I 304 -54.58 18.31 -6.97
C ARG I 304 -54.59 19.17 -5.71
N TYR I 305 -54.15 20.42 -5.80
CA TYR I 305 -53.83 21.21 -4.61
C TYR I 305 -55.09 21.63 -3.86
N THR I 306 -55.02 21.57 -2.54
CA THR I 306 -56.14 21.92 -1.66
C THR I 306 -55.79 23.19 -0.89
N THR I 307 -56.70 24.16 -0.90
CA THR I 307 -56.50 25.39 -0.15
C THR I 307 -56.39 25.07 1.34
N PRO I 308 -55.35 25.56 2.02
CA PRO I 308 -55.23 25.29 3.45
C PRO I 308 -56.36 25.96 4.23
N GLU I 309 -56.59 25.46 5.44
CA GLU I 309 -57.60 26.06 6.30
C GLU I 309 -57.06 27.18 7.16
N ASP I 310 -55.75 27.22 7.41
CA ASP I 310 -55.13 28.36 8.06
C ASP I 310 -54.94 29.54 7.10
N ALA I 311 -55.50 29.45 5.90
CA ALA I 311 -55.41 30.55 4.94
C ALA I 311 -56.28 31.72 5.40
N THR I 312 -55.78 32.93 5.16
CA THR I 312 -56.46 34.16 5.55
C THR I 312 -56.73 34.98 4.30
N PRO I 313 -57.91 34.86 3.69
CA PRO I 313 -58.22 35.64 2.50
C PRO I 313 -58.53 37.10 2.84
N GLU I 314 -58.06 38.00 1.99
CA GLU I 314 -58.40 39.41 2.12
C GLU I 314 -59.88 39.61 1.83
N PRO I 315 -60.47 40.72 2.29
CA PRO I 315 -61.90 40.95 2.04
C PRO I 315 -62.22 41.03 0.56
N GLY I 316 -63.27 40.33 0.15
CA GLY I 316 -63.69 40.31 -1.24
C GLY I 316 -62.83 39.50 -2.17
N GLU I 317 -61.93 38.67 -1.63
CA GLU I 317 -61.01 37.90 -2.46
C GLU I 317 -61.71 36.67 -3.04
N ASP I 318 -61.51 36.45 -4.33
CA ASP I 318 -62.10 35.29 -4.99
C ASP I 318 -61.42 34.02 -4.51
N PRO I 319 -62.18 32.98 -4.14
CA PRO I 319 -61.55 31.69 -3.80
C PRO I 319 -60.57 31.18 -4.84
N ARG I 320 -60.79 31.48 -6.13
CA ARG I 320 -59.82 31.09 -7.15
C ARG I 320 -58.47 31.74 -6.90
N VAL I 321 -58.46 32.98 -6.43
CA VAL I 321 -57.21 33.69 -6.19
C VAL I 321 -56.55 33.22 -4.90
N THR I 322 -57.34 32.82 -3.90
CA THR I 322 -56.76 32.39 -2.63
C THR I 322 -55.98 31.09 -2.80
N ARG I 323 -56.53 30.12 -3.55
CA ARG I 323 -55.83 28.87 -3.76
C ARG I 323 -54.58 29.06 -4.60
N ALA I 324 -54.66 29.91 -5.63
CA ALA I 324 -53.53 30.10 -6.54
C ALA I 324 -52.34 30.71 -5.81
N LYS I 325 -52.58 31.77 -5.03
CA LYS I 325 -51.47 32.46 -4.37
C LYS I 325 -50.90 31.66 -3.21
N TYR I 326 -51.68 30.76 -2.61
CA TYR I 326 -51.15 29.91 -1.54
C TYR I 326 -50.40 28.72 -2.10
N PHE I 327 -50.73 28.28 -3.32
CA PHE I 327 -49.96 27.22 -3.97
C PHE I 327 -48.52 27.66 -4.22
N ILE I 328 -48.35 28.86 -4.80
CA ILE I 328 -47.02 29.41 -5.02
C ILE I 328 -46.31 29.60 -3.69
N ARG I 329 -47.05 29.96 -2.64
CA ARG I 329 -46.46 30.12 -1.32
C ARG I 329 -45.94 28.78 -0.80
N ASP I 330 -46.71 27.71 -0.97
CA ASP I 330 -46.34 26.41 -0.42
C ASP I 330 -45.29 25.69 -1.26
N GLU I 331 -45.11 26.08 -2.52
CA GLU I 331 -44.01 25.52 -3.31
C GLU I 331 -42.65 26.00 -2.82
N PHE I 332 -42.61 27.16 -2.15
CA PHE I 332 -41.38 27.65 -1.54
C PHE I 332 -41.19 27.12 -0.12
N LEU I 333 -42.28 26.99 0.63
CA LEU I 333 -42.18 26.41 1.97
C LEU I 333 -41.78 24.94 1.91
N ARG I 334 -42.13 24.25 0.82
CA ARG I 334 -41.69 22.87 0.64
C ARG I 334 -40.18 22.78 0.58
N ILE I 335 -39.51 23.84 0.10
CA ILE I 335 -38.05 23.86 0.06
C ILE I 335 -37.48 24.26 1.41
N SER I 336 -38.09 25.25 2.06
CA SER I 336 -37.52 25.78 3.30
C SER I 336 -37.65 24.81 4.46
N THR I 337 -38.67 23.93 4.43
CA THR I 337 -38.88 22.97 5.50
C THR I 337 -38.16 21.65 5.25
N ALA I 338 -37.52 21.48 4.10
CA ALA I 338 -36.76 20.27 3.82
C ALA I 338 -35.40 20.25 4.50
N SER I 339 -34.93 21.39 5.01
CA SER I 339 -33.68 21.47 5.75
C SER I 339 -33.74 22.73 6.61
N GLY I 340 -32.68 22.96 7.36
CA GLY I 340 -32.60 24.17 8.16
C GLY I 340 -32.18 23.94 9.60
N ASP I 341 -32.59 22.80 10.19
CA ASP I 341 -32.25 22.44 11.57
C ASP I 341 -32.68 23.53 12.57
N GLY I 342 -33.60 24.39 12.19
CA GLY I 342 -33.89 25.53 13.04
C GLY I 342 -32.79 26.54 13.14
N ARG I 343 -31.77 26.45 12.27
CA ARG I 343 -30.71 27.45 12.22
C ARG I 343 -31.17 28.75 11.60
N HIS I 344 -32.21 28.70 10.77
CA HIS I 344 -32.80 29.88 10.15
C HIS I 344 -34.18 29.50 9.64
N TYR I 345 -35.02 30.51 9.45
CA TYR I 345 -36.42 30.29 9.11
C TYR I 345 -36.80 31.10 7.88
N CYS I 346 -37.98 30.78 7.35
CA CYS I 346 -38.56 31.48 6.21
C CYS I 346 -39.92 32.03 6.61
N TYR I 347 -40.16 33.31 6.31
CA TYR I 347 -41.40 33.98 6.67
C TYR I 347 -42.06 34.54 5.41
N PRO I 348 -43.07 33.86 4.87
CA PRO I 348 -43.67 34.31 3.61
C PRO I 348 -44.62 35.47 3.79
N HIS I 349 -44.66 36.34 2.78
CA HIS I 349 -45.54 37.49 2.75
C HIS I 349 -46.07 37.69 1.33
N PHE I 350 -47.28 38.22 1.23
CA PHE I 350 -47.89 38.59 -0.05
C PHE I 350 -47.70 40.08 -0.25
N THR I 351 -47.01 40.45 -1.32
CA THR I 351 -46.60 41.84 -1.54
C THR I 351 -47.00 42.31 -2.94
N CYS I 352 -47.24 43.61 -3.04
CA CYS I 352 -47.38 44.31 -4.32
C CYS I 352 -46.36 45.44 -4.31
N ALA I 353 -45.27 45.26 -5.05
CA ALA I 353 -44.13 46.17 -4.92
C ALA I 353 -44.44 47.56 -5.43
N VAL I 354 -45.35 47.69 -6.40
CA VAL I 354 -45.73 49.01 -6.92
C VAL I 354 -46.86 49.63 -6.11
N ASP I 355 -47.33 48.96 -5.06
CA ASP I 355 -48.36 49.49 -4.17
C ASP I 355 -47.63 50.03 -2.93
N THR I 356 -47.45 51.34 -2.87
CA THR I 356 -46.65 51.94 -1.82
C THR I 356 -47.26 51.70 -0.45
N GLU I 357 -48.59 51.70 -0.35
CA GLU I 357 -49.24 51.43 0.93
C GLU I 357 -49.13 49.96 1.31
N ASN I 358 -49.06 49.08 0.32
CA ASN I 358 -48.87 47.65 0.62
C ASN I 358 -47.49 47.39 1.18
N ILE I 359 -46.48 48.11 0.69
CA ILE I 359 -45.11 47.85 1.15
C ILE I 359 -44.90 48.39 2.55
N ARG I 360 -45.51 49.54 2.88
CA ARG I 360 -45.37 50.10 4.21
C ARG I 360 -45.96 49.18 5.27
N ARG I 361 -47.17 48.67 5.03
CA ARG I 361 -47.81 47.79 6.01
C ARG I 361 -47.08 46.45 6.11
N VAL I 362 -46.54 45.94 5.01
CA VAL I 362 -45.80 44.69 5.05
C VAL I 362 -44.46 44.90 5.75
N PHE I 363 -43.82 46.04 5.52
CA PHE I 363 -42.52 46.30 6.15
C PHE I 363 -42.66 46.53 7.65
N ASN I 364 -43.81 47.05 8.10
CA ASN I 364 -44.02 47.24 9.53
C ASN I 364 -44.30 45.93 10.25
N ASP I 365 -44.77 44.91 9.53
CA ASP I 365 -44.98 43.59 10.13
C ASP I 365 -43.68 42.81 10.27
N CYS I 366 -42.66 43.16 9.50
CA CYS I 366 -41.37 42.49 9.56
C CYS I 366 -40.41 43.13 10.55
N ARG I 367 -40.82 44.21 11.23
CA ARG I 367 -39.94 44.89 12.17
C ARG I 367 -39.50 43.95 13.29
N ASP I 368 -40.46 43.46 14.08
CA ASP I 368 -40.12 42.68 15.26
C ASP I 368 -39.39 41.39 14.91
N ILE I 369 -39.61 40.86 13.71
CA ILE I 369 -38.86 39.68 13.28
C ILE I 369 -37.42 40.06 12.95
N ILE I 370 -37.23 41.15 12.21
CA ILE I 370 -35.89 41.60 11.85
C ILE I 370 -35.11 42.04 13.08
N GLN I 371 -35.80 42.59 14.09
CA GLN I 371 -35.10 43.17 15.23
C GLN I 371 -34.46 42.09 16.10
N ARG I 372 -35.11 40.95 16.24
CA ARG I 372 -34.55 39.88 17.07
C ARG I 372 -33.78 38.85 16.28
N MET I 373 -33.91 38.83 14.94
CA MET I 373 -32.87 38.24 14.11
C MET I 373 -31.54 38.91 14.37
N HIS I 374 -31.56 40.24 14.40
CA HIS I 374 -30.37 41.03 14.68
C HIS I 374 -29.86 40.80 16.09
N LEU I 375 -30.76 40.57 17.05
CA LEU I 375 -30.35 40.39 18.44
C LEU I 375 -29.77 39.00 18.69
N ARG I 376 -30.21 37.99 17.94
CA ARG I 376 -29.63 36.66 18.09
C ARG I 376 -28.25 36.56 17.44
N GLN I 377 -28.02 37.32 16.35
CA GLN I 377 -26.69 37.31 15.73
C GLN I 377 -25.64 37.90 16.65
N TYR I 378 -26.02 38.83 17.54
CA TYR I 378 -25.12 39.35 18.54
C TYR I 378 -25.23 38.61 19.86
N GLU I 379 -25.78 37.40 19.85
CA GLU I 379 -25.93 36.52 21.01
C GLU I 379 -26.76 37.14 22.12
N LEU I 380 -27.49 38.23 21.85
CA LEU I 380 -28.24 38.88 22.91
C LEU I 380 -29.53 38.14 23.24
N LEU I 381 -30.18 37.53 22.26
CA LEU I 381 -31.25 36.65 22.60
C LEU I 381 -30.74 35.24 22.79
N GLU J 11 -21.92 41.48 48.55
CA GLU J 11 -21.01 42.48 49.11
C GLU J 11 -19.69 41.84 49.55
N ASP J 12 -19.78 40.87 50.45
CA ASP J 12 -18.58 40.27 51.02
C ASP J 12 -17.87 39.36 50.02
N GLN J 13 -18.60 38.79 49.07
CA GLN J 13 -17.95 38.12 47.95
C GLN J 13 -17.04 39.07 47.20
N ARG J 14 -17.53 40.29 46.94
CA ARG J 14 -16.70 41.33 46.36
C ARG J 14 -15.52 41.67 47.25
N ASN J 15 -15.70 41.61 48.58
CA ASN J 15 -14.59 41.85 49.49
C ASN J 15 -13.58 40.72 49.44
N GLU J 16 -14.03 39.48 49.21
CA GLU J 16 -13.10 38.38 49.00
C GLU J 16 -12.38 38.51 47.67
N GLU J 17 -13.04 39.08 46.65
CA GLU J 17 -12.37 39.34 45.38
C GLU J 17 -11.14 40.22 45.59
N LYS J 18 -11.26 41.25 46.42
CA LYS J 18 -10.15 42.15 46.66
C LYS J 18 -9.09 41.51 47.55
N ALA J 19 -9.48 40.56 48.40
CA ALA J 19 -8.51 39.90 49.27
C ALA J 19 -7.65 38.91 48.50
N GLN J 20 -8.17 38.33 47.42
CA GLN J 20 -7.38 37.39 46.64
C GLN J 20 -6.32 38.11 45.81
N ARG J 21 -6.63 39.30 45.31
CA ARG J 21 -5.69 40.02 44.46
C ARG J 21 -4.48 40.50 45.25
N GLU J 22 -4.69 40.91 46.51
CA GLU J 22 -3.57 41.39 47.31
C GLU J 22 -2.69 40.24 47.80
N ALA J 23 -3.29 39.08 48.08
CA ALA J 23 -2.48 37.89 48.32
C ALA J 23 -1.65 37.55 47.09
N ASN J 24 -2.19 37.79 45.90
CA ASN J 24 -1.43 37.57 44.67
C ASN J 24 -0.35 38.63 44.51
N LYS J 25 -0.66 39.89 44.84
CA LYS J 25 0.32 40.96 44.70
C LYS J 25 1.49 40.77 45.65
N LYS J 26 1.22 40.28 46.88
CA LYS J 26 2.30 40.04 47.83
C LYS J 26 3.20 38.91 47.37
N ILE J 27 2.62 37.87 46.75
CA ILE J 27 3.41 36.74 46.28
C ILE J 27 4.33 37.16 45.15
N GLU J 28 3.83 37.99 44.23
CA GLU J 28 4.61 38.36 43.05
C GLU J 28 5.73 39.34 43.39
N LYS J 29 5.62 40.08 44.49
CA LYS J 29 6.72 40.97 44.88
C LYS J 29 7.93 40.16 45.33
N GLN J 30 7.73 39.12 46.14
CA GLN J 30 8.85 38.30 46.55
C GLN J 30 9.33 37.37 45.45
N LEU J 31 8.47 37.05 44.48
CA LEU J 31 8.91 36.24 43.35
C LEU J 31 9.95 36.99 42.52
N GLN J 32 9.80 38.30 42.37
CA GLN J 32 10.82 39.08 41.69
C GLN J 32 12.07 39.25 42.55
N LYS J 33 11.91 39.21 43.88
CA LYS J 33 13.08 39.17 44.76
C LYS J 33 13.75 37.80 44.68
N ASP J 34 12.96 36.73 44.60
CA ASP J 34 13.52 35.39 44.46
C ASP J 34 14.15 35.17 43.10
N LYS J 35 13.82 35.99 42.10
CA LYS J 35 14.38 35.80 40.77
C LYS J 35 15.78 36.39 40.66
N GLN J 36 16.00 37.58 41.19
CA GLN J 36 17.31 38.21 41.07
C GLN J 36 18.40 37.46 41.83
N VAL J 37 18.03 36.70 42.86
CA VAL J 37 19.02 35.86 43.53
C VAL J 37 19.23 34.56 42.75
N TYR J 38 18.18 34.05 42.09
CA TYR J 38 18.29 32.80 41.35
C TYR J 38 18.94 33.01 39.98
N ARG J 39 18.72 34.17 39.36
CA ARG J 39 19.40 34.48 38.10
C ARG J 39 20.87 34.84 38.30
N ALA J 40 21.30 35.10 39.53
CA ALA J 40 22.69 35.43 39.83
C ALA J 40 23.38 34.33 40.62
N THR J 41 22.91 33.09 40.52
CA THR J 41 23.49 31.96 41.20
C THR J 41 24.05 30.99 40.17
N HIS J 42 25.31 30.58 40.36
CA HIS J 42 26.00 29.69 39.43
C HIS J 42 25.86 28.25 39.95
N ARG J 43 24.99 27.48 39.29
CA ARG J 43 24.72 26.11 39.69
C ARG J 43 25.77 25.17 39.09
N LEU J 44 26.38 24.36 39.94
CA LEU J 44 27.44 23.44 39.52
C LEU J 44 27.06 22.02 39.89
N LEU J 45 26.99 21.14 38.89
CA LEU J 45 26.73 19.73 39.09
C LEU J 45 28.04 18.95 39.08
N LEU J 46 28.17 18.00 40.00
CA LEU J 46 29.35 17.16 40.10
C LEU J 46 28.99 15.74 39.66
N LEU J 47 29.65 15.28 38.61
CA LEU J 47 29.47 13.93 38.09
C LEU J 47 30.81 13.19 38.11
N GLY J 48 30.74 11.88 38.00
CA GLY J 48 31.93 11.05 37.98
C GLY J 48 31.63 9.68 38.58
N ALA J 49 32.51 8.73 38.25
CA ALA J 49 32.34 7.37 38.75
C ALA J 49 32.45 7.35 40.27
N GLY J 50 32.01 6.22 40.85
CA GLY J 50 32.02 6.10 42.29
C GLY J 50 33.44 6.13 42.83
N GLU J 51 33.59 6.76 44.00
CA GLU J 51 34.87 6.88 44.70
C GLU J 51 35.89 7.67 43.88
N SER J 52 35.41 8.63 43.09
CA SER J 52 36.31 9.51 42.35
C SER J 52 36.67 10.77 43.12
N GLY J 53 35.78 11.25 43.98
CA GLY J 53 36.07 12.42 44.79
C GLY J 53 35.05 13.53 44.66
N LYS J 54 33.83 13.21 44.22
CA LYS J 54 32.80 14.22 44.10
C LYS J 54 32.44 14.81 45.45
N SER J 55 32.24 13.95 46.46
CA SER J 55 31.84 14.43 47.78
C SER J 55 32.97 15.23 48.44
N THR J 56 34.22 14.80 48.24
CA THR J 56 35.34 15.51 48.84
C THR J 56 35.48 16.92 48.26
N ILE J 57 35.08 17.12 47.00
CA ILE J 57 35.08 18.46 46.42
C ILE J 57 34.04 19.34 47.12
N VAL J 58 32.86 18.78 47.38
CA VAL J 58 31.83 19.53 48.11
C VAL J 58 32.30 19.85 49.52
N LYS J 59 33.03 18.92 50.14
CA LYS J 59 33.58 19.18 51.47
C LYS J 59 34.60 20.32 51.45
N GLN J 60 35.36 20.45 50.37
CA GLN J 60 36.37 21.50 50.29
C GLN J 60 35.74 22.88 50.24
N MET J 61 34.66 23.04 49.46
CA MET J 61 34.02 24.34 49.36
C MET J 61 33.40 24.77 50.68
N ARG J 62 32.98 23.83 51.51
CA ARG J 62 32.46 24.18 52.82
C ARG J 62 33.57 24.51 53.80
N ILE J 63 34.74 23.87 53.66
CA ILE J 63 35.89 24.23 54.48
C ILE J 63 36.36 25.65 54.16
N LEU J 64 36.26 26.04 52.89
CA LEU J 64 36.80 27.31 52.43
C LEU J 64 35.84 28.48 52.62
N HIS J 65 34.53 28.24 52.57
CA HIS J 65 33.57 29.35 52.48
C HIS J 65 32.39 29.27 53.44
N VAL J 66 32.11 28.13 54.07
CA VAL J 66 30.85 27.91 54.77
C VAL J 66 31.11 27.85 56.28
N ASN J 67 30.27 28.55 57.04
CA ASN J 67 30.20 28.44 58.50
C ASN J 67 28.83 27.86 58.84
N GLY J 68 28.76 26.54 59.01
CA GLY J 68 27.50 25.88 59.21
C GLY J 68 27.12 25.65 60.66
N PHE J 69 26.87 24.39 61.02
CA PHE J 69 26.47 24.03 62.37
C PHE J 69 27.14 22.72 62.74
N ASN J 70 27.76 22.68 63.92
CA ASN J 70 28.46 21.50 64.40
C ASN J 70 28.10 21.29 65.87
N GLY J 71 27.12 20.43 66.12
CA GLY J 71 26.65 20.14 67.46
C GLY J 71 27.11 18.78 67.94
N ASP J 72 26.49 18.35 69.05
CA ASP J 72 26.88 17.09 69.66
C ASP J 72 26.43 15.90 68.83
N SER J 73 25.21 15.95 68.28
CA SER J 73 24.75 14.89 67.40
C SER J 73 25.53 14.89 66.08
N GLU J 74 25.96 16.06 65.63
CA GLU J 74 26.74 16.13 64.39
C GLU J 74 28.16 15.61 64.61
N LYS J 75 28.77 15.97 65.75
CA LYS J 75 30.12 15.50 66.05
C LYS J 75 30.18 13.99 66.19
N ALA J 76 29.17 13.40 66.84
CA ALA J 76 29.17 11.97 67.08
C ALA J 76 29.04 11.18 65.78
N THR J 77 28.44 11.76 64.75
CA THR J 77 28.32 11.08 63.48
C THR J 77 29.66 10.93 62.78
N LYS J 78 30.51 11.96 62.89
CA LYS J 78 31.75 11.98 62.12
C LYS J 78 32.85 11.13 62.76
N VAL J 79 32.88 11.05 64.09
CA VAL J 79 33.82 10.14 64.75
C VAL J 79 33.42 8.69 64.49
N GLN J 80 32.11 8.42 64.45
CA GLN J 80 31.65 7.07 64.15
C GLN J 80 31.94 6.70 62.70
N ASP J 81 31.81 7.66 61.79
CA ASP J 81 32.10 7.38 60.38
C ASP J 81 33.58 7.10 60.15
N ILE J 82 34.44 7.79 60.90
CA ILE J 82 35.88 7.58 60.75
C ILE J 82 36.27 6.21 61.29
N LYS J 83 35.71 5.82 62.44
CA LYS J 83 36.02 4.52 63.01
C LYS J 83 35.47 3.37 62.17
N ASN J 84 34.36 3.61 61.47
CA ASN J 84 33.84 2.59 60.56
C ASN J 84 34.82 2.30 59.43
N ASN J 85 35.48 3.34 58.91
CA ASN J 85 36.51 3.15 57.90
C ASN J 85 37.71 2.39 58.47
N LEU J 86 38.13 2.76 59.68
CA LEU J 86 39.28 2.11 60.31
C LEU J 86 39.05 0.61 60.47
N LYS J 87 37.82 0.22 60.82
CA LYS J 87 37.50 -1.19 60.96
C LYS J 87 37.43 -1.87 59.60
N GLU J 88 36.79 -1.24 58.63
CA GLU J 88 36.64 -1.84 57.31
C GLU J 88 37.98 -1.99 56.61
N ALA J 89 38.88 -1.03 56.79
CA ALA J 89 40.18 -1.09 56.12
C ALA J 89 40.99 -2.28 56.60
N ILE J 90 41.06 -2.49 57.92
CA ILE J 90 41.85 -3.59 58.44
C ILE J 90 41.16 -4.93 58.23
N GLU J 91 39.81 -4.95 58.19
CA GLU J 91 39.11 -6.19 57.87
C GLU J 91 39.40 -6.63 56.45
N THR J 92 39.39 -5.70 55.49
CA THR J 92 39.58 -6.06 54.09
C THR J 92 41.01 -6.52 53.83
N ILE J 93 41.99 -5.85 54.41
CA ILE J 93 43.39 -6.22 54.19
C ILE J 93 43.68 -7.60 54.76
N VAL J 94 43.22 -7.85 55.99
CA VAL J 94 43.49 -9.12 56.64
C VAL J 94 42.77 -10.26 55.93
N ALA J 95 41.51 -10.03 55.52
CA ALA J 95 40.73 -11.11 54.92
C ALA J 95 41.28 -11.50 53.54
N ALA J 96 41.94 -10.57 52.86
CA ALA J 96 42.42 -10.83 51.50
C ALA J 96 43.73 -11.60 51.46
N MET J 97 44.44 -11.73 52.58
CA MET J 97 45.70 -12.45 52.59
C MET J 97 45.51 -13.90 52.16
N SER J 98 44.47 -14.55 52.69
CA SER J 98 44.20 -15.93 52.32
C SER J 98 43.64 -16.05 50.91
N ASN J 99 42.99 -15.00 50.42
CA ASN J 99 42.30 -15.05 49.14
C ASN J 99 43.16 -14.53 47.98
N LEU J 100 44.31 -13.92 48.26
CA LEU J 100 45.20 -13.50 47.19
C LEU J 100 45.86 -14.70 46.54
N VAL J 101 46.23 -14.54 45.27
CA VAL J 101 46.98 -15.57 44.55
C VAL J 101 48.26 -14.92 44.01
N PRO J 102 49.45 -15.26 44.56
CA PRO J 102 49.64 -16.23 45.64
C PRO J 102 49.24 -15.69 47.02
N PRO J 103 48.85 -16.59 47.92
CA PRO J 103 48.42 -16.14 49.25
C PRO J 103 49.58 -15.59 50.07
N VAL J 104 49.27 -14.59 50.88
CA VAL J 104 50.26 -13.93 51.73
C VAL J 104 50.13 -14.48 53.15
N GLU J 105 51.27 -14.67 53.81
CA GLU J 105 51.31 -15.17 55.18
C GLU J 105 51.84 -14.09 56.12
N LEU J 106 51.48 -14.20 57.38
CA LEU J 106 51.99 -13.29 58.39
C LEU J 106 53.51 -13.40 58.49
N ALA J 107 54.16 -12.25 58.75
CA ALA J 107 55.60 -12.27 58.94
C ALA J 107 55.98 -13.03 60.20
N ASN J 108 55.38 -12.67 61.34
CA ASN J 108 55.53 -13.53 62.50
C ASN J 108 54.24 -14.29 62.75
N PRO J 109 54.30 -15.59 63.03
CA PRO J 109 53.08 -16.40 63.17
C PRO J 109 52.37 -16.26 64.51
N GLU J 110 52.98 -15.61 65.50
CA GLU J 110 52.34 -15.45 66.80
C GLU J 110 51.23 -14.40 66.79
N ASN J 111 51.17 -13.56 65.77
CA ASN J 111 50.07 -12.61 65.61
C ASN J 111 48.81 -13.28 65.06
N GLN J 112 48.76 -14.61 65.03
CA GLN J 112 47.66 -15.32 64.40
C GLN J 112 46.34 -15.09 65.15
N PHE J 113 46.39 -15.06 66.49
CA PHE J 113 45.17 -14.89 67.27
C PHE J 113 44.54 -13.52 67.06
N ARG J 114 45.31 -12.54 66.58
CA ARG J 114 44.74 -11.24 66.26
C ARG J 114 43.91 -11.31 64.98
N VAL J 115 44.38 -12.07 63.99
CA VAL J 115 43.62 -12.26 62.76
C VAL J 115 42.31 -12.99 63.06
N ASP J 116 42.35 -13.97 63.95
CA ASP J 116 41.15 -14.70 64.32
C ASP J 116 40.13 -13.78 64.99
N TYR J 117 40.60 -12.77 65.71
CA TYR J 117 39.68 -11.81 66.33
C TYR J 117 39.04 -10.90 65.30
N ILE J 118 39.86 -10.33 64.42
CA ILE J 118 39.37 -9.34 63.45
C ILE J 118 38.38 -9.99 62.49
N LEU J 119 38.67 -11.22 62.05
CA LEU J 119 37.76 -11.89 61.13
C LEU J 119 36.44 -12.27 61.80
N SER J 120 36.48 -12.60 63.09
CA SER J 120 35.25 -12.98 63.79
C SER J 120 34.35 -11.78 64.08
N VAL J 121 34.91 -10.58 64.16
CA VAL J 121 34.14 -9.38 64.44
C VAL J 121 33.79 -8.63 63.15
N MET J 122 33.87 -9.30 62.00
CA MET J 122 33.80 -8.61 60.72
C MET J 122 32.44 -7.97 60.50
N ASN J 123 31.36 -8.72 60.71
CA ASN J 123 30.03 -8.23 60.39
C ASN J 123 29.12 -8.17 61.61
N VAL J 124 29.64 -7.63 62.71
CA VAL J 124 28.82 -7.42 63.91
C VAL J 124 27.91 -6.23 63.69
N PRO J 125 26.61 -6.34 64.01
CA PRO J 125 25.72 -5.19 63.77
C PRO J 125 26.07 -3.96 64.58
N ASP J 126 26.27 -4.12 65.89
CA ASP J 126 26.62 -3.00 66.78
C ASP J 126 27.98 -3.29 67.41
N PHE J 127 29.05 -2.88 66.71
CA PHE J 127 30.39 -3.02 67.25
C PHE J 127 30.68 -1.83 68.17
N ASP J 128 31.05 -2.11 69.42
CA ASP J 128 31.26 -1.08 70.42
C ASP J 128 32.67 -0.47 70.35
N PHE J 129 33.52 -0.96 69.45
CA PHE J 129 34.91 -0.52 69.32
C PHE J 129 35.62 -0.54 70.67
N PRO J 130 35.89 -1.71 71.23
CA PRO J 130 36.54 -1.77 72.53
C PRO J 130 38.03 -1.57 72.41
N PRO J 131 38.74 -1.37 73.54
CA PRO J 131 40.20 -1.19 73.46
C PRO J 131 40.93 -2.37 72.84
N GLU J 132 40.38 -3.58 72.92
CA GLU J 132 41.06 -4.73 72.32
C GLU J 132 41.07 -4.65 70.80
N PHE J 133 40.06 -3.99 70.21
CA PHE J 133 40.02 -3.85 68.75
C PHE J 133 41.21 -3.04 68.25
N TYR J 134 41.51 -1.93 68.91
CA TYR J 134 42.61 -1.07 68.47
C TYR J 134 43.96 -1.76 68.68
N GLU J 135 44.10 -2.50 69.78
CA GLU J 135 45.37 -3.17 70.07
C GLU J 135 45.69 -4.21 68.99
N HIS J 136 44.70 -5.01 68.61
CA HIS J 136 44.91 -6.00 67.56
C HIS J 136 45.16 -5.34 66.21
N ALA J 137 44.39 -4.30 65.88
CA ALA J 137 44.54 -3.64 64.59
C ALA J 137 45.91 -2.98 64.46
N LYS J 138 46.39 -2.34 65.53
CA LYS J 138 47.70 -1.71 65.49
C LYS J 138 48.81 -2.74 65.31
N ALA J 139 48.75 -3.82 66.09
CA ALA J 139 49.77 -4.86 65.99
C ALA J 139 49.76 -5.56 64.64
N LEU J 140 48.57 -5.73 64.04
CA LEU J 140 48.50 -6.34 62.72
C LEU J 140 49.04 -5.41 61.65
N TRP J 141 48.72 -4.12 61.73
CA TRP J 141 49.17 -3.17 60.72
C TRP J 141 50.69 -3.05 60.68
N GLU J 142 51.34 -3.21 61.83
CA GLU J 142 52.79 -3.12 61.92
C GLU J 142 53.49 -4.43 61.55
N ASP J 143 52.73 -5.41 61.05
CA ASP J 143 53.31 -6.68 60.64
C ASP J 143 53.64 -6.63 59.15
N GLU J 144 54.89 -7.00 58.82
CA GLU J 144 55.34 -6.93 57.43
C GLU J 144 54.50 -7.81 56.51
N GLY J 145 53.95 -8.91 57.03
CA GLY J 145 53.08 -9.74 56.22
C GLY J 145 51.78 -9.04 55.87
N VAL J 146 51.26 -8.23 56.78
CA VAL J 146 50.03 -7.48 56.51
C VAL J 146 50.32 -6.29 55.61
N ARG J 147 51.47 -5.65 55.77
CA ARG J 147 51.84 -4.55 54.88
C ARG J 147 52.01 -5.04 53.44
N ALA J 148 52.52 -6.26 53.27
CA ALA J 148 52.69 -6.81 51.93
C ALA J 148 51.35 -6.98 51.23
N CYS J 149 50.31 -7.39 51.98
CA CYS J 149 48.98 -7.50 51.40
C CYS J 149 48.38 -6.15 51.06
N TYR J 150 48.83 -5.08 51.72
CA TYR J 150 48.28 -3.75 51.44
C TYR J 150 48.82 -3.19 50.13
N GLU J 151 50.10 -3.45 49.82
CA GLU J 151 50.63 -3.00 48.53
C GLU J 151 50.06 -3.79 47.36
N ARG J 152 49.41 -4.92 47.63
CA ARG J 152 48.65 -5.66 46.61
C ARG J 152 47.17 -5.33 46.65
N SER J 153 46.80 -4.16 47.18
CA SER J 153 45.39 -3.82 47.34
C SER J 153 44.68 -3.50 46.04
N ASN J 154 45.41 -3.39 44.93
CA ASN J 154 44.75 -3.22 43.64
C ASN J 154 44.14 -4.50 43.12
N GLU J 155 44.40 -5.63 43.78
CA GLU J 155 43.79 -6.91 43.42
C GLU J 155 42.50 -7.18 44.18
N TYR J 156 42.20 -6.39 45.21
CA TYR J 156 40.90 -6.46 45.87
C TYR J 156 40.34 -5.05 46.05
N GLN J 157 39.25 -4.92 46.82
CA GLN J 157 38.53 -3.65 46.96
C GLN J 157 38.83 -3.05 48.32
N LEU J 158 39.75 -2.09 48.36
CA LEU J 158 40.14 -1.42 49.59
C LEU J 158 39.95 0.09 49.44
N ILE J 159 39.45 0.73 50.51
CA ILE J 159 39.21 2.17 50.46
C ILE J 159 40.53 2.93 50.49
N ASP J 160 40.48 4.16 49.98
CA ASP J 160 41.71 4.95 49.83
C ASP J 160 42.28 5.39 51.18
N CYS J 161 41.43 5.58 52.18
CA CYS J 161 41.84 6.12 53.47
C CYS J 161 42.44 5.06 54.40
N ALA J 162 42.87 3.92 53.87
CA ALA J 162 43.36 2.83 54.70
C ALA J 162 44.65 3.24 55.41
N GLN J 163 45.68 3.60 54.64
CA GLN J 163 46.97 3.91 55.25
C GLN J 163 46.90 5.16 56.12
N TYR J 164 46.07 6.13 55.76
CA TYR J 164 45.99 7.36 56.54
C TYR J 164 45.44 7.10 57.93
N PHE J 165 44.36 6.33 58.03
CA PHE J 165 43.75 6.09 59.34
C PHE J 165 44.48 5.02 60.13
N LEU J 166 45.11 4.05 59.45
CA LEU J 166 45.87 3.04 60.16
C LEU J 166 47.16 3.58 60.75
N ASP J 167 47.69 4.67 60.20
CA ASP J 167 48.89 5.30 60.76
C ASP J 167 48.57 6.13 62.01
N LYS J 168 47.30 6.36 62.32
CA LYS J 168 46.90 7.16 63.47
C LYS J 168 45.82 6.44 64.27
N ILE J 169 45.95 5.12 64.41
CA ILE J 169 45.02 4.36 65.25
C ILE J 169 45.07 4.88 66.69
N ASP J 170 46.25 5.29 67.14
CA ASP J 170 46.39 5.83 68.49
C ASP J 170 45.57 7.10 68.67
N VAL J 171 45.52 7.94 67.63
CA VAL J 171 44.78 9.19 67.72
C VAL J 171 43.27 8.92 67.73
N ILE J 172 42.82 7.89 67.02
CA ILE J 172 41.40 7.62 66.91
C ILE J 172 40.85 7.00 68.20
N LYS J 173 41.63 6.12 68.83
CA LYS J 173 41.11 5.37 69.97
C LYS J 173 40.92 6.23 71.22
N GLN J 174 41.50 7.43 71.25
CA GLN J 174 41.33 8.30 72.41
C GLN J 174 39.86 8.67 72.59
N ALA J 175 39.41 8.70 73.85
CA ALA J 175 38.00 8.95 74.13
C ALA J 175 37.60 10.39 73.83
N ASP J 176 38.55 11.33 73.85
CA ASP J 176 38.27 12.74 73.60
C ASP J 176 38.71 13.18 72.21
N TYR J 177 38.94 12.24 71.29
CA TYR J 177 39.47 12.56 69.98
C TYR J 177 38.51 13.44 69.20
N VAL J 178 39.03 14.51 68.62
CA VAL J 178 38.27 15.42 67.77
C VAL J 178 38.88 15.35 66.38
N PRO J 179 38.09 15.10 65.33
CA PRO J 179 38.68 14.93 63.99
C PRO J 179 39.06 16.27 63.37
N SER J 180 40.30 16.36 62.88
CA SER J 180 40.72 17.53 62.13
C SER J 180 40.09 17.49 60.74
N ASP J 181 40.15 18.64 60.05
CA ASP J 181 39.47 18.77 58.77
C ASP J 181 40.02 17.79 57.73
N GLN J 182 41.30 17.41 57.85
CA GLN J 182 41.85 16.44 56.92
C GLN J 182 41.35 15.03 57.21
N ASP J 183 41.02 14.73 58.47
CA ASP J 183 40.39 13.45 58.79
C ASP J 183 39.04 13.33 58.10
N LEU J 184 38.26 14.42 58.09
CA LEU J 184 36.97 14.40 57.42
C LEU J 184 37.12 14.27 55.91
N LEU J 185 38.17 14.87 55.35
CA LEU J 185 38.39 14.77 53.90
C LEU J 185 38.74 13.34 53.50
N ARG J 186 39.58 12.67 54.30
CA ARG J 186 39.91 11.27 54.03
C ARG J 186 38.72 10.34 54.28
N CYS J 187 37.75 10.77 55.10
CA CYS J 187 36.67 9.88 55.51
C CYS J 187 35.80 9.49 54.31
N ARG J 188 35.53 8.19 54.17
CA ARG J 188 34.75 7.67 53.06
C ARG J 188 33.33 7.38 53.55
N VAL J 189 32.34 7.99 52.90
CA VAL J 189 30.93 7.76 53.18
C VAL J 189 30.19 7.76 51.86
N LEU J 190 29.41 6.70 51.61
CA LEU J 190 28.59 6.64 50.41
C LEU J 190 27.45 7.65 50.50
N THR J 191 27.43 8.61 49.58
CA THR J 191 26.47 9.71 49.66
C THR J 191 25.07 9.21 49.35
N SER J 192 24.12 9.54 50.23
CA SER J 192 22.72 9.21 50.06
C SER J 192 21.93 10.46 49.70
N GLY J 193 21.09 10.35 48.69
CA GLY J 193 20.30 11.49 48.25
C GLY J 193 21.09 12.49 47.43
N ILE J 194 21.22 13.71 47.93
CA ILE J 194 21.95 14.77 47.24
C ILE J 194 22.71 15.60 48.28
N PHE J 195 23.96 15.91 47.96
CA PHE J 195 24.86 16.62 48.87
C PHE J 195 25.13 18.00 48.30
N GLU J 196 24.54 19.01 48.91
CA GLU J 196 24.53 20.38 48.38
C GLU J 196 25.35 21.32 49.25
N THR J 197 25.65 22.48 48.68
CA THR J 197 26.35 23.55 49.39
C THR J 197 26.10 24.86 48.67
N LYS J 198 25.83 25.92 49.42
CA LYS J 198 25.65 27.26 48.89
C LYS J 198 26.67 28.18 49.55
N PHE J 199 27.43 28.90 48.72
CA PHE J 199 28.48 29.78 49.24
C PHE J 199 28.70 30.93 48.26
N GLN J 200 29.21 32.03 48.79
CA GLN J 200 29.45 33.25 48.03
C GLN J 200 30.93 33.60 48.10
N VAL J 201 31.54 33.80 46.93
CA VAL J 201 32.95 34.16 46.83
C VAL J 201 33.05 35.46 46.04
N ASP J 202 33.48 36.53 46.71
CA ASP J 202 33.66 37.84 46.10
C ASP J 202 32.36 38.31 45.43
N LYS J 203 31.27 38.25 46.20
CA LYS J 203 29.94 38.69 45.77
C LYS J 203 29.44 37.93 44.55
N VAL J 204 29.97 36.73 44.31
CA VAL J 204 29.49 35.85 43.24
C VAL J 204 29.01 34.57 43.91
N ASN J 205 27.70 34.35 43.90
CA ASN J 205 27.11 33.23 44.63
C ASN J 205 27.21 31.95 43.81
N PHE J 206 27.43 30.83 44.51
CA PHE J 206 27.58 29.54 43.88
C PHE J 206 26.63 28.54 44.51
N HIS J 207 26.31 27.49 43.75
CA HIS J 207 25.44 26.41 44.21
C HIS J 207 25.99 25.10 43.65
N MET J 208 26.66 24.33 44.50
CA MET J 208 27.19 23.03 44.12
C MET J 208 26.30 21.92 44.68
N PHE J 209 26.06 20.90 43.88
CA PHE J 209 25.23 19.77 44.30
C PHE J 209 25.85 18.48 43.80
N ASP J 210 25.83 17.46 44.66
CA ASP J 210 26.43 16.16 44.41
C ASP J 210 25.34 15.11 44.57
N VAL J 211 25.10 14.34 43.51
CA VAL J 211 24.02 13.36 43.50
C VAL J 211 24.57 12.01 43.96
N GLY J 212 23.99 11.48 45.04
CA GLY J 212 24.44 10.24 45.62
C GLY J 212 23.52 9.09 45.28
N GLY J 213 24.10 7.91 45.09
CA GLY J 213 23.32 6.73 44.77
C GLY J 213 24.23 5.57 44.44
N GLN J 214 23.65 4.54 43.82
CA GLN J 214 24.40 3.37 43.39
C GLN J 214 24.91 3.60 41.97
N ARG J 215 25.43 2.55 41.35
CA ARG J 215 25.93 2.62 39.98
C ARG J 215 24.73 2.61 39.04
N ASP J 216 24.17 3.80 38.82
CA ASP J 216 23.02 3.96 37.94
C ASP J 216 23.53 3.99 36.49
N GLU J 217 23.21 2.94 35.73
CA GLU J 217 23.59 2.88 34.33
C GLU J 217 22.60 3.60 33.42
N ARG J 218 21.35 3.74 33.86
CA ARG J 218 20.34 4.41 33.05
C ARG J 218 20.43 5.93 33.17
N ARG J 219 20.51 6.43 34.41
CA ARG J 219 20.62 7.86 34.69
C ARG J 219 19.49 8.65 34.04
N LYS J 220 18.26 8.22 34.32
CA LYS J 220 17.08 8.92 33.84
C LYS J 220 16.96 10.31 34.46
N TRP J 221 17.58 10.53 35.61
CA TRP J 221 17.50 11.81 36.33
C TRP J 221 18.42 12.87 35.75
N ILE J 222 19.15 12.58 34.66
CA ILE J 222 20.07 13.56 34.11
C ILE J 222 19.32 14.76 33.55
N GLN J 223 18.12 14.56 33.01
CA GLN J 223 17.34 15.65 32.44
C GLN J 223 17.01 16.75 33.44
N CYS J 224 17.17 16.49 34.74
CA CYS J 224 16.98 17.53 35.74
C CYS J 224 18.06 18.61 35.69
N PHE J 225 19.16 18.37 34.97
CA PHE J 225 20.31 19.27 34.97
C PHE J 225 20.68 19.66 33.54
N ASN J 226 19.68 20.02 32.74
CA ASN J 226 19.96 20.57 31.42
C ASN J 226 20.09 22.09 31.43
N ASP J 227 19.81 22.74 32.57
CA ASP J 227 19.92 24.18 32.71
C ASP J 227 20.94 24.55 33.79
N VAL J 228 21.99 23.75 33.95
CA VAL J 228 23.05 24.05 34.89
C VAL J 228 24.14 24.84 34.17
N THR J 229 24.89 25.63 34.91
CA THR J 229 25.91 26.48 34.30
C THR J 229 27.16 25.69 33.90
N ALA J 230 27.49 24.64 34.64
CA ALA J 230 28.67 23.84 34.33
C ALA J 230 28.57 22.50 35.02
N ILE J 231 29.33 21.53 34.49
CA ILE J 231 29.43 20.20 35.06
C ILE J 231 30.89 19.99 35.47
N ILE J 232 31.10 19.58 36.73
CA ILE J 232 32.42 19.29 37.25
C ILE J 232 32.58 17.77 37.26
N PHE J 233 33.28 17.24 36.26
CA PHE J 233 33.48 15.81 36.13
C PHE J 233 34.78 15.41 36.81
N VAL J 234 34.69 14.59 37.85
CA VAL J 234 35.85 14.17 38.64
C VAL J 234 36.27 12.77 38.21
N VAL J 235 37.58 12.55 38.12
CA VAL J 235 38.16 11.30 37.66
C VAL J 235 39.23 10.86 38.64
N ALA J 236 39.19 9.60 39.05
CA ALA J 236 40.24 9.02 39.89
C ALA J 236 41.38 8.58 38.97
N SER J 237 42.33 9.49 38.74
CA SER J 237 43.40 9.25 37.78
C SER J 237 44.28 8.08 38.20
N SER J 238 44.43 7.84 39.50
CA SER J 238 45.29 6.77 40.00
C SER J 238 44.63 5.40 39.98
N SER J 239 43.38 5.31 39.52
CA SER J 239 42.66 4.04 39.50
C SER J 239 42.89 3.24 38.22
N TYR J 240 44.00 3.49 37.52
CA TYR J 240 44.24 2.81 36.24
C TYR J 240 44.51 1.32 36.41
N ASN J 241 44.82 0.86 37.63
CA ASN J 241 45.16 -0.53 37.88
C ASN J 241 44.12 -1.24 38.73
N MET J 242 42.93 -0.66 38.90
CA MET J 242 41.90 -1.22 39.75
C MET J 242 40.61 -1.43 38.95
N VAL J 243 39.76 -2.31 39.47
CA VAL J 243 38.48 -2.61 38.86
C VAL J 243 37.37 -2.01 39.71
N ILE J 244 36.20 -1.85 39.10
CA ILE J 244 35.05 -1.26 39.79
C ILE J 244 34.44 -2.31 40.73
N ARG J 245 33.56 -1.86 41.61
CA ARG J 245 33.08 -2.70 42.71
C ARG J 245 31.91 -3.59 42.34
N GLU J 246 31.10 -3.20 41.34
CA GLU J 246 29.87 -3.95 41.07
C GLU J 246 30.16 -5.32 40.47
N ASP J 247 31.16 -5.40 39.59
CA ASP J 247 31.46 -6.65 38.91
C ASP J 247 32.86 -7.19 39.16
N ASN J 248 33.75 -6.40 39.76
CA ASN J 248 35.13 -6.78 40.00
C ASN J 248 35.88 -7.09 38.70
N GLN J 249 35.38 -6.59 37.58
CA GLN J 249 35.95 -6.91 36.27
C GLN J 249 36.29 -5.68 35.43
N THR J 250 35.47 -4.64 35.48
CA THR J 250 35.65 -3.48 34.62
C THR J 250 36.69 -2.53 35.22
N ASN J 251 37.66 -2.13 34.40
CA ASN J 251 38.71 -1.21 34.85
C ASN J 251 38.10 0.12 35.27
N ARG J 252 38.54 0.63 36.42
CA ARG J 252 37.96 1.85 36.97
C ARG J 252 38.20 3.05 36.06
N LEU J 253 39.39 3.13 35.45
CA LEU J 253 39.64 4.23 34.52
C LEU J 253 38.83 4.06 33.24
N GLN J 254 38.49 2.83 32.88
CA GLN J 254 37.61 2.61 31.74
C GLN J 254 36.17 2.98 32.08
N GLU J 255 35.75 2.74 33.32
CA GLU J 255 34.42 3.17 33.75
C GLU J 255 34.29 4.68 33.69
N ALA J 256 35.35 5.41 34.05
CA ALA J 256 35.32 6.86 33.97
C ALA J 256 35.29 7.34 32.53
N LEU J 257 36.06 6.69 31.66
CA LEU J 257 36.05 7.06 30.24
C LEU J 257 34.70 6.77 29.60
N ASN J 258 34.08 5.64 29.96
CA ASN J 258 32.78 5.30 29.39
C ASN J 258 31.69 6.23 29.92
N LEU J 259 31.73 6.54 31.22
CA LEU J 259 30.74 7.46 31.79
C LEU J 259 30.90 8.85 31.21
N PHE J 260 32.15 9.30 31.01
CA PHE J 260 32.38 10.62 30.43
C PHE J 260 31.88 10.68 29.00
N LYS J 261 32.01 9.58 28.25
CA LYS J 261 31.52 9.54 26.88
C LYS J 261 30.01 9.71 26.82
N SER J 262 29.30 9.16 27.82
CA SER J 262 27.84 9.25 27.82
C SER J 262 27.34 10.62 28.27
N ILE J 263 28.04 11.27 29.20
CA ILE J 263 27.64 12.61 29.62
C ILE J 263 27.89 13.62 28.51
N TRP J 264 29.07 13.56 27.88
CA TRP J 264 29.43 14.53 26.85
C TRP J 264 28.46 14.49 25.68
N ASN J 265 27.98 13.30 25.32
CA ASN J 265 27.08 13.12 24.20
C ASN J 265 25.63 12.88 24.65
N ASN J 266 25.32 13.16 25.90
CA ASN J 266 23.95 13.06 26.38
C ASN J 266 23.08 14.10 25.69
N ARG J 267 21.87 13.69 25.31
CA ARG J 267 21.01 14.56 24.51
C ARG J 267 20.52 15.78 25.29
N TRP J 268 20.59 15.75 26.62
CA TRP J 268 20.13 16.86 27.44
C TRP J 268 21.24 17.80 27.87
N LEU J 269 22.50 17.39 27.73
CA LEU J 269 23.65 18.16 28.16
C LEU J 269 24.46 18.69 26.97
N ARG J 270 23.80 18.93 25.85
CA ARG J 270 24.51 19.29 24.62
C ARG J 270 25.24 20.62 24.78
N THR J 271 24.57 21.63 25.33
CA THR J 271 25.14 22.97 25.41
C THR J 271 25.96 23.22 26.67
N ILE J 272 25.98 22.29 27.61
CA ILE J 272 26.61 22.50 28.91
C ILE J 272 28.07 22.07 28.84
N SER J 273 28.98 22.99 29.13
CA SER J 273 30.39 22.68 29.15
C SER J 273 30.76 21.90 30.40
N VAL J 274 31.97 21.35 30.42
CA VAL J 274 32.42 20.46 31.48
C VAL J 274 33.80 20.92 31.96
N ILE J 275 33.91 21.16 33.26
CA ILE J 275 35.21 21.37 33.88
C ILE J 275 35.68 20.02 34.41
N LEU J 276 36.75 19.49 33.82
CA LEU J 276 37.19 18.12 34.05
C LEU J 276 38.28 18.11 35.11
N PHE J 277 37.97 17.57 36.28
CA PHE J 277 38.94 17.42 37.36
C PHE J 277 39.61 16.05 37.27
N LEU J 278 40.92 16.05 37.04
CA LEU J 278 41.70 14.81 37.06
C LEU J 278 42.26 14.65 38.47
N ASN J 279 41.44 14.06 39.34
CA ASN J 279 41.72 14.00 40.76
C ASN J 279 42.80 12.94 41.06
N LYS J 280 43.19 12.88 42.33
CA LYS J 280 44.13 11.87 42.83
C LYS J 280 45.48 11.95 42.10
N GLN J 281 46.02 13.17 42.01
CA GLN J 281 47.33 13.34 41.41
C GLN J 281 48.44 12.87 42.35
N ASP J 282 48.20 12.91 43.66
CA ASP J 282 49.22 12.44 44.61
C ASP J 282 49.42 10.94 44.51
N LEU J 283 48.32 10.18 44.46
CA LEU J 283 48.46 8.72 44.36
C LEU J 283 48.91 8.30 42.97
N LEU J 284 48.52 9.04 41.94
CA LEU J 284 49.03 8.76 40.60
C LEU J 284 50.55 8.89 40.56
N ALA J 285 51.08 9.95 41.17
CA ALA J 285 52.53 10.09 41.25
C ALA J 285 53.16 8.98 42.10
N GLU J 286 52.45 8.53 43.13
CA GLU J 286 52.98 7.45 43.97
C GLU J 286 53.12 6.15 43.18
N LYS J 287 52.08 5.77 42.46
CA LYS J 287 52.09 4.50 41.73
C LYS J 287 53.07 4.54 40.56
N VAL J 288 53.22 5.70 39.91
CA VAL J 288 54.07 5.78 38.72
C VAL J 288 55.54 5.65 39.11
N LEU J 289 55.98 6.41 40.13
CA LEU J 289 57.39 6.39 40.52
C LEU J 289 57.74 5.17 41.36
N ALA J 290 56.87 4.73 42.25
CA ALA J 290 57.03 3.38 42.77
C ALA J 290 57.15 2.40 41.61
N GLY J 291 56.39 2.68 40.53
CA GLY J 291 56.27 1.77 39.42
C GLY J 291 56.18 0.37 39.94
N LYS J 292 55.19 0.02 40.76
CA LYS J 292 54.78 -1.40 40.81
C LYS J 292 53.46 -1.65 40.08
N SER J 293 52.79 -0.63 39.56
CA SER J 293 51.71 -0.90 38.61
C SER J 293 51.96 -0.03 37.38
N LYS J 294 52.56 -0.61 36.34
CA LYS J 294 52.84 0.13 35.12
C LYS J 294 51.61 0.28 34.23
N ILE J 295 51.44 1.48 33.68
CA ILE J 295 50.22 1.82 32.95
C ILE J 295 50.11 1.02 31.66
N GLU J 296 51.24 0.69 31.02
CA GLU J 296 51.19 -0.05 29.76
C GLU J 296 50.59 -1.44 29.91
N ASP J 297 50.62 -2.00 31.13
CA ASP J 297 50.03 -3.31 31.36
C ASP J 297 48.51 -3.28 31.35
N TYR J 298 47.90 -2.09 31.48
CA TYR J 298 46.46 -1.92 31.49
C TYR J 298 45.95 -1.17 30.28
N PHE J 299 46.68 -0.15 29.82
CA PHE J 299 46.36 0.60 28.61
C PHE J 299 47.59 0.52 27.71
N PRO J 300 47.64 -0.47 26.80
CA PRO J 300 48.87 -0.67 26.02
C PRO J 300 49.27 0.50 25.14
N GLU J 301 48.31 1.32 24.71
CA GLU J 301 48.65 2.45 23.86
C GLU J 301 49.43 3.54 24.60
N PHE J 302 49.55 3.43 25.92
CA PHE J 302 50.40 4.37 26.66
C PHE J 302 51.88 4.18 26.33
N ALA J 303 52.26 3.00 25.85
CA ALA J 303 53.66 2.73 25.53
C ALA J 303 54.14 3.53 24.32
N ARG J 304 53.24 3.96 23.44
CA ARG J 304 53.58 4.85 22.33
C ARG J 304 53.36 6.31 22.60
N TYR J 305 52.65 6.63 23.68
CA TYR J 305 52.24 8.00 23.91
C TYR J 305 53.45 8.90 24.05
N THR J 306 53.33 10.11 23.49
CA THR J 306 54.39 11.10 23.51
C THR J 306 53.94 12.26 24.40
N THR J 307 54.83 12.70 25.28
CA THR J 307 54.54 13.85 26.12
C THR J 307 54.20 15.04 25.24
N PRO J 308 53.08 15.73 25.48
CA PRO J 308 52.70 16.85 24.62
C PRO J 308 53.77 17.93 24.61
N GLU J 309 53.84 18.67 23.51
CA GLU J 309 54.79 19.76 23.40
C GLU J 309 54.35 21.00 24.17
N ASP J 310 53.05 21.16 24.39
CA ASP J 310 52.52 22.25 25.21
C ASP J 310 52.43 21.88 26.68
N ALA J 311 52.92 20.70 27.06
CA ALA J 311 52.84 20.25 28.45
C ALA J 311 53.74 21.10 29.34
N THR J 312 53.21 21.51 30.48
CA THR J 312 53.96 22.33 31.44
C THR J 312 54.14 21.54 32.73
N PRO J 313 55.33 21.01 33.00
CA PRO J 313 55.54 20.28 34.26
C PRO J 313 55.67 21.21 35.45
N GLU J 314 55.36 20.67 36.61
CA GLU J 314 55.57 21.36 37.87
C GLU J 314 57.06 21.34 38.23
N PRO J 315 57.50 22.23 39.11
CA PRO J 315 58.92 22.24 39.50
C PRO J 315 59.37 20.90 40.06
N GLY J 316 60.43 20.35 39.45
CA GLY J 316 60.98 19.09 39.89
C GLY J 316 60.17 17.87 39.55
N GLU J 317 59.16 17.99 38.70
CA GLU J 317 58.31 16.86 38.36
C GLU J 317 59.07 15.87 37.48
N ASP J 318 58.94 14.59 37.82
CA ASP J 318 59.58 13.55 37.03
C ASP J 318 58.88 13.43 35.67
N PRO J 319 59.63 13.42 34.56
CA PRO J 319 59.00 13.24 33.24
C PRO J 319 58.12 12.00 33.14
N ARG J 320 58.37 11.01 33.99
CA ARG J 320 57.48 9.84 34.05
C ARG J 320 56.11 10.23 34.60
N VAL J 321 56.09 11.11 35.60
CA VAL J 321 54.82 11.58 36.14
C VAL J 321 54.14 12.55 35.16
N THR J 322 54.93 13.32 34.40
CA THR J 322 54.36 14.25 33.45
C THR J 322 53.68 13.51 32.30
N ARG J 323 54.35 12.51 31.74
CA ARG J 323 53.78 11.74 30.64
C ARG J 323 52.55 10.96 31.09
N ALA J 324 52.54 10.47 32.33
CA ALA J 324 51.42 9.67 32.81
C ALA J 324 50.15 10.52 32.92
N LYS J 325 50.24 11.67 33.59
CA LYS J 325 49.06 12.48 33.81
C LYS J 325 48.53 13.10 32.52
N TYR J 326 49.42 13.41 31.58
CA TYR J 326 48.98 13.97 30.31
C TYR J 326 48.43 12.90 29.36
N PHE J 327 48.72 11.62 29.62
CA PHE J 327 48.07 10.56 28.86
C PHE J 327 46.62 10.39 29.30
N ILE J 328 46.39 10.35 30.62
CA ILE J 328 45.02 10.31 31.13
C ILE J 328 44.27 11.58 30.76
N ARG J 329 44.97 12.72 30.71
CA ARG J 329 44.35 13.96 30.27
C ARG J 329 43.84 13.84 28.84
N ASP J 330 44.70 13.35 27.94
CA ASP J 330 44.34 13.29 26.52
C ASP J 330 43.35 12.19 26.22
N GLU J 331 43.25 11.16 27.07
CA GLU J 331 42.25 10.12 26.85
C GLU J 331 40.84 10.69 26.93
N PHE J 332 40.61 11.64 27.82
CA PHE J 332 39.31 12.29 27.91
C PHE J 332 39.14 13.35 26.83
N LEU J 333 40.21 14.07 26.50
CA LEU J 333 40.15 15.06 25.44
C LEU J 333 39.91 14.42 24.07
N ARG J 334 40.25 13.14 23.90
CA ARG J 334 39.89 12.45 22.67
C ARG J 334 38.39 12.30 22.55
N ILE J 335 37.68 12.19 23.68
CA ILE J 335 36.22 12.07 23.66
C ILE J 335 35.57 13.43 23.47
N SER J 336 36.08 14.46 24.15
CA SER J 336 35.44 15.77 24.11
C SER J 336 35.63 16.45 22.76
N THR J 337 36.73 16.16 22.06
CA THR J 337 36.98 16.76 20.75
C THR J 337 36.32 16.00 19.62
N ALA J 338 35.84 14.78 19.87
CA ALA J 338 35.18 14.02 18.81
C ALA J 338 33.84 14.62 18.43
N SER J 339 33.15 15.25 19.38
CA SER J 339 31.85 15.85 19.12
C SER J 339 31.71 17.11 19.95
N GLY J 340 30.69 17.90 19.63
CA GLY J 340 30.44 19.13 20.34
C GLY J 340 30.26 20.32 19.42
N ASP J 341 31.05 20.36 18.34
CA ASP J 341 30.99 21.38 17.29
C ASP J 341 30.75 22.78 17.81
N GLY J 342 31.38 23.14 18.93
CA GLY J 342 31.29 24.48 19.47
C GLY J 342 30.07 24.77 20.31
N ARG J 343 29.20 23.79 20.58
CA ARG J 343 28.06 24.03 21.45
C ARG J 343 28.42 23.92 22.92
N HIS J 344 29.53 23.26 23.24
CA HIS J 344 30.08 23.24 24.60
C HIS J 344 31.52 22.76 24.52
N TYR J 345 32.28 23.02 25.58
CA TYR J 345 33.71 22.75 25.60
C TYR J 345 34.07 21.96 26.85
N CYS J 346 35.34 21.58 26.94
CA CYS J 346 35.88 20.85 28.08
C CYS J 346 37.13 21.54 28.58
N TYR J 347 37.21 21.76 29.88
CA TYR J 347 38.33 22.48 30.50
C TYR J 347 38.99 21.59 31.56
N PRO J 348 40.08 20.91 31.23
CA PRO J 348 40.70 19.98 32.18
C PRO J 348 41.57 20.70 33.20
N HIS J 349 41.69 20.05 34.37
CA HIS J 349 42.55 20.53 35.43
C HIS J 349 43.08 19.33 36.21
N PHE J 350 44.33 19.43 36.65
CA PHE J 350 44.93 18.42 37.51
C PHE J 350 44.69 18.82 38.96
N THR J 351 43.92 18.01 39.68
CA THR J 351 43.45 18.35 41.01
C THR J 351 43.84 17.29 42.03
N CYS J 352 43.85 17.69 43.29
CA CYS J 352 44.03 16.81 44.44
C CYS J 352 42.96 17.23 45.46
N ALA J 353 41.81 16.55 45.42
CA ALA J 353 40.67 16.97 46.22
C ALA J 353 41.00 17.03 47.71
N VAL J 354 41.91 16.18 48.18
CA VAL J 354 42.22 16.13 49.61
C VAL J 354 43.17 17.22 50.06
N ASP J 355 43.75 17.97 49.12
CA ASP J 355 44.60 19.11 49.43
C ASP J 355 43.77 20.39 49.30
N THR J 356 43.60 21.10 50.41
CA THR J 356 42.66 22.23 50.43
C THR J 356 43.14 23.38 49.55
N GLU J 357 44.41 23.78 49.68
CA GLU J 357 44.85 24.94 48.91
C GLU J 357 45.04 24.61 47.44
N ASN J 358 45.27 23.34 47.10
CA ASN J 358 45.21 22.95 45.69
C ASN J 358 43.81 23.18 45.14
N ILE J 359 42.79 22.75 45.88
CA ILE J 359 41.41 22.96 45.45
C ILE J 359 41.06 24.45 45.47
N ARG J 360 41.58 25.17 46.46
CA ARG J 360 41.33 26.62 46.51
C ARG J 360 41.93 27.31 45.30
N ARG J 361 43.19 26.99 44.97
CA ARG J 361 43.84 27.61 43.82
C ARG J 361 43.13 27.24 42.53
N VAL J 362 42.83 25.95 42.34
CA VAL J 362 42.22 25.49 41.09
C VAL J 362 40.80 26.04 40.94
N PHE J 363 40.09 26.28 42.06
CA PHE J 363 38.75 26.81 41.97
C PHE J 363 38.74 28.27 41.52
N ASN J 364 39.81 29.02 41.80
CA ASN J 364 39.79 30.46 41.55
C ASN J 364 40.00 30.78 40.06
N ASP J 365 40.76 29.97 39.34
CA ASP J 365 40.89 30.17 37.89
C ASP J 365 39.77 29.51 37.11
N CYS J 366 38.79 28.93 37.80
CA CYS J 366 37.58 28.42 37.15
C CYS J 366 36.42 29.40 37.22
N ARG J 367 36.53 30.47 38.02
CA ARG J 367 35.41 31.38 38.20
C ARG J 367 35.19 32.26 36.97
N ASP J 368 36.28 32.67 36.30
CA ASP J 368 36.12 33.56 35.15
C ASP J 368 35.44 32.85 33.99
N ILE J 369 35.72 31.56 33.80
CA ILE J 369 35.04 30.84 32.73
C ILE J 369 33.63 30.46 33.14
N ILE J 370 33.40 30.22 34.43
CA ILE J 370 32.05 29.89 34.90
C ILE J 370 31.15 31.11 34.78
N GLN J 371 31.67 32.31 35.09
CA GLN J 371 30.90 33.51 34.89
C GLN J 371 30.58 33.74 33.41
N ARG J 372 31.56 33.50 32.53
CA ARG J 372 31.31 33.64 31.10
C ARG J 372 30.33 32.59 30.60
N MET J 373 30.40 31.37 31.15
CA MET J 373 29.43 30.35 30.80
C MET J 373 28.04 30.74 31.27
N HIS J 374 27.93 31.32 32.47
CA HIS J 374 26.63 31.72 33.00
C HIS J 374 26.05 32.89 32.22
N LEU J 375 26.90 33.73 31.62
CA LEU J 375 26.41 34.91 30.90
C LEU J 375 25.78 34.53 29.57
N ARG J 376 26.30 33.49 28.90
CA ARG J 376 25.71 33.09 27.63
C ARG J 376 24.39 32.37 27.81
N GLN J 377 24.24 31.62 28.91
CA GLN J 377 22.97 30.96 29.18
C GLN J 377 21.82 31.95 29.32
N TYR J 378 22.10 33.20 29.64
CA TYR J 378 21.10 34.26 29.69
C TYR J 378 21.23 35.23 28.52
N GLU J 379 21.95 34.84 27.47
CA GLU J 379 22.13 35.64 26.27
C GLU J 379 22.79 36.99 26.55
N LEU J 380 23.48 37.11 27.68
CA LEU J 380 24.23 38.31 28.00
C LEU J 380 25.66 38.28 27.44
N LEU J 381 25.96 37.30 26.60
CA LEU J 381 27.26 37.21 25.94
C LEU J 381 27.07 36.94 24.45
N GLU K 11 -11.56 -57.50 -27.69
CA GLU K 11 -10.63 -57.20 -28.77
C GLU K 11 -9.19 -57.50 -28.36
N ASP K 12 -8.24 -56.93 -29.10
CA ASP K 12 -6.83 -57.10 -28.76
C ASP K 12 -6.50 -56.42 -27.43
N GLN K 13 -7.24 -55.36 -27.08
CA GLN K 13 -7.03 -54.73 -25.78
C GLN K 13 -7.66 -55.53 -24.65
N ARG K 14 -8.65 -56.38 -24.95
CA ARG K 14 -9.11 -57.34 -23.95
C ARG K 14 -8.04 -58.37 -23.66
N ASN K 15 -7.20 -58.70 -24.65
CA ASN K 15 -6.03 -59.52 -24.38
C ASN K 15 -5.11 -58.84 -23.39
N GLU K 16 -4.97 -57.51 -23.49
CA GLU K 16 -4.11 -56.77 -22.57
C GLU K 16 -4.65 -56.83 -21.14
N GLU K 17 -5.96 -57.04 -20.97
CA GLU K 17 -6.50 -57.26 -19.65
C GLU K 17 -6.06 -58.60 -19.08
N LYS K 18 -5.89 -59.61 -19.93
CA LYS K 18 -5.44 -60.92 -19.49
C LYS K 18 -3.94 -60.95 -19.24
N ALA K 19 -3.17 -60.10 -19.94
CA ALA K 19 -1.74 -60.06 -19.70
C ALA K 19 -1.39 -59.42 -18.37
N GLN K 20 -2.18 -58.41 -17.94
CA GLN K 20 -1.93 -57.77 -16.66
C GLN K 20 -2.22 -58.70 -15.50
N ARG K 21 -3.20 -59.60 -15.64
CA ARG K 21 -3.58 -60.48 -14.54
C ARG K 21 -2.50 -61.52 -14.28
N GLU K 22 -1.87 -62.04 -15.33
CA GLU K 22 -0.81 -63.02 -15.12
C GLU K 22 0.52 -62.35 -14.78
N ALA K 23 0.71 -61.09 -15.18
CA ALA K 23 1.82 -60.32 -14.63
C ALA K 23 1.62 -60.09 -13.14
N ASN K 24 0.39 -59.80 -12.72
CA ASN K 24 0.07 -59.73 -11.30
C ASN K 24 0.20 -61.10 -10.64
N LYS K 25 -0.09 -62.17 -11.37
CA LYS K 25 0.00 -63.52 -10.81
C LYS K 25 1.44 -63.90 -10.51
N LYS K 26 2.36 -63.59 -11.43
CA LYS K 26 3.77 -63.90 -11.19
C LYS K 26 4.31 -63.11 -10.00
N ILE K 27 3.75 -61.94 -9.72
CA ILE K 27 4.23 -61.11 -8.61
C ILE K 27 3.82 -61.71 -7.27
N GLU K 28 2.52 -62.03 -7.13
CA GLU K 28 2.00 -62.43 -5.83
C GLU K 28 2.62 -63.73 -5.34
N LYS K 29 2.96 -64.64 -6.26
CA LYS K 29 3.59 -65.89 -5.85
C LYS K 29 5.07 -65.71 -5.53
N GLN K 30 5.70 -64.68 -6.11
CA GLN K 30 7.01 -64.26 -5.60
C GLN K 30 6.87 -63.64 -4.22
N LEU K 31 5.82 -62.85 -4.00
CA LEU K 31 5.56 -62.27 -2.69
C LEU K 31 5.23 -63.33 -1.65
N GLN K 32 4.74 -64.50 -2.07
CA GLN K 32 4.47 -65.56 -1.10
C GLN K 32 5.78 -66.16 -0.57
N LYS K 33 6.78 -66.32 -1.44
CA LYS K 33 8.08 -66.79 -0.98
C LYS K 33 8.77 -65.71 -0.14
N ASP K 34 8.58 -64.45 -0.49
CA ASP K 34 9.18 -63.36 0.29
C ASP K 34 8.54 -63.27 1.67
N LYS K 35 7.24 -63.54 1.77
CA LYS K 35 6.57 -63.52 3.07
C LYS K 35 7.17 -64.58 4.00
N GLN K 36 7.42 -65.78 3.49
CA GLN K 36 7.98 -66.83 4.32
C GLN K 36 9.39 -66.48 4.80
N VAL K 37 10.18 -65.83 3.95
CA VAL K 37 11.52 -65.42 4.34
C VAL K 37 11.46 -64.32 5.39
N TYR K 38 10.68 -63.27 5.12
CA TYR K 38 10.52 -62.18 6.08
C TYR K 38 9.90 -62.68 7.38
N ARG K 39 9.00 -63.65 7.30
CA ARG K 39 8.34 -64.16 8.50
C ARG K 39 9.31 -64.91 9.39
N ALA K 40 10.36 -65.49 8.83
CA ALA K 40 11.30 -66.32 9.58
C ALA K 40 12.59 -65.59 9.95
N THR K 41 12.68 -64.30 9.65
CA THR K 41 13.90 -63.53 9.91
C THR K 41 13.77 -62.79 11.23
N HIS K 42 14.74 -62.99 12.12
CA HIS K 42 14.79 -62.29 13.40
C HIS K 42 15.65 -61.05 13.23
N ARG K 43 15.00 -59.89 13.09
CA ARG K 43 15.73 -58.64 12.94
C ARG K 43 16.26 -58.18 14.28
N LEU K 44 17.53 -57.80 14.32
CA LEU K 44 18.19 -57.37 15.55
C LEU K 44 18.81 -56.00 15.32
N LEU K 45 18.39 -55.02 16.12
CA LEU K 45 18.87 -53.66 16.01
C LEU K 45 19.96 -53.40 17.05
N LEU K 46 21.08 -52.84 16.61
CA LEU K 46 22.19 -52.49 17.48
C LEU K 46 22.10 -51.00 17.83
N LEU K 47 22.06 -50.70 19.12
CA LEU K 47 22.02 -49.32 19.60
C LEU K 47 23.07 -49.14 20.69
N GLY K 48 23.41 -47.88 20.93
CA GLY K 48 24.41 -47.54 21.93
C GLY K 48 25.20 -46.32 21.50
N ALA K 49 25.86 -45.70 22.47
CA ALA K 49 26.66 -44.52 22.21
C ALA K 49 27.84 -44.87 21.31
N GLY K 50 28.48 -43.83 20.77
CA GLY K 50 29.63 -44.04 19.91
C GLY K 50 30.78 -44.69 20.65
N GLU K 51 31.54 -45.51 19.92
CA GLU K 51 32.68 -46.25 20.44
C GLU K 51 32.30 -47.23 21.55
N SER K 52 31.02 -47.64 21.60
CA SER K 52 30.62 -48.63 22.58
C SER K 52 30.90 -50.06 22.10
N GLY K 53 30.90 -50.29 20.79
CA GLY K 53 31.26 -51.58 20.26
C GLY K 53 30.21 -52.20 19.36
N LYS K 54 29.31 -51.37 18.83
CA LYS K 54 28.24 -51.89 17.97
C LYS K 54 28.81 -52.52 16.69
N SER K 55 29.68 -51.79 16.00
CA SER K 55 30.23 -52.30 14.74
C SER K 55 31.09 -53.54 14.96
N THR K 56 31.74 -53.65 16.12
CA THR K 56 32.53 -54.84 16.41
C THR K 56 31.64 -56.06 16.59
N ILE K 57 30.42 -55.87 17.07
CA ILE K 57 29.50 -57.00 17.25
C ILE K 57 29.15 -57.61 15.89
N VAL K 58 28.92 -56.78 14.88
CA VAL K 58 28.62 -57.30 13.55
C VAL K 58 29.83 -58.01 12.96
N LYS K 59 31.03 -57.49 13.22
CA LYS K 59 32.24 -58.15 12.75
C LYS K 59 32.33 -59.57 13.28
N GLN K 60 31.96 -59.78 14.55
CA GLN K 60 31.99 -61.12 15.13
C GLN K 60 31.01 -62.04 14.44
N MET K 61 29.83 -61.53 14.07
CA MET K 61 28.83 -62.37 13.44
C MET K 61 29.27 -62.83 12.06
N ARG K 62 29.98 -61.97 11.32
CA ARG K 62 30.50 -62.38 10.02
C ARG K 62 31.68 -63.32 10.17
N ILE K 63 32.50 -63.13 11.20
CA ILE K 63 33.59 -64.06 11.48
C ILE K 63 33.06 -65.42 11.86
N LEU K 64 31.88 -65.46 12.49
CA LEU K 64 31.34 -66.71 13.01
C LEU K 64 30.43 -67.44 12.02
N HIS K 65 29.78 -66.73 11.10
CA HIS K 65 28.76 -67.36 10.27
C HIS K 65 28.79 -66.99 8.79
N VAL K 66 29.68 -66.11 8.35
CA VAL K 66 29.63 -65.57 7.00
C VAL K 66 30.90 -65.91 6.25
N ASN K 67 30.75 -66.35 5.00
CA ASN K 67 31.86 -66.54 4.07
C ASN K 67 31.73 -65.48 2.98
N GLY K 68 32.31 -64.30 3.23
CA GLY K 68 32.28 -63.22 2.28
C GLY K 68 33.42 -63.30 1.28
N PHE K 69 33.48 -62.30 0.41
CA PHE K 69 34.55 -62.16 -0.57
C PHE K 69 35.61 -61.21 -0.04
N ASN K 70 36.87 -61.59 -0.21
CA ASN K 70 38.00 -60.76 0.18
C ASN K 70 38.74 -60.37 -1.10
N GLY K 71 38.26 -59.30 -1.73
CA GLY K 71 38.90 -58.82 -2.93
C GLY K 71 40.14 -58.01 -2.63
N ASP K 72 41.00 -57.88 -3.65
CA ASP K 72 42.23 -57.12 -3.49
C ASP K 72 41.95 -55.66 -3.19
N SER K 73 40.81 -55.14 -3.64
CA SER K 73 40.41 -53.78 -3.28
C SER K 73 40.05 -53.70 -1.81
N GLU K 74 39.41 -54.74 -1.27
CA GLU K 74 38.95 -54.70 0.12
C GLU K 74 40.08 -54.97 1.10
N LYS K 75 41.08 -55.76 0.72
CA LYS K 75 42.22 -56.00 1.61
C LYS K 75 43.13 -54.79 1.71
N ALA K 76 43.14 -53.92 0.69
CA ALA K 76 44.00 -52.74 0.73
C ALA K 76 43.43 -51.68 1.67
N THR K 77 42.10 -51.51 1.68
CA THR K 77 41.50 -50.54 2.57
C THR K 77 41.60 -50.96 4.03
N LYS K 78 41.55 -52.27 4.30
CA LYS K 78 41.69 -52.74 5.68
C LYS K 78 43.09 -52.48 6.21
N VAL K 79 44.10 -52.54 5.35
CA VAL K 79 45.45 -52.17 5.76
C VAL K 79 45.53 -50.65 5.96
N GLN K 80 44.87 -49.89 5.10
CA GLN K 80 44.83 -48.44 5.27
C GLN K 80 44.11 -48.06 6.55
N ASP K 81 43.01 -48.75 6.87
CA ASP K 81 42.28 -48.47 8.10
C ASP K 81 43.15 -48.68 9.32
N ILE K 82 43.94 -49.75 9.33
CA ILE K 82 44.80 -50.04 10.48
C ILE K 82 45.94 -49.05 10.57
N LYS K 83 46.56 -48.73 9.44
CA LYS K 83 47.65 -47.75 9.44
C LYS K 83 47.16 -46.37 9.85
N ASN K 84 45.89 -46.07 9.61
CA ASN K 84 45.34 -44.80 10.08
C ASN K 84 45.15 -44.81 11.59
N ASN K 85 44.70 -45.93 12.15
CA ASN K 85 44.61 -46.04 13.60
C ASN K 85 45.98 -45.94 14.25
N LEU K 86 46.99 -46.55 13.63
CA LEU K 86 48.35 -46.44 14.15
C LEU K 86 48.84 -45.00 14.16
N LYS K 87 48.54 -44.25 13.10
CA LYS K 87 49.01 -42.88 13.00
C LYS K 87 48.32 -41.98 14.03
N GLU K 88 47.00 -42.13 14.18
CA GLU K 88 46.27 -41.27 15.12
C GLU K 88 46.66 -41.57 16.56
N ALA K 89 46.90 -42.83 16.88
CA ALA K 89 47.23 -43.19 18.26
C ALA K 89 48.53 -42.53 18.72
N ILE K 90 49.55 -42.51 17.86
CA ILE K 90 50.82 -41.91 18.25
C ILE K 90 50.76 -40.39 18.15
N GLU K 91 50.00 -39.85 17.19
CA GLU K 91 49.79 -38.41 17.12
C GLU K 91 49.15 -37.89 18.39
N THR K 92 48.04 -38.52 18.80
CA THR K 92 47.25 -38.02 19.92
C THR K 92 48.04 -38.04 21.22
N ILE K 93 48.80 -39.10 21.46
CA ILE K 93 49.55 -39.22 22.71
C ILE K 93 50.63 -38.15 22.78
N VAL K 94 51.38 -37.98 21.70
CA VAL K 94 52.48 -37.01 21.70
C VAL K 94 51.94 -35.59 21.80
N ALA K 95 50.84 -35.30 21.10
CA ALA K 95 50.30 -33.95 21.11
C ALA K 95 49.77 -33.55 22.48
N ALA K 96 49.27 -34.51 23.25
CA ALA K 96 48.70 -34.21 24.56
C ALA K 96 49.75 -34.04 25.66
N MET K 97 51.02 -34.30 25.37
CA MET K 97 52.04 -34.26 26.41
C MET K 97 52.18 -32.87 27.01
N SER K 98 52.14 -31.84 26.17
CA SER K 98 52.26 -30.46 26.65
C SER K 98 50.93 -29.90 27.12
N ASN K 99 49.81 -30.39 26.58
CA ASN K 99 48.50 -29.84 26.92
C ASN K 99 47.92 -30.40 28.21
N LEU K 100 48.42 -31.55 28.67
CA LEU K 100 48.00 -32.07 29.96
C LEU K 100 48.47 -31.15 31.08
N VAL K 101 47.70 -31.13 32.17
CA VAL K 101 48.06 -30.33 33.33
C VAL K 101 48.17 -31.25 34.54
N PRO K 102 49.37 -31.46 35.11
CA PRO K 102 50.64 -30.88 34.65
C PRO K 102 51.18 -31.55 33.39
N PRO K 103 52.01 -30.86 32.62
CA PRO K 103 52.53 -31.45 31.38
C PRO K 103 53.49 -32.60 31.65
N VAL K 104 53.68 -33.41 30.62
CA VAL K 104 54.53 -34.59 30.68
C VAL K 104 55.70 -34.39 29.73
N GLU K 105 56.91 -34.49 30.26
CA GLU K 105 58.11 -34.32 29.46
C GLU K 105 58.60 -35.68 28.94
N LEU K 106 59.51 -35.62 27.97
CA LEU K 106 60.14 -36.82 27.49
C LEU K 106 61.09 -37.37 28.53
N ALA K 107 61.06 -38.70 28.71
CA ALA K 107 62.03 -39.33 29.60
C ALA K 107 63.45 -39.14 29.08
N ASN K 108 63.65 -39.28 27.77
CA ASN K 108 64.95 -39.09 27.14
C ASN K 108 64.87 -37.95 26.14
N PRO K 109 65.44 -36.78 26.46
CA PRO K 109 65.25 -35.59 25.62
C PRO K 109 65.92 -35.66 24.26
N GLU K 110 66.72 -36.69 23.98
CA GLU K 110 67.30 -36.82 22.65
C GLU K 110 66.24 -37.14 21.59
N ASN K 111 65.09 -37.68 22.01
CA ASN K 111 64.00 -38.00 21.10
C ASN K 111 63.15 -36.80 20.73
N GLN K 112 63.63 -35.58 21.00
CA GLN K 112 62.85 -34.39 20.67
C GLN K 112 62.65 -34.25 19.16
N PHE K 113 63.66 -34.63 18.37
CA PHE K 113 63.54 -34.57 16.92
C PHE K 113 62.52 -35.56 16.39
N ARG K 114 62.26 -36.65 17.13
CA ARG K 114 61.19 -37.57 16.73
C ARG K 114 59.82 -36.96 17.00
N VAL K 115 59.69 -36.22 18.11
CA VAL K 115 58.44 -35.52 18.41
C VAL K 115 58.15 -34.48 17.34
N ASP K 116 59.18 -33.75 16.91
CA ASP K 116 59.00 -32.72 15.89
C ASP K 116 58.53 -33.31 14.57
N TYR K 117 58.95 -34.53 14.25
CA TYR K 117 58.51 -35.17 13.01
C TYR K 117 57.05 -35.61 13.12
N ILE K 118 56.67 -36.22 14.24
CA ILE K 118 55.32 -36.76 14.39
C ILE K 118 54.29 -35.63 14.34
N LEU K 119 54.55 -34.52 15.04
CA LEU K 119 53.62 -33.40 15.02
C LEU K 119 53.59 -32.70 13.68
N SER K 120 54.72 -32.67 12.97
CA SER K 120 54.79 -31.96 11.69
C SER K 120 53.99 -32.65 10.59
N VAL K 121 53.70 -33.95 10.75
CA VAL K 121 52.96 -34.70 9.73
C VAL K 121 51.60 -35.10 10.27
N MET K 122 51.09 -34.34 11.25
CA MET K 122 49.87 -34.75 11.93
C MET K 122 48.64 -34.60 11.04
N ASN K 123 48.57 -33.53 10.26
CA ASN K 123 47.37 -33.27 9.47
C ASN K 123 47.67 -33.16 7.98
N VAL K 124 48.46 -34.10 7.45
CA VAL K 124 48.71 -34.17 6.02
C VAL K 124 47.44 -34.67 5.34
N PRO K 125 47.15 -34.24 4.10
CA PRO K 125 45.94 -34.73 3.42
C PRO K 125 45.93 -36.24 3.24
N ASP K 126 46.95 -36.78 2.56
CA ASP K 126 47.13 -38.22 2.49
C ASP K 126 48.62 -38.54 2.64
N PHE K 127 48.90 -39.64 3.34
CA PHE K 127 50.21 -39.92 3.89
C PHE K 127 50.76 -41.20 3.27
N ASP K 128 52.02 -41.16 2.83
CA ASP K 128 52.65 -42.30 2.18
C ASP K 128 53.23 -43.29 3.18
N PHE K 129 53.24 -42.97 4.47
CA PHE K 129 53.81 -43.81 5.53
C PHE K 129 55.21 -44.27 5.17
N PRO K 130 56.19 -43.37 5.19
CA PRO K 130 57.57 -43.76 4.87
C PRO K 130 58.18 -44.54 6.01
N PRO K 131 59.33 -45.19 5.79
CA PRO K 131 59.92 -46.02 6.86
C PRO K 131 60.26 -45.25 8.12
N GLU K 132 60.56 -43.95 8.02
CA GLU K 132 60.94 -43.19 9.21
C GLU K 132 59.77 -43.00 10.17
N PHE K 133 58.54 -42.98 9.65
CA PHE K 133 57.37 -42.85 10.52
C PHE K 133 57.28 -44.04 11.47
N TYR K 134 57.42 -45.26 10.95
CA TYR K 134 57.38 -46.44 11.81
C TYR K 134 58.55 -46.45 12.78
N GLU K 135 59.71 -45.95 12.37
CA GLU K 135 60.87 -45.94 13.26
C GLU K 135 60.74 -44.87 14.33
N HIS K 136 60.21 -43.69 13.98
CA HIS K 136 60.02 -42.65 14.97
C HIS K 136 58.92 -43.02 15.96
N ALA K 137 57.82 -43.61 15.46
CA ALA K 137 56.72 -44.00 16.35
C ALA K 137 57.15 -45.13 17.28
N LYS K 138 57.96 -46.07 16.79
CA LYS K 138 58.40 -47.18 17.63
C LYS K 138 59.32 -46.69 18.75
N ALA K 139 60.28 -45.83 18.43
CA ALA K 139 61.17 -45.29 19.45
C ALA K 139 60.41 -44.42 20.44
N LEU K 140 59.49 -43.59 19.95
CA LEU K 140 58.72 -42.72 20.83
C LEU K 140 57.79 -43.53 21.72
N TRP K 141 57.19 -44.60 21.19
CA TRP K 141 56.27 -45.41 21.99
C TRP K 141 57.00 -46.12 23.11
N GLU K 142 58.28 -46.44 22.94
CA GLU K 142 59.05 -47.08 23.99
C GLU K 142 59.61 -46.07 24.99
N ASP K 143 59.57 -44.78 24.68
CA ASP K 143 59.98 -43.76 25.64
C ASP K 143 59.03 -43.78 26.84
N GLU K 144 59.59 -43.99 28.03
CA GLU K 144 58.76 -44.10 29.23
C GLU K 144 58.02 -42.80 29.53
N GLY K 145 58.49 -41.66 29.02
CA GLY K 145 57.75 -40.43 29.18
C GLY K 145 56.49 -40.39 28.33
N VAL K 146 56.56 -40.96 27.12
CA VAL K 146 55.39 -41.05 26.27
C VAL K 146 54.39 -42.05 26.84
N ARG K 147 54.89 -43.16 27.38
CA ARG K 147 53.99 -44.15 27.99
C ARG K 147 53.29 -43.58 29.21
N ALA K 148 53.98 -42.72 29.97
CA ALA K 148 53.34 -42.06 31.11
C ALA K 148 52.18 -41.17 30.65
N CYS K 149 52.36 -40.48 29.52
CA CYS K 149 51.26 -39.70 28.95
C CYS K 149 50.15 -40.61 28.44
N TYR K 150 50.50 -41.84 28.03
CA TYR K 150 49.47 -42.76 27.55
C TYR K 150 48.55 -43.21 28.68
N GLU K 151 49.11 -43.51 29.85
CA GLU K 151 48.30 -43.96 30.98
C GLU K 151 47.34 -42.89 31.48
N ARG K 152 47.53 -41.63 31.09
CA ARG K 152 46.59 -40.55 31.40
C ARG K 152 45.61 -40.29 30.26
N SER K 153 45.34 -41.32 29.44
CA SER K 153 44.55 -41.12 28.23
C SER K 153 43.11 -40.73 28.51
N ASN K 154 42.58 -41.02 29.70
CA ASN K 154 41.22 -40.63 30.01
C ASN K 154 41.04 -39.11 30.04
N GLU K 155 42.14 -38.36 30.15
CA GLU K 155 42.08 -36.90 30.15
C GLU K 155 41.96 -36.32 28.74
N TYR K 156 42.09 -37.14 27.70
CA TYR K 156 41.87 -36.70 26.33
C TYR K 156 41.14 -37.82 25.59
N GLN K 157 41.12 -37.73 24.27
CA GLN K 157 40.39 -38.70 23.43
C GLN K 157 41.39 -39.55 22.67
N LEU K 158 41.64 -40.76 23.17
CA LEU K 158 42.51 -41.72 22.51
C LEU K 158 41.72 -42.98 22.17
N ILE K 159 41.94 -43.51 20.97
CA ILE K 159 41.18 -44.67 20.51
C ILE K 159 41.55 -45.90 21.32
N ASP K 160 40.63 -46.86 21.36
CA ASP K 160 40.79 -48.04 22.22
C ASP K 160 41.97 -48.90 21.80
N CYS K 161 42.25 -48.98 20.51
CA CYS K 161 43.24 -49.91 19.97
C CYS K 161 44.66 -49.36 19.95
N ALA K 162 44.93 -48.30 20.73
CA ALA K 162 46.24 -47.67 20.68
C ALA K 162 47.34 -48.65 21.09
N GLN K 163 47.22 -49.24 22.28
CA GLN K 163 48.25 -50.15 22.76
C GLN K 163 48.37 -51.38 21.87
N TYR K 164 47.24 -51.90 21.38
CA TYR K 164 47.26 -53.11 20.58
C TYR K 164 48.06 -52.91 19.29
N PHE K 165 47.82 -51.81 18.59
CA PHE K 165 48.49 -51.57 17.32
C PHE K 165 49.90 -51.02 17.50
N LEU K 166 50.12 -50.22 18.55
CA LEU K 166 51.48 -49.70 18.78
C LEU K 166 52.44 -50.80 19.20
N ASP K 167 51.93 -51.88 19.79
CA ASP K 167 52.78 -52.99 20.20
C ASP K 167 53.23 -53.87 19.05
N LYS K 168 52.75 -53.62 17.83
CA LYS K 168 53.10 -54.43 16.68
C LYS K 168 53.39 -53.56 15.47
N ILE K 169 54.15 -52.48 15.68
CA ILE K 169 54.53 -51.61 14.58
C ILE K 169 55.39 -52.35 13.57
N ASP K 170 56.23 -53.27 14.05
CA ASP K 170 57.11 -54.02 13.16
C ASP K 170 56.32 -54.97 12.26
N VAL K 171 55.13 -55.39 12.70
CA VAL K 171 54.32 -56.29 11.88
C VAL K 171 53.56 -55.53 10.81
N ILE K 172 53.15 -54.29 11.10
CA ILE K 172 52.33 -53.54 10.16
C ILE K 172 53.17 -52.93 9.04
N LYS K 173 54.41 -52.54 9.33
CA LYS K 173 55.23 -51.85 8.33
C LYS K 173 55.64 -52.75 7.18
N GLN K 174 55.56 -54.08 7.35
CA GLN K 174 56.03 -54.99 6.31
C GLN K 174 55.12 -54.91 5.08
N ALA K 175 55.73 -55.03 3.90
CA ALA K 175 54.97 -54.90 2.66
C ALA K 175 54.05 -56.09 2.43
N ASP K 176 54.41 -57.26 2.95
CA ASP K 176 53.60 -58.47 2.81
C ASP K 176 52.62 -58.66 3.97
N TYR K 177 52.34 -57.59 4.72
CA TYR K 177 51.54 -57.72 5.93
C TYR K 177 50.10 -58.08 5.60
N VAL K 178 49.57 -59.07 6.31
CA VAL K 178 48.18 -59.51 6.15
C VAL K 178 47.49 -59.39 7.50
N PRO K 179 46.51 -58.50 7.65
CA PRO K 179 45.84 -58.35 8.95
C PRO K 179 45.11 -59.62 9.35
N SER K 180 45.20 -59.96 10.64
CA SER K 180 44.49 -61.10 11.18
C SER K 180 43.05 -60.73 11.48
N ASP K 181 42.26 -61.71 11.93
CA ASP K 181 40.90 -61.43 12.34
C ASP K 181 40.85 -60.49 13.54
N GLN K 182 41.78 -60.68 14.48
CA GLN K 182 41.80 -59.82 15.66
C GLN K 182 42.18 -58.38 15.31
N ASP K 183 42.98 -58.19 14.26
CA ASP K 183 43.33 -56.84 13.84
C ASP K 183 42.12 -56.09 13.30
N LEU K 184 41.29 -56.77 12.50
CA LEU K 184 40.08 -56.12 11.99
C LEU K 184 39.08 -55.83 13.10
N LEU K 185 39.06 -56.66 14.14
CA LEU K 185 38.16 -56.42 15.27
C LEU K 185 38.57 -55.16 16.03
N ARG K 186 39.87 -55.03 16.32
CA ARG K 186 40.35 -53.88 17.09
C ARG K 186 40.35 -52.60 16.27
N CYS K 187 40.25 -52.70 14.94
CA CYS K 187 40.33 -51.52 14.09
C CYS K 187 39.11 -50.61 14.29
N ARG K 188 39.37 -49.31 14.36
CA ARG K 188 38.32 -48.31 14.56
C ARG K 188 38.02 -47.62 13.24
N VAL K 189 36.78 -47.75 12.77
CA VAL K 189 36.30 -47.03 11.59
C VAL K 189 34.88 -46.56 11.89
N LEU K 190 34.62 -45.28 11.67
CA LEU K 190 33.29 -44.74 11.92
C LEU K 190 32.30 -45.29 10.89
N THR K 191 31.12 -45.68 11.38
CA THR K 191 30.12 -46.30 10.52
C THR K 191 29.37 -45.22 9.75
N SER K 192 29.43 -45.28 8.43
CA SER K 192 28.88 -44.22 7.59
C SER K 192 27.36 -44.33 7.47
N GLY K 193 26.87 -45.43 6.90
CA GLY K 193 25.45 -45.59 6.69
C GLY K 193 24.85 -46.75 7.46
N ILE K 194 24.45 -47.79 6.75
CA ILE K 194 23.93 -49.01 7.37
C ILE K 194 25.00 -50.09 7.30
N PHE K 195 25.06 -50.93 8.34
CA PHE K 195 26.04 -52.00 8.43
C PHE K 195 25.28 -53.28 8.80
N GLU K 196 25.05 -54.13 7.80
CA GLU K 196 24.14 -55.26 7.94
C GLU K 196 24.87 -56.58 7.84
N THR K 197 24.20 -57.64 8.29
CA THR K 197 24.64 -59.01 8.09
C THR K 197 23.42 -59.91 8.14
N LYS K 198 23.41 -60.91 7.26
CA LYS K 198 22.33 -61.90 7.22
C LYS K 198 22.95 -63.28 7.31
N PHE K 199 22.61 -64.02 8.36
CA PHE K 199 23.18 -65.34 8.59
C PHE K 199 22.14 -66.24 9.22
N GLN K 200 22.31 -67.54 9.01
CA GLN K 200 21.42 -68.55 9.54
C GLN K 200 22.19 -69.46 10.48
N VAL K 201 21.62 -69.75 11.65
CA VAL K 201 22.17 -70.73 12.56
C VAL K 201 21.08 -71.78 12.81
N ASP K 202 21.42 -73.04 12.53
CA ASP K 202 20.53 -74.18 12.77
C ASP K 202 19.11 -73.91 12.24
N LYS K 203 19.04 -73.55 10.95
CA LYS K 203 17.80 -73.28 10.24
C LYS K 203 17.02 -72.10 10.84
N VAL K 204 17.70 -71.21 11.56
CA VAL K 204 17.10 -70.01 12.13
C VAL K 204 17.84 -68.81 11.57
N ASN K 205 17.11 -67.95 10.86
CA ASN K 205 17.72 -66.81 10.18
C ASN K 205 17.73 -65.58 11.10
N PHE K 206 18.78 -64.77 10.96
CA PHE K 206 18.92 -63.53 11.70
C PHE K 206 19.30 -62.41 10.75
N HIS K 207 18.94 -61.19 11.13
CA HIS K 207 19.29 -59.99 10.37
C HIS K 207 19.74 -58.93 11.38
N MET K 208 21.04 -58.70 11.45
CA MET K 208 21.63 -57.75 12.39
C MET K 208 22.04 -56.49 11.63
N PHE K 209 21.56 -55.33 12.09
CA PHE K 209 21.85 -54.07 11.44
C PHE K 209 22.28 -53.03 12.48
N ASP K 210 23.31 -52.27 12.14
CA ASP K 210 23.82 -51.18 12.95
C ASP K 210 23.60 -49.87 12.21
N VAL K 211 23.05 -48.88 12.90
CA VAL K 211 22.77 -47.58 12.29
C VAL K 211 24.00 -46.69 12.44
N GLY K 212 24.42 -46.08 11.34
CA GLY K 212 25.63 -45.29 11.34
C GLY K 212 25.41 -43.79 11.25
N GLY K 213 25.84 -43.10 12.29
CA GLY K 213 25.85 -41.64 12.31
C GLY K 213 27.05 -41.25 13.15
N GLN K 214 26.97 -40.08 13.78
CA GLN K 214 27.95 -39.69 14.77
C GLN K 214 27.32 -39.49 16.15
N ARG K 215 26.35 -38.59 16.27
CA ARG K 215 25.57 -38.49 17.51
C ARG K 215 24.27 -37.77 17.21
N ASP K 216 23.15 -38.49 17.23
CA ASP K 216 21.84 -37.94 16.96
C ASP K 216 21.06 -37.86 18.25
N GLU K 217 20.86 -36.64 18.75
CA GLU K 217 20.06 -36.44 19.96
C GLU K 217 18.57 -36.44 19.67
N ARG K 218 18.17 -36.26 18.41
CA ARG K 218 16.76 -36.34 18.05
C ARG K 218 16.30 -37.78 17.90
N ARG K 219 17.08 -38.59 17.18
CA ARG K 219 16.76 -40.00 16.93
C ARG K 219 15.37 -40.14 16.31
N LYS K 220 15.08 -39.25 15.35
CA LYS K 220 13.78 -39.27 14.68
C LYS K 220 13.59 -40.57 13.89
N TRP K 221 14.69 -41.16 13.41
CA TRP K 221 14.63 -42.40 12.64
C TRP K 221 14.34 -43.63 13.50
N ILE K 222 14.18 -43.47 14.81
CA ILE K 222 13.95 -44.62 15.68
C ILE K 222 12.62 -45.28 15.37
N GLN K 223 11.62 -44.51 14.95
CA GLN K 223 10.31 -45.08 14.63
C GLN K 223 10.34 -46.00 13.41
N CYS K 224 11.48 -46.14 12.74
CA CYS K 224 11.64 -47.12 11.69
C CYS K 224 11.88 -48.53 12.21
N PHE K 225 11.93 -48.72 13.53
CA PHE K 225 12.25 -50.00 14.15
C PHE K 225 11.25 -50.36 15.23
N ASN K 226 9.99 -49.99 15.03
CA ASN K 226 8.95 -50.33 16.00
C ASN K 226 8.54 -51.79 15.94
N ASP K 227 8.89 -52.50 14.87
CA ASP K 227 8.52 -53.90 14.70
C ASP K 227 9.70 -54.85 14.75
N VAL K 228 10.87 -54.36 15.16
CA VAL K 228 12.05 -55.21 15.23
C VAL K 228 11.87 -56.27 16.32
N THR K 229 12.55 -57.41 16.14
CA THR K 229 12.42 -58.50 17.11
C THR K 229 13.05 -58.13 18.44
N ALA K 230 14.23 -57.52 18.42
CA ALA K 230 14.91 -57.14 19.65
C ALA K 230 15.95 -56.08 19.36
N ILE K 231 16.27 -55.31 20.39
CA ILE K 231 17.33 -54.31 20.35
C ILE K 231 18.49 -54.82 21.18
N ILE K 232 19.68 -54.84 20.60
CA ILE K 232 20.90 -55.18 21.32
C ILE K 232 21.60 -53.87 21.67
N PHE K 233 21.46 -53.44 22.92
CA PHE K 233 22.04 -52.19 23.39
C PHE K 233 23.44 -52.46 23.92
N VAL K 234 24.44 -51.81 23.32
CA VAL K 234 25.85 -52.02 23.67
C VAL K 234 26.32 -50.86 24.53
N VAL K 235 27.04 -51.19 25.61
CA VAL K 235 27.51 -50.20 26.57
C VAL K 235 28.98 -50.46 26.87
N ALA K 236 29.80 -49.42 26.75
CA ALA K 236 31.22 -49.50 27.08
C ALA K 236 31.35 -49.35 28.60
N SER K 237 31.39 -50.48 29.30
CA SER K 237 31.42 -50.50 30.76
C SER K 237 32.74 -49.98 31.32
N SER K 238 33.78 -49.82 30.49
CA SER K 238 35.07 -49.37 30.97
C SER K 238 35.29 -47.87 30.83
N SER K 239 34.35 -47.15 30.21
CA SER K 239 34.48 -45.71 29.98
C SER K 239 33.93 -44.88 31.12
N TYR K 240 33.92 -45.41 32.35
CA TYR K 240 33.40 -44.66 33.48
C TYR K 240 34.27 -43.45 33.84
N ASN K 241 35.52 -43.42 33.37
CA ASN K 241 36.44 -42.33 33.69
C ASN K 241 36.75 -41.46 32.48
N MET K 242 35.93 -41.52 31.45
CA MET K 242 36.16 -40.79 30.21
C MET K 242 34.96 -39.91 29.88
N VAL K 243 35.20 -38.89 29.06
CA VAL K 243 34.15 -37.99 28.60
C VAL K 243 33.97 -38.19 27.10
N ILE K 244 32.78 -37.82 26.61
CA ILE K 244 32.47 -37.99 25.20
C ILE K 244 33.17 -36.91 24.38
N ARG K 245 33.36 -37.20 23.09
CA ARG K 245 34.12 -36.32 22.21
C ARG K 245 33.35 -35.08 21.80
N GLU K 246 32.02 -35.07 21.95
CA GLU K 246 31.22 -34.01 21.37
C GLU K 246 31.27 -32.72 22.20
N ASP K 247 31.43 -32.82 23.52
CA ASP K 247 31.58 -31.63 24.34
C ASP K 247 32.68 -31.71 25.39
N ASN K 248 33.24 -32.89 25.66
CA ASN K 248 34.29 -33.08 26.67
C ASN K 248 33.82 -32.70 28.07
N GLN K 249 32.51 -32.80 28.33
CA GLN K 249 31.98 -32.50 29.64
C GLN K 249 31.08 -33.62 30.16
N THR K 250 30.43 -34.34 29.25
CA THR K 250 29.50 -35.40 29.64
C THR K 250 30.25 -36.71 29.82
N ASN K 251 30.04 -37.35 30.97
CA ASN K 251 30.66 -38.64 31.24
C ASN K 251 30.16 -39.69 30.25
N ARG K 252 31.10 -40.51 29.75
CA ARG K 252 30.75 -41.49 28.73
C ARG K 252 29.74 -42.51 29.26
N LEU K 253 29.89 -42.91 30.52
CA LEU K 253 28.95 -43.86 31.10
C LEU K 253 27.60 -43.20 31.40
N GLN K 254 27.61 -41.92 31.79
CA GLN K 254 26.36 -41.19 31.97
C GLN K 254 25.63 -41.02 30.65
N GLU K 255 26.37 -40.86 29.55
CA GLU K 255 25.73 -40.74 28.24
C GLU K 255 24.99 -42.01 27.87
N ALA K 256 25.58 -43.17 28.16
CA ALA K 256 24.92 -44.44 27.86
C ALA K 256 23.64 -44.61 28.68
N LEU K 257 23.68 -44.17 29.94
CA LEU K 257 22.49 -44.25 30.77
C LEU K 257 21.38 -43.34 30.26
N ASN K 258 21.74 -42.11 29.85
CA ASN K 258 20.75 -41.20 29.29
C ASN K 258 20.21 -41.72 27.96
N LEU K 259 21.09 -42.25 27.11
CA LEU K 259 20.65 -42.83 25.84
C LEU K 259 19.80 -44.07 26.07
N PHE K 260 20.15 -44.88 27.07
CA PHE K 260 19.35 -46.06 27.38
C PHE K 260 17.96 -45.67 27.87
N LYS K 261 17.86 -44.58 28.62
CA LYS K 261 16.56 -44.15 29.15
C LYS K 261 15.63 -43.68 28.03
N SER K 262 16.18 -42.95 27.05
CA SER K 262 15.36 -42.46 25.94
C SER K 262 14.93 -43.61 25.03
N ILE K 263 15.74 -44.65 24.90
CA ILE K 263 15.36 -45.80 24.09
C ILE K 263 14.33 -46.65 24.82
N TRP K 264 14.53 -46.88 26.11
CA TRP K 264 13.62 -47.73 26.88
C TRP K 264 12.24 -47.10 27.01
N ASN K 265 12.17 -45.77 27.11
CA ASN K 265 10.90 -45.06 27.22
C ASN K 265 10.44 -44.48 25.88
N ASN K 266 10.97 -44.98 24.77
CA ASN K 266 10.62 -44.43 23.47
C ASN K 266 9.17 -44.73 23.13
N ARG K 267 8.50 -43.75 22.51
CA ARG K 267 7.09 -43.91 22.18
C ARG K 267 6.85 -45.03 21.17
N TRP K 268 7.85 -45.35 20.35
CA TRP K 268 7.68 -46.32 19.28
C TRP K 268 8.29 -47.69 19.60
N LEU K 269 8.81 -47.88 20.81
CA LEU K 269 9.42 -49.14 21.20
C LEU K 269 8.82 -49.69 22.49
N ARG K 270 7.53 -49.43 22.71
CA ARG K 270 6.90 -49.81 23.97
C ARG K 270 6.88 -51.31 24.20
N THR K 271 6.90 -52.10 23.13
CA THR K 271 6.82 -53.56 23.23
C THR K 271 8.09 -54.26 22.79
N ILE K 272 9.16 -53.50 22.52
CA ILE K 272 10.41 -54.08 22.05
C ILE K 272 11.30 -54.36 23.25
N SER K 273 11.59 -55.63 23.51
CA SER K 273 12.53 -55.99 24.55
C SER K 273 13.96 -55.78 24.07
N VAL K 274 14.85 -55.45 24.99
CA VAL K 274 16.23 -55.11 24.68
C VAL K 274 17.16 -56.11 25.35
N ILE K 275 18.17 -56.55 24.60
CA ILE K 275 19.23 -57.38 25.13
C ILE K 275 20.43 -56.49 25.41
N LEU K 276 20.81 -56.39 26.68
CA LEU K 276 21.81 -55.43 27.10
C LEU K 276 23.18 -56.09 27.12
N PHE K 277 24.12 -55.55 26.34
CA PHE K 277 25.50 -56.01 26.32
C PHE K 277 26.34 -55.03 27.13
N LEU K 278 26.86 -55.48 28.27
CA LEU K 278 27.77 -54.67 29.08
C LEU K 278 29.18 -54.96 28.58
N ASN K 279 29.59 -54.23 27.56
CA ASN K 279 30.77 -54.56 26.77
C ASN K 279 32.04 -54.09 27.47
N LYS K 280 33.18 -54.53 26.92
CA LYS K 280 34.51 -54.11 27.36
C LYS K 280 34.76 -54.47 28.81
N GLN K 281 34.43 -55.73 29.17
CA GLN K 281 34.67 -56.20 30.52
C GLN K 281 36.16 -56.40 30.79
N ASP K 282 36.93 -56.75 29.76
CA ASP K 282 38.37 -56.92 29.94
C ASP K 282 39.04 -55.60 30.30
N LEU K 283 38.66 -54.52 29.63
CA LEU K 283 39.19 -53.20 29.98
C LEU K 283 38.71 -52.77 31.36
N LEU K 284 37.44 -53.08 31.68
CA LEU K 284 36.91 -52.72 32.99
C LEU K 284 37.69 -53.40 34.11
N ALA K 285 38.00 -54.69 33.96
CA ALA K 285 38.83 -55.37 34.94
C ALA K 285 40.22 -54.75 35.02
N GLU K 286 40.74 -54.28 33.88
CA GLU K 286 42.05 -53.64 33.87
C GLU K 286 42.07 -52.38 34.74
N LYS K 287 41.07 -51.51 34.56
CA LYS K 287 41.05 -50.26 35.29
C LYS K 287 40.79 -50.47 36.78
N VAL K 288 39.91 -51.42 37.12
CA VAL K 288 39.58 -51.64 38.53
C VAL K 288 40.78 -52.24 39.27
N LEU K 289 41.46 -53.21 38.66
CA LEU K 289 42.60 -53.83 39.33
C LEU K 289 43.78 -52.89 39.45
N ALA K 290 43.93 -51.95 38.50
CA ALA K 290 45.02 -50.98 38.60
C ALA K 290 44.79 -50.01 39.75
N GLY K 291 43.54 -49.59 39.95
CA GLY K 291 43.22 -48.71 41.06
C GLY K 291 43.75 -47.30 40.92
N LYS K 292 43.94 -46.82 39.70
CA LYS K 292 44.38 -45.44 39.48
C LYS K 292 43.19 -44.50 39.25
N SER K 293 42.19 -44.94 38.49
CA SER K 293 40.95 -44.22 38.30
C SER K 293 39.83 -45.08 38.88
N LYS K 294 39.34 -44.70 40.06
CA LYS K 294 38.36 -45.49 40.79
C LYS K 294 36.95 -44.99 40.49
N ILE K 295 36.00 -45.93 40.45
CA ILE K 295 34.64 -45.62 40.05
C ILE K 295 33.98 -44.63 41.01
N GLU K 296 34.36 -44.67 42.29
CA GLU K 296 33.72 -43.80 43.28
C GLU K 296 34.00 -42.33 43.00
N ASP K 297 35.12 -42.01 42.35
CA ASP K 297 35.43 -40.62 42.04
C ASP K 297 34.52 -40.07 40.95
N TYR K 298 34.00 -40.94 40.09
CA TYR K 298 33.11 -40.54 39.00
C TYR K 298 31.65 -40.85 39.29
N PHE K 299 31.36 -41.95 39.97
CA PHE K 299 30.01 -42.31 40.39
C PHE K 299 30.05 -42.54 41.90
N PRO K 300 29.83 -41.49 42.70
CA PRO K 300 29.90 -41.65 44.16
C PRO K 300 28.92 -42.66 44.72
N GLU K 301 27.86 -42.99 43.99
CA GLU K 301 26.95 -44.05 44.41
C GLU K 301 27.69 -45.37 44.62
N PHE K 302 28.78 -45.58 43.88
CA PHE K 302 29.50 -46.85 43.93
C PHE K 302 30.10 -47.12 45.30
N ALA K 303 30.30 -46.09 46.12
CA ALA K 303 30.91 -46.30 47.43
C ALA K 303 29.98 -47.07 48.36
N ARG K 304 28.68 -46.78 48.31
CA ARG K 304 27.71 -47.43 49.18
C ARG K 304 27.08 -48.66 48.53
N TYR K 305 27.57 -49.07 47.36
CA TYR K 305 26.99 -50.19 46.64
C TYR K 305 27.44 -51.52 47.25
N THR K 306 26.51 -52.46 47.37
CA THR K 306 26.76 -53.77 47.93
C THR K 306 26.66 -54.82 46.83
N THR K 307 27.65 -55.70 46.74
CA THR K 307 27.62 -56.76 45.76
C THR K 307 26.35 -57.59 45.93
N PRO K 308 25.58 -57.82 44.87
CA PRO K 308 24.33 -58.56 45.03
C PRO K 308 24.56 -59.98 45.55
N GLU K 309 23.58 -60.48 46.29
CA GLU K 309 23.63 -61.86 46.77
C GLU K 309 23.38 -62.86 45.65
N ASP K 310 22.99 -62.39 44.47
CA ASP K 310 22.76 -63.25 43.31
C ASP K 310 23.92 -63.25 42.33
N ALA K 311 25.03 -62.61 42.67
CA ALA K 311 26.14 -62.46 41.74
C ALA K 311 26.82 -63.79 41.48
N THR K 312 27.21 -64.00 40.22
CA THR K 312 27.89 -65.23 39.77
C THR K 312 29.22 -64.85 39.15
N PRO K 313 30.28 -64.69 39.95
CA PRO K 313 31.58 -64.37 39.37
C PRO K 313 32.21 -65.58 38.70
N GLU K 314 33.00 -65.30 37.67
CA GLU K 314 33.69 -66.36 36.94
C GLU K 314 34.87 -66.89 37.77
N PRO K 315 35.35 -68.10 37.46
CA PRO K 315 36.45 -68.68 38.25
C PRO K 315 37.69 -67.79 38.24
N GLY K 316 38.14 -67.42 39.43
CA GLY K 316 39.29 -66.56 39.59
C GLY K 316 38.99 -65.08 39.56
N GLU K 317 37.75 -64.69 39.31
CA GLU K 317 37.39 -63.28 39.20
C GLU K 317 37.59 -62.58 40.53
N ASP K 318 38.28 -61.44 40.50
CA ASP K 318 38.53 -60.67 41.72
C ASP K 318 37.22 -60.10 42.26
N PRO K 319 36.95 -60.23 43.56
CA PRO K 319 35.73 -59.62 44.12
C PRO K 319 35.59 -58.12 43.84
N ARG K 320 36.71 -57.41 43.65
CA ARG K 320 36.61 -56.01 43.26
C ARG K 320 36.02 -55.86 41.86
N VAL K 321 36.42 -56.73 40.93
CA VAL K 321 35.88 -56.67 39.58
C VAL K 321 34.42 -57.11 39.56
N THR K 322 34.07 -58.10 40.38
CA THR K 322 32.68 -58.57 40.43
C THR K 322 31.74 -57.46 40.87
N ARG K 323 32.15 -56.68 41.88
CA ARG K 323 31.29 -55.62 42.39
C ARG K 323 31.19 -54.46 41.41
N ALA K 324 32.24 -54.21 40.63
CA ALA K 324 32.25 -53.08 39.72
C ALA K 324 31.29 -53.30 38.56
N LYS K 325 31.36 -54.48 37.92
CA LYS K 325 30.52 -54.73 36.75
C LYS K 325 29.06 -54.96 37.12
N TYR K 326 28.77 -55.40 38.34
CA TYR K 326 27.38 -55.52 38.79
C TYR K 326 26.79 -54.18 39.20
N PHE K 327 27.63 -53.20 39.55
CA PHE K 327 27.12 -51.85 39.79
C PHE K 327 26.67 -51.20 38.49
N ILE K 328 27.49 -51.30 37.45
CA ILE K 328 27.09 -50.84 36.12
C ILE K 328 25.87 -51.62 35.64
N ARG K 329 25.82 -52.91 35.99
CA ARG K 329 24.67 -53.74 35.63
C ARG K 329 23.38 -53.18 36.20
N ASP K 330 23.40 -52.78 37.48
CA ASP K 330 22.20 -52.30 38.14
C ASP K 330 21.87 -50.85 37.80
N GLU K 331 22.83 -50.08 37.29
CA GLU K 331 22.53 -48.71 36.90
C GLU K 331 21.58 -48.66 35.70
N PHE K 332 21.68 -49.66 34.81
CA PHE K 332 20.74 -49.73 33.69
C PHE K 332 19.45 -50.42 34.09
N LEU K 333 19.51 -51.37 35.03
CA LEU K 333 18.30 -52.03 35.50
C LEU K 333 17.42 -51.08 36.31
N ARG K 334 18.01 -50.09 36.97
CA ARG K 334 17.21 -49.09 37.67
C ARG K 334 16.34 -48.30 36.70
N ILE K 335 16.74 -48.22 35.43
CA ILE K 335 15.90 -47.59 34.42
C ILE K 335 14.89 -48.58 33.85
N SER K 336 15.31 -49.82 33.61
CA SER K 336 14.45 -50.80 32.95
C SER K 336 13.29 -51.23 33.84
N THR K 337 13.50 -51.28 35.16
CA THR K 337 12.44 -51.67 36.08
C THR K 337 11.56 -50.51 36.51
N ALA K 338 11.92 -49.27 36.16
CA ALA K 338 11.10 -48.13 36.52
C ALA K 338 9.85 -48.01 35.67
N SER K 339 9.84 -48.59 34.47
CA SER K 339 8.69 -48.54 33.59
C SER K 339 8.71 -49.76 32.69
N GLY K 340 7.67 -49.90 31.87
CA GLY K 340 7.56 -51.00 30.94
C GLY K 340 6.30 -51.81 31.13
N ASP K 341 5.93 -52.05 32.39
CA ASP K 341 4.67 -52.71 32.75
C ASP K 341 4.47 -54.02 32.00
N GLY K 342 5.54 -54.82 31.91
CA GLY K 342 5.47 -56.12 31.31
C GLY K 342 5.35 -56.14 29.79
N ARG K 343 5.31 -54.99 29.13
CA ARG K 343 5.21 -54.97 27.69
C ARG K 343 6.52 -55.39 27.03
N HIS K 344 7.65 -55.15 27.70
CA HIS K 344 8.97 -55.54 27.20
C HIS K 344 9.91 -55.63 28.38
N TYR K 345 11.05 -56.29 28.15
CA TYR K 345 11.99 -56.60 29.23
C TYR K 345 13.41 -56.29 28.78
N CYS K 346 14.32 -56.28 29.76
CA CYS K 346 15.73 -56.05 29.53
C CYS K 346 16.52 -57.25 30.06
N TYR K 347 17.44 -57.77 29.24
CA TYR K 347 18.21 -58.96 29.58
C TYR K 347 19.70 -58.63 29.58
N PRO K 348 20.30 -58.38 30.72
CA PRO K 348 21.72 -58.00 30.74
C PRO K 348 22.65 -59.17 30.50
N HIS K 349 23.79 -58.87 29.87
CA HIS K 349 24.82 -59.85 29.58
C HIS K 349 26.18 -59.17 29.64
N PHE K 350 27.16 -59.86 30.23
CA PHE K 350 28.54 -59.37 30.26
C PHE K 350 29.26 -59.88 29.02
N THR K 351 29.77 -58.97 28.21
CA THR K 351 30.33 -59.31 26.90
C THR K 351 31.71 -58.70 26.73
N CYS K 352 32.50 -59.35 25.87
CA CYS K 352 33.76 -58.80 25.36
C CYS K 352 33.71 -58.90 23.85
N ALA K 353 33.51 -57.76 23.18
CA ALA K 353 33.20 -57.77 21.75
C ALA K 353 34.36 -58.24 20.90
N VAL K 354 35.61 -58.02 21.35
CA VAL K 354 36.77 -58.45 20.59
C VAL K 354 37.16 -59.89 20.87
N ASP K 355 36.44 -60.57 21.77
CA ASP K 355 36.66 -61.98 22.06
C ASP K 355 35.64 -62.78 21.24
N THR K 356 36.13 -63.56 20.28
CA THR K 356 35.25 -64.26 19.36
C THR K 356 34.44 -65.35 20.06
N GLU K 357 35.11 -66.19 20.85
CA GLU K 357 34.39 -67.26 21.53
C GLU K 357 33.46 -66.72 22.61
N ASN K 358 33.78 -65.56 23.18
CA ASN K 358 32.88 -64.93 24.14
C ASN K 358 31.57 -64.53 23.46
N ILE K 359 31.67 -63.77 22.37
CA ILE K 359 30.47 -63.37 21.64
C ILE K 359 29.74 -64.61 21.11
N ARG K 360 30.49 -65.64 20.73
CA ARG K 360 29.88 -66.85 20.20
C ARG K 360 28.96 -67.51 21.23
N ARG K 361 29.38 -67.54 22.50
CA ARG K 361 28.59 -68.21 23.52
C ARG K 361 27.44 -67.32 24.01
N VAL K 362 27.70 -66.03 24.23
CA VAL K 362 26.66 -65.14 24.74
C VAL K 362 25.56 -64.99 23.71
N PHE K 363 25.90 -65.03 22.43
CA PHE K 363 24.87 -65.01 21.39
C PHE K 363 24.09 -66.31 21.35
N ASN K 364 24.71 -67.42 21.76
CA ASN K 364 24.00 -68.69 21.79
C ASN K 364 23.02 -68.76 22.96
N ASP K 365 23.28 -68.01 24.03
CA ASP K 365 22.33 -67.94 25.13
C ASP K 365 21.10 -67.12 24.77
N CYS K 366 21.27 -66.14 23.87
CA CYS K 366 20.15 -65.27 23.50
C CYS K 366 19.25 -65.87 22.44
N ARG K 367 19.74 -66.84 21.66
CA ARG K 367 18.94 -67.43 20.59
C ARG K 367 17.63 -67.99 21.14
N ASP K 368 17.70 -68.71 22.26
CA ASP K 368 16.48 -69.24 22.88
C ASP K 368 15.56 -68.12 23.32
N ILE K 369 16.12 -66.99 23.76
CA ILE K 369 15.30 -65.88 24.23
C ILE K 369 14.75 -65.06 23.06
N ILE K 370 15.58 -64.87 22.02
CA ILE K 370 15.14 -64.07 20.87
C ILE K 370 14.00 -64.78 20.14
N GLN K 371 14.04 -66.11 20.07
CA GLN K 371 13.02 -66.85 19.33
C GLN K 371 11.64 -66.68 19.96
N ARG K 372 11.57 -66.62 21.29
CA ARG K 372 10.28 -66.45 21.95
C ARG K 372 9.78 -65.02 21.83
N MET K 373 10.68 -64.03 21.77
CA MET K 373 10.26 -62.68 21.43
C MET K 373 9.56 -62.65 20.08
N HIS K 374 10.15 -63.33 19.09
CA HIS K 374 9.63 -63.35 17.74
C HIS K 374 8.30 -64.08 17.63
N LEU K 375 8.02 -65.01 18.55
CA LEU K 375 6.79 -65.79 18.46
C LEU K 375 5.60 -65.03 19.04
N ARG K 376 5.81 -64.24 20.10
CA ARG K 376 4.75 -63.38 20.59
C ARG K 376 4.48 -62.22 19.64
N GLN K 377 5.53 -61.72 18.99
CA GLN K 377 5.35 -60.63 18.03
C GLN K 377 4.45 -61.05 16.87
N TYR K 378 4.53 -62.30 16.45
CA TYR K 378 3.61 -62.85 15.46
C TYR K 378 2.44 -63.58 16.10
N GLU K 379 2.23 -63.39 17.41
CA GLU K 379 1.03 -63.84 18.11
C GLU K 379 0.88 -65.35 18.09
N LEU K 380 1.96 -66.06 18.42
CA LEU K 380 1.91 -67.51 18.60
C LEU K 380 2.20 -67.91 20.04
N LEU K 381 3.34 -67.48 20.60
CA LEU K 381 3.61 -67.67 22.01
C LEU K 381 3.04 -66.49 22.78
N ASP L 12 12.44 -49.04 -40.65
CA ASP L 12 13.03 -48.12 -39.70
C ASP L 12 12.53 -46.70 -39.91
N GLN L 13 13.34 -45.72 -39.51
CA GLN L 13 12.96 -44.32 -39.65
C GLN L 13 13.22 -43.78 -41.05
N ARG L 14 14.23 -44.33 -41.75
CA ARG L 14 14.53 -43.89 -43.10
C ARG L 14 13.39 -44.17 -44.08
N ASN L 15 12.48 -45.10 -43.75
CA ASN L 15 11.33 -45.29 -44.62
C ASN L 15 10.33 -44.16 -44.46
N GLU L 16 10.16 -43.67 -43.23
CA GLU L 16 9.24 -42.56 -42.95
C GLU L 16 9.73 -41.24 -43.52
N GLU L 17 11.03 -41.11 -43.82
CA GLU L 17 11.49 -39.97 -44.59
C GLU L 17 10.92 -40.03 -46.00
N LYS L 18 11.08 -41.18 -46.65
CA LYS L 18 10.61 -41.35 -48.02
C LYS L 18 9.10 -41.27 -48.12
N ALA L 19 8.39 -41.67 -47.06
CA ALA L 19 6.93 -41.61 -47.08
C ALA L 19 6.43 -40.17 -47.05
N GLN L 20 7.03 -39.32 -46.20
CA GLN L 20 6.58 -37.94 -46.11
C GLN L 20 7.01 -37.11 -47.31
N ARG L 21 8.08 -37.50 -48.01
CA ARG L 21 8.51 -36.73 -49.18
C ARG L 21 7.68 -37.04 -50.41
N GLU L 22 7.23 -38.30 -50.57
CA GLU L 22 6.30 -38.59 -51.65
C GLU L 22 4.91 -38.06 -51.35
N ALA L 23 4.57 -37.89 -50.07
CA ALA L 23 3.35 -37.14 -49.73
C ALA L 23 3.48 -35.68 -50.14
N ASN L 24 4.66 -35.09 -49.91
CA ASN L 24 4.93 -33.74 -50.40
C ASN L 24 4.86 -33.70 -51.92
N LYS L 25 5.43 -34.71 -52.59
CA LYS L 25 5.42 -34.74 -54.05
C LYS L 25 3.99 -34.76 -54.60
N LYS L 26 3.10 -35.52 -53.95
CA LYS L 26 1.71 -35.58 -54.39
C LYS L 26 0.98 -34.26 -54.14
N ILE L 27 1.36 -33.55 -53.08
CA ILE L 27 0.71 -32.29 -52.75
C ILE L 27 1.11 -31.21 -53.76
N GLU L 28 2.39 -31.16 -54.12
CA GLU L 28 2.86 -30.10 -55.02
C GLU L 28 2.24 -30.23 -56.40
N LYS L 29 2.07 -31.46 -56.89
CA LYS L 29 1.43 -31.65 -58.18
C LYS L 29 -0.02 -31.18 -58.16
N GLN L 30 -0.73 -31.46 -57.06
CA GLN L 30 -2.06 -30.89 -56.88
C GLN L 30 -2.00 -29.37 -56.83
N LEU L 31 -0.94 -28.82 -56.22
CA LEU L 31 -0.78 -27.38 -56.18
C LEU L 31 -0.49 -26.80 -57.55
N GLN L 32 0.23 -27.54 -58.40
CA GLN L 32 0.46 -27.08 -59.77
C GLN L 32 -0.85 -27.02 -60.54
N LYS L 33 -1.72 -28.02 -60.37
CA LYS L 33 -3.04 -27.97 -60.99
C LYS L 33 -3.86 -26.83 -60.43
N ASP L 34 -3.81 -26.62 -59.11
CA ASP L 34 -4.54 -25.51 -58.50
C ASP L 34 -4.00 -24.17 -58.96
N LYS L 35 -2.70 -24.08 -59.25
CA LYS L 35 -2.11 -22.81 -59.65
C LYS L 35 -2.65 -22.34 -60.99
N GLN L 36 -2.81 -23.25 -61.95
CA GLN L 36 -3.23 -22.86 -63.29
C GLN L 36 -4.71 -22.53 -63.37
N VAL L 37 -5.54 -23.06 -62.46
CA VAL L 37 -6.95 -22.66 -62.44
C VAL L 37 -7.12 -21.36 -61.65
N TYR L 38 -6.32 -21.15 -60.62
CA TYR L 38 -6.35 -19.87 -59.91
C TYR L 38 -5.88 -18.73 -60.82
N ARG L 39 -4.77 -18.94 -61.53
CA ARG L 39 -4.23 -17.90 -62.40
C ARG L 39 -5.14 -17.62 -63.60
N ALA L 40 -5.99 -18.57 -63.98
CA ALA L 40 -6.90 -18.39 -65.09
C ALA L 40 -8.23 -17.77 -64.68
N THR L 41 -8.45 -17.55 -63.39
CA THR L 41 -9.73 -17.08 -62.89
C THR L 41 -9.73 -15.55 -62.79
N HIS L 42 -10.72 -14.93 -63.40
CA HIS L 42 -10.90 -13.47 -63.34
C HIS L 42 -11.83 -13.16 -62.17
N ARG L 43 -11.24 -12.73 -61.05
CA ARG L 43 -12.03 -12.45 -59.86
C ARG L 43 -12.63 -11.05 -59.93
N LEU L 44 -13.88 -10.93 -59.48
CA LEU L 44 -14.60 -9.66 -59.53
C LEU L 44 -15.28 -9.41 -58.19
N LEU L 45 -15.06 -8.22 -57.64
CA LEU L 45 -15.67 -7.81 -56.38
C LEU L 45 -16.81 -6.84 -56.64
N LEU L 46 -17.92 -7.05 -55.96
CA LEU L 46 -19.11 -6.22 -56.08
C LEU L 46 -19.25 -5.36 -54.84
N LEU L 47 -19.24 -4.04 -55.05
CA LEU L 47 -19.41 -3.08 -53.97
C LEU L 47 -20.53 -2.11 -54.32
N GLY L 48 -20.96 -1.35 -53.33
CA GLY L 48 -22.02 -0.38 -53.52
C GLY L 48 -22.86 -0.24 -52.26
N ALA L 49 -23.65 0.82 -52.25
CA ALA L 49 -24.53 1.08 -51.11
C ALA L 49 -25.62 0.02 -51.01
N GLY L 50 -26.38 0.09 -49.93
CA GLY L 50 -27.45 -0.87 -49.72
C GLY L 50 -28.55 -0.72 -50.74
N GLU L 51 -29.11 -1.86 -51.16
CA GLU L 51 -30.21 -1.93 -52.12
C GLU L 51 -29.86 -1.32 -53.47
N SER L 52 -28.56 -1.22 -53.79
CA SER L 52 -28.15 -0.69 -55.08
C SER L 52 -28.22 -1.73 -56.19
N GLY L 53 -28.29 -3.01 -55.84
CA GLY L 53 -28.40 -4.07 -56.80
C GLY L 53 -27.22 -5.02 -56.92
N LYS L 54 -26.41 -5.17 -55.86
CA LYS L 54 -25.26 -6.06 -55.92
C LYS L 54 -25.70 -7.52 -56.05
N SER L 55 -26.59 -7.96 -55.15
CA SER L 55 -27.03 -9.36 -55.17
C SER L 55 -27.81 -9.68 -56.44
N THR L 56 -28.51 -8.69 -57.01
CA THR L 56 -29.26 -8.92 -58.24
C THR L 56 -28.33 -9.19 -59.41
N ILE L 57 -27.16 -8.54 -59.44
CA ILE L 57 -26.19 -8.79 -60.49
C ILE L 57 -25.70 -10.23 -60.42
N VAL L 58 -25.47 -10.74 -59.21
CA VAL L 58 -25.03 -12.14 -59.05
C VAL L 58 -26.10 -13.09 -59.56
N LYS L 59 -27.37 -12.76 -59.33
CA LYS L 59 -28.46 -13.60 -59.84
C LYS L 59 -28.44 -13.66 -61.37
N GLN L 60 -28.09 -12.54 -62.02
CA GLN L 60 -28.04 -12.52 -63.48
C GLN L 60 -26.98 -13.46 -64.02
N MET L 61 -25.85 -13.56 -63.31
CA MET L 61 -24.78 -14.46 -63.76
C MET L 61 -25.19 -15.92 -63.62
N ARG L 62 -26.03 -16.24 -62.64
CA ARG L 62 -26.50 -17.62 -62.50
C ARG L 62 -27.55 -17.95 -63.56
N ILE L 63 -28.41 -16.98 -63.89
CA ILE L 63 -29.41 -17.20 -64.92
C ILE L 63 -28.75 -17.32 -66.29
N LEU L 64 -27.59 -16.69 -66.47
CA LEU L 64 -26.93 -16.66 -67.78
C LEU L 64 -25.91 -17.76 -67.98
N HIS L 65 -25.31 -18.30 -66.91
CA HIS L 65 -24.20 -19.23 -67.09
C HIS L 65 -24.21 -20.47 -66.20
N VAL L 66 -25.00 -20.53 -65.14
CA VAL L 66 -24.85 -21.55 -64.11
C VAL L 66 -26.07 -22.48 -64.13
N ASN L 67 -25.80 -23.78 -64.10
CA ASN L 67 -26.83 -24.82 -63.96
C ASN L 67 -26.68 -25.39 -62.55
N GLY L 68 -27.55 -24.94 -61.64
CA GLY L 68 -27.50 -25.34 -60.25
C GLY L 68 -28.56 -26.37 -59.89
N PHE L 69 -28.73 -26.55 -58.59
CA PHE L 69 -29.67 -27.52 -58.04
C PHE L 69 -30.85 -26.78 -57.42
N ASN L 70 -32.06 -27.13 -57.87
CA ASN L 70 -33.31 -26.58 -57.34
C ASN L 70 -34.06 -27.73 -56.66
N GLY L 71 -33.97 -27.79 -55.34
CA GLY L 71 -34.59 -28.85 -54.58
C GLY L 71 -35.85 -28.41 -53.85
N ASP L 72 -36.33 -29.31 -52.99
CA ASP L 72 -37.55 -29.01 -52.23
C ASP L 72 -37.31 -27.93 -51.20
N SER L 73 -36.14 -27.96 -50.55
CA SER L 73 -35.83 -26.93 -49.55
C SER L 73 -35.63 -25.56 -50.21
N GLU L 74 -35.03 -25.54 -51.39
CA GLU L 74 -34.73 -24.27 -52.05
C GLU L 74 -35.97 -23.67 -52.70
N LYS L 75 -36.79 -24.48 -53.37
CA LYS L 75 -38.01 -23.98 -53.97
C LYS L 75 -38.93 -23.36 -52.92
N ALA L 76 -38.99 -23.95 -51.73
CA ALA L 76 -39.79 -23.38 -50.66
C ALA L 76 -39.17 -22.10 -50.10
N THR L 77 -37.83 -22.01 -50.14
CA THR L 77 -37.18 -20.80 -49.67
C THR L 77 -37.49 -19.62 -50.59
N LYS L 78 -37.52 -19.85 -51.90
CA LYS L 78 -37.82 -18.78 -52.84
C LYS L 78 -39.24 -18.24 -52.64
N VAL L 79 -40.21 -19.14 -52.44
CA VAL L 79 -41.59 -18.71 -52.29
C VAL L 79 -41.80 -17.97 -50.98
N GLN L 80 -41.13 -18.43 -49.92
CA GLN L 80 -41.23 -17.74 -48.63
C GLN L 80 -40.66 -16.33 -48.72
N ASP L 81 -39.53 -16.16 -49.41
CA ASP L 81 -38.89 -14.85 -49.50
C ASP L 81 -39.77 -13.87 -50.27
N ILE L 82 -40.48 -14.35 -51.29
CA ILE L 82 -41.35 -13.46 -52.07
C ILE L 82 -42.58 -13.08 -51.25
N LYS L 83 -43.16 -14.02 -50.50
CA LYS L 83 -44.31 -13.70 -49.67
C LYS L 83 -43.94 -12.70 -48.58
N ASN L 84 -42.72 -12.78 -48.04
CA ASN L 84 -42.28 -11.82 -47.04
C ASN L 84 -42.26 -10.41 -47.61
N ASN L 85 -41.73 -10.25 -48.82
CA ASN L 85 -41.73 -8.94 -49.48
C ASN L 85 -43.15 -8.42 -49.66
N LEU L 86 -44.07 -9.30 -50.08
CA LEU L 86 -45.46 -8.88 -50.30
C LEU L 86 -46.10 -8.38 -49.02
N LYS L 87 -45.83 -9.05 -47.89
CA LYS L 87 -46.36 -8.59 -46.62
C LYS L 87 -45.67 -7.29 -46.18
N GLU L 88 -44.37 -7.17 -46.47
CA GLU L 88 -43.67 -5.93 -46.18
C GLU L 88 -44.24 -4.76 -46.96
N ALA L 89 -44.55 -4.99 -48.24
CA ALA L 89 -45.01 -3.90 -49.10
C ALA L 89 -46.32 -3.32 -48.60
N ILE L 90 -47.31 -4.18 -48.36
CA ILE L 90 -48.64 -3.70 -47.97
C ILE L 90 -48.60 -3.12 -46.56
N GLU L 91 -47.79 -3.71 -45.67
CA GLU L 91 -47.70 -3.22 -44.30
C GLU L 91 -47.11 -1.82 -44.26
N THR L 92 -45.99 -1.62 -44.94
CA THR L 92 -45.31 -0.33 -44.87
C THR L 92 -46.12 0.79 -45.52
N ILE L 93 -46.84 0.47 -46.60
CA ILE L 93 -47.65 1.50 -47.27
C ILE L 93 -48.80 1.94 -46.37
N VAL L 94 -49.54 0.98 -45.81
CA VAL L 94 -50.70 1.31 -44.98
C VAL L 94 -50.25 2.02 -43.71
N ALA L 95 -49.19 1.53 -43.07
CA ALA L 95 -48.71 2.15 -41.84
C ALA L 95 -48.23 3.57 -42.08
N ALA L 96 -47.78 3.87 -43.30
CA ALA L 96 -47.30 5.21 -43.64
C ALA L 96 -48.42 6.19 -43.90
N MET L 97 -49.66 5.72 -44.06
CA MET L 97 -50.76 6.61 -44.44
C MET L 97 -50.99 7.69 -43.39
N SER L 98 -51.05 7.32 -42.12
CA SER L 98 -51.30 8.29 -41.06
C SER L 98 -50.06 9.07 -40.67
N ASN L 99 -48.86 8.55 -40.94
CA ASN L 99 -47.63 9.20 -40.54
C ASN L 99 -47.16 10.25 -41.54
N LEU L 100 -47.66 10.22 -42.77
CA LEU L 100 -47.28 11.21 -43.77
C LEU L 100 -47.82 12.58 -43.38
N VAL L 101 -47.08 13.62 -43.78
CA VAL L 101 -47.50 15.00 -43.55
C VAL L 101 -47.58 15.71 -44.90
N PRO L 102 -48.78 16.04 -45.40
CA PRO L 102 -50.09 15.78 -44.77
C PRO L 102 -50.52 14.32 -44.88
N PRO L 103 -51.43 13.88 -44.01
CA PRO L 103 -51.86 12.48 -44.03
C PRO L 103 -52.68 12.15 -45.26
N VAL L 104 -52.73 10.85 -45.55
CA VAL L 104 -53.55 10.30 -46.63
C VAL L 104 -54.59 9.39 -46.00
N GLU L 105 -55.85 9.56 -46.39
CA GLU L 105 -56.93 8.72 -45.89
C GLU L 105 -57.52 7.88 -47.02
N LEU L 106 -58.18 6.80 -46.63
CA LEU L 106 -58.72 5.85 -47.59
C LEU L 106 -59.74 6.52 -48.51
N ALA L 107 -59.62 6.24 -49.81
CA ALA L 107 -60.62 6.73 -50.76
C ALA L 107 -61.98 6.09 -50.48
N ASN L 108 -61.99 4.82 -50.10
CA ASN L 108 -63.21 4.13 -49.70
C ASN L 108 -63.19 3.91 -48.20
N PRO L 109 -64.02 4.62 -47.43
CA PRO L 109 -63.97 4.46 -45.97
C PRO L 109 -64.43 3.09 -45.48
N GLU L 110 -65.12 2.32 -46.32
CA GLU L 110 -65.57 0.99 -45.92
C GLU L 110 -64.47 -0.06 -45.99
N ASN L 111 -63.25 0.33 -46.36
CA ASN L 111 -62.09 -0.56 -46.31
C ASN L 111 -61.30 -0.40 -45.01
N GLN L 112 -61.92 0.18 -43.97
CA GLN L 112 -61.18 0.46 -42.74
C GLN L 112 -60.89 -0.80 -41.95
N PHE L 113 -61.78 -1.80 -42.00
CA PHE L 113 -61.53 -3.05 -41.29
C PHE L 113 -60.41 -3.85 -41.92
N ARG L 114 -60.08 -3.59 -43.19
CA ARG L 114 -58.92 -4.22 -43.82
C ARG L 114 -57.63 -3.58 -43.34
N VAL L 115 -57.63 -2.26 -43.16
CA VAL L 115 -56.47 -1.56 -42.61
C VAL L 115 -56.17 -2.08 -41.20
N ASP L 116 -57.22 -2.37 -40.43
CA ASP L 116 -57.02 -2.82 -39.05
C ASP L 116 -56.45 -4.23 -39.00
N TYR L 117 -56.89 -5.11 -39.90
CA TYR L 117 -56.32 -6.45 -39.94
C TYR L 117 -54.86 -6.43 -40.38
N ILE L 118 -54.55 -5.65 -41.41
CA ILE L 118 -53.18 -5.60 -41.93
C ILE L 118 -52.23 -5.06 -40.85
N LEU L 119 -52.65 -4.02 -40.14
CA LEU L 119 -51.82 -3.45 -39.08
C LEU L 119 -51.76 -4.33 -37.85
N SER L 120 -52.77 -5.20 -37.64
CA SER L 120 -52.77 -6.05 -36.46
C SER L 120 -51.85 -7.25 -36.61
N VAL L 121 -51.60 -7.70 -37.85
CA VAL L 121 -50.74 -8.84 -38.10
C VAL L 121 -49.33 -8.39 -38.50
N MET L 122 -48.96 -7.16 -38.16
CA MET L 122 -47.58 -6.72 -38.34
C MET L 122 -46.73 -7.22 -37.17
N ASN L 123 -45.52 -7.70 -37.50
CA ASN L 123 -44.57 -8.21 -36.51
C ASN L 123 -45.12 -9.45 -35.79
N VAL L 124 -45.78 -10.32 -36.55
CA VAL L 124 -46.12 -11.66 -36.07
C VAL L 124 -44.82 -12.46 -36.12
N PRO L 125 -44.54 -13.33 -35.12
CA PRO L 125 -43.32 -14.14 -35.19
C PRO L 125 -43.19 -14.92 -36.49
N ASP L 126 -44.20 -15.74 -36.77
CA ASP L 126 -44.22 -16.60 -37.96
C ASP L 126 -45.60 -16.45 -38.59
N PHE L 127 -45.69 -15.77 -39.73
CA PHE L 127 -46.98 -15.60 -40.41
C PHE L 127 -47.21 -16.75 -41.37
N ASP L 128 -48.38 -17.39 -41.25
CA ASP L 128 -48.72 -18.54 -42.07
C ASP L 128 -49.38 -18.17 -43.39
N PHE L 129 -49.63 -16.88 -43.63
CA PHE L 129 -50.24 -16.37 -44.85
C PHE L 129 -51.54 -17.09 -45.17
N PRO L 130 -52.61 -16.87 -44.40
CA PRO L 130 -53.89 -17.52 -44.67
C PRO L 130 -54.56 -16.90 -45.88
N PRO L 131 -55.61 -17.54 -46.42
CA PRO L 131 -56.32 -16.95 -47.57
C PRO L 131 -56.90 -15.57 -47.30
N GLU L 132 -57.19 -15.24 -46.03
CA GLU L 132 -57.78 -13.94 -45.73
C GLU L 132 -56.80 -12.79 -45.95
N PHE L 133 -55.49 -13.08 -45.82
CA PHE L 133 -54.49 -12.01 -45.97
C PHE L 133 -54.41 -11.52 -47.41
N TYR L 134 -54.40 -12.44 -48.38
CA TYR L 134 -54.17 -12.05 -49.77
C TYR L 134 -55.27 -11.15 -50.31
N GLU L 135 -56.52 -11.47 -49.99
CA GLU L 135 -57.62 -10.64 -50.50
C GLU L 135 -57.68 -9.29 -49.81
N HIS L 136 -57.21 -9.20 -48.56
CA HIS L 136 -57.12 -7.90 -47.90
C HIS L 136 -56.08 -7.03 -48.59
N ALA L 137 -54.91 -7.59 -48.90
CA ALA L 137 -53.86 -6.83 -49.57
C ALA L 137 -54.30 -6.40 -50.96
N LYS L 138 -55.00 -7.27 -51.68
CA LYS L 138 -55.47 -6.92 -53.02
C LYS L 138 -56.55 -5.85 -52.95
N ALA L 139 -57.46 -5.96 -51.99
CA ALA L 139 -58.53 -4.97 -51.86
C ALA L 139 -57.98 -3.61 -51.46
N LEU L 140 -56.91 -3.58 -50.66
CA LEU L 140 -56.30 -2.31 -50.29
C LEU L 140 -55.42 -1.76 -51.39
N TRP L 141 -54.77 -2.62 -52.18
CA TRP L 141 -53.97 -2.14 -53.30
C TRP L 141 -54.84 -1.53 -54.39
N GLU L 142 -56.08 -2.02 -54.54
CA GLU L 142 -57.02 -1.45 -55.49
C GLU L 142 -57.64 -0.16 -54.99
N ASP L 143 -57.34 0.24 -53.75
CA ASP L 143 -57.82 1.52 -53.21
C ASP L 143 -56.90 2.64 -53.69
N GLU L 144 -57.47 3.63 -54.37
CA GLU L 144 -56.66 4.74 -54.88
C GLU L 144 -56.12 5.61 -53.76
N GLY L 145 -56.75 5.60 -52.59
CA GLY L 145 -56.16 6.30 -51.45
C GLY L 145 -54.87 5.66 -51.00
N VAL L 146 -54.79 4.33 -51.06
CA VAL L 146 -53.56 3.64 -50.73
C VAL L 146 -52.51 3.87 -51.81
N ARG L 147 -52.94 3.94 -53.07
CA ARG L 147 -52.00 4.24 -54.15
C ARG L 147 -51.42 5.64 -54.01
N ALA L 148 -52.22 6.59 -53.52
CA ALA L 148 -51.70 7.94 -53.27
C ALA L 148 -50.57 7.93 -52.26
N CYS L 149 -50.67 7.07 -51.25
CA CYS L 149 -49.58 6.93 -50.29
C CYS L 149 -48.37 6.24 -50.93
N TYR L 150 -48.60 5.31 -51.85
CA TYR L 150 -47.49 4.65 -52.54
C TYR L 150 -46.75 5.63 -53.44
N GLU L 151 -47.46 6.55 -54.08
CA GLU L 151 -46.82 7.52 -54.95
C GLU L 151 -45.86 8.43 -54.20
N ARG L 152 -45.99 8.52 -52.88
CA ARG L 152 -45.09 9.29 -52.03
C ARG L 152 -44.10 8.39 -51.29
N SER L 153 -43.66 7.31 -51.95
CA SER L 153 -42.82 6.31 -51.30
C SER L 153 -41.45 6.85 -50.90
N ASN L 154 -41.00 7.96 -51.49
CA ASN L 154 -39.69 8.50 -51.13
C ASN L 154 -39.68 9.12 -49.74
N GLU L 155 -40.85 9.37 -49.15
CA GLU L 155 -40.91 9.95 -47.81
C GLU L 155 -40.78 8.91 -46.71
N TYR L 156 -40.73 7.62 -47.05
CA TYR L 156 -40.47 6.57 -46.07
C TYR L 156 -39.66 5.48 -46.75
N GLN L 157 -39.48 4.35 -46.08
CA GLN L 157 -38.63 3.26 -46.56
C GLN L 157 -39.51 2.14 -47.09
N LEU L 158 -39.51 1.97 -48.42
CA LEU L 158 -40.37 1.02 -49.11
C LEU L 158 -39.53 0.24 -50.11
N ILE L 159 -39.63 -1.09 -50.07
CA ILE L 159 -38.78 -1.93 -50.91
C ILE L 159 -39.17 -1.74 -52.39
N ASP L 160 -38.19 -1.97 -53.27
CA ASP L 160 -38.38 -1.67 -54.68
C ASP L 160 -39.46 -2.53 -55.32
N CYS L 161 -39.53 -3.81 -54.94
CA CYS L 161 -40.37 -4.79 -55.62
C CYS L 161 -41.84 -4.74 -55.22
N ALA L 162 -42.30 -3.69 -54.56
CA ALA L 162 -43.66 -3.65 -54.05
C ALA L 162 -44.69 -3.68 -55.17
N GLN L 163 -44.63 -2.68 -56.06
CA GLN L 163 -45.60 -2.60 -57.15
C GLN L 163 -45.56 -3.83 -58.05
N TYR L 164 -44.39 -4.43 -58.22
CA TYR L 164 -44.27 -5.62 -59.05
C TYR L 164 -45.03 -6.80 -58.45
N PHE L 165 -44.94 -6.97 -57.13
CA PHE L 165 -45.57 -8.12 -56.48
C PHE L 165 -47.04 -7.86 -56.17
N LEU L 166 -47.38 -6.62 -55.79
CA LEU L 166 -48.77 -6.30 -55.50
C LEU L 166 -49.64 -6.41 -56.74
N ASP L 167 -49.05 -6.25 -57.93
CA ASP L 167 -49.79 -6.40 -59.17
C ASP L 167 -49.99 -7.85 -59.56
N LYS L 168 -49.42 -8.80 -58.82
CA LYS L 168 -49.60 -10.22 -59.08
C LYS L 168 -49.87 -10.97 -57.78
N ILE L 169 -50.75 -10.40 -56.95
CA ILE L 169 -51.10 -11.04 -55.68
C ILE L 169 -51.82 -12.36 -55.92
N ASP L 170 -52.73 -12.39 -56.90
CA ASP L 170 -53.47 -13.61 -57.19
C ASP L 170 -52.56 -14.72 -57.69
N VAL L 171 -51.43 -14.37 -58.31
CA VAL L 171 -50.51 -15.39 -58.79
C VAL L 171 -49.69 -15.98 -57.64
N ILE L 172 -49.42 -15.19 -56.59
CA ILE L 172 -48.57 -15.64 -55.50
C ILE L 172 -49.35 -16.55 -54.55
N LYS L 173 -50.63 -16.27 -54.34
CA LYS L 173 -51.41 -17.00 -53.34
C LYS L 173 -51.76 -18.43 -53.77
N GLN L 174 -51.57 -18.78 -55.04
CA GLN L 174 -51.94 -20.10 -55.51
C GLN L 174 -51.05 -21.17 -54.87
N ALA L 175 -51.65 -22.32 -54.57
CA ALA L 175 -50.91 -23.40 -53.92
C ALA L 175 -49.80 -23.93 -54.82
N ASP L 176 -50.03 -24.00 -56.13
CA ASP L 176 -49.06 -24.51 -57.08
C ASP L 176 -48.19 -23.41 -57.69
N TYR L 177 -48.00 -22.30 -56.98
CA TYR L 177 -47.22 -21.19 -57.52
C TYR L 177 -45.73 -21.50 -57.46
N VAL L 178 -45.07 -21.39 -58.60
CA VAL L 178 -43.63 -21.54 -58.72
C VAL L 178 -43.07 -20.22 -59.25
N PRO L 179 -42.06 -19.65 -58.60
CA PRO L 179 -41.61 -18.31 -59.01
C PRO L 179 -40.87 -18.34 -60.34
N SER L 180 -41.17 -17.37 -61.19
CA SER L 180 -40.41 -17.19 -62.42
C SER L 180 -39.03 -16.62 -62.11
N ASP L 181 -38.17 -16.61 -63.12
CA ASP L 181 -36.82 -16.12 -62.94
C ASP L 181 -36.76 -14.61 -62.75
N GLN L 182 -37.77 -13.88 -63.26
CA GLN L 182 -37.85 -12.45 -62.98
C GLN L 182 -38.38 -12.20 -61.58
N ASP L 183 -39.24 -13.09 -61.06
CA ASP L 183 -39.70 -12.97 -59.68
C ASP L 183 -38.52 -13.00 -58.71
N LEU L 184 -37.56 -13.91 -58.94
CA LEU L 184 -36.42 -14.02 -58.05
C LEU L 184 -35.53 -12.79 -58.12
N LEU L 185 -35.41 -12.20 -59.31
CA LEU L 185 -34.60 -11.00 -59.46
C LEU L 185 -35.20 -9.84 -58.68
N ARG L 186 -36.53 -9.70 -58.71
CA ARG L 186 -37.18 -8.65 -57.93
C ARG L 186 -37.18 -8.96 -56.44
N CYS L 187 -37.05 -10.23 -56.06
CA CYS L 187 -37.10 -10.61 -54.65
C CYS L 187 -35.98 -9.94 -53.87
N ARG L 188 -36.32 -9.34 -52.74
CA ARG L 188 -35.38 -8.59 -51.91
C ARG L 188 -35.02 -9.43 -50.69
N VAL L 189 -33.73 -9.73 -50.54
CA VAL L 189 -33.20 -10.46 -49.39
C VAL L 189 -31.91 -9.78 -48.96
N LEU L 190 -31.79 -9.49 -47.67
CA LEU L 190 -30.55 -8.91 -47.14
C LEU L 190 -29.45 -9.95 -47.16
N THR L 191 -28.35 -9.63 -47.84
CA THR L 191 -27.24 -10.57 -48.00
C THR L 191 -26.40 -10.62 -46.73
N SER L 192 -26.16 -11.83 -46.24
CA SER L 192 -25.32 -12.06 -45.06
C SER L 192 -24.15 -12.94 -45.46
N GLY L 193 -22.95 -12.56 -45.02
CA GLY L 193 -21.75 -13.30 -45.36
C GLY L 193 -21.28 -13.04 -46.77
N ILE L 194 -20.91 -14.09 -47.49
CA ILE L 194 -20.42 -13.98 -48.85
C ILE L 194 -21.43 -14.64 -49.79
N PHE L 195 -21.56 -14.06 -50.98
CA PHE L 195 -22.47 -14.55 -52.01
C PHE L 195 -21.70 -14.58 -53.33
N GLU L 196 -21.29 -15.77 -53.75
CA GLU L 196 -20.39 -15.94 -54.89
C GLU L 196 -21.08 -16.66 -56.04
N THR L 197 -20.36 -16.74 -57.15
CA THR L 197 -20.73 -17.59 -58.27
C THR L 197 -19.50 -17.78 -59.15
N LYS L 198 -19.23 -19.02 -59.55
CA LYS L 198 -18.12 -19.35 -60.43
C LYS L 198 -18.69 -19.89 -61.73
N PHE L 199 -18.42 -19.19 -62.84
CA PHE L 199 -18.92 -19.58 -64.15
C PHE L 199 -17.81 -19.37 -65.18
N GLN L 200 -18.05 -19.89 -66.38
CA GLN L 200 -17.09 -19.82 -67.47
C GLN L 200 -17.78 -19.32 -68.72
N VAL L 201 -17.16 -18.37 -69.41
CA VAL L 201 -17.72 -17.77 -70.62
C VAL L 201 -16.65 -17.82 -71.70
N ASP L 202 -16.81 -18.73 -72.66
CA ASP L 202 -15.93 -18.83 -73.83
C ASP L 202 -14.48 -19.08 -73.41
N LYS L 203 -14.28 -20.19 -72.70
CA LYS L 203 -12.98 -20.72 -72.29
C LYS L 203 -12.23 -19.83 -71.32
N VAL L 204 -12.79 -18.72 -70.86
CA VAL L 204 -12.20 -17.91 -69.81
C VAL L 204 -13.09 -17.99 -68.59
N ASN L 205 -12.48 -18.01 -67.41
CA ASN L 205 -13.18 -18.29 -66.16
C ASN L 205 -13.36 -17.02 -65.35
N PHE L 206 -14.51 -16.91 -64.69
CA PHE L 206 -14.86 -15.75 -63.88
C PHE L 206 -15.26 -16.21 -62.48
N HIS L 207 -14.87 -15.42 -61.49
CA HIS L 207 -15.28 -15.63 -60.11
C HIS L 207 -15.82 -14.32 -59.58
N MET L 208 -17.13 -14.23 -59.44
CA MET L 208 -17.79 -13.01 -58.97
C MET L 208 -18.32 -13.22 -57.57
N PHE L 209 -18.08 -12.26 -56.69
CA PHE L 209 -18.44 -12.37 -55.29
C PHE L 209 -18.94 -11.01 -54.79
N ASP L 210 -19.83 -11.06 -53.80
CA ASP L 210 -20.45 -9.87 -53.24
C ASP L 210 -20.53 -10.04 -51.73
N VAL L 211 -19.84 -9.17 -50.99
CA VAL L 211 -19.84 -9.24 -49.54
C VAL L 211 -21.15 -8.68 -49.00
N GLY L 212 -21.71 -9.35 -47.99
CA GLY L 212 -22.97 -8.94 -47.43
C GLY L 212 -22.84 -8.26 -46.08
N GLY L 213 -23.83 -8.46 -45.21
CA GLY L 213 -23.83 -7.82 -43.92
C GLY L 213 -24.56 -6.49 -43.95
N GLN L 214 -24.43 -5.76 -42.84
CA GLN L 214 -25.06 -4.46 -42.68
C GLN L 214 -24.05 -3.36 -42.99
N ARG L 215 -24.52 -2.11 -42.89
CA ARG L 215 -23.75 -0.95 -43.30
C ARG L 215 -22.52 -0.80 -42.41
N ASP L 216 -21.34 -0.98 -43.00
CA ASP L 216 -20.06 -0.80 -42.31
C ASP L 216 -19.38 0.45 -42.87
N GLU L 217 -18.97 1.35 -41.97
CA GLU L 217 -18.28 2.57 -42.36
C GLU L 217 -16.77 2.45 -42.27
N ARG L 218 -16.26 1.56 -41.40
CA ARG L 218 -14.82 1.36 -41.30
C ARG L 218 -14.31 0.43 -42.40
N ARG L 219 -15.01 -0.68 -42.63
CA ARG L 219 -14.70 -1.64 -43.68
C ARG L 219 -13.24 -2.08 -43.63
N LYS L 220 -12.87 -2.66 -42.49
CA LYS L 220 -11.51 -3.19 -42.31
C LYS L 220 -11.25 -4.35 -43.25
N TRP L 221 -12.29 -5.08 -43.66
CA TRP L 221 -12.16 -6.24 -44.53
C TRP L 221 -11.82 -5.89 -45.97
N ILE L 222 -11.74 -4.60 -46.31
CA ILE L 222 -11.53 -4.20 -47.70
C ILE L 222 -10.16 -4.64 -48.20
N GLN L 223 -9.16 -4.67 -47.32
CA GLN L 223 -7.81 -5.06 -47.74
C GLN L 223 -7.72 -6.52 -48.14
N CYS L 224 -8.75 -7.33 -47.87
CA CYS L 224 -8.77 -8.71 -48.35
C CYS L 224 -8.92 -8.79 -49.86
N PHE L 225 -9.21 -7.69 -50.54
CA PHE L 225 -9.49 -7.66 -51.97
C PHE L 225 -8.55 -6.71 -52.70
N ASN L 226 -7.28 -6.65 -52.27
CA ASN L 226 -6.33 -5.75 -52.88
C ASN L 226 -5.73 -6.27 -54.18
N ASP L 227 -5.89 -7.56 -54.47
CA ASP L 227 -5.39 -8.15 -55.70
C ASP L 227 -6.53 -8.65 -56.59
N VAL L 228 -7.71 -8.03 -56.46
CA VAL L 228 -8.85 -8.39 -57.29
C VAL L 228 -8.63 -7.87 -58.71
N THR L 229 -9.09 -8.64 -59.69
CA THR L 229 -8.93 -8.23 -61.09
C THR L 229 -9.67 -6.92 -61.36
N ALA L 230 -10.89 -6.78 -60.87
CA ALA L 230 -11.66 -5.56 -61.10
C ALA L 230 -12.77 -5.46 -60.07
N ILE L 231 -13.10 -4.22 -59.71
CA ILE L 231 -14.20 -3.91 -58.79
C ILE L 231 -15.38 -3.43 -59.62
N ILE L 232 -16.55 -4.02 -59.38
CA ILE L 232 -17.80 -3.57 -59.98
C ILE L 232 -18.57 -2.80 -58.92
N PHE L 233 -18.66 -1.48 -59.09
CA PHE L 233 -19.37 -0.61 -58.16
C PHE L 233 -20.75 -0.31 -58.72
N VAL L 234 -21.79 -0.65 -57.97
CA VAL L 234 -23.17 -0.50 -58.42
C VAL L 234 -23.79 0.68 -57.68
N VAL L 235 -24.61 1.45 -58.41
CA VAL L 235 -25.25 2.64 -57.86
C VAL L 235 -26.71 2.64 -58.30
N ALA L 236 -27.61 2.95 -57.36
CA ALA L 236 -29.03 3.12 -57.67
C ALA L 236 -29.25 4.57 -58.09
N SER L 237 -29.31 4.80 -59.41
CA SER L 237 -29.44 6.15 -59.92
C SER L 237 -30.78 6.79 -59.58
N SER L 238 -31.84 5.98 -59.52
CA SER L 238 -33.18 6.51 -59.27
C SER L 238 -33.40 6.93 -57.82
N SER L 239 -32.44 6.68 -56.93
CA SER L 239 -32.59 6.97 -55.52
C SER L 239 -32.17 8.40 -55.16
N TYR L 240 -32.20 9.33 -56.13
CA TYR L 240 -31.79 10.69 -55.86
C TYR L 240 -32.76 11.43 -54.94
N ASN L 241 -34.01 10.96 -54.85
CA ASN L 241 -35.03 11.60 -54.04
C ASN L 241 -35.31 10.84 -52.74
N MET L 242 -34.42 9.94 -52.34
CA MET L 242 -34.61 9.11 -51.17
C MET L 242 -33.48 9.30 -50.18
N VAL L 243 -33.71 8.85 -48.95
CA VAL L 243 -32.70 8.86 -47.90
C VAL L 243 -32.39 7.42 -47.52
N ILE L 244 -31.22 7.24 -46.89
CA ILE L 244 -30.80 5.90 -46.51
C ILE L 244 -31.54 5.46 -45.25
N ARG L 245 -31.53 4.15 -45.01
CA ARG L 245 -32.35 3.57 -43.95
C ARG L 245 -31.71 3.64 -42.57
N GLU L 246 -30.39 3.81 -42.48
CA GLU L 246 -29.75 3.83 -41.18
C GLU L 246 -30.18 5.04 -40.36
N ASP L 247 -30.02 6.24 -40.92
CA ASP L 247 -30.32 7.47 -40.19
C ASP L 247 -31.55 8.21 -40.69
N ASN L 248 -32.05 7.87 -41.89
CA ASN L 248 -33.22 8.54 -42.48
C ASN L 248 -32.96 10.03 -42.71
N GLN L 249 -31.69 10.41 -42.86
CA GLN L 249 -31.32 11.80 -43.06
C GLN L 249 -30.42 12.00 -44.27
N THR L 250 -29.50 11.09 -44.53
CA THR L 250 -28.54 11.26 -45.62
C THR L 250 -29.17 10.88 -46.95
N ASN L 251 -28.95 11.71 -47.97
CA ASN L 251 -29.41 11.40 -49.32
C ASN L 251 -28.84 10.07 -49.77
N ARG L 252 -29.71 9.24 -50.37
CA ARG L 252 -29.29 7.91 -50.81
C ARG L 252 -28.24 7.99 -51.91
N LEU L 253 -28.36 8.99 -52.80
CA LEU L 253 -27.36 9.16 -53.84
C LEU L 253 -26.07 9.75 -53.27
N GLN L 254 -26.16 10.49 -52.17
CA GLN L 254 -24.94 11.03 -51.55
C GLN L 254 -24.16 9.94 -50.83
N GLU L 255 -24.84 8.92 -50.31
CA GLU L 255 -24.15 7.79 -49.71
C GLU L 255 -23.31 7.05 -50.75
N ALA L 256 -23.86 6.88 -51.95
CA ALA L 256 -23.11 6.22 -53.02
C ALA L 256 -21.89 7.05 -53.42
N LEU L 257 -22.05 8.37 -53.51
CA LEU L 257 -20.92 9.23 -53.84
C LEU L 257 -19.86 9.21 -52.75
N ASN L 258 -20.29 9.25 -51.49
CA ASN L 258 -19.33 9.21 -50.39
C ASN L 258 -18.67 7.83 -50.28
N LEU L 259 -19.43 6.76 -50.56
CA LEU L 259 -18.85 5.43 -50.51
C LEU L 259 -17.90 5.20 -51.68
N PHE L 260 -18.24 5.73 -52.86
CA PHE L 260 -17.36 5.60 -54.02
C PHE L 260 -16.03 6.30 -53.78
N LYS L 261 -16.08 7.51 -53.22
CA LYS L 261 -14.85 8.27 -52.98
C LYS L 261 -13.90 7.52 -52.05
N SER L 262 -14.44 6.93 -50.98
CA SER L 262 -13.59 6.20 -50.04
C SER L 262 -12.99 4.95 -50.68
N ILE L 263 -13.77 4.27 -51.52
CA ILE L 263 -13.27 3.07 -52.20
C ILE L 263 -12.22 3.45 -53.23
N TRP L 264 -12.46 4.52 -53.99
CA TRP L 264 -11.53 4.91 -55.05
C TRP L 264 -10.17 5.31 -54.48
N ASN L 265 -10.16 5.98 -53.32
CA ASN L 265 -8.94 6.42 -52.68
C ASN L 265 -8.50 5.48 -51.56
N ASN L 266 -8.99 4.24 -51.56
CA ASN L 266 -8.58 3.28 -50.55
C ASN L 266 -7.12 2.90 -50.75
N ARG L 267 -6.35 2.95 -49.66
CA ARG L 267 -4.92 2.69 -49.74
C ARG L 267 -4.60 1.28 -50.24
N TRP L 268 -5.57 0.37 -50.17
CA TRP L 268 -5.37 -1.00 -50.65
C TRP L 268 -5.92 -1.24 -52.04
N LEU L 269 -6.62 -0.27 -52.62
CA LEU L 269 -7.17 -0.38 -53.96
C LEU L 269 -6.54 0.64 -54.91
N ARG L 270 -5.27 0.99 -54.65
CA ARG L 270 -4.59 2.00 -55.44
C ARG L 270 -4.33 1.56 -56.87
N THR L 271 -4.33 0.25 -57.14
CA THR L 271 -4.05 -0.28 -58.48
C THR L 271 -5.21 -1.10 -59.02
N ILE L 272 -6.40 -0.95 -58.46
CA ILE L 272 -7.57 -1.73 -58.86
C ILE L 272 -8.51 -0.82 -59.65
N SER L 273 -8.77 -1.20 -60.90
CA SER L 273 -9.72 -0.47 -61.72
C SER L 273 -11.14 -0.77 -61.29
N VAL L 274 -12.04 0.17 -61.59
CA VAL L 274 -13.44 0.09 -61.16
C VAL L 274 -14.34 0.15 -62.38
N ILE L 275 -15.18 -0.86 -62.53
CA ILE L 275 -16.26 -0.83 -63.51
C ILE L 275 -17.51 -0.31 -62.81
N LEU L 276 -17.99 0.86 -63.23
CA LEU L 276 -19.07 1.56 -62.54
C LEU L 276 -20.39 1.20 -63.19
N PHE L 277 -21.25 0.50 -62.45
CA PHE L 277 -22.58 0.13 -62.91
C PHE L 277 -23.59 1.14 -62.39
N LEU L 278 -24.06 2.01 -63.28
CA LEU L 278 -25.12 2.96 -62.94
C LEU L 278 -26.45 2.26 -63.15
N ASN L 279 -26.94 1.61 -62.09
CA ASN L 279 -28.06 0.71 -62.17
C ASN L 279 -29.39 1.47 -62.12
N LYS L 280 -30.47 0.73 -62.34
CA LYS L 280 -31.84 1.23 -62.18
C LYS L 280 -32.14 2.38 -63.13
N GLN L 281 -31.77 2.20 -64.40
CA GLN L 281 -32.08 3.20 -65.41
C GLN L 281 -33.58 3.24 -65.72
N ASP L 282 -34.28 2.13 -65.51
CA ASP L 282 -35.71 2.07 -65.81
C ASP L 282 -36.52 2.93 -64.84
N LEU L 283 -36.13 2.96 -63.57
CA LEU L 283 -36.87 3.73 -62.59
C LEU L 283 -36.53 5.21 -62.66
N LEU L 284 -35.26 5.55 -62.90
CA LEU L 284 -34.89 6.96 -63.06
C LEU L 284 -35.64 7.59 -64.22
N ALA L 285 -35.82 6.84 -65.31
CA ALA L 285 -36.62 7.34 -66.43
C ALA L 285 -38.04 7.65 -65.99
N GLU L 286 -38.63 6.78 -65.16
CA GLU L 286 -39.98 7.02 -64.69
C GLU L 286 -40.07 8.28 -63.83
N LYS L 287 -39.11 8.44 -62.90
CA LYS L 287 -39.16 9.57 -61.99
C LYS L 287 -38.91 10.90 -62.72
N VAL L 288 -37.98 10.89 -63.68
CA VAL L 288 -37.67 12.12 -64.42
C VAL L 288 -38.87 12.53 -65.29
N LEU L 289 -39.43 11.57 -66.02
CA LEU L 289 -40.54 11.89 -66.92
C LEU L 289 -41.81 12.22 -66.16
N ALA L 290 -41.99 11.66 -64.96
CA ALA L 290 -43.15 12.01 -64.16
C ALA L 290 -43.11 13.47 -63.75
N GLY L 291 -41.93 13.98 -63.39
CA GLY L 291 -41.79 15.36 -62.99
C GLY L 291 -42.30 15.69 -61.60
N LYS L 292 -42.70 14.68 -60.82
CA LYS L 292 -43.18 14.94 -59.47
C LYS L 292 -42.04 15.39 -58.56
N SER L 293 -40.97 14.60 -58.49
CA SER L 293 -39.78 14.94 -57.71
C SER L 293 -38.65 15.24 -58.68
N LYS L 294 -38.27 16.52 -58.75
CA LYS L 294 -37.22 16.96 -59.65
C LYS L 294 -35.85 16.81 -59.02
N ILE L 295 -34.84 16.57 -59.86
CA ILE L 295 -33.48 16.38 -59.38
C ILE L 295 -32.93 17.68 -58.77
N GLU L 296 -33.40 18.83 -59.27
CA GLU L 296 -32.89 20.10 -58.77
C GLU L 296 -33.23 20.33 -57.30
N ASP L 297 -34.34 19.74 -56.83
CA ASP L 297 -34.72 19.89 -55.43
C ASP L 297 -33.81 19.12 -54.49
N TYR L 298 -33.02 18.19 -55.02
CA TYR L 298 -32.08 17.42 -54.21
C TYR L 298 -30.63 17.68 -54.57
N PHE L 299 -30.34 18.03 -55.81
CA PHE L 299 -28.99 18.41 -56.25
C PHE L 299 -29.12 19.69 -57.07
N PRO L 300 -28.96 20.85 -56.45
CA PRO L 300 -29.12 22.11 -57.19
C PRO L 300 -28.10 22.30 -58.31
N GLU L 301 -26.96 21.61 -58.25
CA GLU L 301 -25.99 21.68 -59.34
C GLU L 301 -26.60 21.22 -60.66
N PHE L 302 -27.61 20.35 -60.60
CA PHE L 302 -28.25 19.83 -61.80
C PHE L 302 -28.93 20.92 -62.63
N ALA L 303 -29.24 22.07 -62.02
CA ALA L 303 -29.97 23.11 -62.72
C ALA L 303 -29.16 23.67 -63.88
N ARG L 304 -27.84 23.79 -63.71
CA ARG L 304 -26.97 24.33 -64.76
C ARG L 304 -26.02 23.28 -65.32
N TYR L 305 -26.43 22.01 -65.29
CA TYR L 305 -25.65 20.96 -65.92
C TYR L 305 -25.98 20.88 -67.40
N THR L 306 -24.95 20.78 -68.24
CA THR L 306 -25.09 20.75 -69.68
C THR L 306 -24.85 19.34 -70.19
N THR L 307 -25.77 18.84 -71.01
CA THR L 307 -25.59 17.54 -71.63
C THR L 307 -24.31 17.54 -72.45
N PRO L 308 -23.40 16.61 -72.23
CA PRO L 308 -22.11 16.64 -72.94
C PRO L 308 -22.30 16.39 -74.43
N GLU L 309 -21.27 16.77 -75.20
CA GLU L 309 -21.30 16.55 -76.64
C GLU L 309 -21.12 15.08 -77.01
N ASP L 310 -20.52 14.29 -76.12
CA ASP L 310 -20.31 12.87 -76.39
C ASP L 310 -21.55 12.03 -76.16
N ALA L 311 -22.58 12.58 -75.53
CA ALA L 311 -23.76 11.81 -75.12
C ALA L 311 -24.37 11.05 -76.29
N THR L 312 -24.42 9.72 -76.14
CA THR L 312 -25.01 8.84 -77.14
C THR L 312 -26.34 8.31 -76.62
N PRO L 313 -27.45 8.98 -76.91
CA PRO L 313 -28.74 8.52 -76.40
C PRO L 313 -29.26 7.32 -77.18
N GLU L 314 -29.98 6.46 -76.47
CA GLU L 314 -30.67 5.35 -77.10
C GLU L 314 -31.75 5.88 -78.04
N PRO L 315 -32.20 5.09 -79.01
CA PRO L 315 -33.22 5.58 -79.94
C PRO L 315 -34.49 6.03 -79.22
N GLY L 316 -34.92 7.25 -79.54
CA GLY L 316 -36.15 7.77 -78.98
C GLY L 316 -36.09 8.16 -77.53
N GLU L 317 -34.90 8.36 -76.98
CA GLU L 317 -34.76 8.72 -75.57
C GLU L 317 -35.12 10.18 -75.36
N ASP L 318 -35.93 10.44 -74.35
CA ASP L 318 -36.28 11.82 -74.01
C ASP L 318 -35.04 12.57 -73.56
N PRO L 319 -34.74 13.74 -74.14
CA PRO L 319 -33.56 14.51 -73.71
C PRO L 319 -33.50 14.76 -72.22
N ARG L 320 -34.65 14.80 -71.53
CA ARG L 320 -34.63 14.93 -70.08
C ARG L 320 -33.94 13.74 -69.43
N VAL L 321 -34.15 12.55 -69.98
CA VAL L 321 -33.54 11.35 -69.41
C VAL L 321 -32.06 11.28 -69.74
N THR L 322 -31.69 11.67 -70.96
CA THR L 322 -30.28 11.65 -71.34
C THR L 322 -29.46 12.58 -70.47
N ARG L 323 -29.98 13.78 -70.19
CA ARG L 323 -29.26 14.73 -69.36
C ARG L 323 -29.23 14.28 -67.90
N ALA L 324 -30.31 13.65 -67.43
CA ALA L 324 -30.40 13.27 -66.03
C ALA L 324 -29.39 12.18 -65.69
N LYS L 325 -29.29 11.15 -66.54
CA LYS L 325 -28.40 10.04 -66.24
C LYS L 325 -26.93 10.38 -66.49
N TYR L 326 -26.65 11.26 -67.45
CA TYR L 326 -25.28 11.73 -67.63
C TYR L 326 -24.85 12.70 -66.54
N PHE L 327 -25.79 13.23 -65.76
CA PHE L 327 -25.42 14.04 -64.61
C PHE L 327 -24.98 13.18 -63.43
N ILE L 328 -25.71 12.10 -63.16
CA ILE L 328 -25.31 11.17 -62.10
C ILE L 328 -23.97 10.54 -62.45
N ARG L 329 -23.75 10.22 -63.72
CA ARG L 329 -22.49 9.63 -64.14
C ARG L 329 -21.33 10.59 -63.93
N ASP L 330 -21.52 11.87 -64.26
CA ASP L 330 -20.44 12.84 -64.14
C ASP L 330 -20.13 13.19 -62.69
N GLU L 331 -21.08 12.97 -61.77
CA GLU L 331 -20.78 13.17 -60.35
C GLU L 331 -19.74 12.15 -59.87
N PHE L 332 -19.83 10.91 -60.38
CA PHE L 332 -18.86 9.89 -59.99
C PHE L 332 -17.53 10.08 -60.72
N LEU L 333 -17.57 10.52 -61.98
CA LEU L 333 -16.34 10.72 -62.73
C LEU L 333 -15.54 11.91 -62.24
N ARG L 334 -16.18 12.89 -61.58
CA ARG L 334 -15.43 13.96 -60.94
C ARG L 334 -14.61 13.45 -59.77
N ILE L 335 -14.94 12.27 -59.24
CA ILE L 335 -14.19 11.67 -58.14
C ILE L 335 -13.06 10.79 -58.67
N SER L 336 -13.30 10.08 -59.78
CA SER L 336 -12.28 9.20 -60.33
C SER L 336 -11.18 9.97 -61.06
N THR L 337 -11.50 11.12 -61.65
CA THR L 337 -10.51 11.92 -62.35
C THR L 337 -9.73 12.83 -61.42
N ALA L 338 -10.09 12.91 -60.15
CA ALA L 338 -9.38 13.75 -59.19
C ALA L 338 -8.18 13.05 -58.57
N SER L 339 -8.01 11.75 -58.80
CA SER L 339 -6.88 11.00 -58.27
C SER L 339 -6.67 9.75 -59.13
N GLY L 340 -5.69 8.95 -58.74
CA GLY L 340 -5.39 7.74 -59.47
C GLY L 340 -4.08 7.82 -60.23
N ASP L 341 -3.83 8.97 -60.83
CA ASP L 341 -2.62 9.29 -61.60
C ASP L 341 -2.13 8.09 -62.43
N GLY L 342 -3.07 7.50 -63.16
CA GLY L 342 -2.74 6.52 -64.17
C GLY L 342 -2.35 5.14 -63.68
N ARG L 343 -2.82 4.74 -62.49
CA ARG L 343 -2.59 3.39 -62.00
C ARG L 343 -3.86 2.57 -61.91
N HIS L 344 -5.03 3.17 -62.14
CA HIS L 344 -6.31 2.48 -62.26
C HIS L 344 -7.32 3.48 -62.77
N TYR L 345 -8.34 2.98 -63.46
CA TYR L 345 -9.30 3.83 -64.14
C TYR L 345 -10.72 3.40 -63.76
N CYS L 346 -11.69 4.21 -64.20
CA CYS L 346 -13.10 4.00 -63.92
C CYS L 346 -13.86 3.90 -65.23
N TYR L 347 -14.60 2.80 -65.41
CA TYR L 347 -15.33 2.53 -66.64
C TYR L 347 -16.82 2.54 -66.37
N PRO L 348 -17.53 3.64 -66.66
CA PRO L 348 -18.96 3.71 -66.34
C PRO L 348 -19.82 2.94 -67.32
N HIS L 349 -20.94 2.44 -66.82
CA HIS L 349 -21.89 1.68 -67.63
C HIS L 349 -23.31 1.92 -67.12
N PHE L 350 -24.22 2.20 -68.04
CA PHE L 350 -25.64 2.25 -67.71
C PHE L 350 -26.22 0.84 -67.76
N THR L 351 -26.85 0.41 -66.67
CA THR L 351 -27.35 -0.95 -66.56
C THR L 351 -28.77 -0.96 -66.02
N CYS L 352 -29.43 -2.10 -66.23
CA CYS L 352 -30.72 -2.42 -65.61
C CYS L 352 -30.59 -3.85 -65.08
N ALA L 353 -30.34 -3.98 -63.78
CA ALA L 353 -29.99 -5.28 -63.21
C ALA L 353 -31.12 -6.28 -63.27
N VAL L 354 -32.36 -5.84 -63.45
CA VAL L 354 -33.49 -6.76 -63.57
C VAL L 354 -33.74 -7.18 -65.01
N ASP L 355 -33.02 -6.61 -65.97
CA ASP L 355 -33.14 -6.98 -67.38
C ASP L 355 -31.98 -7.90 -67.73
N THR L 356 -32.30 -9.17 -68.02
CA THR L 356 -31.26 -10.16 -68.28
C THR L 356 -30.53 -9.87 -69.59
N GLU L 357 -31.23 -9.34 -70.60
CA GLU L 357 -30.58 -9.03 -71.85
C GLU L 357 -29.67 -7.81 -71.74
N ASN L 358 -30.04 -6.85 -70.90
CA ASN L 358 -29.19 -5.67 -70.71
C ASN L 358 -27.91 -6.04 -69.98
N ILE L 359 -28.02 -6.85 -68.92
CA ILE L 359 -26.83 -7.25 -68.18
C ILE L 359 -25.93 -8.15 -69.03
N ARG L 360 -26.54 -9.01 -69.85
CA ARG L 360 -25.74 -9.90 -70.70
C ARG L 360 -24.87 -9.11 -71.67
N ARG L 361 -25.48 -8.19 -72.42
CA ARG L 361 -24.72 -7.43 -73.42
C ARG L 361 -23.81 -6.38 -72.79
N VAL L 362 -24.12 -5.93 -71.57
CA VAL L 362 -23.21 -5.03 -70.87
C VAL L 362 -22.02 -5.81 -70.32
N PHE L 363 -22.27 -7.02 -69.81
CA PHE L 363 -21.18 -7.84 -69.29
C PHE L 363 -20.19 -8.25 -70.37
N ASN L 364 -20.68 -8.47 -71.60
CA ASN L 364 -19.79 -8.89 -72.68
C ASN L 364 -18.94 -7.73 -73.19
N ASP L 365 -19.44 -6.49 -73.06
CA ASP L 365 -18.61 -5.35 -73.42
C ASP L 365 -17.53 -5.07 -72.39
N CYS L 366 -17.73 -5.52 -71.14
CA CYS L 366 -16.70 -5.42 -70.12
C CYS L 366 -15.73 -6.61 -70.16
N ARG L 367 -16.06 -7.66 -70.90
CA ARG L 367 -15.26 -8.88 -70.87
C ARG L 367 -13.83 -8.64 -71.36
N ASP L 368 -13.68 -7.80 -72.39
CA ASP L 368 -12.37 -7.64 -73.02
C ASP L 368 -11.45 -6.74 -72.20
N ILE L 369 -12.00 -5.70 -71.56
CA ILE L 369 -11.16 -4.86 -70.72
C ILE L 369 -10.79 -5.58 -69.43
N ILE L 370 -11.63 -6.52 -69.00
CA ILE L 370 -11.30 -7.32 -67.81
C ILE L 370 -10.07 -8.18 -68.08
N GLN L 371 -9.96 -8.73 -69.30
CA GLN L 371 -8.80 -9.53 -69.64
C GLN L 371 -7.54 -8.68 -69.68
N ARG L 372 -7.65 -7.44 -70.15
CA ARG L 372 -6.49 -6.55 -70.15
C ARG L 372 -6.07 -6.19 -68.73
N MET L 373 -7.05 -6.02 -67.82
CA MET L 373 -6.72 -5.80 -66.42
C MET L 373 -5.98 -6.99 -65.83
N HIS L 374 -6.44 -8.21 -66.15
CA HIS L 374 -5.83 -9.41 -65.58
C HIS L 374 -4.42 -9.61 -66.11
N LEU L 375 -4.23 -9.44 -67.43
CA LEU L 375 -2.90 -9.57 -68.00
C LEU L 375 -1.95 -8.50 -67.45
N ARG L 376 -2.46 -7.29 -67.24
CA ARG L 376 -1.64 -6.23 -66.65
C ARG L 376 -1.21 -6.57 -65.24
N GLN L 377 -2.06 -7.27 -64.48
CA GLN L 377 -1.71 -7.63 -63.11
C GLN L 377 -0.55 -8.61 -63.05
N TYR L 378 -0.43 -9.48 -64.06
CA TYR L 378 0.63 -10.49 -64.10
C TYR L 378 1.82 -10.04 -64.94
N GLU L 379 1.86 -8.78 -65.36
CA GLU L 379 2.96 -8.23 -66.15
C GLU L 379 3.15 -8.96 -67.47
N LEU L 380 2.05 -9.44 -68.06
CA LEU L 380 2.08 -9.95 -69.43
C LEU L 380 1.74 -8.85 -70.41
N LEU L 381 0.55 -8.25 -70.26
CA LEU L 381 0.22 -7.00 -70.94
C LEU L 381 0.69 -5.87 -70.04
PB GDP M . -35.40 43.22 -10.48
O1B GDP M . -34.93 42.95 -11.89
O2B GDP M . -35.26 41.96 -9.66
O3B GDP M . -34.54 44.32 -9.88
O3A GDP M . -36.93 43.70 -10.50
PA GDP M . -37.30 45.21 -10.88
O1A GDP M . -37.33 46.06 -9.64
O2A GDP M . -36.34 45.77 -11.89
O5' GDP M . -38.78 45.09 -11.51
C5' GDP M . -38.95 45.27 -12.90
C4' GDP M . -40.39 45.64 -13.23
O4' GDP M . -41.32 44.85 -12.48
C3' GDP M . -40.69 47.09 -12.89
O3' GDP M . -40.81 47.85 -14.10
C2' GDP M . -42.01 47.07 -12.15
O2' GDP M . -42.96 47.90 -12.82
C1' GDP M . -42.48 45.63 -12.19
N9 GDP M . -43.08 45.24 -10.89
C8 GDP M . -42.41 44.91 -9.77
N7 GDP M . -43.29 44.61 -8.77
C5 GDP M . -44.53 44.75 -9.26
C6 GDP M . -45.91 44.59 -8.73
O6 GDP M . -46.11 44.23 -7.55
N1 GDP M . -46.93 44.83 -9.57
C2 GDP M . -46.74 45.21 -10.85
N2 GDP M . -47.83 45.44 -11.62
N3 GDP M . -45.50 45.38 -11.39
C4 GDP M . -44.39 45.17 -10.66
MG MG N . -32.81 45.37 -10.84
PB GDP O . 32.54 9.91 45.47
O1B GDP O . 32.59 10.70 44.19
O2B GDP O . 32.05 8.51 45.15
O3B GDP O . 31.61 10.56 46.46
O3A GDP O . 34.02 9.81 46.08
PA GDP O . 34.39 10.48 47.50
O1A GDP O . 34.37 11.99 47.41
O2A GDP O . 33.47 9.99 48.60
O5' GDP O . 35.89 9.95 47.75
C5' GDP O . 36.08 8.78 48.54
C4' GDP O . 37.50 8.76 49.09
O4' GDP O . 38.42 9.19 48.08
C3' GDP O . 37.63 9.72 50.26
O3' GDP O . 37.90 9.00 51.46
C2' GDP O . 38.81 10.61 49.91
O2' GDP O . 39.75 10.64 50.99
C1' GDP O . 39.46 9.96 48.70
N9 GDP O . 40.01 10.99 47.80
C8 GDP O . 39.31 11.84 47.03
N7 GDP O . 40.14 12.65 46.32
C5 GDP O . 41.41 12.31 46.64
C6 GDP O . 42.77 12.75 46.27
O6 GDP O . 42.94 13.68 45.44
N1 GDP O . 43.81 12.13 46.84
C2 GDP O . 43.66 11.13 47.73
N2 GDP O . 44.76 10.56 48.26
N3 GDP O . 42.44 10.68 48.12
C4 GDP O . 41.31 11.22 47.61
MG MG P . 29.63 10.63 47.21
PB GDP Q . 30.75 -48.17 17.62
O1B GDP Q . 30.57 -48.49 16.16
O2B GDP Q . 30.52 -46.69 17.86
O3B GDP Q . 29.74 -48.96 18.44
O3A GDP Q . 32.22 -48.56 18.11
PA GDP Q . 33.04 -49.79 17.47
O1A GDP Q . 32.17 -51.02 17.33
O2A GDP Q . 33.64 -49.41 16.15
O5' GDP Q . 34.19 -50.02 18.57
C5' GDP Q . 35.27 -49.10 18.64
C4' GDP Q . 36.51 -49.77 19.18
O4' GDP Q . 36.29 -50.27 20.50
C3' GDP Q . 36.92 -50.97 18.34
O3' GDP Q . 37.97 -50.59 17.43
C2' GDP Q . 37.44 -51.99 19.33
O2' GDP Q . 38.86 -52.08 19.22
C1' GDP Q . 37.09 -51.44 20.71
N9 GDP Q . 36.35 -52.46 21.48
C8 GDP Q . 35.04 -52.76 21.33
N7 GDP Q . 34.66 -53.74 22.19
C5 GDP Q . 35.74 -54.08 22.92
C6 GDP Q . 36.05 -55.05 24.00
O6 GDP Q . 35.16 -55.80 24.45
N1 GDP Q . 37.31 -55.08 24.48
C2 GDP Q . 38.27 -54.28 24.00
N2 GDP Q . 39.51 -54.38 24.54
N3 GDP Q . 38.08 -53.37 23.01
C4 GDP Q . 36.85 -53.24 22.44
MG MG R . 31.50 -48.44 14.08
PB GDP S . -27.92 -5.01 -52.61
O1B GDP S . -28.16 -4.58 -51.18
O2B GDP S . -26.78 -4.21 -53.18
O3B GDP S . -27.59 -6.49 -52.65
O3A GDP S . -29.25 -4.72 -53.47
PA GDP S . -30.15 -5.92 -54.04
O1A GDP S . -30.55 -6.86 -52.94
O2A GDP S . -29.43 -6.65 -55.14
O5' GDP S . -31.44 -5.14 -54.62
C5' GDP S . -32.67 -5.23 -53.91
C4' GDP S . -33.85 -4.93 -54.81
O4' GDP S . -33.52 -3.91 -55.76
C3' GDP S . -34.28 -6.15 -55.61
O3' GDP S . -35.43 -6.74 -55.01
C2' GDP S . -34.61 -5.62 -56.99
O2' GDP S . -36.01 -5.77 -57.24
C1' GDP S . -34.25 -4.14 -56.96
N9 GDP S . -33.45 -3.77 -58.15
C8 GDP S . -32.13 -3.97 -58.31
N7 GDP S . -31.71 -3.51 -59.52
C5 GDP S . -32.78 -3.01 -60.15
C6 GDP S . -33.04 -2.35 -61.46
O6 GDP S . -32.12 -2.17 -62.29
N1 GDP S . -34.30 -1.98 -61.73
C2 GDP S . -35.31 -2.17 -60.86
N2 GDP S . -36.54 -1.76 -61.21
N3 GDP S . -35.14 -2.75 -59.65
C4 GDP S . -33.92 -3.19 -59.25
MG MG T . -27.44 -7.92 -51.23
#